data_9GGJ
#
_entry.id   9GGJ
#
_cell.length_a   106.588
_cell.length_b   230.848
_cell.length_c   112.534
_cell.angle_alpha   90.00
_cell.angle_beta   89.48
_cell.angle_gamma   90.00
#
_symmetry.space_group_name_H-M   'P 1 21 1'
#
loop_
_entity.id
_entity.type
_entity.pdbx_description
1 polymer 'Argininosuccinate lyase, chloroplastic'
2 non-polymer ARGININOSUCCINATE
3 non-polymer 'SULFATE ION'
4 non-polymer 'CHLORIDE ION'
5 non-polymer 'FUMARIC ACID'
6 non-polymer ARGININE
7 non-polymer GLYCEROL
8 water water
#
_entity_poly.entity_id   1
_entity_poly.type   'polypeptide(L)'
_entity_poly.pdbx_seq_one_letter_code
;SNAKEVKLWGGRFEESVTEKVEKFTESISFDKVLYKQDIMGSKAHASMLAHQGLITDSDKDSILRGLDDIERQIEANKFE
WRTDREDVHMNIEAALTDLIGEPAKKLHTARSRNDQVATDFRLWCRDAIDTIIVKIRNLQRALVELALKNEALIVPGYTH
LQRAQPVLLPHVLLTFVEQLERDAGRYVDCRARLNFSPLGACALAGTGLPIDRFMTANALGFTEPMRNSIDAVSDRDFVL
EFLYTNANTGIHLSRLGEEWVLWASEEFGFMTPSDSVSTGSSIMPQKKNPDPMELVRGKSARVIGDLVTVLTLCKGLPLA
YNRDFQEDKEPMFDSTKTIMGMIDVSAEFAQNVTFNEDRIKKSLPAGHLDATTLADYLVKKGMPFRSSHDIVGKLVGVCV
SKGCELQNLSLEEMKKLSPVFEEDVFGFLGVENSVNKFSSYGSTGSNCVAEQLGYWVNKLNITST
;
_entity_poly.pdbx_strand_id   A,B,C,D,E,F,G,H
#
# COMPACT_ATOMS: atom_id res chain seq x y z
N GLU A 15 37.99 -9.71 -0.54
CA GLU A 15 37.41 -9.75 0.85
C GLU A 15 38.43 -9.40 1.94
N SER A 16 39.62 -8.88 1.62
CA SER A 16 40.35 -8.06 2.58
C SER A 16 40.18 -6.60 2.18
N VAL A 17 40.49 -5.68 3.08
CA VAL A 17 40.28 -4.24 2.77
C VAL A 17 41.33 -3.85 1.74
N THR A 18 42.56 -4.32 1.93
CA THR A 18 43.64 -3.94 1.04
C THR A 18 43.32 -4.47 -0.37
N GLU A 19 42.83 -5.71 -0.41
CA GLU A 19 42.39 -6.33 -1.65
C GLU A 19 41.22 -5.58 -2.27
N LYS A 20 40.23 -5.19 -1.46
CA LYS A 20 39.08 -4.46 -1.99
C LYS A 20 39.50 -3.10 -2.54
N VAL A 21 40.45 -2.43 -1.87
CA VAL A 21 40.83 -1.09 -2.28
C VAL A 21 41.71 -1.16 -3.51
N GLU A 22 42.58 -2.17 -3.56
CA GLU A 22 43.41 -2.43 -4.74
C GLU A 22 42.54 -2.57 -6.00
N LYS A 23 41.47 -3.36 -5.92
CA LYS A 23 40.63 -3.61 -7.08
C LYS A 23 39.89 -2.35 -7.51
N PHE A 24 39.56 -1.48 -6.55
CA PHE A 24 38.81 -0.27 -6.81
C PHE A 24 39.72 0.83 -7.36
N THR A 25 41.00 0.89 -6.96
CA THR A 25 41.88 1.98 -7.38
C THR A 25 42.74 1.65 -8.60
N GLU A 26 43.00 0.36 -8.87
CA GLU A 26 43.84 -0.05 -10.01
C GLU A 26 43.30 0.59 -11.31
N SER A 27 44.22 1.09 -12.13
CA SER A 27 43.83 1.65 -13.42
C SER A 27 44.45 0.90 -14.61
N ILE A 28 45.31 -0.08 -14.32
CA ILE A 28 46.06 -0.75 -15.38
C ILE A 28 45.13 -1.44 -16.38
N SER A 29 43.98 -1.96 -15.93
CA SER A 29 42.99 -2.59 -16.80
C SER A 29 42.53 -1.67 -17.94
N PHE A 30 42.57 -0.35 -17.80
CA PHE A 30 42.22 0.49 -18.94
C PHE A 30 43.39 1.36 -19.41
N ASP A 31 44.30 1.78 -18.51
CA ASP A 31 45.30 2.76 -18.91
C ASP A 31 46.50 2.08 -19.57
N LYS A 32 46.48 0.76 -19.72
CA LYS A 32 47.57 0.07 -20.39
C LYS A 32 47.66 0.54 -21.86
N VAL A 33 46.57 1.10 -22.40
CA VAL A 33 46.58 1.52 -23.78
C VAL A 33 47.47 2.76 -23.99
N LEU A 34 48.01 3.37 -22.92
CA LEU A 34 48.88 4.54 -23.04
C LEU A 34 50.35 4.14 -23.17
N TYR A 35 50.65 2.84 -23.28
CA TYR A 35 52.02 2.36 -23.15
C TYR A 35 52.93 3.09 -24.13
N LYS A 36 52.46 3.28 -25.37
CA LYS A 36 53.29 3.82 -26.43
C LYS A 36 53.76 5.22 -26.00
N GLN A 37 52.78 6.04 -25.57
CA GLN A 37 53.05 7.43 -25.24
C GLN A 37 53.85 7.51 -23.94
N ASP A 38 53.51 6.60 -23.00
CA ASP A 38 54.22 6.56 -21.72
C ASP A 38 55.71 6.33 -21.99
N ILE A 39 56.00 5.33 -22.81
CA ILE A 39 57.37 5.00 -23.13
C ILE A 39 58.03 6.17 -23.87
N MET A 40 57.35 6.82 -24.79
CA MET A 40 57.91 7.95 -25.50
C MET A 40 58.26 9.10 -24.55
N GLY A 41 57.37 9.37 -23.58
CA GLY A 41 57.61 10.39 -22.55
C GLY A 41 58.81 10.08 -21.67
N SER A 42 58.93 8.82 -21.24
CA SER A 42 59.97 8.42 -20.30
C SER A 42 61.36 8.58 -20.95
N LYS A 43 61.41 8.33 -22.27
CA LYS A 43 62.66 8.38 -23.00
C LYS A 43 63.12 9.83 -23.16
N ALA A 44 62.15 10.72 -23.45
CA ALA A 44 62.41 12.15 -23.57
C ALA A 44 62.86 12.72 -22.21
N HIS A 45 62.23 12.22 -21.14
CA HIS A 45 62.60 12.55 -19.78
C HIS A 45 64.06 12.15 -19.50
N ALA A 46 64.39 10.85 -19.65
CA ALA A 46 65.73 10.32 -19.38
C ALA A 46 66.79 11.02 -20.21
N SER A 47 66.47 11.31 -21.48
CA SER A 47 67.37 12.02 -22.35
CA SER A 47 67.35 12.02 -22.37
C SER A 47 67.64 13.43 -21.84
N MET A 48 66.58 14.15 -21.38
CA MET A 48 66.77 15.48 -20.82
C MET A 48 67.59 15.40 -19.54
N LEU A 49 67.36 14.39 -18.70
CA LEU A 49 68.05 14.28 -17.42
C LEU A 49 69.56 14.18 -17.67
N ALA A 50 69.92 13.33 -18.64
CA ALA A 50 71.32 13.06 -18.92
C ALA A 50 72.00 14.34 -19.41
N HIS A 51 71.34 15.04 -20.34
CA HIS A 51 71.81 16.30 -20.88
C HIS A 51 72.05 17.29 -19.74
N GLN A 52 71.19 17.31 -18.75
CA GLN A 52 71.25 18.32 -17.72
C GLN A 52 72.15 17.88 -16.57
N GLY A 53 72.77 16.69 -16.69
CA GLY A 53 73.73 16.22 -15.70
C GLY A 53 73.10 15.55 -14.48
N LEU A 54 71.80 15.23 -14.50
CA LEU A 54 71.14 14.63 -13.35
C LEU A 54 71.28 13.11 -13.31
N ILE A 55 71.51 12.51 -14.48
CA ILE A 55 71.92 11.11 -14.55
C ILE A 55 73.07 11.01 -15.55
N THR A 56 73.83 9.93 -15.48
CA THR A 56 74.94 9.65 -16.39
C THR A 56 74.36 9.34 -17.79
N ASP A 57 75.20 9.46 -18.83
CA ASP A 57 74.78 9.09 -20.16
C ASP A 57 74.62 7.57 -20.29
N SER A 58 75.32 6.80 -19.44
CA SER A 58 75.19 5.36 -19.46
C SER A 58 73.91 4.92 -18.75
N ASP A 59 73.42 5.75 -17.82
CA ASP A 59 72.09 5.54 -17.30
C ASP A 59 71.06 5.73 -18.42
N LYS A 60 71.21 6.81 -19.20
CA LYS A 60 70.26 7.15 -20.25
C LYS A 60 70.18 6.00 -21.27
N ASP A 61 71.37 5.57 -21.74
CA ASP A 61 71.48 4.52 -22.75
C ASP A 61 70.87 3.22 -22.22
N SER A 62 71.14 2.89 -20.97
CA SER A 62 70.60 1.70 -20.34
C SER A 62 69.07 1.76 -20.23
N ILE A 63 68.52 2.94 -19.92
CA ILE A 63 67.08 3.17 -19.83
C ILE A 63 66.42 3.11 -21.21
N LEU A 64 67.02 3.73 -22.23
CA LEU A 64 66.40 3.78 -23.59
C LEU A 64 66.34 2.34 -24.14
N ARG A 65 67.39 1.58 -23.96
CA ARG A 65 67.48 0.20 -24.42
C ARG A 65 66.38 -0.66 -23.79
N GLY A 66 66.24 -0.55 -22.45
CA GLY A 66 65.27 -1.31 -21.68
C GLY A 66 63.83 -1.01 -22.12
N LEU A 67 63.55 0.28 -22.30
CA LEU A 67 62.19 0.69 -22.62
C LEU A 67 61.82 0.21 -24.02
N ASP A 68 62.79 0.21 -24.97
CA ASP A 68 62.58 -0.38 -26.29
C ASP A 68 62.31 -1.87 -26.14
N ASP A 69 63.12 -2.58 -25.34
CA ASP A 69 62.90 -4.00 -25.13
CA ASP A 69 62.90 -4.00 -25.11
C ASP A 69 61.46 -4.21 -24.68
N ILE A 70 60.99 -3.36 -23.74
CA ILE A 70 59.65 -3.52 -23.17
C ILE A 70 58.59 -3.18 -24.20
N GLU A 71 58.80 -2.14 -25.00
CA GLU A 71 57.85 -1.83 -26.06
C GLU A 71 57.69 -3.04 -26.98
N ARG A 72 58.82 -3.63 -27.41
CA ARG A 72 58.75 -4.84 -28.27
C ARG A 72 57.94 -5.94 -27.55
N GLN A 73 58.25 -6.21 -26.29
CA GLN A 73 57.50 -7.26 -25.53
C GLN A 73 55.99 -6.99 -25.52
N ILE A 74 55.59 -5.73 -25.41
CA ILE A 74 54.17 -5.41 -25.38
C ILE A 74 53.58 -5.62 -26.77
N GLU A 75 54.30 -5.16 -27.80
CA GLU A 75 53.81 -5.28 -29.16
C GLU A 75 53.71 -6.75 -29.55
N ALA A 76 54.47 -7.61 -28.90
CA ALA A 76 54.48 -9.03 -29.20
C ALA A 76 53.53 -9.83 -28.29
N ASN A 77 52.67 -9.14 -27.54
CA ASN A 77 51.79 -9.77 -26.55
C ASN A 77 52.54 -10.65 -25.56
N LYS A 78 53.80 -10.33 -25.24
CA LYS A 78 54.58 -11.12 -24.31
C LYS A 78 54.73 -10.42 -22.95
N PHE A 79 53.97 -9.35 -22.69
CA PHE A 79 54.18 -8.52 -21.51
C PHE A 79 53.02 -8.71 -20.54
N GLU A 80 53.33 -9.09 -19.28
CA GLU A 80 52.35 -9.40 -18.26
C GLU A 80 52.03 -8.15 -17.45
N TRP A 81 50.82 -7.63 -17.69
CA TRP A 81 50.31 -6.46 -16.99
C TRP A 81 49.79 -6.88 -15.62
N ARG A 82 50.08 -6.11 -14.59
CA ARG A 82 49.90 -6.56 -13.22
C ARG A 82 49.06 -5.53 -12.46
N THR A 83 48.04 -6.03 -11.76
CA THR A 83 47.14 -5.20 -10.98
C THR A 83 47.85 -4.72 -9.72
N ASP A 84 48.72 -5.58 -9.16
CA ASP A 84 49.50 -5.26 -7.98
C ASP A 84 50.52 -4.17 -8.30
N ARG A 85 50.66 -3.80 -9.58
CA ARG A 85 51.56 -2.69 -10.00
C ARG A 85 50.71 -1.45 -10.33
N GLU A 86 49.40 -1.47 -10.08
CA GLU A 86 48.51 -0.30 -10.08
C GLU A 86 48.14 0.22 -11.48
N ASP A 87 49.12 0.73 -12.23
CA ASP A 87 48.84 1.54 -13.41
C ASP A 87 49.95 1.30 -14.42
N VAL A 88 49.80 1.91 -15.61
CA VAL A 88 50.75 1.75 -16.69
C VAL A 88 52.14 2.24 -16.31
N HIS A 89 52.22 3.38 -15.60
CA HIS A 89 53.47 4.04 -15.23
C HIS A 89 54.30 3.10 -14.38
N MET A 90 53.66 2.49 -13.37
CA MET A 90 54.38 1.67 -12.40
C MET A 90 54.62 0.27 -12.96
N ASN A 91 53.68 -0.25 -13.75
CA ASN A 91 53.96 -1.50 -14.43
C ASN A 91 55.26 -1.45 -15.22
N ILE A 92 55.37 -0.42 -16.07
CA ILE A 92 56.49 -0.29 -16.99
C ILE A 92 57.78 -0.10 -16.18
N GLU A 93 57.74 0.78 -15.19
CA GLU A 93 59.01 1.11 -14.49
C GLU A 93 59.45 -0.05 -13.60
N ALA A 94 58.53 -0.82 -13.03
CA ALA A 94 58.93 -2.00 -12.27
C ALA A 94 59.52 -3.04 -13.21
N ALA A 95 58.93 -3.14 -14.41
CA ALA A 95 59.47 -4.01 -15.44
C ALA A 95 60.87 -3.54 -15.84
N LEU A 96 61.08 -2.22 -15.91
CA LEU A 96 62.36 -1.69 -16.35
C LEU A 96 63.42 -2.01 -15.33
N THR A 97 63.07 -1.99 -14.03
CA THR A 97 63.98 -2.30 -12.93
C THR A 97 64.39 -3.77 -12.94
N ASP A 98 63.43 -4.66 -13.13
CA ASP A 98 63.72 -6.09 -13.25
C ASP A 98 64.66 -6.36 -14.42
N LEU A 99 64.57 -5.54 -15.48
CA LEU A 99 65.33 -5.71 -16.71
C LEU A 99 66.73 -5.08 -16.68
N ILE A 100 66.92 -3.89 -16.08
CA ILE A 100 68.21 -3.21 -16.14
C ILE A 100 68.79 -2.89 -14.76
N GLY A 101 68.01 -3.08 -13.69
CA GLY A 101 68.50 -2.85 -12.34
C GLY A 101 68.49 -1.38 -11.97
N GLU A 102 69.65 -0.92 -11.48
CA GLU A 102 69.79 0.32 -10.73
C GLU A 102 69.33 1.54 -11.54
N PRO A 103 69.80 1.74 -12.79
CA PRO A 103 69.53 2.98 -13.53
C PRO A 103 68.05 3.28 -13.77
N ALA A 104 67.22 2.25 -13.74
CA ALA A 104 65.79 2.42 -13.97
C ALA A 104 65.21 3.26 -12.85
N LYS A 105 65.75 3.05 -11.65
CA LYS A 105 65.28 3.75 -10.45
C LYS A 105 65.45 5.26 -10.58
N LYS A 106 66.47 5.71 -11.34
CA LYS A 106 66.77 7.12 -11.53
C LYS A 106 65.79 7.81 -12.49
N LEU A 107 64.96 7.04 -13.19
CA LEU A 107 64.04 7.61 -14.17
C LEU A 107 62.99 8.51 -13.48
N HIS A 108 62.68 8.25 -12.20
CA HIS A 108 61.67 9.01 -11.49
C HIS A 108 62.18 10.40 -11.06
N THR A 109 63.49 10.66 -11.26
CA THR A 109 64.11 11.92 -10.89
C THR A 109 63.35 13.10 -11.47
N ALA A 110 62.88 14.00 -10.60
CA ALA A 110 62.30 15.27 -11.02
C ALA A 110 61.05 15.04 -11.84
N ARG A 111 60.28 14.00 -11.50
CA ARG A 111 59.01 13.75 -12.15
C ARG A 111 58.02 13.22 -11.13
N SER A 112 56.74 13.40 -11.40
CA SER A 112 55.66 12.80 -10.58
C SER A 112 54.73 12.03 -11.52
N ARG A 113 53.95 11.09 -10.99
CA ARG A 113 52.92 10.43 -11.84
CA ARG A 113 52.92 10.43 -11.85
C ARG A 113 51.90 11.51 -12.29
N ASN A 114 51.88 12.62 -11.54
CA ASN A 114 50.92 13.72 -11.84
C ASN A 114 51.22 14.40 -13.19
N ASP A 115 52.47 14.79 -13.44
CA ASP A 115 52.83 15.45 -14.69
C ASP A 115 52.99 14.36 -15.75
N GLN A 116 53.42 13.18 -15.29
CA GLN A 116 53.65 12.08 -16.19
C GLN A 116 52.33 11.65 -16.83
N VAL A 117 51.29 11.44 -16.02
CA VAL A 117 50.02 10.99 -16.56
C VAL A 117 49.41 12.05 -17.47
N ALA A 118 49.56 13.32 -17.14
CA ALA A 118 48.99 14.38 -17.96
C ALA A 118 49.72 14.50 -19.29
N THR A 119 51.05 14.27 -19.29
CA THR A 119 51.81 14.28 -20.53
C THR A 119 51.38 13.12 -21.44
N ASP A 120 51.31 11.90 -20.89
CA ASP A 120 50.97 10.69 -21.62
C ASP A 120 49.61 10.83 -22.29
N PHE A 121 48.60 11.29 -21.51
CA PHE A 121 47.24 11.39 -21.99
C PHE A 121 47.15 12.48 -23.07
N ARG A 122 47.86 13.59 -22.92
CA ARG A 122 47.87 14.59 -23.98
C ARG A 122 48.41 13.97 -25.28
N LEU A 123 49.50 13.22 -25.20
CA LEU A 123 50.10 12.63 -26.39
C LEU A 123 49.12 11.68 -27.07
N TRP A 124 48.47 10.83 -26.28
CA TRP A 124 47.51 9.85 -26.77
C TRP A 124 46.37 10.54 -27.51
N CYS A 125 45.92 11.69 -26.97
CA CYS A 125 44.82 12.44 -27.55
C CYS A 125 45.20 13.09 -28.88
N ARG A 126 46.42 13.60 -28.95
CA ARG A 126 46.94 14.21 -30.20
C ARG A 126 47.01 13.10 -31.27
N ASP A 127 47.45 11.90 -30.89
CA ASP A 127 47.54 10.78 -31.83
C ASP A 127 46.13 10.36 -32.28
N ALA A 128 45.21 10.22 -31.30
CA ALA A 128 43.82 9.89 -31.61
C ALA A 128 43.17 10.92 -32.54
N ILE A 129 43.39 12.20 -32.30
CA ILE A 129 42.82 13.23 -33.16
C ILE A 129 43.35 13.13 -34.60
N ASP A 130 44.66 12.92 -34.78
CA ASP A 130 45.26 12.80 -36.11
C ASP A 130 44.59 11.66 -36.89
N THR A 131 44.27 10.56 -36.19
CA THR A 131 43.62 9.41 -36.77
C THR A 131 42.18 9.74 -37.16
N ILE A 132 41.44 10.45 -36.28
CA ILE A 132 40.05 10.77 -36.58
C ILE A 132 39.97 11.67 -37.82
N ILE A 133 40.91 12.62 -37.96
CA ILE A 133 40.82 13.53 -39.09
C ILE A 133 40.94 12.76 -40.40
N VAL A 134 41.83 11.75 -40.42
CA VAL A 134 42.03 10.93 -41.61
C VAL A 134 40.73 10.18 -41.90
N LYS A 135 40.09 9.64 -40.86
CA LYS A 135 38.86 8.87 -41.02
C LYS A 135 37.75 9.74 -41.56
N ILE A 136 37.71 11.00 -41.14
CA ILE A 136 36.73 11.97 -41.64
C ILE A 136 36.97 12.31 -43.14
N ARG A 137 38.21 12.52 -43.54
CA ARG A 137 38.53 12.76 -44.98
C ARG A 137 37.98 11.58 -45.78
N ASN A 138 38.18 10.36 -45.28
CA ASN A 138 37.68 9.17 -45.93
C ASN A 138 36.17 9.25 -46.17
N LEU A 139 35.41 9.53 -45.09
CA LEU A 139 33.97 9.58 -45.16
C LEU A 139 33.53 10.69 -46.11
N GLN A 140 34.16 11.86 -45.99
CA GLN A 140 33.93 12.93 -46.95
C GLN A 140 34.12 12.42 -48.38
N ARG A 141 35.27 11.77 -48.65
CA ARG A 141 35.50 11.16 -49.95
C ARG A 141 34.42 10.15 -50.33
N ALA A 142 33.99 9.30 -49.41
CA ALA A 142 32.98 8.30 -49.75
C ALA A 142 31.67 8.99 -50.14
N LEU A 143 31.33 10.06 -49.42
CA LEU A 143 30.15 10.85 -49.68
C LEU A 143 30.24 11.60 -51.01
N VAL A 144 31.37 12.25 -51.32
CA VAL A 144 31.48 12.96 -52.60
C VAL A 144 31.46 11.98 -53.77
N GLU A 145 32.04 10.80 -53.59
CA GLU A 145 32.07 9.79 -54.66
C GLU A 145 30.66 9.25 -54.91
N LEU A 146 29.92 8.95 -53.84
CA LEU A 146 28.52 8.57 -53.95
C LEU A 146 27.71 9.68 -54.66
N ALA A 147 28.03 10.93 -54.37
CA ALA A 147 27.38 12.08 -54.96
C ALA A 147 27.62 12.11 -56.48
N LEU A 148 28.85 11.86 -56.91
CA LEU A 148 29.22 11.95 -58.30
C LEU A 148 28.59 10.81 -59.08
N LYS A 149 28.59 9.62 -58.48
CA LYS A 149 27.94 8.46 -59.04
C LYS A 149 26.44 8.70 -59.23
N ASN A 150 25.81 9.53 -58.38
CA ASN A 150 24.38 9.76 -58.47
C ASN A 150 24.05 11.21 -58.81
N GLU A 151 24.81 11.78 -59.73
CA GLU A 151 24.99 13.23 -59.81
C GLU A 151 23.75 13.92 -60.36
N ALA A 152 22.95 13.23 -61.17
CA ALA A 152 21.80 13.88 -61.79
C ALA A 152 20.49 13.56 -61.06
N LEU A 153 20.53 12.73 -60.02
CA LEU A 153 19.34 12.30 -59.31
C LEU A 153 18.69 13.45 -58.55
N ILE A 154 17.37 13.57 -58.68
CA ILE A 154 16.58 14.58 -57.98
C ILE A 154 15.68 13.91 -56.95
N VAL A 155 15.70 14.47 -55.74
CA VAL A 155 14.89 13.97 -54.64
C VAL A 155 14.17 15.17 -54.06
N PRO A 156 13.14 14.97 -53.21
CA PRO A 156 12.52 16.10 -52.51
C PRO A 156 13.51 16.62 -51.48
N GLY A 157 13.56 17.94 -51.27
CA GLY A 157 14.05 18.52 -50.02
C GLY A 157 12.91 18.75 -49.03
N TYR A 158 13.18 18.51 -47.72
CA TYR A 158 12.16 18.52 -46.68
C TYR A 158 12.36 19.61 -45.59
N THR A 159 11.22 20.21 -45.19
CA THR A 159 11.10 20.94 -43.95
C THR A 159 9.84 20.43 -43.25
N HIS A 160 10.00 20.19 -41.93
CA HIS A 160 9.03 19.55 -41.05
C HIS A 160 8.64 18.17 -41.57
N LEU A 161 9.58 17.51 -42.26
CA LEU A 161 9.35 16.23 -42.95
C LEU A 161 8.17 16.32 -43.93
N GLN A 162 7.94 17.51 -44.45
CA GLN A 162 7.06 17.77 -45.57
C GLN A 162 7.94 18.18 -46.76
N ARG A 163 7.46 17.82 -47.95
CA ARG A 163 8.13 18.14 -49.18
C ARG A 163 8.06 19.64 -49.38
N ALA A 164 9.23 20.25 -49.61
CA ALA A 164 9.35 21.68 -49.75
C ALA A 164 9.82 22.03 -51.16
N GLN A 165 10.92 21.43 -51.62
CA GLN A 165 11.47 21.76 -52.93
C GLN A 165 12.26 20.60 -53.49
N PRO A 166 12.53 20.59 -54.82
CA PRO A 166 13.32 19.55 -55.43
C PRO A 166 14.79 19.95 -55.28
N VAL A 167 15.60 18.99 -54.85
CA VAL A 167 17.03 19.17 -54.65
C VAL A 167 17.75 18.04 -55.35
N LEU A 168 19.03 18.27 -55.69
CA LEU A 168 19.88 17.22 -56.22
C LEU A 168 20.43 16.36 -55.07
N LEU A 169 20.37 15.05 -55.19
CA LEU A 169 20.97 14.17 -54.16
C LEU A 169 22.40 14.65 -53.80
N PRO A 170 23.29 14.97 -54.78
CA PRO A 170 24.60 15.52 -54.46
C PRO A 170 24.56 16.74 -53.52
N HIS A 171 23.60 17.63 -53.70
CA HIS A 171 23.43 18.78 -52.76
C HIS A 171 23.21 18.24 -51.35
N VAL A 172 22.37 17.22 -51.22
CA VAL A 172 22.04 16.72 -49.90
C VAL A 172 23.26 16.08 -49.24
N LEU A 173 24.04 15.30 -49.96
CA LEU A 173 25.19 14.60 -49.39
C LEU A 173 26.30 15.59 -49.00
N LEU A 174 26.44 16.67 -49.80
CA LEU A 174 27.35 17.78 -49.51
C LEU A 174 27.01 18.51 -48.20
N THR A 175 25.74 18.58 -47.83
CA THR A 175 25.40 19.01 -46.50
C THR A 175 26.24 18.26 -45.46
N PHE A 176 26.33 16.93 -45.52
CA PHE A 176 27.02 16.15 -44.50
C PHE A 176 28.53 16.35 -44.61
N VAL A 177 29.02 16.52 -45.84
CA VAL A 177 30.43 16.79 -46.05
C VAL A 177 30.81 18.11 -45.38
N GLU A 178 29.97 19.15 -45.52
CA GLU A 178 30.17 20.46 -44.90
C GLU A 178 30.12 20.36 -43.36
N GLN A 179 29.21 19.57 -42.77
CA GLN A 179 29.17 19.32 -41.33
C GLN A 179 30.51 18.78 -40.86
N LEU A 180 30.98 17.75 -41.57
CA LEU A 180 32.19 17.04 -41.20
C LEU A 180 33.39 17.96 -41.35
N GLU A 181 33.30 18.94 -42.26
CA GLU A 181 34.35 19.91 -42.45
C GLU A 181 34.48 20.84 -41.23
N ARG A 182 33.36 21.26 -40.62
CA ARG A 182 33.39 21.99 -39.36
C ARG A 182 33.95 21.09 -38.26
N ASP A 183 33.60 19.80 -38.27
CA ASP A 183 34.11 18.83 -37.33
C ASP A 183 35.64 18.79 -37.44
N ALA A 184 36.16 18.64 -38.66
CA ALA A 184 37.61 18.57 -38.83
C ALA A 184 38.24 19.87 -38.32
N GLY A 185 37.55 20.97 -38.50
CA GLY A 185 38.02 22.27 -38.05
C GLY A 185 38.19 22.32 -36.53
N ARG A 186 37.17 21.87 -35.81
CA ARG A 186 37.24 21.77 -34.35
C ARG A 186 38.39 20.88 -33.91
N TYR A 187 38.60 19.74 -34.60
CA TYR A 187 39.62 18.75 -34.26
C TYR A 187 40.99 19.42 -34.34
N VAL A 188 41.18 20.22 -35.38
CA VAL A 188 42.46 20.88 -35.56
C VAL A 188 42.67 21.92 -34.47
N ASP A 189 41.61 22.65 -34.10
CA ASP A 189 41.76 23.69 -33.11
C ASP A 189 41.98 23.08 -31.75
N CYS A 190 41.22 22.03 -31.46
CA CYS A 190 41.38 21.25 -30.24
C CYS A 190 42.83 20.79 -30.07
N ARG A 191 43.38 20.14 -31.09
CA ARG A 191 44.78 19.61 -31.06
C ARG A 191 45.80 20.73 -30.77
N ALA A 192 45.64 21.85 -31.45
CA ALA A 192 46.51 23.01 -31.25
C ALA A 192 46.52 23.46 -29.78
N ARG A 193 45.36 23.54 -29.13
CA ARG A 193 45.27 24.02 -27.76
C ARG A 193 45.83 23.03 -26.74
N LEU A 194 45.73 21.75 -27.04
CA LEU A 194 46.23 20.72 -26.12
C LEU A 194 47.73 20.49 -26.29
N ASN A 195 48.36 21.14 -27.28
CA ASN A 195 49.71 20.73 -27.68
C ASN A 195 50.74 21.53 -26.90
N PHE A 196 50.58 21.52 -25.56
CA PHE A 196 51.52 22.17 -24.65
C PHE A 196 51.92 21.19 -23.55
N SER A 197 53.21 21.19 -23.22
CA SER A 197 53.78 20.17 -22.38
C SER A 197 53.55 20.44 -20.90
N PRO A 198 52.90 19.50 -20.16
CA PRO A 198 52.85 19.53 -18.70
C PRO A 198 54.14 19.04 -18.03
N LEU A 199 55.03 18.45 -18.82
CA LEU A 199 56.12 17.67 -18.25
C LEU A 199 57.11 18.60 -17.57
N GLY A 200 57.37 18.32 -16.28
CA GLY A 200 58.29 19.11 -15.48
C GLY A 200 57.58 19.95 -14.43
N ALA A 201 56.27 19.78 -14.30
CA ALA A 201 55.52 20.38 -13.22
C ALA A 201 55.71 19.59 -11.92
N CYS A 202 56.16 18.35 -12.03
CA CYS A 202 56.27 17.42 -10.89
C CYS A 202 54.90 17.32 -10.22
N ALA A 203 54.88 17.17 -8.89
CA ALA A 203 53.61 16.96 -8.21
C ALA A 203 52.62 18.12 -8.42
N LEU A 204 53.10 19.39 -8.49
CA LEU A 204 52.28 20.57 -8.79
C LEU A 204 53.10 21.86 -8.75
N ALA A 205 54.23 21.88 -8.02
CA ALA A 205 54.96 23.10 -7.73
C ALA A 205 56.18 23.26 -8.62
N GLY A 206 56.49 22.26 -9.44
CA GLY A 206 57.74 22.25 -10.19
C GLY A 206 58.86 21.65 -9.35
N THR A 207 60.12 21.99 -9.68
CA THR A 207 61.28 21.45 -8.99
C THR A 207 62.36 22.52 -8.85
N GLY A 208 63.28 22.27 -7.90
CA GLY A 208 64.53 22.99 -7.84
C GLY A 208 65.68 22.35 -8.64
N LEU A 209 65.43 21.19 -9.28
CA LEU A 209 66.46 20.48 -10.05
C LEU A 209 66.60 21.14 -11.40
N PRO A 210 67.81 21.17 -11.99
CA PRO A 210 68.03 21.88 -13.25
C PRO A 210 67.61 21.08 -14.50
N ILE A 211 66.31 20.75 -14.54
CA ILE A 211 65.69 20.17 -15.71
C ILE A 211 65.60 21.25 -16.78
N ASP A 212 65.26 20.83 -18.01
CA ASP A 212 64.97 21.73 -19.11
C ASP A 212 63.63 21.29 -19.68
N ARG A 213 62.59 22.07 -19.35
CA ARG A 213 61.25 21.81 -19.86
C ARG A 213 61.12 22.13 -21.35
N PHE A 214 61.92 23.07 -21.88
CA PHE A 214 61.89 23.38 -23.30
C PHE A 214 62.38 22.19 -24.14
N MET A 215 63.35 21.43 -23.62
CA MET A 215 63.96 20.34 -24.36
C MET A 215 62.96 19.18 -24.49
N THR A 216 62.28 18.83 -23.39
CA THR A 216 61.35 17.70 -23.36
C THR A 216 60.10 18.03 -24.17
N ALA A 217 59.67 19.29 -24.10
CA ALA A 217 58.52 19.74 -24.86
C ALA A 217 58.83 19.55 -26.34
N ASN A 218 60.02 19.97 -26.77
CA ASN A 218 60.41 19.92 -28.17
C ASN A 218 60.54 18.47 -28.64
N ALA A 219 61.15 17.62 -27.79
CA ALA A 219 61.34 16.21 -28.07
C ALA A 219 60.03 15.48 -28.30
N LEU A 220 58.95 15.93 -27.64
CA LEU A 220 57.66 15.26 -27.69
C LEU A 220 56.67 15.91 -28.67
N GLY A 221 57.13 16.86 -29.52
CA GLY A 221 56.28 17.48 -30.54
C GLY A 221 55.34 18.57 -30.01
N PHE A 222 55.48 18.92 -28.73
CA PHE A 222 54.67 19.99 -28.14
C PHE A 222 55.22 21.35 -28.57
N THR A 223 54.35 22.35 -28.52
CA THR A 223 54.62 23.66 -29.08
C THR A 223 55.55 24.43 -28.15
N GLU A 224 55.24 24.37 -26.84
CA GLU A 224 56.07 24.94 -25.80
C GLU A 224 55.65 24.35 -24.46
N PRO A 225 56.39 24.58 -23.36
CA PRO A 225 55.98 24.14 -22.03
C PRO A 225 54.76 24.95 -21.55
N MET A 226 53.91 24.35 -20.70
CA MET A 226 52.81 25.09 -20.08
C MET A 226 53.41 26.05 -19.04
N ARG A 227 52.81 27.23 -18.85
CA ARG A 227 53.44 28.31 -18.11
C ARG A 227 53.25 28.16 -16.61
N ASN A 228 52.36 27.25 -16.17
CA ASN A 228 51.98 27.16 -14.79
C ASN A 228 51.98 25.68 -14.38
N SER A 229 52.79 25.35 -13.39
CA SER A 229 52.95 24.00 -12.88
C SER A 229 51.65 23.46 -12.30
N ILE A 230 50.92 24.30 -11.57
CA ILE A 230 49.69 23.83 -10.96
C ILE A 230 48.61 23.55 -12.01
N ASP A 231 48.46 24.43 -13.01
CA ASP A 231 47.56 24.23 -14.14
C ASP A 231 47.87 22.91 -14.87
N ALA A 232 49.15 22.64 -15.06
CA ALA A 232 49.67 21.52 -15.81
C ALA A 232 49.21 20.20 -15.21
N VAL A 233 49.22 20.09 -13.88
CA VAL A 233 48.77 18.87 -13.21
C VAL A 233 47.24 18.86 -13.04
N SER A 234 46.57 20.00 -13.07
CA SER A 234 45.17 20.05 -12.64
C SER A 234 44.22 20.18 -13.82
N ASP A 235 44.80 20.43 -15.02
CA ASP A 235 44.00 20.74 -16.21
C ASP A 235 43.56 19.46 -16.93
N ARG A 236 42.28 19.42 -17.31
CA ARG A 236 41.73 18.35 -18.14
C ARG A 236 40.85 18.95 -19.23
N ASP A 237 41.11 20.19 -19.63
CA ASP A 237 40.27 20.83 -20.63
C ASP A 237 40.42 20.09 -21.95
N PHE A 238 41.63 19.60 -22.22
CA PHE A 238 41.90 18.98 -23.50
C PHE A 238 40.94 17.78 -23.67
N VAL A 239 40.67 17.10 -22.56
CA VAL A 239 39.76 15.95 -22.51
C VAL A 239 38.33 16.41 -22.76
N LEU A 240 37.88 17.48 -22.07
CA LEU A 240 36.56 18.07 -22.27
C LEU A 240 36.35 18.51 -23.73
N GLU A 241 37.31 19.20 -24.33
CA GLU A 241 37.14 19.76 -25.67
C GLU A 241 37.10 18.65 -26.75
N PHE A 242 37.88 17.59 -26.52
CA PHE A 242 37.91 16.44 -27.44
C PHE A 242 36.63 15.64 -27.29
N LEU A 243 36.09 15.53 -26.07
CA LEU A 243 34.82 14.85 -25.88
C LEU A 243 33.69 15.59 -26.58
N TYR A 244 33.68 16.92 -26.45
CA TYR A 244 32.69 17.78 -27.07
C TYR A 244 32.79 17.63 -28.59
N THR A 245 34.00 17.72 -29.16
CA THR A 245 34.16 17.63 -30.60
C THR A 245 33.70 16.29 -31.13
N ASN A 246 34.01 15.19 -30.42
CA ASN A 246 33.47 13.87 -30.77
C ASN A 246 31.94 13.91 -30.73
N ALA A 247 31.37 14.60 -29.73
CA ALA A 247 29.92 14.60 -29.54
C ALA A 247 29.21 15.31 -30.67
N ASN A 248 29.78 16.43 -31.15
CA ASN A 248 29.18 17.18 -32.23
C ASN A 248 29.33 16.39 -33.54
N THR A 249 30.44 15.69 -33.71
CA THR A 249 30.62 14.81 -34.87
C THR A 249 29.55 13.72 -34.82
N GLY A 250 29.36 13.14 -33.63
CA GLY A 250 28.38 12.12 -33.36
C GLY A 250 26.96 12.59 -33.70
N ILE A 251 26.66 13.86 -33.45
CA ILE A 251 25.36 14.43 -33.76
C ILE A 251 25.14 14.39 -35.26
N HIS A 252 26.13 14.86 -36.01
CA HIS A 252 26.05 14.92 -37.46
C HIS A 252 25.80 13.51 -38.03
N LEU A 253 26.53 12.52 -37.48
CA LEU A 253 26.38 11.14 -37.94
C LEU A 253 25.03 10.56 -37.51
N SER A 254 24.45 11.00 -36.37
CA SER A 254 23.13 10.55 -35.95
C SER A 254 22.07 11.06 -36.92
N ARG A 255 22.29 12.26 -37.48
CA ARG A 255 21.32 12.82 -38.41
C ARG A 255 21.43 12.04 -39.71
N LEU A 256 22.68 11.76 -40.13
CA LEU A 256 22.96 10.92 -41.32
C LEU A 256 22.28 9.57 -41.14
N GLY A 257 22.43 9.00 -39.93
CA GLY A 257 21.80 7.73 -39.57
C GLY A 257 20.28 7.76 -39.71
N GLU A 258 19.67 8.84 -39.20
CA GLU A 258 18.22 9.02 -39.25
C GLU A 258 17.77 9.20 -40.70
N GLU A 259 18.54 9.98 -41.50
CA GLU A 259 18.17 10.21 -42.88
C GLU A 259 18.15 8.88 -43.64
N TRP A 260 19.20 8.08 -43.46
CA TRP A 260 19.35 6.87 -44.26
C TRP A 260 18.40 5.76 -43.81
N VAL A 261 18.03 5.77 -42.52
CA VAL A 261 17.09 4.79 -42.02
C VAL A 261 15.72 5.14 -42.61
N LEU A 262 15.42 6.42 -42.76
CA LEU A 262 14.20 6.82 -43.46
C LEU A 262 14.27 6.44 -44.95
N TRP A 263 15.35 6.84 -45.62
CA TRP A 263 15.49 6.62 -47.05
C TRP A 263 15.36 5.14 -47.42
N ALA A 264 15.77 4.25 -46.51
CA ALA A 264 15.65 2.82 -46.72
C ALA A 264 14.28 2.29 -46.31
N SER A 265 13.43 3.10 -45.66
CA SER A 265 12.05 2.67 -45.43
C SER A 265 11.37 2.40 -46.79
N GLU A 266 10.30 1.63 -46.78
CA GLU A 266 9.59 1.40 -48.04
CA GLU A 266 9.54 1.38 -48.00
C GLU A 266 8.72 2.62 -48.35
N GLU A 267 8.34 3.35 -47.31
CA GLU A 267 7.47 4.51 -47.46
C GLU A 267 8.22 5.58 -48.25
N PHE A 268 9.49 5.78 -47.91
CA PHE A 268 10.36 6.61 -48.74
C PHE A 268 10.76 5.84 -49.99
N GLY A 269 11.46 4.71 -49.78
CA GLY A 269 11.87 3.83 -50.87
C GLY A 269 12.93 4.43 -51.79
N PHE A 270 13.74 5.36 -51.23
CA PHE A 270 14.74 6.01 -52.06
C PHE A 270 16.03 5.19 -52.19
N MET A 271 16.33 4.32 -51.22
CA MET A 271 17.66 3.75 -51.12
CA MET A 271 17.67 3.76 -51.07
C MET A 271 17.58 2.26 -50.80
N THR A 272 18.49 1.49 -51.40
CA THR A 272 18.59 0.09 -51.05
C THR A 272 20.01 -0.15 -50.55
N PRO A 273 20.16 -0.66 -49.30
CA PRO A 273 21.46 -1.15 -48.80
C PRO A 273 21.80 -2.56 -49.26
N SER A 274 23.09 -2.79 -49.51
CA SER A 274 23.54 -4.12 -49.91
C SER A 274 23.28 -5.09 -48.77
N ASP A 275 23.39 -6.38 -49.10
CA ASP A 275 23.22 -7.46 -48.14
C ASP A 275 24.31 -7.39 -47.05
N SER A 276 25.50 -6.90 -47.42
CA SER A 276 26.63 -6.90 -46.51
C SER A 276 26.47 -5.86 -45.39
N VAL A 277 25.60 -4.86 -45.59
CA VAL A 277 25.38 -3.82 -44.58
C VAL A 277 23.92 -3.80 -44.15
N SER A 278 23.22 -4.92 -44.30
CA SER A 278 21.84 -5.01 -43.88
C SER A 278 21.52 -6.41 -43.35
N THR A 279 20.34 -6.54 -42.73
CA THR A 279 19.75 -7.82 -42.39
C THR A 279 18.32 -7.81 -42.93
N GLY A 280 17.68 -8.99 -42.86
CA GLY A 280 16.34 -9.15 -43.40
C GLY A 280 15.67 -10.41 -42.86
N SER A 281 14.75 -10.95 -43.67
CA SER A 281 13.86 -12.03 -43.29
C SER A 281 13.73 -13.00 -44.45
N SER A 282 13.83 -14.30 -44.15
CA SER A 282 13.67 -15.28 -45.24
C SER A 282 12.21 -15.44 -45.67
N ILE A 283 11.22 -15.01 -44.85
CA ILE A 283 9.82 -15.08 -45.25
C ILE A 283 9.29 -13.74 -45.75
N MET A 284 10.08 -12.67 -45.60
CA MET A 284 9.71 -11.36 -46.13
C MET A 284 10.94 -10.78 -46.85
N PRO A 285 11.17 -11.21 -48.11
CA PRO A 285 12.44 -10.92 -48.79
C PRO A 285 12.68 -9.44 -49.07
N GLN A 286 11.63 -8.64 -48.98
CA GLN A 286 11.73 -7.21 -49.25
C GLN A 286 12.02 -6.38 -47.99
N LYS A 287 12.00 -7.01 -46.81
CA LYS A 287 12.39 -6.36 -45.57
C LYS A 287 13.90 -6.31 -45.54
N LYS A 288 14.47 -5.11 -45.59
CA LYS A 288 15.90 -4.89 -45.52
C LYS A 288 16.18 -3.85 -44.43
N ASN A 289 16.63 -4.37 -43.26
CA ASN A 289 16.91 -3.61 -42.09
C ASN A 289 18.30 -2.99 -42.17
N PRO A 290 18.39 -1.64 -42.04
CA PRO A 290 19.68 -0.94 -42.07
C PRO A 290 20.34 -0.80 -40.71
N ASP A 291 20.70 -1.94 -40.12
CA ASP A 291 21.13 -2.03 -38.74
C ASP A 291 22.34 -1.12 -38.51
N PRO A 292 23.38 -1.12 -39.37
CA PRO A 292 24.58 -0.34 -39.09
C PRO A 292 24.24 1.13 -38.83
N MET A 293 23.31 1.71 -39.62
CA MET A 293 22.98 3.12 -39.50
C MET A 293 22.13 3.36 -38.23
N GLU A 294 21.28 2.40 -37.84
CA GLU A 294 20.50 2.53 -36.62
C GLU A 294 21.46 2.63 -35.44
N LEU A 295 22.50 1.82 -35.50
CA LEU A 295 23.49 1.76 -34.44
C LEU A 295 24.41 2.98 -34.44
N VAL A 296 24.73 3.53 -35.60
CA VAL A 296 25.42 4.80 -35.71
C VAL A 296 24.62 5.91 -35.02
N ARG A 297 23.34 6.06 -35.42
CA ARG A 297 22.41 6.93 -34.71
C ARG A 297 22.40 6.71 -33.18
N GLY A 298 22.25 5.47 -32.73
CA GLY A 298 22.19 5.15 -31.32
C GLY A 298 23.52 5.42 -30.61
N LYS A 299 24.65 5.22 -31.30
CA LYS A 299 25.95 5.36 -30.66
C LYS A 299 26.27 6.82 -30.35
N SER A 300 25.56 7.79 -30.95
CA SER A 300 25.81 9.19 -30.63
C SER A 300 25.50 9.50 -29.15
N ALA A 301 24.62 8.68 -28.55
CA ALA A 301 24.14 8.88 -27.18
C ALA A 301 25.26 8.65 -26.17
N ARG A 302 26.03 7.56 -26.33
CA ARG A 302 27.12 7.25 -25.38
C ARG A 302 28.23 8.31 -25.50
N VAL A 303 28.36 8.91 -26.67
CA VAL A 303 29.35 9.94 -26.90
C VAL A 303 28.98 11.21 -26.12
N ILE A 304 27.70 11.61 -26.17
CA ILE A 304 27.18 12.66 -25.30
C ILE A 304 27.33 12.30 -23.82
N GLY A 305 27.00 11.07 -23.42
CA GLY A 305 27.17 10.61 -22.04
C GLY A 305 28.61 10.72 -21.54
N ASP A 306 29.56 10.36 -22.39
CA ASP A 306 30.96 10.42 -21.99
C ASP A 306 31.41 11.86 -21.72
N LEU A 307 30.92 12.82 -22.50
CA LEU A 307 31.17 14.22 -22.28
C LEU A 307 30.57 14.70 -20.96
N VAL A 308 29.30 14.38 -20.71
CA VAL A 308 28.69 14.70 -19.44
C VAL A 308 29.46 14.11 -18.26
N THR A 309 29.88 12.87 -18.35
CA THR A 309 30.69 12.28 -17.30
C THR A 309 31.83 13.25 -16.92
N VAL A 310 32.67 13.66 -17.89
CA VAL A 310 33.89 14.40 -17.54
C VAL A 310 33.57 15.84 -17.15
N LEU A 311 32.47 16.43 -17.68
CA LEU A 311 32.05 17.76 -17.25
C LEU A 311 31.76 17.72 -15.75
N THR A 312 30.97 16.72 -15.33
CA THR A 312 30.51 16.58 -13.96
CA THR A 312 30.50 16.60 -13.96
C THR A 312 31.67 16.20 -13.05
N LEU A 313 32.62 15.44 -13.60
CA LEU A 313 33.77 15.05 -12.84
C LEU A 313 34.56 16.29 -12.37
N CYS A 314 34.80 17.21 -13.30
CA CYS A 314 35.67 18.35 -13.06
C CYS A 314 34.97 19.42 -12.20
N LYS A 315 33.65 19.55 -12.31
CA LYS A 315 32.90 20.61 -11.66
C LYS A 315 33.10 20.55 -10.16
N GLY A 316 33.48 21.72 -9.59
CA GLY A 316 33.54 21.92 -8.16
C GLY A 316 34.77 21.31 -7.48
N LEU A 317 35.79 20.91 -8.25
CA LEU A 317 36.93 20.27 -7.65
C LEU A 317 37.94 21.33 -7.26
N PRO A 318 38.54 21.22 -6.06
CA PRO A 318 39.62 22.12 -5.64
C PRO A 318 40.92 21.81 -6.37
N LEU A 319 41.88 22.76 -6.30
CA LEU A 319 43.22 22.52 -6.84
C LEU A 319 44.00 21.62 -5.87
N ALA A 320 45.11 20.99 -6.36
CA ALA A 320 45.55 20.91 -7.75
C ALA A 320 45.17 19.53 -8.35
N TYR A 321 45.91 18.48 -7.99
CA TYR A 321 45.59 17.13 -8.44
C TYR A 321 44.64 16.51 -7.42
N ASN A 322 43.66 15.72 -7.92
CA ASN A 322 42.77 14.90 -7.10
C ASN A 322 42.57 13.55 -7.78
N ARG A 323 42.40 12.49 -6.99
CA ARG A 323 42.33 11.12 -7.51
C ARG A 323 41.09 10.92 -8.38
N ASP A 324 40.07 11.74 -8.21
CA ASP A 324 38.89 11.69 -9.12
C ASP A 324 39.35 11.80 -10.57
N PHE A 325 40.49 12.46 -10.81
CA PHE A 325 40.89 12.65 -12.20
C PHE A 325 41.21 11.32 -12.90
N GLN A 326 41.38 10.23 -12.14
CA GLN A 326 41.61 8.92 -12.77
C GLN A 326 40.43 8.50 -13.65
N GLU A 327 39.25 9.07 -13.37
CA GLU A 327 38.04 8.82 -14.13
C GLU A 327 37.94 9.57 -15.46
N ASP A 328 39.00 10.25 -15.93
CA ASP A 328 38.96 11.04 -17.14
C ASP A 328 39.20 10.13 -18.37
N LYS A 329 39.84 8.96 -18.16
CA LYS A 329 40.40 8.16 -19.23
C LYS A 329 39.34 7.27 -19.90
N GLU A 330 38.72 6.38 -19.09
CA GLU A 330 37.76 5.45 -19.65
C GLU A 330 36.76 6.15 -20.56
N PRO A 331 36.16 7.29 -20.18
CA PRO A 331 35.21 7.95 -21.09
C PRO A 331 35.82 8.52 -22.38
N MET A 332 37.04 9.04 -22.32
CA MET A 332 37.73 9.52 -23.50
C MET A 332 38.02 8.34 -24.42
N PHE A 333 38.41 7.20 -23.84
CA PHE A 333 38.69 6.02 -24.65
C PHE A 333 37.40 5.49 -25.28
N ASP A 334 36.32 5.39 -24.49
CA ASP A 334 35.02 5.02 -25.04
C ASP A 334 34.59 5.96 -26.17
N SER A 335 34.63 7.26 -25.95
CA SER A 335 34.17 8.28 -26.90
C SER A 335 34.94 8.16 -28.21
N THR A 336 36.26 8.00 -28.10
CA THR A 336 37.16 7.98 -29.24
C THR A 336 36.92 6.71 -30.07
N LYS A 337 36.81 5.56 -29.40
CA LYS A 337 36.59 4.32 -30.13
C LYS A 337 35.23 4.32 -30.79
N THR A 338 34.23 4.88 -30.10
CA THR A 338 32.90 4.94 -30.62
C THR A 338 32.88 5.82 -31.87
N ILE A 339 33.43 7.02 -31.82
CA ILE A 339 33.32 7.93 -32.97
C ILE A 339 34.09 7.38 -34.18
N MET A 340 35.22 6.70 -33.94
CA MET A 340 35.99 6.18 -35.07
C MET A 340 35.18 5.12 -35.81
N GLY A 341 34.51 4.24 -35.05
CA GLY A 341 33.62 3.22 -35.61
C GLY A 341 32.43 3.81 -36.37
N MET A 342 31.81 4.82 -35.76
CA MET A 342 30.69 5.52 -36.36
C MET A 342 31.08 6.09 -37.72
N ILE A 343 32.28 6.69 -37.80
CA ILE A 343 32.76 7.33 -39.01
C ILE A 343 33.03 6.26 -40.06
N ASP A 344 33.70 5.18 -39.63
CA ASP A 344 34.21 4.14 -40.54
C ASP A 344 33.05 3.34 -41.14
N VAL A 345 32.07 3.00 -40.30
CA VAL A 345 30.87 2.32 -40.72
C VAL A 345 30.01 3.18 -41.64
N SER A 346 29.89 4.48 -41.39
CA SER A 346 29.14 5.37 -42.27
C SER A 346 29.77 5.39 -43.66
N ALA A 347 31.10 5.40 -43.70
CA ALA A 347 31.81 5.46 -44.97
C ALA A 347 31.57 4.14 -45.71
N GLU A 348 31.63 3.02 -45.00
CA GLU A 348 31.40 1.71 -45.59
C GLU A 348 29.97 1.61 -46.10
N PHE A 349 29.00 2.12 -45.33
CA PHE A 349 27.62 2.07 -45.75
C PHE A 349 27.40 2.94 -46.99
N ALA A 350 28.11 4.08 -47.10
CA ALA A 350 28.02 4.99 -48.24
C ALA A 350 28.49 4.30 -49.51
N GLN A 351 29.38 3.31 -49.38
CA GLN A 351 29.86 2.55 -50.54
C GLN A 351 29.02 1.31 -50.82
N ASN A 352 27.93 1.06 -50.08
CA ASN A 352 27.15 -0.16 -50.23
C ASN A 352 25.65 0.14 -50.27
N VAL A 353 25.31 1.24 -50.95
CA VAL A 353 23.94 1.67 -51.15
C VAL A 353 23.77 2.07 -52.61
N THR A 354 22.56 1.78 -53.13
CA THR A 354 22.13 2.23 -54.44
C THR A 354 20.78 2.92 -54.32
N PHE A 355 20.46 3.77 -55.29
CA PHE A 355 19.23 4.53 -55.23
C PHE A 355 18.20 4.01 -56.23
N ASN A 356 16.95 3.99 -55.76
CA ASN A 356 15.88 3.34 -56.48
C ASN A 356 15.30 4.41 -57.39
N GLU A 357 15.90 4.56 -58.57
CA GLU A 357 15.63 5.70 -59.43
C GLU A 357 14.18 5.79 -59.86
N ASP A 358 13.55 4.67 -60.23
CA ASP A 358 12.20 4.71 -60.76
C ASP A 358 11.20 4.97 -59.64
N ARG A 359 11.45 4.44 -58.45
CA ARG A 359 10.57 4.75 -57.29
C ARG A 359 10.64 6.27 -57.01
N ILE A 360 11.85 6.82 -56.96
CA ILE A 360 12.00 8.24 -56.69
C ILE A 360 11.22 9.02 -57.75
N LYS A 361 11.50 8.74 -59.02
CA LYS A 361 10.91 9.49 -60.13
C LYS A 361 9.38 9.40 -60.06
N LYS A 362 8.83 8.23 -59.76
CA LYS A 362 7.40 8.03 -59.66
C LYS A 362 6.78 8.89 -58.56
N SER A 363 7.45 9.03 -57.38
CA SER A 363 6.87 9.74 -56.25
C SER A 363 6.90 11.27 -56.40
N LEU A 364 7.77 11.80 -57.25
CA LEU A 364 8.03 13.24 -57.24
C LEU A 364 6.84 14.07 -57.68
N PRO A 365 6.11 13.76 -58.78
CA PRO A 365 5.32 14.77 -59.49
C PRO A 365 4.02 15.11 -58.76
N ALA A 366 3.67 14.31 -57.75
CA ALA A 366 2.55 14.63 -56.88
C ALA A 366 3.11 15.31 -55.65
N GLY A 367 2.92 16.62 -55.59
CA GLY A 367 3.59 17.44 -54.58
C GLY A 367 3.92 18.83 -55.10
N HIS A 368 4.04 18.96 -56.43
CA HIS A 368 4.15 20.24 -57.12
C HIS A 368 5.37 21.03 -56.64
N LEU A 369 6.54 20.38 -56.67
CA LEU A 369 7.77 20.93 -56.13
C LEU A 369 8.26 22.07 -57.02
N ASP A 370 7.72 22.16 -58.25
CA ASP A 370 8.08 23.19 -59.21
C ASP A 370 7.35 24.51 -58.96
N ALA A 371 6.50 24.60 -57.92
CA ALA A 371 5.68 25.77 -57.69
C ALA A 371 6.51 27.03 -57.46
N THR A 372 7.48 26.93 -56.53
CA THR A 372 8.37 28.06 -56.23
C THR A 372 9.09 28.56 -57.49
N THR A 373 9.45 27.65 -58.40
CA THR A 373 10.08 28.05 -59.65
C THR A 373 9.13 28.87 -60.50
N LEU A 374 7.86 28.48 -60.56
CA LEU A 374 6.87 29.23 -61.32
C LEU A 374 6.65 30.64 -60.71
N ALA A 375 6.54 30.70 -59.37
CA ALA A 375 6.53 31.98 -58.67
C ALA A 375 7.75 32.82 -59.03
N ASP A 376 8.96 32.24 -59.02
CA ASP A 376 10.17 32.98 -59.36
C ASP A 376 10.04 33.48 -60.78
N TYR A 377 9.35 32.73 -61.65
CA TYR A 377 9.17 33.12 -63.04
C TYR A 377 8.33 34.40 -63.15
N LEU A 378 7.27 34.44 -62.35
CA LEU A 378 6.32 35.55 -62.39
C LEU A 378 6.94 36.86 -61.87
N VAL A 379 7.76 36.76 -60.81
CA VAL A 379 8.46 37.89 -60.21
C VAL A 379 9.45 38.50 -61.20
N LYS A 380 10.25 37.67 -61.88
CA LYS A 380 11.18 38.15 -62.88
C LYS A 380 10.42 38.85 -63.99
N LYS A 381 9.19 38.43 -64.30
CA LYS A 381 8.37 39.08 -65.32
C LYS A 381 7.79 40.40 -64.78
N GLY A 382 7.91 40.63 -63.47
CA GLY A 382 7.61 41.93 -62.90
C GLY A 382 6.59 41.86 -61.77
N MET A 383 5.93 40.73 -61.57
CA MET A 383 4.86 40.62 -60.61
C MET A 383 5.43 40.86 -59.22
N PRO A 384 4.69 41.47 -58.26
CA PRO A 384 5.12 41.44 -56.87
C PRO A 384 5.05 40.03 -56.31
N PHE A 385 5.91 39.75 -55.33
CA PHE A 385 6.05 38.36 -54.79
C PHE A 385 4.75 37.87 -54.17
N ARG A 386 3.98 38.74 -53.56
CA ARG A 386 2.73 38.28 -52.89
C ARG A 386 1.75 37.78 -53.96
N SER A 387 1.60 38.53 -55.06
CA SER A 387 0.68 38.17 -56.14
C SER A 387 1.12 36.86 -56.76
N SER A 388 2.43 36.69 -56.93
CA SER A 388 2.95 35.50 -57.58
C SER A 388 2.57 34.26 -56.76
N HIS A 389 2.65 34.31 -55.42
CA HIS A 389 2.39 33.13 -54.61
C HIS A 389 0.92 32.77 -54.60
N ASP A 390 0.06 33.79 -54.70
CA ASP A 390 -1.38 33.57 -54.73
C ASP A 390 -1.80 32.93 -56.05
N ILE A 391 -1.29 33.45 -57.19
CA ILE A 391 -1.59 32.91 -58.51
C ILE A 391 -1.12 31.46 -58.62
N VAL A 392 0.05 31.12 -58.07
CA VAL A 392 0.59 29.78 -58.19
C VAL A 392 -0.18 28.82 -57.26
N GLY A 393 -0.53 29.27 -56.06
CA GLY A 393 -1.36 28.45 -55.20
C GLY A 393 -2.67 28.03 -55.89
N LYS A 394 -3.29 29.00 -56.56
CA LYS A 394 -4.54 28.79 -57.29
C LYS A 394 -4.36 27.77 -58.43
N LEU A 395 -3.28 27.97 -59.21
CA LEU A 395 -2.98 27.09 -60.32
C LEU A 395 -2.64 25.67 -59.86
N VAL A 396 -1.94 25.52 -58.73
CA VAL A 396 -1.69 24.23 -58.12
C VAL A 396 -3.00 23.65 -57.65
N GLY A 397 -3.94 24.49 -57.20
CA GLY A 397 -5.30 24.07 -56.92
C GLY A 397 -5.99 23.44 -58.14
N VAL A 398 -5.96 24.13 -59.29
CA VAL A 398 -6.47 23.59 -60.54
C VAL A 398 -5.86 22.22 -60.83
N CYS A 399 -4.56 22.01 -60.52
CA CYS A 399 -3.88 20.78 -60.87
C CYS A 399 -4.21 19.62 -59.94
N VAL A 400 -4.24 19.88 -58.63
CA VAL A 400 -4.66 18.90 -57.63
C VAL A 400 -6.03 18.34 -58.01
N SER A 401 -6.94 19.26 -58.34
CA SER A 401 -8.27 18.93 -58.84
C SER A 401 -8.18 18.06 -60.10
N LYS A 402 -7.50 18.56 -61.16
CA LYS A 402 -7.48 17.91 -62.46
C LYS A 402 -6.68 16.62 -62.47
N GLY A 403 -5.81 16.38 -61.48
CA GLY A 403 -5.00 15.17 -61.42
C GLY A 403 -3.72 15.26 -62.28
N CYS A 404 -3.02 16.40 -62.21
CA CYS A 404 -1.92 16.64 -63.13
C CYS A 404 -0.80 17.44 -62.47
N GLU A 405 0.26 17.63 -63.27
CA GLU A 405 1.36 18.50 -62.94
C GLU A 405 1.15 19.84 -63.67
N LEU A 406 1.72 20.89 -63.05
CA LEU A 406 1.76 22.22 -63.61
C LEU A 406 2.17 22.20 -65.08
N GLN A 407 3.14 21.35 -65.45
CA GLN A 407 3.71 21.40 -66.80
C GLN A 407 2.73 20.83 -67.85
N ASN A 408 1.66 20.18 -67.39
CA ASN A 408 0.66 19.61 -68.29
C ASN A 408 -0.52 20.56 -68.50
N LEU A 409 -0.61 21.65 -67.72
CA LEU A 409 -1.56 22.71 -68.02
C LEU A 409 -1.18 23.38 -69.35
N SER A 410 -2.21 23.79 -70.10
CA SER A 410 -2.03 24.58 -71.31
C SER A 410 -1.81 26.04 -70.91
N LEU A 411 -1.18 26.78 -71.81
CA LEU A 411 -0.97 28.19 -71.58
C LEU A 411 -2.32 28.91 -71.49
N GLU A 412 -3.37 28.35 -72.12
CA GLU A 412 -4.72 28.92 -72.11
C GLU A 412 -5.33 28.87 -70.70
N GLU A 413 -5.00 27.84 -69.91
CA GLU A 413 -5.49 27.70 -68.57
C GLU A 413 -4.76 28.66 -67.62
N MET A 414 -3.47 28.88 -67.85
CA MET A 414 -2.72 29.79 -67.00
C MET A 414 -3.13 31.25 -67.28
N LYS A 415 -3.42 31.57 -68.56
CA LYS A 415 -3.81 32.92 -68.95
C LYS A 415 -5.14 33.35 -68.30
N LYS A 416 -5.98 32.38 -67.90
CA LYS A 416 -7.18 32.67 -67.15
C LYS A 416 -6.82 33.44 -65.87
N LEU A 417 -5.60 33.25 -65.36
CA LEU A 417 -5.20 33.79 -64.07
C LEU A 417 -4.29 35.00 -64.20
N SER A 418 -3.72 35.26 -65.38
CA SER A 418 -2.84 36.41 -65.55
C SER A 418 -2.30 36.42 -66.97
N PRO A 419 -2.34 37.57 -67.67
CA PRO A 419 -1.76 37.67 -69.01
C PRO A 419 -0.25 37.60 -69.05
N VAL A 420 0.42 37.56 -67.88
CA VAL A 420 1.86 37.60 -67.76
C VAL A 420 2.49 36.33 -68.35
N PHE A 421 1.76 35.21 -68.24
CA PHE A 421 2.24 33.91 -68.66
C PHE A 421 2.44 33.94 -70.15
N GLU A 422 3.61 33.46 -70.61
CA GLU A 422 3.91 33.32 -72.03
C GLU A 422 4.47 31.93 -72.30
N GLU A 423 4.81 31.66 -73.56
CA GLU A 423 5.20 30.32 -73.99
C GLU A 423 6.47 29.82 -73.28
N ASP A 424 7.36 30.76 -72.92
CA ASP A 424 8.61 30.44 -72.23
C ASP A 424 8.38 29.79 -70.84
N VAL A 425 7.16 29.87 -70.31
CA VAL A 425 6.89 29.37 -68.97
C VAL A 425 7.27 27.91 -68.88
N PHE A 426 7.20 27.20 -70.01
CA PHE A 426 7.30 25.73 -69.95
C PHE A 426 8.72 25.27 -69.61
N GLY A 427 9.72 26.11 -69.89
CA GLY A 427 11.09 25.83 -69.48
C GLY A 427 11.32 26.13 -68.00
N PHE A 428 10.25 26.47 -67.26
CA PHE A 428 10.36 26.71 -65.84
C PHE A 428 9.57 25.66 -65.07
N LEU A 429 8.88 24.73 -65.75
CA LEU A 429 8.06 23.75 -65.06
C LEU A 429 8.64 22.35 -65.18
N GLY A 430 8.31 21.51 -64.18
CA GLY A 430 8.88 20.18 -63.99
C GLY A 430 10.10 20.24 -63.07
N VAL A 431 10.42 19.12 -62.41
CA VAL A 431 11.45 19.13 -61.38
C VAL A 431 12.82 19.32 -62.03
N GLU A 432 12.98 18.84 -63.26
CA GLU A 432 14.27 18.95 -63.92
C GLU A 432 14.51 20.41 -64.26
N ASN A 433 13.49 21.10 -64.79
CA ASN A 433 13.64 22.52 -65.07
C ASN A 433 13.80 23.30 -63.76
N SER A 434 13.02 22.98 -62.74
CA SER A 434 13.10 23.64 -61.44
C SER A 434 14.55 23.70 -60.94
N VAL A 435 15.20 22.54 -60.96
CA VAL A 435 16.54 22.39 -60.41
C VAL A 435 17.53 23.16 -61.29
N ASN A 436 17.32 23.19 -62.62
CA ASN A 436 18.25 23.90 -63.48
CA ASN A 436 18.23 23.90 -63.51
C ASN A 436 18.16 25.42 -63.26
N LYS A 437 17.01 25.92 -62.75
CA LYS A 437 16.77 27.36 -62.64
C LYS A 437 17.22 27.97 -61.30
N PHE A 438 17.50 27.16 -60.26
CA PHE A 438 18.15 27.70 -59.08
C PHE A 438 19.51 28.28 -59.47
N SER A 439 19.88 29.44 -58.95
CA SER A 439 21.10 30.08 -59.40
C SER A 439 21.83 30.80 -58.29
N SER A 440 21.28 30.90 -57.07
CA SER A 440 22.01 31.55 -55.98
C SER A 440 23.19 30.67 -55.51
N TYR A 441 24.24 31.33 -55.01
CA TYR A 441 25.39 30.62 -54.48
C TYR A 441 24.90 29.66 -53.41
N GLY A 442 25.44 28.43 -53.44
CA GLY A 442 25.12 27.40 -52.46
C GLY A 442 23.75 26.79 -52.68
N SER A 443 23.03 27.22 -53.73
CA SER A 443 21.75 26.61 -54.09
C SER A 443 21.92 25.17 -54.63
N THR A 444 20.77 24.51 -54.88
CA THR A 444 20.70 23.17 -55.44
C THR A 444 20.78 23.23 -56.95
N GLY A 445 20.98 24.42 -57.52
CA GLY A 445 21.03 24.55 -58.96
C GLY A 445 22.13 23.69 -59.57
N SER A 446 21.87 23.21 -60.78
CA SER A 446 22.74 22.25 -61.43
C SER A 446 24.16 22.78 -61.50
N ASN A 447 24.34 24.01 -61.98
CA ASN A 447 25.68 24.55 -62.10
C ASN A 447 26.28 24.85 -60.74
N CYS A 448 25.44 25.18 -59.75
CA CYS A 448 25.93 25.52 -58.44
C CYS A 448 26.52 24.28 -57.77
N VAL A 449 25.83 23.14 -57.89
CA VAL A 449 26.27 21.93 -57.24
C VAL A 449 27.53 21.45 -57.94
N ALA A 450 27.61 21.68 -59.27
CA ALA A 450 28.77 21.28 -60.06
C ALA A 450 29.99 22.04 -59.54
N GLU A 451 29.80 23.35 -59.31
CA GLU A 451 30.88 24.22 -58.84
C GLU A 451 31.39 23.68 -57.52
N GLN A 452 30.47 23.32 -56.62
CA GLN A 452 30.80 22.86 -55.27
C GLN A 452 31.41 21.47 -55.29
N LEU A 453 30.96 20.63 -56.24
CA LEU A 453 31.53 19.31 -56.39
C LEU A 453 32.98 19.42 -56.89
N GLY A 454 33.28 20.38 -57.77
CA GLY A 454 34.65 20.58 -58.23
C GLY A 454 35.57 20.95 -57.07
N TYR A 455 35.05 21.74 -56.12
CA TYR A 455 35.83 22.23 -55.00
C TYR A 455 36.24 21.07 -54.08
N TRP A 456 35.32 20.15 -53.80
CA TRP A 456 35.60 18.97 -52.98
C TRP A 456 36.45 17.93 -53.70
N VAL A 457 36.28 17.77 -55.02
CA VAL A 457 37.11 16.84 -55.78
C VAL A 457 38.59 17.27 -55.71
N ASN A 458 38.80 18.58 -55.83
CA ASN A 458 40.10 19.21 -55.70
C ASN A 458 40.63 19.03 -54.29
N LYS A 459 39.88 19.47 -53.28
CA LYS A 459 40.37 19.47 -51.92
C LYS A 459 40.58 18.06 -51.36
N LEU A 460 39.74 17.08 -51.71
CA LEU A 460 39.95 15.73 -51.20
C LEU A 460 40.86 14.91 -52.14
N ASN A 461 41.41 15.54 -53.20
CA ASN A 461 42.21 14.83 -54.20
CA ASN A 461 42.17 14.86 -54.25
C ASN A 461 41.48 13.56 -54.65
N ILE A 462 40.28 13.70 -55.22
CA ILE A 462 39.54 12.58 -55.72
C ILE A 462 39.99 12.34 -57.17
N THR A 463 40.27 11.09 -57.52
CA THR A 463 40.58 10.75 -58.91
C THR A 463 39.65 9.63 -59.37
N SER A 464 39.70 9.32 -60.68
CA SER A 464 38.90 8.26 -61.26
C SER A 464 39.68 6.95 -61.45
N THR A 465 40.94 6.90 -60.95
CA THR A 465 41.81 5.72 -61.06
C THR A 465 41.91 5.07 -59.69
N ARG B 12 -17.08 34.30 -19.53
CA ARG B 12 -15.65 33.88 -19.49
C ARG B 12 -15.23 33.39 -20.88
N PHE B 13 -14.31 34.16 -21.51
CA PHE B 13 -13.86 33.90 -22.86
C PHE B 13 -13.48 32.43 -23.04
N GLU B 14 -14.19 31.73 -23.94
CA GLU B 14 -13.90 30.36 -24.30
C GLU B 14 -12.89 30.31 -25.45
N GLU B 15 -11.76 29.63 -25.21
CA GLU B 15 -10.62 29.56 -26.12
C GLU B 15 -10.73 28.41 -27.13
N SER B 16 -10.39 28.72 -28.38
CA SER B 16 -10.31 27.74 -29.45
C SER B 16 -9.09 26.84 -29.27
N VAL B 17 -9.07 25.76 -30.07
CA VAL B 17 -7.92 24.88 -30.17
C VAL B 17 -6.76 25.70 -30.72
N THR B 18 -7.05 26.55 -31.71
CA THR B 18 -6.04 27.35 -32.38
C THR B 18 -5.34 28.22 -31.34
N GLU B 19 -6.10 28.74 -30.37
CA GLU B 19 -5.51 29.58 -29.35
C GLU B 19 -4.65 28.75 -28.40
N LYS B 20 -5.07 27.54 -28.02
CA LYS B 20 -4.27 26.71 -27.13
C LYS B 20 -2.92 26.39 -27.76
N VAL B 21 -2.90 26.22 -29.09
CA VAL B 21 -1.71 25.77 -29.79
C VAL B 21 -0.78 26.95 -30.00
N GLU B 22 -1.34 28.13 -30.24
CA GLU B 22 -0.53 29.32 -30.43
C GLU B 22 0.29 29.62 -29.19
N LYS B 23 -0.29 29.41 -28.01
CA LYS B 23 0.44 29.65 -26.80
C LYS B 23 1.64 28.72 -26.72
N PHE B 24 1.46 27.45 -27.14
CA PHE B 24 2.56 26.51 -27.06
C PHE B 24 3.69 26.84 -28.07
N THR B 25 3.35 27.34 -29.27
CA THR B 25 4.33 27.47 -30.34
C THR B 25 4.87 28.90 -30.47
N GLU B 26 4.27 29.89 -29.79
CA GLU B 26 4.77 31.25 -29.85
C GLU B 26 6.22 31.29 -29.31
N SER B 27 7.06 32.12 -29.93
CA SER B 27 8.44 32.27 -29.50
C SER B 27 8.78 33.72 -29.11
N ILE B 28 7.84 34.67 -29.33
CA ILE B 28 8.16 36.09 -29.15
C ILE B 28 8.55 36.38 -27.70
N SER B 29 7.99 35.62 -26.74
CA SER B 29 8.26 35.84 -25.34
C SER B 29 9.75 35.73 -25.01
N PHE B 30 10.50 34.96 -25.80
CA PHE B 30 11.94 34.86 -25.60
C PHE B 30 12.73 35.44 -26.78
N ASP B 31 12.22 35.41 -28.01
CA ASP B 31 13.02 35.71 -29.19
C ASP B 31 13.03 37.22 -29.53
N LYS B 32 12.21 37.98 -28.81
CA LYS B 32 12.21 39.44 -28.92
C LYS B 32 13.60 40.04 -28.67
N VAL B 33 14.46 39.32 -27.93
CA VAL B 33 15.80 39.81 -27.61
C VAL B 33 16.74 39.81 -28.83
N LEU B 34 16.25 39.32 -30.00
CA LEU B 34 17.02 39.34 -31.25
C LEU B 34 16.69 40.53 -32.14
N TYR B 35 15.90 41.50 -31.68
CA TYR B 35 15.37 42.53 -32.55
C TYR B 35 16.48 43.30 -33.28
N LYS B 36 17.60 43.53 -32.62
CA LYS B 36 18.65 44.37 -33.18
C LYS B 36 19.28 43.62 -34.36
N GLN B 37 19.66 42.36 -34.13
CA GLN B 37 20.14 41.52 -35.24
C GLN B 37 19.10 41.40 -36.36
N ASP B 38 17.83 41.20 -36.01
CA ASP B 38 16.78 41.05 -37.02
C ASP B 38 16.65 42.28 -37.91
N ILE B 39 16.66 43.49 -37.31
CA ILE B 39 16.54 44.71 -38.09
C ILE B 39 17.80 44.88 -38.95
N MET B 40 18.98 44.66 -38.41
CA MET B 40 20.23 44.74 -39.23
C MET B 40 20.17 43.73 -40.40
N GLY B 41 19.79 42.48 -40.14
CA GLY B 41 19.67 41.53 -41.24
C GLY B 41 18.67 41.98 -42.32
N SER B 42 17.53 42.52 -41.92
CA SER B 42 16.50 42.93 -42.86
C SER B 42 16.93 44.15 -43.66
N LYS B 43 17.72 45.04 -43.05
CA LYS B 43 18.19 46.22 -43.75
C LYS B 43 19.18 45.81 -44.84
N ALA B 44 20.12 44.95 -44.47
CA ALA B 44 21.05 44.39 -45.45
C ALA B 44 20.32 43.67 -46.60
N HIS B 45 19.30 42.89 -46.28
CA HIS B 45 18.47 42.23 -47.30
C HIS B 45 17.87 43.21 -48.32
N ALA B 46 17.26 44.29 -47.85
CA ALA B 46 16.54 45.25 -48.65
C ALA B 46 17.48 46.04 -49.56
N SER B 47 18.64 46.37 -48.99
CA SER B 47 19.71 47.03 -49.74
C SER B 47 20.19 46.17 -50.89
N MET B 48 20.30 44.87 -50.66
CA MET B 48 20.73 43.97 -51.71
CA MET B 48 20.73 43.97 -51.71
C MET B 48 19.62 43.82 -52.74
N LEU B 49 18.37 43.69 -52.26
CA LEU B 49 17.23 43.59 -53.16
C LEU B 49 17.28 44.75 -54.16
N ALA B 50 17.43 46.00 -53.68
CA ALA B 50 17.40 47.19 -54.52
C ALA B 50 18.58 47.21 -55.48
N HIS B 51 19.74 46.80 -54.99
CA HIS B 51 20.93 46.81 -55.80
C HIS B 51 20.76 45.80 -56.92
N GLN B 52 20.15 44.64 -56.61
CA GLN B 52 19.96 43.61 -57.63
C GLN B 52 18.71 43.86 -58.50
N GLY B 53 18.00 44.96 -58.28
CA GLY B 53 16.88 45.35 -59.11
C GLY B 53 15.57 44.69 -58.71
N LEU B 54 15.52 43.98 -57.59
CA LEU B 54 14.32 43.24 -57.21
C LEU B 54 13.29 44.13 -56.52
N ILE B 55 13.72 45.26 -55.95
CA ILE B 55 12.81 46.33 -55.51
C ILE B 55 13.36 47.70 -55.98
N THR B 56 12.53 48.73 -55.89
CA THR B 56 12.99 50.08 -56.20
C THR B 56 13.79 50.64 -55.04
N ASP B 57 14.71 51.57 -55.37
CA ASP B 57 15.42 52.35 -54.38
C ASP B 57 14.46 53.20 -53.56
N SER B 58 13.38 53.68 -54.17
CA SER B 58 12.35 54.35 -53.40
C SER B 58 11.80 53.39 -52.35
N ASP B 59 11.54 52.14 -52.73
CA ASP B 59 10.96 51.19 -51.81
C ASP B 59 11.96 50.83 -50.70
N LYS B 60 13.25 50.78 -51.06
CA LYS B 60 14.29 50.42 -50.11
C LYS B 60 14.42 51.49 -49.04
N ASP B 61 14.43 52.75 -49.48
CA ASP B 61 14.51 53.89 -48.59
C ASP B 61 13.37 53.88 -47.61
N SER B 62 12.12 53.65 -48.08
CA SER B 62 10.99 53.57 -47.17
C SER B 62 11.21 52.45 -46.15
N ILE B 63 11.74 51.28 -46.59
CA ILE B 63 11.93 50.14 -45.71
C ILE B 63 12.99 50.48 -44.66
N LEU B 64 14.13 51.01 -45.10
CA LEU B 64 15.22 51.32 -44.18
C LEU B 64 14.81 52.37 -43.14
N ARG B 65 14.04 53.38 -43.55
CA ARG B 65 13.56 54.41 -42.63
C ARG B 65 12.54 53.85 -41.62
N GLY B 66 11.61 53.01 -42.09
CA GLY B 66 10.62 52.42 -41.19
C GLY B 66 11.29 51.50 -40.17
N LEU B 67 12.37 50.81 -40.56
CA LEU B 67 13.02 49.85 -39.65
C LEU B 67 13.79 50.60 -38.54
N ASP B 68 14.41 51.74 -38.89
CA ASP B 68 15.07 52.62 -37.92
C ASP B 68 14.08 53.16 -36.89
N ASP B 69 12.89 53.57 -37.38
CA ASP B 69 11.84 54.07 -36.51
CA ASP B 69 11.86 54.08 -36.48
C ASP B 69 11.42 52.97 -35.53
N ILE B 70 11.15 51.80 -36.07
CA ILE B 70 10.75 50.68 -35.24
C ILE B 70 11.85 50.38 -34.23
N GLU B 71 13.11 50.43 -34.65
CA GLU B 71 14.17 50.14 -33.70
C GLU B 71 14.22 51.19 -32.58
N ARG B 72 14.00 52.46 -32.93
CA ARG B 72 13.88 53.53 -31.95
C ARG B 72 12.69 53.30 -31.02
N GLN B 73 11.54 52.85 -31.53
CA GLN B 73 10.43 52.60 -30.63
C GLN B 73 10.75 51.45 -29.66
N ILE B 74 11.45 50.39 -30.11
CA ILE B 74 11.79 49.31 -29.20
C ILE B 74 12.74 49.82 -28.11
N GLU B 75 13.74 50.62 -28.51
CA GLU B 75 14.75 51.13 -27.59
C GLU B 75 14.12 52.04 -26.53
N ALA B 76 12.99 52.67 -26.85
CA ALA B 76 12.29 53.56 -25.94
C ALA B 76 11.27 52.82 -25.08
N ASN B 77 11.04 51.52 -25.32
CA ASN B 77 9.95 50.75 -24.71
C ASN B 77 8.58 51.27 -25.11
N LYS B 78 8.45 51.75 -26.34
CA LYS B 78 7.17 52.14 -26.91
C LYS B 78 6.65 51.07 -27.88
N PHE B 79 7.24 49.87 -27.88
CA PHE B 79 6.84 48.88 -28.86
C PHE B 79 6.10 47.73 -28.17
N GLU B 80 4.88 47.47 -28.63
CA GLU B 80 4.09 46.38 -28.06
C GLU B 80 4.35 45.10 -28.87
N TRP B 81 5.10 44.19 -28.26
CA TRP B 81 5.28 42.84 -28.78
C TRP B 81 3.95 42.11 -28.64
N ARG B 82 3.60 41.25 -29.59
CA ARG B 82 2.28 40.62 -29.55
C ARG B 82 2.39 39.12 -29.79
N THR B 83 1.80 38.32 -28.91
CA THR B 83 1.85 36.87 -29.04
CA THR B 83 1.86 36.87 -29.04
C THR B 83 1.12 36.45 -30.32
N ASP B 84 0.15 37.25 -30.76
CA ASP B 84 -0.59 36.86 -31.95
C ASP B 84 0.22 37.12 -33.21
N ARG B 85 1.40 37.71 -33.06
CA ARG B 85 2.33 37.93 -34.21
C ARG B 85 3.44 36.86 -34.15
N GLU B 86 3.34 35.89 -33.25
CA GLU B 86 4.17 34.69 -33.25
C GLU B 86 5.60 34.93 -32.77
N ASP B 87 6.37 35.69 -33.54
CA ASP B 87 7.81 35.75 -33.35
C ASP B 87 8.34 37.16 -33.64
N VAL B 88 9.64 37.34 -33.43
CA VAL B 88 10.29 38.62 -33.60
C VAL B 88 10.22 39.05 -35.06
N HIS B 89 10.45 38.12 -35.97
CA HIS B 89 10.48 38.40 -37.39
C HIS B 89 9.14 39.00 -37.85
N MET B 90 8.06 38.34 -37.47
CA MET B 90 6.71 38.73 -37.91
C MET B 90 6.25 39.98 -37.14
N ASN B 91 6.62 40.11 -35.87
CA ASN B 91 6.26 41.29 -35.13
C ASN B 91 6.80 42.52 -35.83
N ILE B 92 8.08 42.45 -36.23
CA ILE B 92 8.73 43.64 -36.77
C ILE B 92 8.13 43.99 -38.14
N GLU B 93 7.94 42.98 -39.00
CA GLU B 93 7.51 43.19 -40.38
C GLU B 93 6.05 43.58 -40.46
N ALA B 94 5.19 43.02 -39.62
CA ALA B 94 3.81 43.50 -39.58
C ALA B 94 3.74 44.92 -39.03
N ALA B 95 4.59 45.24 -38.07
CA ALA B 95 4.64 46.61 -37.55
C ALA B 95 5.11 47.53 -38.66
N LEU B 96 6.08 47.02 -39.45
CA LEU B 96 6.65 47.79 -40.54
C LEU B 96 5.56 48.02 -41.58
N THR B 97 4.66 47.06 -41.77
CA THR B 97 3.63 47.20 -42.81
C THR B 97 2.61 48.23 -42.35
N ASP B 98 2.24 48.15 -41.07
CA ASP B 98 1.38 49.15 -40.48
C ASP B 98 1.98 50.54 -40.57
N LEU B 99 3.30 50.69 -40.54
CA LEU B 99 3.91 52.02 -40.63
C LEU B 99 4.00 52.49 -42.08
N ILE B 100 4.49 51.66 -43.01
CA ILE B 100 4.85 52.18 -44.33
C ILE B 100 3.95 51.61 -45.42
N GLY B 101 3.14 50.60 -45.09
CA GLY B 101 2.29 49.99 -46.10
C GLY B 101 3.03 49.09 -47.11
N GLU B 102 2.74 49.26 -48.40
CA GLU B 102 3.02 48.20 -49.37
C GLU B 102 4.52 47.85 -49.47
N PRO B 103 5.48 48.80 -49.49
CA PRO B 103 6.90 48.47 -49.59
C PRO B 103 7.39 47.41 -48.62
N ALA B 104 6.79 47.36 -47.42
CA ALA B 104 7.17 46.42 -46.38
C ALA B 104 7.00 44.99 -46.88
N LYS B 105 5.99 44.77 -47.74
CA LYS B 105 5.66 43.44 -48.22
C LYS B 105 6.68 42.93 -49.25
N LYS B 106 7.61 43.78 -49.69
CA LYS B 106 8.63 43.36 -50.64
C LYS B 106 9.79 42.76 -49.87
N LEU B 107 9.82 42.99 -48.54
CA LEU B 107 10.94 42.55 -47.70
C LEU B 107 11.14 41.03 -47.78
N HIS B 108 10.07 40.26 -47.86
CA HIS B 108 10.19 38.81 -47.85
C HIS B 108 10.56 38.22 -49.24
N THR B 109 10.68 39.04 -50.29
CA THR B 109 11.22 38.58 -51.55
C THR B 109 12.54 37.85 -51.33
N ALA B 110 12.59 36.56 -51.70
CA ALA B 110 13.80 35.75 -51.79
C ALA B 110 14.41 35.54 -50.41
N ARG B 111 13.56 35.30 -49.41
CA ARG B 111 14.01 35.03 -48.06
C ARG B 111 12.97 34.20 -47.33
N SER B 112 13.42 33.41 -46.37
CA SER B 112 12.55 32.55 -45.59
C SER B 112 12.82 32.85 -44.12
N ARG B 113 11.90 32.47 -43.23
CA ARG B 113 12.20 32.58 -41.77
C ARG B 113 13.35 31.62 -41.47
N ASN B 114 13.41 30.50 -42.20
CA ASN B 114 14.47 29.51 -41.97
C ASN B 114 15.87 30.11 -42.10
N ASP B 115 16.13 30.90 -43.15
CA ASP B 115 17.43 31.49 -43.33
C ASP B 115 17.52 32.81 -42.55
N GLN B 116 16.36 33.41 -42.25
CA GLN B 116 16.35 34.67 -41.52
C GLN B 116 16.74 34.40 -40.07
N VAL B 117 16.15 33.39 -39.44
CA VAL B 117 16.41 33.19 -38.03
C VAL B 117 17.86 32.75 -37.83
N ALA B 118 18.38 31.94 -38.75
CA ALA B 118 19.72 31.40 -38.59
C ALA B 118 20.74 32.53 -38.70
N THR B 119 20.51 33.49 -39.62
CA THR B 119 21.33 34.68 -39.72
C THR B 119 21.27 35.50 -38.42
N ASP B 120 20.06 35.75 -37.94
CA ASP B 120 19.86 36.58 -36.77
C ASP B 120 20.56 35.98 -35.56
N PHE B 121 20.46 34.68 -35.36
CA PHE B 121 20.95 34.05 -34.13
C PHE B 121 22.48 33.97 -34.14
N ARG B 122 23.04 33.86 -35.36
CA ARG B 122 24.48 33.91 -35.54
C ARG B 122 24.97 35.30 -35.20
N LEU B 123 24.26 36.34 -35.65
CA LEU B 123 24.69 37.71 -35.34
C LEU B 123 24.67 37.95 -33.84
N TRP B 124 23.61 37.44 -33.21
CA TRP B 124 23.42 37.59 -31.78
C TRP B 124 24.56 36.89 -31.05
N CYS B 125 24.87 35.67 -31.45
CA CYS B 125 25.91 34.86 -30.79
C CYS B 125 27.27 35.52 -30.97
N ARG B 126 27.53 36.14 -32.12
CA ARG B 126 28.83 36.79 -32.40
C ARG B 126 29.02 37.98 -31.45
N ASP B 127 27.93 38.67 -31.13
CA ASP B 127 27.99 39.86 -30.27
C ASP B 127 28.20 39.42 -28.81
N ALA B 128 27.50 38.32 -28.42
CA ALA B 128 27.62 37.78 -27.08
C ALA B 128 29.06 37.30 -26.81
N ILE B 129 29.68 36.62 -27.78
CA ILE B 129 31.05 36.18 -27.60
C ILE B 129 31.99 37.37 -27.43
N ASP B 130 31.81 38.42 -28.24
CA ASP B 130 32.62 39.62 -28.14
C ASP B 130 32.51 40.23 -26.75
N THR B 131 31.31 40.29 -26.20
CA THR B 131 31.11 40.80 -24.85
C THR B 131 31.77 39.89 -23.81
N ILE B 132 31.73 38.56 -24.01
CA ILE B 132 32.25 37.65 -23.00
C ILE B 132 33.77 37.76 -22.97
N ILE B 133 34.38 37.98 -24.15
CA ILE B 133 35.82 38.06 -24.19
C ILE B 133 36.27 39.25 -23.34
N VAL B 134 35.53 40.37 -23.43
CA VAL B 134 35.87 41.55 -22.65
C VAL B 134 35.78 41.22 -21.16
N LYS B 135 34.68 40.59 -20.76
CA LYS B 135 34.47 40.26 -19.37
C LYS B 135 35.54 39.30 -18.83
N ILE B 136 36.02 38.37 -19.66
CA ILE B 136 37.07 37.46 -19.22
C ILE B 136 38.39 38.20 -19.02
N ARG B 137 38.74 39.12 -19.89
CA ARG B 137 39.97 39.93 -19.71
C ARG B 137 39.90 40.67 -18.36
N ASN B 138 38.71 41.19 -18.03
CA ASN B 138 38.50 41.94 -16.80
CA ASN B 138 38.53 41.94 -16.80
C ASN B 138 38.82 41.05 -15.60
N LEU B 139 38.32 39.80 -15.63
CA LEU B 139 38.51 38.86 -14.53
C LEU B 139 40.00 38.49 -14.47
N GLN B 140 40.62 38.27 -15.63
CA GLN B 140 42.04 37.95 -15.65
C GLN B 140 42.80 39.09 -14.96
N ARG B 141 42.49 40.34 -15.31
CA ARG B 141 43.12 41.54 -14.68
C ARG B 141 42.87 41.56 -13.16
N ALA B 142 41.61 41.39 -12.73
CA ALA B 142 41.32 41.37 -11.31
C ALA B 142 42.18 40.33 -10.59
N LEU B 143 42.38 39.15 -11.20
CA LEU B 143 43.14 38.07 -10.60
C LEU B 143 44.63 38.41 -10.59
N VAL B 144 45.13 39.02 -11.65
CA VAL B 144 46.54 39.38 -11.73
C VAL B 144 46.83 40.49 -10.71
N GLU B 145 45.90 41.40 -10.48
CA GLU B 145 46.15 42.47 -9.53
C GLU B 145 46.09 41.93 -8.09
N LEU B 146 45.21 40.97 -7.81
CA LEU B 146 45.18 40.32 -6.51
C LEU B 146 46.50 39.62 -6.27
N ALA B 147 47.07 39.04 -7.33
CA ALA B 147 48.35 38.34 -7.26
C ALA B 147 49.49 39.31 -7.00
N LEU B 148 49.49 40.43 -7.73
CA LEU B 148 50.50 41.48 -7.63
C LEU B 148 50.48 42.06 -6.22
N LYS B 149 49.29 42.32 -5.70
CA LYS B 149 49.14 42.88 -4.36
C LYS B 149 49.56 41.85 -3.29
N ASN B 150 49.69 40.56 -3.63
CA ASN B 150 49.93 39.55 -2.59
C ASN B 150 51.11 38.67 -3.00
N GLU B 151 52.01 39.28 -3.78
CA GLU B 151 53.07 38.59 -4.48
C GLU B 151 53.94 37.74 -3.54
N ALA B 152 54.15 38.17 -2.28
CA ALA B 152 55.10 37.49 -1.40
C ALA B 152 54.48 36.38 -0.57
N LEU B 153 53.17 36.21 -0.60
CA LEU B 153 52.50 35.38 0.39
C LEU B 153 52.64 33.87 0.05
N ILE B 154 53.06 33.05 1.02
CA ILE B 154 53.28 31.63 0.83
C ILE B 154 52.08 30.90 1.40
N VAL B 155 51.55 29.93 0.64
CA VAL B 155 50.41 29.13 1.06
C VAL B 155 50.70 27.69 0.72
N PRO B 156 50.04 26.70 1.34
CA PRO B 156 50.24 25.31 0.95
C PRO B 156 49.62 25.10 -0.43
N GLY B 157 50.25 24.20 -1.18
CA GLY B 157 49.70 23.57 -2.36
C GLY B 157 49.28 22.14 -2.04
N TYR B 158 48.10 21.77 -2.55
CA TYR B 158 47.43 20.55 -2.13
C TYR B 158 47.32 19.58 -3.29
N THR B 159 47.46 18.29 -2.94
CA THR B 159 47.00 17.17 -3.73
C THR B 159 46.19 16.29 -2.79
N HIS B 160 45.00 15.89 -3.28
CA HIS B 160 44.05 15.13 -2.48
C HIS B 160 43.60 15.91 -1.25
N LEU B 161 43.62 17.25 -1.35
CA LEU B 161 43.32 18.16 -0.24
C LEU B 161 44.22 17.88 0.97
N GLN B 162 45.48 17.49 0.65
CA GLN B 162 46.51 17.29 1.63
C GLN B 162 47.69 18.16 1.21
N ARG B 163 48.38 18.70 2.21
CA ARG B 163 49.48 19.63 1.94
C ARG B 163 50.60 18.84 1.26
N ALA B 164 51.00 19.31 0.08
CA ALA B 164 52.03 18.64 -0.68
C ALA B 164 53.33 19.45 -0.66
N GLN B 165 53.21 20.71 -1.07
CA GLN B 165 54.37 21.57 -1.22
C GLN B 165 53.98 22.99 -0.81
N PRO B 166 54.96 23.84 -0.47
CA PRO B 166 54.68 25.25 -0.22
C PRO B 166 54.75 25.93 -1.58
N VAL B 167 53.78 26.82 -1.89
CA VAL B 167 53.75 27.56 -3.15
C VAL B 167 53.49 29.03 -2.82
N LEU B 168 53.56 29.89 -3.83
CA LEU B 168 53.22 31.30 -3.70
C LEU B 168 51.75 31.47 -4.10
N LEU B 169 51.02 32.31 -3.36
CA LEU B 169 49.65 32.66 -3.69
C LEU B 169 49.55 33.14 -5.15
N PRO B 170 50.43 34.03 -5.67
CA PRO B 170 50.29 34.47 -7.07
C PRO B 170 50.29 33.31 -8.07
N HIS B 171 51.02 32.25 -7.75
CA HIS B 171 51.11 31.15 -8.69
C HIS B 171 49.80 30.38 -8.69
N VAL B 172 49.13 30.32 -7.55
CA VAL B 172 47.82 29.69 -7.49
C VAL B 172 46.80 30.50 -8.28
N LEU B 173 46.82 31.82 -8.16
CA LEU B 173 45.87 32.65 -8.91
C LEU B 173 46.14 32.58 -10.42
N LEU B 174 47.41 32.45 -10.81
CA LEU B 174 47.74 32.38 -12.23
C LEU B 174 47.28 31.07 -12.86
N THR B 175 47.00 30.03 -12.05
CA THR B 175 46.32 28.85 -12.56
C THR B 175 45.00 29.26 -13.22
N PHE B 176 44.22 30.11 -12.56
CA PHE B 176 42.90 30.50 -13.04
C PHE B 176 42.97 31.44 -14.24
N VAL B 177 44.01 32.29 -14.27
CA VAL B 177 44.29 33.14 -15.42
C VAL B 177 44.64 32.27 -16.62
N GLU B 178 45.40 31.17 -16.42
CA GLU B 178 45.80 30.31 -17.52
C GLU B 178 44.58 29.53 -18.04
N GLN B 179 43.73 29.09 -17.13
CA GLN B 179 42.47 28.47 -17.49
C GLN B 179 41.65 29.38 -18.41
N LEU B 180 41.50 30.64 -18.00
CA LEU B 180 40.64 31.59 -18.67
C LEU B 180 41.24 32.00 -20.01
N GLU B 181 42.55 31.81 -20.17
CA GLU B 181 43.16 32.12 -21.44
C GLU B 181 42.80 31.05 -22.48
N ARG B 182 42.66 29.79 -22.03
CA ARG B 182 42.19 28.73 -22.91
C ARG B 182 40.73 28.99 -23.27
N ASP B 183 39.93 29.35 -22.26
CA ASP B 183 38.54 29.71 -22.49
C ASP B 183 38.46 30.79 -23.58
N ALA B 184 39.25 31.88 -23.47
CA ALA B 184 39.24 32.94 -24.47
C ALA B 184 39.63 32.43 -25.86
N GLY B 185 40.58 31.49 -25.92
CA GLY B 185 40.93 30.90 -27.20
C GLY B 185 39.74 30.16 -27.86
N ARG B 186 38.94 29.45 -27.04
CA ARG B 186 37.84 28.70 -27.59
C ARG B 186 36.76 29.64 -28.10
N TYR B 187 36.54 30.76 -27.44
CA TYR B 187 35.59 31.78 -27.86
C TYR B 187 36.01 32.39 -29.20
N VAL B 188 37.33 32.66 -29.36
CA VAL B 188 37.86 33.20 -30.62
C VAL B 188 37.65 32.19 -31.73
N ASP B 189 37.97 30.91 -31.45
CA ASP B 189 37.88 29.85 -32.45
C ASP B 189 36.41 29.61 -32.81
N CYS B 190 35.56 29.46 -31.78
CA CYS B 190 34.11 29.42 -31.98
C CYS B 190 33.58 30.57 -32.85
N ARG B 191 33.93 31.81 -32.57
CA ARG B 191 33.37 32.96 -33.33
C ARG B 191 33.77 32.85 -34.82
N ALA B 192 35.00 32.45 -35.09
CA ALA B 192 35.49 32.40 -36.45
C ALA B 192 34.69 31.38 -37.23
N ARG B 193 34.51 30.17 -36.66
CA ARG B 193 33.79 29.09 -37.31
C ARG B 193 32.32 29.44 -37.53
N LEU B 194 31.72 30.32 -36.71
CA LEU B 194 30.28 30.59 -36.88
C LEU B 194 30.06 31.81 -37.78
N ASN B 195 31.12 32.44 -38.26
CA ASN B 195 30.98 33.72 -38.92
C ASN B 195 30.80 33.57 -40.43
N PHE B 196 29.79 32.76 -40.80
CA PHE B 196 29.41 32.55 -42.19
C PHE B 196 27.90 32.77 -42.28
N SER B 197 27.49 33.45 -43.37
CA SER B 197 26.13 33.89 -43.61
C SER B 197 25.24 32.78 -44.17
N PRO B 198 24.18 32.33 -43.48
CA PRO B 198 23.13 31.54 -44.13
C PRO B 198 22.14 32.28 -45.02
N LEU B 199 22.21 33.61 -45.00
CA LEU B 199 21.21 34.42 -45.67
C LEU B 199 21.25 34.24 -47.20
N GLY B 200 20.08 33.93 -47.78
CA GLY B 200 19.95 33.65 -49.20
C GLY B 200 19.81 32.15 -49.51
N ALA B 201 19.85 31.29 -48.47
CA ALA B 201 19.47 29.89 -48.55
C ALA B 201 17.97 29.70 -48.69
N CYS B 202 17.17 30.71 -48.36
CA CYS B 202 15.71 30.61 -48.34
C CYS B 202 15.29 29.42 -47.47
N ALA B 203 14.29 28.65 -47.95
CA ALA B 203 13.73 27.60 -47.13
C ALA B 203 14.71 26.47 -46.92
N LEU B 204 15.57 26.20 -47.90
CA LEU B 204 16.58 25.13 -47.81
C LEU B 204 17.41 25.01 -49.09
N ALA B 205 16.89 25.47 -50.25
CA ALA B 205 17.41 25.09 -51.56
C ALA B 205 17.98 26.27 -52.35
N GLY B 206 17.96 27.46 -51.76
CA GLY B 206 18.29 28.65 -52.51
C GLY B 206 17.07 29.12 -53.28
N THR B 207 17.35 29.89 -54.35
CA THR B 207 16.37 30.60 -55.14
C THR B 207 16.92 30.78 -56.56
N GLY B 208 15.99 31.01 -57.48
CA GLY B 208 16.33 31.35 -58.84
C GLY B 208 16.19 32.84 -59.11
N LEU B 209 15.86 33.65 -58.08
CA LEU B 209 15.88 35.10 -58.26
C LEU B 209 17.30 35.65 -58.14
N PRO B 210 17.64 36.78 -58.82
CA PRO B 210 19.03 37.27 -58.89
C PRO B 210 19.58 38.03 -57.67
N ILE B 211 19.61 37.35 -56.51
CA ILE B 211 20.18 37.90 -55.30
C ILE B 211 21.70 37.83 -55.34
N ASP B 212 22.35 38.56 -54.43
CA ASP B 212 23.79 38.54 -54.20
C ASP B 212 24.10 38.24 -52.72
N ARG B 213 24.37 36.97 -52.42
CA ARG B 213 24.56 36.51 -51.07
C ARG B 213 25.90 36.99 -50.51
N PHE B 214 26.83 37.42 -51.37
CA PHE B 214 28.12 37.90 -50.91
C PHE B 214 27.98 39.33 -50.37
N MET B 215 27.13 40.12 -51.03
CA MET B 215 26.82 41.49 -50.60
C MET B 215 26.24 41.49 -49.19
N THR B 216 25.19 40.68 -48.92
CA THR B 216 24.59 40.69 -47.60
C THR B 216 25.57 40.12 -46.58
N ALA B 217 26.38 39.13 -46.96
CA ALA B 217 27.34 38.58 -46.01
C ALA B 217 28.31 39.68 -45.56
N ASN B 218 28.82 40.49 -46.51
CA ASN B 218 29.81 41.50 -46.20
CA ASN B 218 29.83 41.50 -46.18
C ASN B 218 29.16 42.59 -45.35
N ALA B 219 27.94 43.00 -45.74
CA ALA B 219 27.20 43.99 -45.01
C ALA B 219 27.05 43.61 -43.54
N LEU B 220 26.97 42.31 -43.19
CA LEU B 220 26.69 41.92 -41.81
C LEU B 220 27.95 41.40 -41.13
N GLY B 221 29.13 41.61 -41.74
CA GLY B 221 30.40 41.27 -41.13
C GLY B 221 30.74 39.78 -41.13
N PHE B 222 30.02 38.95 -41.91
CA PHE B 222 30.38 37.55 -42.07
C PHE B 222 31.59 37.42 -43.02
N THR B 223 32.39 36.37 -42.84
CA THR B 223 33.53 36.12 -43.71
C THR B 223 33.06 35.84 -45.14
N GLU B 224 32.15 34.86 -45.32
CA GLU B 224 31.60 34.47 -46.61
C GLU B 224 30.20 33.91 -46.45
N PRO B 225 29.42 33.81 -47.54
CA PRO B 225 28.21 32.98 -47.54
C PRO B 225 28.57 31.50 -47.36
N MET B 226 27.74 30.76 -46.61
CA MET B 226 27.84 29.31 -46.45
C MET B 226 27.68 28.61 -47.80
N ARG B 227 28.42 27.49 -48.00
CA ARG B 227 28.56 26.88 -49.31
CA ARG B 227 28.56 26.88 -49.31
C ARG B 227 27.38 25.97 -49.61
N ASN B 228 26.47 25.78 -48.63
CA ASN B 228 25.42 24.81 -48.88
C ASN B 228 24.11 25.31 -48.26
N SER B 229 23.05 25.44 -49.07
CA SER B 229 21.78 26.00 -48.63
C SER B 229 21.10 25.13 -47.58
N ILE B 230 21.24 23.82 -47.68
CA ILE B 230 20.56 22.89 -46.76
C ILE B 230 21.24 22.96 -45.39
N ASP B 231 22.58 22.88 -45.43
CA ASP B 231 23.40 23.05 -44.25
C ASP B 231 23.06 24.40 -43.61
N ALA B 232 22.90 25.45 -44.41
CA ALA B 232 22.71 26.78 -43.87
C ALA B 232 21.46 26.86 -43.00
N VAL B 233 20.36 26.18 -43.38
CA VAL B 233 19.16 26.25 -42.56
C VAL B 233 19.10 25.13 -41.51
N SER B 234 19.92 24.08 -41.63
CA SER B 234 19.81 22.93 -40.73
C SER B 234 20.84 22.93 -39.59
N ASP B 235 21.91 23.70 -39.79
CA ASP B 235 23.05 23.70 -38.88
C ASP B 235 22.77 24.51 -37.61
N ARG B 236 23.08 23.90 -36.46
CA ARG B 236 23.16 24.62 -35.19
C ARG B 236 24.45 24.28 -34.45
N ASP B 237 25.52 24.01 -35.18
CA ASP B 237 26.85 23.72 -34.58
C ASP B 237 27.35 24.93 -33.80
N PHE B 238 27.07 26.12 -34.32
CA PHE B 238 27.56 27.34 -33.71
C PHE B 238 26.99 27.44 -32.31
N VAL B 239 25.75 26.95 -32.14
CA VAL B 239 25.10 27.00 -30.84
C VAL B 239 25.74 26.01 -29.86
N LEU B 240 25.92 24.79 -30.33
CA LEU B 240 26.56 23.73 -29.56
C LEU B 240 27.96 24.13 -29.09
N GLU B 241 28.74 24.76 -29.97
CA GLU B 241 30.13 25.10 -29.69
C GLU B 241 30.16 26.22 -28.65
N PHE B 242 29.23 27.18 -28.77
CA PHE B 242 29.13 28.26 -27.80
C PHE B 242 28.75 27.70 -26.42
N LEU B 243 27.68 26.91 -26.35
CA LEU B 243 27.25 26.26 -25.11
C LEU B 243 28.40 25.50 -24.45
N TYR B 244 29.20 24.80 -25.28
CA TYR B 244 30.26 23.97 -24.75
C TYR B 244 31.28 24.92 -24.16
N THR B 245 31.63 25.96 -24.94
CA THR B 245 32.63 26.90 -24.46
C THR B 245 32.18 27.55 -23.14
N ASN B 246 30.91 27.98 -23.05
CA ASN B 246 30.39 28.47 -21.78
C ASN B 246 30.61 27.45 -20.64
N ALA B 247 30.32 26.17 -20.91
CA ALA B 247 30.32 25.15 -19.86
C ALA B 247 31.74 24.88 -19.36
N ASN B 248 32.71 24.88 -20.26
CA ASN B 248 34.08 24.69 -19.83
C ASN B 248 34.52 25.89 -18.98
N THR B 249 34.16 27.11 -19.43
CA THR B 249 34.47 28.32 -18.69
C THR B 249 33.82 28.25 -17.31
N GLY B 250 32.58 27.75 -17.27
CA GLY B 250 31.84 27.62 -16.02
C GLY B 250 32.47 26.60 -15.06
N ILE B 251 33.02 25.50 -15.59
CA ILE B 251 33.75 24.54 -14.76
C ILE B 251 34.94 25.23 -14.08
N HIS B 252 35.66 26.08 -14.82
CA HIS B 252 36.83 26.75 -14.26
C HIS B 252 36.39 27.66 -13.12
N LEU B 253 35.28 28.38 -13.35
CA LEU B 253 34.79 29.28 -12.32
C LEU B 253 34.22 28.50 -11.13
N SER B 254 33.77 27.24 -11.36
CA SER B 254 33.30 26.37 -10.30
C SER B 254 34.45 25.90 -9.43
N ARG B 255 35.65 25.74 -10.00
CA ARG B 255 36.85 25.34 -9.22
C ARG B 255 37.30 26.55 -8.39
N LEU B 256 37.33 27.72 -9.00
CA LEU B 256 37.59 28.96 -8.28
C LEU B 256 36.61 29.14 -7.13
N GLY B 257 35.30 28.96 -7.37
CA GLY B 257 34.32 28.98 -6.30
C GLY B 257 34.67 28.01 -5.17
N GLU B 258 34.90 26.76 -5.49
CA GLU B 258 35.21 25.74 -4.50
C GLU B 258 36.41 26.19 -3.70
N GLU B 259 37.43 26.70 -4.41
CA GLU B 259 38.66 27.07 -3.76
C GLU B 259 38.39 28.15 -2.71
N TRP B 260 37.72 29.21 -3.14
CA TRP B 260 37.52 30.38 -2.30
C TRP B 260 36.52 30.11 -1.17
N VAL B 261 35.53 29.23 -1.39
CA VAL B 261 34.67 28.83 -0.29
C VAL B 261 35.47 28.12 0.80
N LEU B 262 36.41 27.26 0.40
CA LEU B 262 37.30 26.54 1.31
C LEU B 262 38.20 27.55 2.05
N TRP B 263 38.78 28.48 1.28
CA TRP B 263 39.69 29.48 1.82
C TRP B 263 39.01 30.42 2.80
N ALA B 264 37.70 30.66 2.61
CA ALA B 264 36.99 31.52 3.53
C ALA B 264 36.50 30.73 4.74
N SER B 265 36.66 29.42 4.74
CA SER B 265 36.25 28.64 5.89
C SER B 265 37.11 29.03 7.11
N GLU B 266 36.60 28.75 8.29
CA GLU B 266 37.34 28.89 9.53
C GLU B 266 38.54 27.95 9.54
N GLU B 267 38.35 26.72 9.02
CA GLU B 267 39.32 25.64 9.17
C GLU B 267 40.58 25.94 8.34
N PHE B 268 40.38 26.53 7.15
CA PHE B 268 41.48 27.01 6.33
C PHE B 268 41.92 28.36 6.88
N GLY B 269 40.98 29.29 6.97
CA GLY B 269 41.20 30.57 7.60
C GLY B 269 42.19 31.40 6.79
N PHE B 270 42.19 31.26 5.44
CA PHE B 270 43.18 31.90 4.58
C PHE B 270 42.70 33.27 4.12
N MET B 271 41.38 33.49 4.07
CA MET B 271 40.81 34.59 3.31
C MET B 271 39.57 35.11 4.03
N THR B 272 39.39 36.45 4.04
CA THR B 272 38.20 37.12 4.56
C THR B 272 37.59 37.97 3.45
N PRO B 273 36.33 37.69 3.06
CA PRO B 273 35.62 38.52 2.10
C PRO B 273 35.12 39.78 2.78
N SER B 274 34.99 40.87 2.02
CA SER B 274 34.31 42.05 2.51
C SER B 274 32.85 41.76 2.81
N ASP B 275 32.23 42.67 3.56
CA ASP B 275 30.81 42.57 3.87
C ASP B 275 29.96 42.72 2.63
N SER B 276 30.44 43.52 1.66
CA SER B 276 29.71 43.76 0.43
C SER B 276 29.61 42.51 -0.47
N VAL B 277 30.41 41.45 -0.21
CA VAL B 277 30.35 40.23 -1.00
C VAL B 277 30.17 38.99 -0.11
N SER B 278 29.60 39.16 1.08
CA SER B 278 29.34 38.02 1.95
C SER B 278 28.05 38.30 2.72
N THR B 279 27.53 37.30 3.42
CA THR B 279 26.39 37.50 4.31
C THR B 279 26.83 37.07 5.71
N GLY B 280 26.03 37.39 6.72
CA GLY B 280 26.46 37.15 8.09
C GLY B 280 25.29 36.82 9.00
N SER B 281 25.40 37.20 10.24
CA SER B 281 24.48 36.75 11.26
C SER B 281 24.66 37.63 12.49
N SER B 282 23.58 38.24 12.98
CA SER B 282 23.68 39.12 14.14
C SER B 282 24.11 38.36 15.40
N ILE B 283 23.67 37.11 15.59
CA ILE B 283 24.04 36.33 16.78
C ILE B 283 25.48 35.85 16.71
N MET B 284 26.01 35.67 15.50
CA MET B 284 27.38 35.14 15.33
C MET B 284 28.08 36.09 14.36
N PRO B 285 28.51 37.28 14.83
CA PRO B 285 29.11 38.31 13.96
C PRO B 285 30.43 37.98 13.27
N GLN B 286 31.04 36.86 13.65
CA GLN B 286 32.27 36.37 13.06
C GLN B 286 32.01 35.44 11.86
N LYS B 287 30.77 34.93 11.70
CA LYS B 287 30.38 34.07 10.58
C LYS B 287 30.26 34.91 9.29
N LYS B 288 31.14 34.64 8.31
CA LYS B 288 31.09 35.31 7.03
C LYS B 288 30.93 34.25 5.94
N ASN B 289 29.73 34.22 5.35
CA ASN B 289 29.37 33.26 4.32
C ASN B 289 29.69 33.81 2.93
N PRO B 290 30.43 33.06 2.08
CA PRO B 290 30.78 33.52 0.74
C PRO B 290 29.72 33.22 -0.33
N ASP B 291 28.46 33.61 -0.04
CA ASP B 291 27.32 33.25 -0.87
C ASP B 291 27.61 33.46 -2.36
N PRO B 292 28.22 34.58 -2.79
CA PRO B 292 28.45 34.78 -4.23
C PRO B 292 29.27 33.68 -4.93
N MET B 293 30.30 33.16 -4.24
CA MET B 293 31.14 32.12 -4.84
C MET B 293 30.47 30.76 -4.73
N GLU B 294 29.65 30.55 -3.70
CA GLU B 294 28.80 29.36 -3.67
C GLU B 294 27.87 29.34 -4.88
N LEU B 295 27.26 30.49 -5.23
CA LEU B 295 26.34 30.58 -6.36
C LEU B 295 27.07 30.44 -7.70
N VAL B 296 28.29 30.99 -7.80
CA VAL B 296 29.11 30.74 -8.98
C VAL B 296 29.28 29.22 -9.20
N ARG B 297 29.67 28.49 -8.16
CA ARG B 297 29.85 27.06 -8.25
C ARG B 297 28.54 26.39 -8.67
N GLY B 298 27.46 26.79 -8.03
CA GLY B 298 26.16 26.21 -8.29
C GLY B 298 25.70 26.45 -9.71
N LYS B 299 26.02 27.63 -10.27
CA LYS B 299 25.49 28.02 -11.57
C LYS B 299 26.27 27.37 -12.73
N SER B 300 27.47 26.83 -12.47
CA SER B 300 28.12 25.98 -13.43
C SER B 300 27.18 24.85 -13.88
N ALA B 301 26.32 24.32 -12.98
CA ALA B 301 25.41 23.22 -13.32
C ALA B 301 24.45 23.57 -14.46
N ARG B 302 23.80 24.74 -14.39
CA ARG B 302 22.75 25.07 -15.41
C ARG B 302 23.42 25.27 -16.76
N VAL B 303 24.70 25.64 -16.74
CA VAL B 303 25.41 25.84 -17.99
C VAL B 303 25.67 24.50 -18.68
N ILE B 304 25.96 23.45 -17.90
CA ILE B 304 26.07 22.09 -18.38
C ILE B 304 24.71 21.62 -18.90
N GLY B 305 23.63 21.90 -18.15
CA GLY B 305 22.27 21.55 -18.51
C GLY B 305 21.86 22.14 -19.85
N ASP B 306 22.27 23.37 -20.13
CA ASP B 306 21.90 24.06 -21.36
C ASP B 306 22.60 23.44 -22.58
N LEU B 307 23.82 22.92 -22.38
CA LEU B 307 24.57 22.27 -23.44
C LEU B 307 23.91 20.94 -23.81
N VAL B 308 23.60 20.13 -22.78
CA VAL B 308 22.89 18.86 -22.92
C VAL B 308 21.55 19.07 -23.66
N THR B 309 20.85 20.14 -23.32
CA THR B 309 19.61 20.47 -24.00
C THR B 309 19.83 20.44 -25.49
N VAL B 310 20.73 21.27 -26.04
CA VAL B 310 20.79 21.44 -27.49
C VAL B 310 21.50 20.25 -28.12
N LEU B 311 22.33 19.53 -27.33
CA LEU B 311 22.92 18.29 -27.84
C LEU B 311 21.80 17.30 -28.13
N THR B 312 20.94 17.07 -27.12
CA THR B 312 19.84 16.13 -27.20
CA THR B 312 19.89 16.09 -27.25
C THR B 312 18.87 16.56 -28.31
N LEU B 313 18.67 17.87 -28.41
CA LEU B 313 17.75 18.43 -29.38
C LEU B 313 18.12 18.02 -30.81
N CYS B 314 19.43 18.09 -31.12
CA CYS B 314 19.93 17.98 -32.51
C CYS B 314 20.04 16.52 -32.93
N LYS B 315 20.29 15.65 -31.95
CA LYS B 315 20.43 14.20 -32.07
C LYS B 315 19.22 13.61 -32.79
N GLY B 316 19.49 12.87 -33.86
CA GLY B 316 18.47 12.05 -34.51
C GLY B 316 17.56 12.83 -35.46
N LEU B 317 17.80 14.14 -35.67
CA LEU B 317 16.86 14.91 -36.46
C LEU B 317 17.18 14.69 -37.93
N PRO B 318 16.15 14.48 -38.76
CA PRO B 318 16.34 14.50 -40.22
C PRO B 318 16.59 15.90 -40.76
N LEU B 319 16.99 15.99 -42.03
CA LEU B 319 17.17 17.26 -42.71
C LEU B 319 15.79 17.77 -43.15
N ALA B 320 15.60 19.06 -43.44
CA ALA B 320 16.56 20.16 -43.30
C ALA B 320 16.18 20.99 -42.06
N TYR B 321 15.19 21.88 -42.19
CA TYR B 321 14.70 22.64 -41.05
C TYR B 321 13.58 21.83 -40.40
N ASN B 322 13.62 21.74 -39.06
CA ASN B 322 12.54 21.21 -38.25
C ASN B 322 12.16 22.23 -37.18
N ARG B 323 10.91 22.19 -36.71
CA ARG B 323 10.43 23.19 -35.78
C ARG B 323 11.07 22.96 -34.42
N ASP B 324 11.56 21.73 -34.13
CA ASP B 324 12.32 21.46 -32.91
C ASP B 324 13.37 22.57 -32.62
N PHE B 325 13.99 23.09 -33.68
CA PHE B 325 15.11 24.00 -33.57
C PHE B 325 14.77 25.32 -32.85
N GLN B 326 13.47 25.61 -32.63
CA GLN B 326 13.10 26.82 -31.92
C GLN B 326 13.55 26.71 -30.46
N GLU B 327 13.83 25.46 -30.03
CA GLU B 327 14.24 25.19 -28.66
C GLU B 327 15.74 25.46 -28.46
N ASP B 328 16.39 26.06 -29.46
CA ASP B 328 17.81 26.38 -29.36
C ASP B 328 18.04 27.76 -28.75
N LYS B 329 17.02 28.63 -28.69
CA LYS B 329 17.30 30.00 -28.30
C LYS B 329 17.41 30.11 -26.77
N GLU B 330 16.40 29.57 -26.06
CA GLU B 330 16.28 29.71 -24.63
C GLU B 330 17.53 29.18 -23.91
N PRO B 331 18.06 28.00 -24.24
CA PRO B 331 19.27 27.50 -23.57
C PRO B 331 20.51 28.38 -23.77
N MET B 332 20.67 28.91 -24.98
CA MET B 332 21.80 29.72 -25.35
C MET B 332 21.74 31.07 -24.63
N PHE B 333 20.53 31.66 -24.55
CA PHE B 333 20.31 32.89 -23.80
C PHE B 333 20.58 32.65 -22.31
N ASP B 334 20.06 31.54 -21.78
CA ASP B 334 20.28 31.22 -20.38
C ASP B 334 21.77 31.04 -20.13
N SER B 335 22.42 30.25 -20.99
CA SER B 335 23.83 29.90 -20.83
C SER B 335 24.68 31.15 -20.75
N THR B 336 24.48 32.07 -21.71
CA THR B 336 25.24 33.29 -21.90
C THR B 336 25.08 34.27 -20.72
N LYS B 337 23.81 34.55 -20.36
CA LYS B 337 23.53 35.37 -19.22
C LYS B 337 24.22 34.82 -17.97
N THR B 338 24.13 33.54 -17.74
CA THR B 338 24.67 32.93 -16.55
C THR B 338 26.19 33.10 -16.51
N ILE B 339 26.85 32.79 -17.65
CA ILE B 339 28.31 32.82 -17.62
C ILE B 339 28.80 34.26 -17.47
N MET B 340 28.13 35.24 -18.10
CA MET B 340 28.49 36.63 -17.90
C MET B 340 28.42 37.02 -16.42
N GLY B 341 27.31 36.66 -15.75
CA GLY B 341 27.11 36.85 -14.32
C GLY B 341 28.23 36.25 -13.48
N MET B 342 28.56 34.97 -13.69
CA MET B 342 29.60 34.24 -12.95
C MET B 342 30.96 34.91 -13.13
N ILE B 343 31.30 35.35 -14.36
CA ILE B 343 32.58 35.98 -14.67
C ILE B 343 32.65 37.31 -13.90
N ASP B 344 31.61 38.14 -14.03
CA ASP B 344 31.60 39.49 -13.47
C ASP B 344 31.62 39.44 -11.95
N VAL B 345 30.79 38.59 -11.35
CA VAL B 345 30.77 38.46 -9.92
C VAL B 345 32.11 37.93 -9.44
N SER B 346 32.75 37.06 -10.21
CA SER B 346 34.02 36.51 -9.77
C SER B 346 35.09 37.59 -9.68
N ALA B 347 35.04 38.52 -10.63
CA ALA B 347 35.95 39.64 -10.74
C ALA B 347 35.71 40.62 -9.58
N GLU B 348 34.45 40.82 -9.23
CA GLU B 348 34.10 41.63 -8.08
C GLU B 348 34.57 40.95 -6.78
N PHE B 349 34.34 39.64 -6.63
CA PHE B 349 34.74 38.99 -5.39
C PHE B 349 36.26 39.10 -5.22
N ALA B 350 37.01 38.97 -6.31
CA ALA B 350 38.46 39.02 -6.26
C ALA B 350 38.97 40.37 -5.77
N GLN B 351 38.20 41.43 -6.03
CA GLN B 351 38.57 42.79 -5.65
C GLN B 351 38.09 43.18 -4.27
N ASN B 352 37.55 42.21 -3.49
CA ASN B 352 36.94 42.41 -2.19
C ASN B 352 37.31 41.25 -1.25
N VAL B 353 38.53 40.75 -1.38
CA VAL B 353 39.04 39.75 -0.47
C VAL B 353 40.40 40.23 0.03
N THR B 354 40.68 39.89 1.31
CA THR B 354 42.01 40.02 1.88
C THR B 354 42.44 38.69 2.50
N PHE B 355 43.77 38.48 2.55
CA PHE B 355 44.35 37.26 3.09
C PHE B 355 44.78 37.42 4.55
N ASN B 356 44.62 36.35 5.35
CA ASN B 356 44.92 36.38 6.77
C ASN B 356 46.36 35.94 6.96
N GLU B 357 47.28 36.89 6.90
CA GLU B 357 48.70 36.60 6.82
C GLU B 357 49.21 35.87 8.05
N ASP B 358 48.75 36.24 9.26
CA ASP B 358 49.24 35.60 10.46
CA ASP B 358 49.23 35.60 10.48
C ASP B 358 48.66 34.19 10.57
N ARG B 359 47.39 34.03 10.21
CA ARG B 359 46.75 32.72 10.27
C ARG B 359 47.44 31.72 9.34
N ILE B 360 47.70 32.16 8.09
CA ILE B 360 48.36 31.37 7.07
C ILE B 360 49.74 30.96 7.57
N LYS B 361 50.53 31.94 8.03
CA LYS B 361 51.92 31.74 8.41
C LYS B 361 52.05 30.79 9.59
N LYS B 362 51.05 30.73 10.48
CA LYS B 362 51.24 29.97 11.70
C LYS B 362 51.06 28.49 11.41
N SER B 363 50.34 28.14 10.33
CA SER B 363 50.10 26.74 9.99
C SER B 363 51.30 26.07 9.29
N LEU B 364 52.04 26.86 8.50
CA LEU B 364 52.93 26.33 7.47
C LEU B 364 54.02 25.43 8.07
N PRO B 365 54.70 25.82 9.18
CA PRO B 365 55.99 25.23 9.52
C PRO B 365 56.04 23.81 10.05
N ALA B 366 54.88 23.20 10.35
CA ALA B 366 54.87 21.89 11.01
C ALA B 366 54.53 20.74 10.05
N GLY B 367 54.34 20.99 8.75
CA GLY B 367 53.95 19.92 7.83
C GLY B 367 55.10 19.31 7.02
N HIS B 368 56.35 19.56 7.42
CA HIS B 368 57.54 19.12 6.69
C HIS B 368 57.44 19.43 5.20
N LEU B 369 56.97 20.63 4.87
CA LEU B 369 56.78 21.01 3.48
C LEU B 369 58.13 21.19 2.81
N ASP B 370 59.23 21.15 3.58
CA ASP B 370 60.58 21.36 3.08
C ASP B 370 61.30 20.05 2.72
N ALA B 371 60.64 18.90 2.95
CA ALA B 371 61.19 17.56 2.73
C ALA B 371 61.69 17.32 1.31
N THR B 372 60.89 17.75 0.33
CA THR B 372 61.20 17.58 -1.08
CA THR B 372 61.20 17.58 -1.09
C THR B 372 62.42 18.42 -1.48
N THR B 373 62.55 19.58 -0.87
CA THR B 373 63.62 20.50 -1.22
C THR B 373 64.94 19.92 -0.67
N LEU B 374 64.90 19.25 0.49
CA LEU B 374 66.01 18.47 1.02
C LEU B 374 66.33 17.29 0.09
N ALA B 375 65.30 16.62 -0.45
CA ALA B 375 65.52 15.51 -1.35
C ALA B 375 66.26 16.00 -2.60
N ASP B 376 65.90 17.20 -3.09
CA ASP B 376 66.53 17.77 -4.26
C ASP B 376 67.96 18.20 -3.95
N TYR B 377 68.21 18.69 -2.72
CA TYR B 377 69.56 19.07 -2.29
C TYR B 377 70.49 17.85 -2.44
N LEU B 378 70.04 16.70 -1.93
CA LEU B 378 70.79 15.44 -1.96
C LEU B 378 71.02 14.97 -3.40
N VAL B 379 70.03 15.14 -4.28
CA VAL B 379 70.17 14.74 -5.68
C VAL B 379 71.24 15.61 -6.33
N LYS B 380 71.24 16.91 -6.01
CA LYS B 380 72.21 17.84 -6.56
C LYS B 380 73.62 17.56 -6.02
N LYS B 381 73.75 17.01 -4.81
CA LYS B 381 75.04 16.55 -4.29
C LYS B 381 75.47 15.18 -4.86
N GLY B 382 74.59 14.49 -5.58
CA GLY B 382 74.93 13.28 -6.32
C GLY B 382 74.19 12.04 -5.82
N MET B 383 73.26 12.15 -4.87
CA MET B 383 72.58 10.95 -4.39
C MET B 383 71.46 10.59 -5.38
N PRO B 384 71.35 9.32 -5.83
CA PRO B 384 70.18 8.88 -6.57
C PRO B 384 68.88 9.21 -5.85
N PHE B 385 67.82 9.36 -6.62
CA PHE B 385 66.48 9.61 -6.13
C PHE B 385 66.12 8.74 -4.92
N ARG B 386 66.24 7.41 -5.05
CA ARG B 386 65.70 6.46 -4.08
C ARG B 386 66.46 6.49 -2.73
N SER B 387 67.77 6.66 -2.78
CA SER B 387 68.53 6.82 -1.53
C SER B 387 68.19 8.18 -0.88
N SER B 388 68.02 9.23 -1.69
CA SER B 388 67.71 10.59 -1.19
C SER B 388 66.37 10.59 -0.45
N HIS B 389 65.39 9.85 -0.97
CA HIS B 389 64.09 9.73 -0.26
C HIS B 389 64.27 8.84 0.97
N ASP B 390 65.16 7.85 0.89
CA ASP B 390 65.37 7.02 2.07
C ASP B 390 65.89 7.87 3.23
N ILE B 391 66.89 8.71 2.93
CA ILE B 391 67.60 9.52 3.91
C ILE B 391 66.62 10.51 4.54
N VAL B 392 65.90 11.24 3.66
CA VAL B 392 64.98 12.28 4.04
C VAL B 392 63.83 11.68 4.86
N GLY B 393 63.27 10.54 4.45
CA GLY B 393 62.26 9.88 5.27
C GLY B 393 62.80 9.54 6.67
N LYS B 394 64.09 9.21 6.78
CA LYS B 394 64.65 8.85 8.07
C LYS B 394 64.82 10.08 8.95
N LEU B 395 65.25 11.20 8.36
CA LEU B 395 65.45 12.44 9.09
C LEU B 395 64.12 13.08 9.49
N VAL B 396 63.14 13.08 8.59
CA VAL B 396 61.80 13.48 8.98
C VAL B 396 61.30 12.61 10.13
N GLY B 397 61.66 11.32 10.10
CA GLY B 397 61.29 10.38 11.15
C GLY B 397 61.84 10.79 12.51
N VAL B 398 63.07 11.31 12.55
CA VAL B 398 63.65 11.82 13.77
C VAL B 398 62.95 13.10 14.24
N CYS B 399 62.53 13.98 13.32
CA CYS B 399 61.82 15.20 13.68
C CYS B 399 60.46 14.87 14.29
N VAL B 400 59.71 13.97 13.66
CA VAL B 400 58.44 13.54 14.20
C VAL B 400 58.62 13.10 15.66
N SER B 401 59.66 12.30 15.93
CA SER B 401 59.84 11.71 17.25
C SER B 401 60.29 12.77 18.26
N LYS B 402 61.24 13.62 17.85
CA LYS B 402 61.77 14.68 18.70
C LYS B 402 60.87 15.91 18.72
N GLY B 403 59.70 15.86 18.06
CA GLY B 403 58.81 17.00 17.91
C GLY B 403 59.51 18.26 17.39
N CYS B 404 60.36 18.13 16.35
CA CYS B 404 61.11 19.27 15.82
C CYS B 404 60.85 19.44 14.32
N GLU B 405 61.50 20.46 13.74
CA GLU B 405 61.55 20.66 12.30
C GLU B 405 62.90 20.17 11.75
N LEU B 406 62.99 20.10 10.42
CA LEU B 406 64.17 19.61 9.73
C LEU B 406 65.32 20.60 9.91
N GLN B 407 65.00 21.90 9.99
CA GLN B 407 66.04 22.89 10.08
C GLN B 407 66.64 22.95 11.49
N ASN B 408 66.07 22.20 12.45
CA ASN B 408 66.60 22.11 13.80
C ASN B 408 67.52 20.91 13.99
N LEU B 409 67.62 20.02 12.99
CA LEU B 409 68.57 18.91 13.09
C LEU B 409 70.01 19.42 13.04
N SER B 410 70.92 18.64 13.65
CA SER B 410 72.35 18.87 13.60
C SER B 410 72.96 18.30 12.31
N LEU B 411 74.03 18.95 11.82
CA LEU B 411 74.75 18.49 10.65
C LEU B 411 75.41 17.13 10.97
N GLU B 412 75.68 16.92 12.27
CA GLU B 412 76.23 15.67 12.78
C GLU B 412 75.27 14.49 12.61
N GLU B 413 73.99 14.69 13.00
CA GLU B 413 73.00 13.65 12.95
C GLU B 413 72.82 13.20 11.51
N MET B 414 72.85 14.18 10.59
CA MET B 414 72.63 13.93 9.18
C MET B 414 73.79 13.16 8.57
N LYS B 415 75.01 13.46 9.00
CA LYS B 415 76.20 12.82 8.45
C LYS B 415 76.30 11.35 8.86
N LYS B 416 75.56 10.93 9.92
CA LYS B 416 75.41 9.53 10.25
C LYS B 416 74.68 8.73 9.15
N LEU B 417 73.97 9.41 8.24
CA LEU B 417 73.22 8.74 7.19
C LEU B 417 73.96 8.84 5.85
N SER B 418 74.79 9.86 5.66
CA SER B 418 75.38 10.12 4.35
C SER B 418 76.45 11.18 4.44
N PRO B 419 77.62 10.95 3.80
CA PRO B 419 78.72 11.92 3.85
C PRO B 419 78.43 13.22 3.11
N VAL B 420 77.46 13.20 2.18
CA VAL B 420 77.34 14.31 1.23
C VAL B 420 76.84 15.56 1.97
N PHE B 421 76.31 15.42 3.19
CA PHE B 421 75.78 16.56 3.92
C PHE B 421 76.92 17.50 4.28
N GLU B 422 76.71 18.80 3.97
CA GLU B 422 77.53 19.92 4.40
C GLU B 422 76.64 21.06 4.93
N GLU B 423 77.29 22.12 5.44
CA GLU B 423 76.64 23.21 6.19
C GLU B 423 75.68 24.01 5.30
N ASP B 424 75.90 24.03 3.97
CA ASP B 424 75.00 24.69 3.05
C ASP B 424 73.59 24.08 3.04
N VAL B 425 73.41 22.94 3.74
CA VAL B 425 72.12 22.26 3.81
C VAL B 425 71.03 23.18 4.39
N PHE B 426 71.41 24.11 5.29
CA PHE B 426 70.39 24.92 5.97
C PHE B 426 69.84 26.05 5.08
N GLY B 427 70.58 26.47 4.06
CA GLY B 427 70.00 27.32 3.03
C GLY B 427 68.85 26.64 2.26
N PHE B 428 68.61 25.35 2.49
CA PHE B 428 67.61 24.65 1.72
C PHE B 428 66.38 24.33 2.56
N LEU B 429 66.44 24.47 3.89
CA LEU B 429 65.38 24.01 4.79
C LEU B 429 64.51 25.18 5.29
N GLY B 430 63.38 24.84 5.91
CA GLY B 430 62.34 25.83 6.21
C GLY B 430 61.51 26.20 4.99
N VAL B 431 60.29 26.70 5.24
CA VAL B 431 59.33 26.96 4.20
C VAL B 431 59.81 28.10 3.29
N GLU B 432 60.42 29.13 3.87
CA GLU B 432 60.83 30.27 3.04
C GLU B 432 61.94 29.90 2.06
N ASN B 433 62.98 29.22 2.54
CA ASN B 433 63.99 28.67 1.66
C ASN B 433 63.39 27.70 0.62
N SER B 434 62.47 26.82 1.03
CA SER B 434 61.92 25.86 0.06
C SER B 434 61.38 26.58 -1.17
N VAL B 435 60.56 27.60 -0.94
CA VAL B 435 59.94 28.34 -2.02
C VAL B 435 61.00 29.08 -2.84
N ASN B 436 62.05 29.59 -2.20
CA ASN B 436 63.14 30.26 -2.89
CA ASN B 436 63.09 30.28 -2.95
C ASN B 436 63.83 29.30 -3.86
N LYS B 437 63.84 27.99 -3.55
CA LYS B 437 64.65 27.02 -4.28
C LYS B 437 64.00 26.46 -5.54
N PHE B 438 62.68 26.61 -5.72
CA PHE B 438 62.06 26.20 -6.99
C PHE B 438 62.60 27.07 -8.13
N SER B 439 62.91 26.45 -9.28
CA SER B 439 63.62 27.13 -10.34
C SER B 439 63.21 26.68 -11.74
N SER B 440 62.38 25.63 -11.87
CA SER B 440 61.96 25.20 -13.19
C SER B 440 60.98 26.22 -13.77
N TYR B 441 60.98 26.33 -15.09
CA TYR B 441 60.04 27.16 -15.80
C TYR B 441 58.62 26.74 -15.45
N GLY B 442 57.79 27.74 -15.16
CA GLY B 442 56.42 27.53 -14.73
C GLY B 442 56.29 27.09 -13.27
N SER B 443 57.38 27.04 -12.51
CA SER B 443 57.34 26.62 -11.11
C SER B 443 56.94 27.77 -10.17
N THR B 444 56.78 27.47 -8.87
CA THR B 444 56.38 28.46 -7.89
C THR B 444 57.54 29.31 -7.37
N GLY B 445 58.76 29.15 -7.92
CA GLY B 445 59.90 29.93 -7.46
C GLY B 445 59.65 31.42 -7.67
N SER B 446 60.15 32.29 -6.78
CA SER B 446 59.69 33.66 -6.85
C SER B 446 60.15 34.40 -8.12
N ASN B 447 61.34 34.07 -8.63
CA ASN B 447 61.82 34.62 -9.91
C ASN B 447 61.00 34.11 -11.11
N CYS B 448 60.53 32.86 -11.03
CA CYS B 448 59.68 32.27 -12.05
C CYS B 448 58.34 33.01 -12.12
N VAL B 449 57.68 33.14 -10.98
CA VAL B 449 56.37 33.77 -10.87
C VAL B 449 56.43 35.24 -11.29
N ALA B 450 57.51 35.93 -10.92
CA ALA B 450 57.74 37.30 -11.32
C ALA B 450 57.76 37.40 -12.84
N GLU B 451 58.49 36.50 -13.51
CA GLU B 451 58.53 36.51 -14.96
C GLU B 451 57.12 36.32 -15.53
N GLN B 452 56.34 35.40 -14.94
CA GLN B 452 54.99 35.11 -15.44
C GLN B 452 54.05 36.29 -15.18
N LEU B 453 54.22 36.99 -14.05
CA LEU B 453 53.37 38.12 -13.76
C LEU B 453 53.64 39.25 -14.76
N GLY B 454 54.92 39.45 -15.11
CA GLY B 454 55.27 40.48 -16.07
C GLY B 454 54.68 40.20 -17.45
N TYR B 455 54.71 38.93 -17.85
CA TYR B 455 54.06 38.48 -19.07
C TYR B 455 52.58 38.90 -19.07
N TRP B 456 51.85 38.53 -18.00
CA TRP B 456 50.43 38.83 -17.90
C TRP B 456 50.15 40.34 -17.81
N VAL B 457 50.94 41.08 -17.03
CA VAL B 457 50.77 42.53 -16.90
C VAL B 457 50.87 43.18 -18.28
N ASN B 458 51.84 42.73 -19.09
CA ASN B 458 52.02 43.26 -20.42
C ASN B 458 50.87 42.83 -21.33
N LYS B 459 50.53 41.52 -21.27
CA LYS B 459 49.54 40.92 -22.14
C LYS B 459 48.19 41.61 -21.95
N LEU B 460 47.80 41.90 -20.72
CA LEU B 460 46.48 42.47 -20.46
C LEU B 460 46.51 44.00 -20.51
N ASN B 461 47.68 44.61 -20.73
CA ASN B 461 47.85 46.07 -20.74
C ASN B 461 47.48 46.73 -19.41
N ILE B 462 47.90 46.11 -18.30
CA ILE B 462 47.85 46.68 -16.96
C ILE B 462 48.95 47.74 -16.81
N THR B 463 48.61 48.88 -16.17
CA THR B 463 49.54 50.01 -16.04
C THR B 463 49.81 50.28 -14.57
N SER C 16 27.84 49.45 -8.98
CA SER C 16 28.16 49.22 -7.55
C SER C 16 28.25 47.73 -7.19
N VAL C 17 29.09 47.40 -6.19
CA VAL C 17 29.37 46.03 -5.77
C VAL C 17 28.12 45.43 -5.13
N THR C 18 27.37 46.28 -4.44
CA THR C 18 26.19 45.89 -3.71
C THR C 18 25.07 45.65 -4.70
N GLU C 19 24.91 46.57 -5.66
CA GLU C 19 23.99 46.43 -6.79
C GLU C 19 24.08 45.05 -7.45
N LYS C 20 25.33 44.63 -7.71
CA LYS C 20 25.64 43.55 -8.63
C LYS C 20 25.50 42.19 -7.92
N VAL C 21 25.89 42.13 -6.65
CA VAL C 21 25.71 40.94 -5.83
C VAL C 21 24.22 40.75 -5.50
N GLU C 22 23.52 41.84 -5.22
CA GLU C 22 22.08 41.81 -5.05
C GLU C 22 21.40 41.17 -6.26
N LYS C 23 21.69 41.66 -7.47
CA LYS C 23 21.04 41.15 -8.67
C LYS C 23 21.33 39.66 -8.89
N PHE C 24 22.58 39.26 -8.62
CA PHE C 24 23.01 37.88 -8.83
C PHE C 24 22.40 36.94 -7.79
N THR C 25 22.17 37.40 -6.55
CA THR C 25 21.68 36.50 -5.51
C THR C 25 20.18 36.59 -5.36
N GLU C 26 19.51 37.49 -6.06
CA GLU C 26 18.08 37.65 -5.86
C GLU C 26 17.35 36.45 -6.44
N SER C 27 16.32 35.94 -5.75
CA SER C 27 15.55 34.80 -6.21
C SER C 27 14.06 35.12 -6.40
N ILE C 28 13.62 36.32 -6.03
CA ILE C 28 12.21 36.68 -6.14
C ILE C 28 11.75 36.59 -7.60
N SER C 29 12.62 36.86 -8.57
CA SER C 29 12.11 36.90 -9.93
C SER C 29 11.57 35.55 -10.36
N PHE C 30 11.92 34.49 -9.63
CA PHE C 30 11.41 33.17 -9.96
C PHE C 30 10.71 32.51 -8.77
N ASP C 31 11.19 32.70 -7.52
CA ASP C 31 10.59 32.00 -6.38
C ASP C 31 9.25 32.62 -5.92
N LYS C 32 8.76 33.66 -6.59
CA LYS C 32 7.46 34.21 -6.25
C LYS C 32 6.34 33.23 -6.54
N VAL C 33 6.54 32.30 -7.48
CA VAL C 33 5.51 31.36 -7.82
C VAL C 33 5.23 30.43 -6.65
N LEU C 34 6.05 30.46 -5.57
CA LEU C 34 5.84 29.66 -4.34
C LEU C 34 4.90 30.32 -3.33
N TYR C 35 4.26 31.43 -3.69
CA TYR C 35 3.59 32.28 -2.70
C TYR C 35 2.50 31.53 -1.94
N LYS C 36 1.69 30.72 -2.65
CA LYS C 36 0.56 30.05 -2.00
C LYS C 36 1.09 29.09 -0.95
N GLN C 37 2.18 28.36 -1.27
CA GLN C 37 2.72 27.35 -0.37
C GLN C 37 3.39 28.00 0.85
N ASP C 38 4.12 29.09 0.58
CA ASP C 38 4.82 29.86 1.62
C ASP C 38 3.84 30.38 2.67
N ILE C 39 2.71 30.90 2.20
CA ILE C 39 1.65 31.39 3.08
C ILE C 39 1.00 30.24 3.84
N MET C 40 0.75 29.11 3.17
CA MET C 40 0.22 27.94 3.85
C MET C 40 1.13 27.51 4.98
N GLY C 41 2.41 27.38 4.68
CA GLY C 41 3.38 26.93 5.67
C GLY C 41 3.47 27.89 6.85
N SER C 42 3.33 29.18 6.56
CA SER C 42 3.47 30.18 7.61
C SER C 42 2.21 30.23 8.47
N LYS C 43 1.03 29.94 7.89
CA LYS C 43 -0.17 29.87 8.70
C LYS C 43 -0.08 28.68 9.65
N ALA C 44 0.47 27.55 9.18
CA ALA C 44 0.60 26.36 10.01
C ALA C 44 1.58 26.63 11.15
N HIS C 45 2.71 27.21 10.82
CA HIS C 45 3.74 27.46 11.81
C HIS C 45 3.20 28.42 12.86
N ALA C 46 2.49 29.46 12.42
CA ALA C 46 1.98 30.46 13.35
C ALA C 46 0.97 29.82 14.30
N SER C 47 0.07 29.00 13.76
CA SER C 47 -0.93 28.32 14.59
CA SER C 47 -0.92 28.31 14.59
C SER C 47 -0.25 27.41 15.62
N MET C 48 0.82 26.71 15.21
CA MET C 48 1.56 25.85 16.13
C MET C 48 2.28 26.67 17.22
N LEU C 49 2.90 27.80 16.83
CA LEU C 49 3.57 28.70 17.77
C LEU C 49 2.58 29.13 18.84
N ALA C 50 1.41 29.58 18.40
CA ALA C 50 0.37 30.03 19.31
C ALA C 50 -0.04 28.90 20.26
N HIS C 51 -0.25 27.68 19.73
CA HIS C 51 -0.72 26.54 20.52
C HIS C 51 0.29 26.16 21.61
N GLN C 52 1.58 26.34 21.32
CA GLN C 52 2.67 25.93 22.20
C GLN C 52 3.12 27.06 23.13
N GLY C 53 2.43 28.22 23.09
CA GLY C 53 2.69 29.33 23.99
C GLY C 53 3.89 30.18 23.58
N LEU C 54 4.34 30.13 22.31
CA LEU C 54 5.48 30.94 21.88
C LEU C 54 5.01 32.29 21.30
N ILE C 55 3.74 32.38 20.95
CA ILE C 55 3.14 33.68 20.63
C ILE C 55 1.70 33.67 21.16
N THR C 56 1.05 34.84 21.14
CA THR C 56 -0.28 34.95 21.69
C THR C 56 -1.29 34.60 20.62
N ASP C 57 -2.50 34.29 21.06
CA ASP C 57 -3.57 33.99 20.16
C ASP C 57 -3.89 35.21 19.30
N SER C 58 -3.76 36.40 19.88
CA SER C 58 -4.07 37.59 19.11
C SER C 58 -2.98 37.87 18.07
N ASP C 59 -1.73 37.58 18.43
CA ASP C 59 -0.63 37.60 17.49
C ASP C 59 -0.96 36.70 16.31
N LYS C 60 -1.22 35.43 16.63
CA LYS C 60 -1.60 34.44 15.63
C LYS C 60 -2.72 34.95 14.73
N ASP C 61 -3.82 35.43 15.32
CA ASP C 61 -4.96 35.88 14.52
C ASP C 61 -4.58 37.02 13.58
N SER C 62 -3.84 38.00 14.08
CA SER C 62 -3.32 39.08 13.25
C SER C 62 -2.48 38.51 12.10
N ILE C 63 -1.65 37.51 12.39
CA ILE C 63 -0.79 36.95 11.37
C ILE C 63 -1.65 36.25 10.30
N LEU C 64 -2.67 35.50 10.71
CA LEU C 64 -3.44 34.73 9.76
C LEU C 64 -4.21 35.65 8.83
N ARG C 65 -4.83 36.68 9.39
CA ARG C 65 -5.65 37.62 8.58
C ARG C 65 -4.74 38.42 7.67
N GLY C 66 -3.62 38.88 8.20
CA GLY C 66 -2.66 39.61 7.41
C GLY C 66 -2.23 38.81 6.18
N LEU C 67 -1.95 37.52 6.41
CA LEU C 67 -1.45 36.65 5.34
C LEU C 67 -2.54 36.40 4.29
N ASP C 68 -3.78 36.21 4.75
CA ASP C 68 -4.91 36.04 3.86
C ASP C 68 -5.07 37.29 3.01
N ASP C 69 -4.91 38.47 3.63
CA ASP C 69 -4.99 39.73 2.92
C ASP C 69 -3.95 39.77 1.81
N ILE C 70 -2.71 39.37 2.15
CA ILE C 70 -1.61 39.44 1.20
C ILE C 70 -1.86 38.44 0.08
N GLU C 71 -2.29 37.21 0.41
CA GLU C 71 -2.60 36.25 -0.63
C GLU C 71 -3.63 36.85 -1.62
N ARG C 72 -4.68 37.47 -1.09
CA ARG C 72 -5.74 38.05 -1.92
C ARG C 72 -5.19 39.14 -2.82
N GLN C 73 -4.23 39.91 -2.33
CA GLN C 73 -3.66 41.01 -3.07
C GLN C 73 -2.78 40.48 -4.21
N ILE C 74 -2.13 39.34 -3.97
CA ILE C 74 -1.33 38.69 -5.01
C ILE C 74 -2.26 38.19 -6.11
N GLU C 75 -3.34 37.51 -5.72
CA GLU C 75 -4.30 36.97 -6.68
C GLU C 75 -4.86 38.10 -7.55
N ALA C 76 -4.99 39.30 -7.01
CA ALA C 76 -5.58 40.37 -7.77
C ALA C 76 -4.52 41.13 -8.57
N ASN C 77 -3.31 40.58 -8.69
CA ASN C 77 -2.18 41.27 -9.31
C ASN C 77 -1.99 42.71 -8.82
N LYS C 78 -2.17 42.96 -7.51
CA LYS C 78 -1.96 44.28 -6.94
C LYS C 78 -0.84 44.27 -5.89
N PHE C 79 0.02 43.26 -5.90
CA PHE C 79 1.11 43.14 -4.95
C PHE C 79 2.43 43.40 -5.64
N GLU C 80 3.24 44.33 -5.15
CA GLU C 80 4.46 44.67 -5.85
C GLU C 80 5.61 43.82 -5.31
N TRP C 81 6.21 42.99 -6.18
CA TRP C 81 7.30 42.17 -5.72
C TRP C 81 8.59 42.98 -5.73
N ARG C 82 9.48 42.76 -4.76
CA ARG C 82 10.65 43.60 -4.62
C ARG C 82 11.96 42.82 -4.57
N THR C 83 12.83 43.16 -5.52
CA THR C 83 14.24 42.77 -5.56
C THR C 83 14.98 43.03 -4.25
N ASP C 84 14.72 44.19 -3.65
CA ASP C 84 15.43 44.62 -2.45
C ASP C 84 14.95 43.80 -1.26
N ARG C 85 13.85 43.07 -1.47
CA ARG C 85 13.34 42.14 -0.42
C ARG C 85 13.82 40.71 -0.70
N GLU C 86 14.68 40.48 -1.71
CA GLU C 86 15.45 39.25 -1.86
C GLU C 86 14.64 38.13 -2.52
N ASP C 87 13.62 37.62 -1.80
CA ASP C 87 12.95 36.38 -2.13
C ASP C 87 11.49 36.47 -1.69
N VAL C 88 10.72 35.40 -1.98
CA VAL C 88 9.31 35.33 -1.66
C VAL C 88 9.08 35.40 -0.15
N HIS C 89 9.98 34.79 0.63
CA HIS C 89 9.77 34.66 2.06
C HIS C 89 9.83 36.03 2.74
N MET C 90 10.90 36.77 2.42
CA MET C 90 11.10 38.10 2.97
C MET C 90 10.14 39.10 2.30
N ASN C 91 9.84 38.94 0.99
CA ASN C 91 8.87 39.81 0.37
C ASN C 91 7.52 39.79 1.09
N ILE C 92 7.09 38.62 1.53
CA ILE C 92 5.80 38.39 2.17
C ILE C 92 5.86 38.90 3.61
N GLU C 93 6.97 38.65 4.28
CA GLU C 93 7.08 38.93 5.71
C GLU C 93 7.26 40.43 5.96
N ALA C 94 7.90 41.17 5.03
CA ALA C 94 8.04 42.61 5.15
C ALA C 94 6.71 43.29 4.84
N ALA C 95 6.01 42.77 3.84
CA ALA C 95 4.67 43.26 3.58
C ALA C 95 3.80 43.00 4.81
N LEU C 96 3.91 41.81 5.40
CA LEU C 96 3.10 41.46 6.56
C LEU C 96 3.35 42.47 7.68
N THR C 97 4.63 42.78 7.93
CA THR C 97 5.02 43.73 8.95
C THR C 97 4.41 45.12 8.67
N ASP C 98 4.49 45.58 7.41
CA ASP C 98 3.87 46.84 7.02
C ASP C 98 2.36 46.80 7.20
N LEU C 99 1.75 45.61 7.20
CA LEU C 99 0.30 45.52 7.28
C LEU C 99 -0.12 45.47 8.75
N ILE C 100 0.58 44.70 9.59
CA ILE C 100 0.06 44.40 10.93
C ILE C 100 1.05 44.84 12.01
N GLY C 101 2.26 45.28 11.65
CA GLY C 101 3.25 45.70 12.63
C GLY C 101 3.87 44.54 13.39
N GLU C 102 4.09 44.75 14.69
CA GLU C 102 5.03 43.98 15.49
C GLU C 102 4.72 42.49 15.44
N PRO C 103 3.45 42.02 15.52
CA PRO C 103 3.18 40.58 15.47
C PRO C 103 3.88 39.81 14.35
N ALA C 104 4.00 40.44 13.17
CA ALA C 104 4.60 39.82 12.00
C ALA C 104 6.03 39.38 12.29
N LYS C 105 6.68 40.07 13.22
CA LYS C 105 8.09 39.88 13.52
C LYS C 105 8.32 38.64 14.37
N LYS C 106 7.26 38.08 14.97
CA LYS C 106 7.36 36.86 15.78
C LYS C 106 7.11 35.60 14.94
N LEU C 107 6.72 35.78 13.68
CA LEU C 107 6.40 34.66 12.79
C LEU C 107 7.61 33.77 12.56
N HIS C 108 8.80 34.34 12.60
CA HIS C 108 10.01 33.63 12.29
C HIS C 108 10.67 33.04 13.56
N THR C 109 9.97 33.06 14.71
CA THR C 109 10.42 32.32 15.91
C THR C 109 10.60 30.82 15.60
N ALA C 110 11.73 30.24 15.98
CA ALA C 110 11.95 28.81 15.89
C ALA C 110 11.81 28.30 14.46
N ARG C 111 12.36 29.07 13.50
CA ARG C 111 12.24 28.81 12.08
C ARG C 111 13.42 29.45 11.33
N SER C 112 13.90 28.80 10.27
CA SER C 112 14.95 29.34 9.42
C SER C 112 14.42 29.44 8.00
N ARG C 113 15.06 30.24 7.16
CA ARG C 113 14.73 30.16 5.72
C ARG C 113 15.13 28.75 5.21
N ASN C 114 16.09 28.08 5.89
CA ASN C 114 16.50 26.77 5.43
C ASN C 114 15.33 25.79 5.41
N ASP C 115 14.61 25.64 6.54
CA ASP C 115 13.52 24.68 6.67
C ASP C 115 12.25 25.22 6.00
N GLN C 116 12.11 26.54 5.96
CA GLN C 116 10.97 27.17 5.28
C GLN C 116 10.96 26.86 3.78
N VAL C 117 12.09 27.06 3.12
CA VAL C 117 12.14 26.97 1.66
C VAL C 117 11.90 25.51 1.24
N ALA C 118 12.54 24.58 1.96
CA ALA C 118 12.40 23.17 1.66
C ALA C 118 10.97 22.69 1.88
N THR C 119 10.30 23.28 2.89
CA THR C 119 8.91 22.96 3.13
C THR C 119 8.05 23.47 1.97
N ASP C 120 8.25 24.73 1.59
CA ASP C 120 7.42 25.35 0.55
C ASP C 120 7.60 24.64 -0.80
N PHE C 121 8.84 24.22 -1.10
CA PHE C 121 9.14 23.69 -2.41
C PHE C 121 8.50 22.31 -2.50
N ARG C 122 8.61 21.52 -1.41
CA ARG C 122 7.97 20.24 -1.26
C ARG C 122 6.46 20.33 -1.49
N LEU C 123 5.82 21.37 -0.93
CA LEU C 123 4.39 21.56 -1.09
C LEU C 123 4.10 21.94 -2.54
N TRP C 124 4.98 22.72 -3.16
CA TRP C 124 4.70 23.18 -4.51
C TRP C 124 4.76 21.96 -5.44
N CYS C 125 5.77 21.09 -5.22
CA CYS C 125 5.92 19.84 -5.96
C CYS C 125 4.73 18.89 -5.78
N ARG C 126 4.22 18.73 -4.57
CA ARG C 126 3.03 17.88 -4.33
C ARG C 126 1.86 18.39 -5.18
N ASP C 127 1.58 19.69 -5.15
CA ASP C 127 0.53 20.30 -5.96
C ASP C 127 0.74 20.06 -7.46
N ALA C 128 2.00 20.13 -7.88
CA ALA C 128 2.36 20.09 -9.28
C ALA C 128 2.16 18.68 -9.82
N ILE C 129 2.56 17.68 -9.03
CA ILE C 129 2.45 16.29 -9.38
C ILE C 129 0.98 15.95 -9.51
N ASP C 130 0.15 16.43 -8.57
CA ASP C 130 -1.27 16.17 -8.61
C ASP C 130 -1.87 16.73 -9.89
N THR C 131 -1.47 17.94 -10.28
CA THR C 131 -1.96 18.53 -11.53
C THR C 131 -1.51 17.71 -12.75
N ILE C 132 -0.24 17.28 -12.78
CA ILE C 132 0.28 16.52 -13.93
C ILE C 132 -0.49 15.19 -14.11
N ILE C 133 -0.74 14.45 -13.03
CA ILE C 133 -1.50 13.20 -13.07
C ILE C 133 -2.89 13.42 -13.70
N VAL C 134 -3.53 14.53 -13.43
CA VAL C 134 -4.80 14.85 -14.06
C VAL C 134 -4.60 15.05 -15.57
N LYS C 135 -3.50 15.71 -15.95
CA LYS C 135 -3.28 16.04 -17.35
C LYS C 135 -3.05 14.76 -18.15
N ILE C 136 -2.32 13.82 -17.54
CA ILE C 136 -1.97 12.52 -18.17
C ILE C 136 -3.23 11.70 -18.44
N ARG C 137 -4.11 11.57 -17.45
CA ARG C 137 -5.41 10.87 -17.64
CA ARG C 137 -5.41 10.86 -17.65
C ARG C 137 -6.24 11.45 -18.81
N ASN C 138 -6.19 12.77 -18.91
CA ASN C 138 -6.86 13.47 -20.04
CA ASN C 138 -6.87 13.46 -20.04
C ASN C 138 -6.26 13.05 -21.41
N LEU C 139 -4.94 12.90 -21.41
CA LEU C 139 -4.23 12.48 -22.62
C LEU C 139 -4.48 10.99 -22.85
N GLN C 140 -4.47 10.20 -21.78
CA GLN C 140 -4.81 8.79 -21.92
C GLN C 140 -6.22 8.62 -22.49
N ARG C 141 -7.17 9.39 -21.96
CA ARG C 141 -8.51 9.44 -22.52
C ARG C 141 -8.50 9.85 -23.99
N ALA C 142 -7.72 10.87 -24.37
CA ALA C 142 -7.74 11.33 -25.75
C ALA C 142 -7.23 10.21 -26.67
N LEU C 143 -6.27 9.42 -26.17
CA LEU C 143 -5.66 8.36 -26.96
C LEU C 143 -6.67 7.22 -27.11
N VAL C 144 -7.25 6.80 -25.98
CA VAL C 144 -8.20 5.71 -26.00
C VAL C 144 -9.41 6.08 -26.85
N GLU C 145 -9.86 7.32 -26.81
CA GLU C 145 -10.96 7.77 -27.65
C GLU C 145 -10.55 7.72 -29.13
N LEU C 146 -9.30 8.07 -29.46
CA LEU C 146 -8.84 8.06 -30.85
C LEU C 146 -8.87 6.62 -31.37
N ALA C 147 -8.41 5.70 -30.53
CA ALA C 147 -8.39 4.26 -30.74
C ALA C 147 -9.78 3.68 -31.01
N LEU C 148 -10.76 4.08 -30.20
CA LEU C 148 -12.12 3.59 -30.33
C LEU C 148 -12.72 4.11 -31.63
N LYS C 149 -12.40 5.35 -32.01
CA LYS C 149 -12.92 5.89 -33.25
C LYS C 149 -12.33 5.14 -34.45
N ASN C 150 -11.19 4.45 -34.30
CA ASN C 150 -10.49 3.90 -35.46
C ASN C 150 -10.19 2.42 -35.18
N GLU C 151 -11.17 1.76 -34.58
CA GLU C 151 -10.89 0.51 -33.90
C GLU C 151 -10.52 -0.56 -34.93
N ALA C 152 -11.07 -0.47 -36.15
CA ALA C 152 -10.88 -1.51 -37.16
C ALA C 152 -9.72 -1.22 -38.10
N LEU C 153 -9.02 -0.09 -37.93
CA LEU C 153 -8.01 0.33 -38.88
C LEU C 153 -6.73 -0.49 -38.69
N ILE C 154 -6.28 -1.17 -39.75
CA ILE C 154 -5.03 -1.89 -39.76
C ILE C 154 -3.92 -0.98 -40.30
N VAL C 155 -2.76 -1.07 -39.68
CA VAL C 155 -1.59 -0.35 -40.19
C VAL C 155 -0.40 -1.31 -40.04
N PRO C 156 0.76 -1.05 -40.68
CA PRO C 156 1.96 -1.83 -40.42
C PRO C 156 2.49 -1.49 -39.04
N GLY C 157 2.96 -2.52 -38.29
CA GLY C 157 3.85 -2.35 -37.15
C GLY C 157 5.30 -2.58 -37.61
N TYR C 158 6.25 -1.86 -37.03
CA TYR C 158 7.56 -1.68 -37.64
C TYR C 158 8.65 -2.18 -36.70
N THR C 159 9.70 -2.75 -37.30
CA THR C 159 11.00 -2.82 -36.65
C THR C 159 12.07 -2.33 -37.64
N HIS C 160 13.03 -1.53 -37.13
CA HIS C 160 14.07 -0.95 -37.98
C HIS C 160 13.49 -0.03 -39.06
N LEU C 161 12.35 0.58 -38.76
CA LEU C 161 11.52 1.33 -39.68
C LEU C 161 11.23 0.55 -40.96
N GLN C 162 11.15 -0.78 -40.81
CA GLN C 162 10.71 -1.68 -41.87
C GLN C 162 9.40 -2.34 -41.43
N ARG C 163 8.45 -2.50 -42.36
CA ARG C 163 7.19 -3.15 -42.03
C ARG C 163 7.44 -4.61 -41.69
N ALA C 164 6.93 -5.06 -40.53
CA ALA C 164 7.22 -6.37 -39.98
C ALA C 164 5.95 -7.24 -39.84
N GLN C 165 4.87 -6.67 -39.29
CA GLN C 165 3.65 -7.42 -39.10
CA GLN C 165 3.66 -7.40 -39.00
C GLN C 165 2.48 -6.47 -39.24
N PRO C 166 1.25 -6.98 -39.46
CA PRO C 166 0.08 -6.10 -39.53
C PRO C 166 -0.43 -5.90 -38.11
N VAL C 167 -0.73 -4.66 -37.72
CA VAL C 167 -1.25 -4.43 -36.37
C VAL C 167 -2.47 -3.53 -36.47
N LEU C 168 -3.23 -3.46 -35.39
CA LEU C 168 -4.36 -2.54 -35.33
C LEU C 168 -3.96 -1.16 -34.79
N LEU C 169 -4.45 -0.08 -35.43
CA LEU C 169 -4.15 1.27 -34.94
C LEU C 169 -4.40 1.38 -33.42
N PRO C 170 -5.55 0.95 -32.85
CA PRO C 170 -5.73 0.99 -31.41
C PRO C 170 -4.63 0.31 -30.61
N HIS C 171 -4.05 -0.77 -31.12
CA HIS C 171 -2.98 -1.42 -30.39
C HIS C 171 -1.73 -0.53 -30.30
N VAL C 172 -1.47 0.24 -31.36
CA VAL C 172 -0.33 1.14 -31.37
C VAL C 172 -0.54 2.26 -30.35
N LEU C 173 -1.74 2.85 -30.38
CA LEU C 173 -2.08 3.95 -29.49
C LEU C 173 -2.06 3.49 -28.03
N LEU C 174 -2.50 2.26 -27.77
CA LEU C 174 -2.46 1.72 -26.43
C LEU C 174 -1.01 1.56 -25.95
N THR C 175 -0.01 1.46 -26.85
CA THR C 175 1.38 1.45 -26.39
C THR C 175 1.64 2.72 -25.56
N PHE C 176 1.23 3.87 -26.07
CA PHE C 176 1.46 5.15 -25.41
C PHE C 176 0.64 5.23 -24.12
N VAL C 177 -0.61 4.77 -24.15
CA VAL C 177 -1.43 4.75 -22.96
C VAL C 177 -0.72 3.96 -21.85
N GLU C 178 -0.13 2.81 -22.19
CA GLU C 178 0.56 1.96 -21.23
C GLU C 178 1.83 2.66 -20.70
N GLN C 179 2.54 3.38 -21.57
CA GLN C 179 3.75 4.09 -21.18
C GLN C 179 3.39 5.18 -20.16
N LEU C 180 2.37 5.98 -20.49
CA LEU C 180 1.85 7.02 -19.65
C LEU C 180 1.36 6.49 -18.31
N GLU C 181 0.90 5.24 -18.22
CA GLU C 181 0.50 4.62 -16.97
C GLU C 181 1.70 4.31 -16.08
N ARG C 182 2.85 3.95 -16.65
CA ARG C 182 4.05 3.78 -15.85
C ARG C 182 4.57 5.13 -15.36
N ASP C 183 4.41 6.18 -16.18
CA ASP C 183 4.67 7.55 -15.79
C ASP C 183 3.84 7.94 -14.55
N ALA C 184 2.54 7.70 -14.61
CA ALA C 184 1.62 8.00 -13.52
C ALA C 184 2.08 7.29 -12.27
N GLY C 185 2.44 6.02 -12.39
CA GLY C 185 2.96 5.27 -11.26
C GLY C 185 4.20 5.93 -10.66
N ARG C 186 5.05 6.49 -11.52
CA ARG C 186 6.24 7.17 -11.03
C ARG C 186 5.87 8.45 -10.27
N TYR C 187 4.94 9.27 -10.84
CA TYR C 187 4.45 10.46 -10.15
C TYR C 187 3.90 10.08 -8.78
N VAL C 188 3.12 8.99 -8.73
CA VAL C 188 2.51 8.56 -7.47
C VAL C 188 3.58 8.16 -6.44
N ASP C 189 4.64 7.49 -6.87
CA ASP C 189 5.65 6.99 -5.93
C ASP C 189 6.53 8.14 -5.46
N CYS C 190 6.81 9.06 -6.39
CA CYS C 190 7.59 10.27 -6.11
C CYS C 190 6.87 11.15 -5.07
N ARG C 191 5.58 11.41 -5.27
CA ARG C 191 4.78 12.23 -4.32
C ARG C 191 4.82 11.62 -2.91
N ALA C 192 4.56 10.31 -2.78
CA ALA C 192 4.63 9.68 -1.47
C ALA C 192 5.98 9.88 -0.81
N ARG C 193 7.10 9.64 -1.53
CA ARG C 193 8.40 9.75 -0.91
C ARG C 193 8.74 11.20 -0.47
N LEU C 194 8.17 12.21 -1.15
CA LEU C 194 8.51 13.59 -0.86
C LEU C 194 7.63 14.12 0.27
N ASN C 195 6.57 13.42 0.62
CA ASN C 195 5.57 13.99 1.51
C ASN C 195 5.95 13.81 2.99
N PHE C 196 7.21 14.15 3.33
CA PHE C 196 7.64 14.22 4.72
C PHE C 196 8.07 15.67 5.03
N SER C 197 7.78 16.14 6.25
CA SER C 197 7.89 17.56 6.61
C SER C 197 9.31 17.90 7.08
N PRO C 198 10.02 18.85 6.44
CA PRO C 198 11.29 19.34 6.98
C PRO C 198 11.11 20.44 8.05
N LEU C 199 9.92 21.06 8.12
CA LEU C 199 9.66 22.19 9.02
C LEU C 199 9.93 21.82 10.50
N GLY C 200 10.80 22.63 11.15
CA GLY C 200 11.25 22.42 12.51
C GLY C 200 12.70 21.93 12.63
N ALA C 201 13.37 21.73 11.49
CA ALA C 201 14.82 21.50 11.49
C ALA C 201 15.61 22.79 11.74
N CYS C 202 14.94 23.95 11.55
CA CYS C 202 15.53 25.28 11.70
C CYS C 202 16.70 25.35 10.76
N ALA C 203 17.86 25.86 11.21
CA ALA C 203 18.98 26.08 10.32
C ALA C 203 19.57 24.76 9.81
N LEU C 204 19.68 23.77 10.72
CA LEU C 204 20.16 22.44 10.40
C LEU C 204 20.06 21.49 11.58
N ALA C 205 19.96 22.00 12.84
CA ALA C 205 20.18 21.18 14.03
C ALA C 205 18.92 21.01 14.87
N GLY C 206 17.79 21.55 14.42
CA GLY C 206 16.61 21.59 15.27
C GLY C 206 16.66 22.74 16.30
N THR C 207 15.81 22.68 17.33
CA THR C 207 15.72 23.76 18.30
C THR C 207 15.48 23.22 19.72
N GLY C 208 15.74 24.12 20.67
CA GLY C 208 15.44 23.91 22.07
C GLY C 208 14.09 24.49 22.45
N LEU C 209 13.49 25.31 21.55
CA LEU C 209 12.19 25.88 21.82
C LEU C 209 11.11 24.80 21.71
N PRO C 210 10.01 24.86 22.53
CA PRO C 210 9.03 23.78 22.55
C PRO C 210 8.01 23.77 21.40
N ILE C 211 8.53 23.65 20.16
CA ILE C 211 7.69 23.58 18.99
C ILE C 211 7.03 22.22 19.00
N ASP C 212 6.20 21.94 17.98
CA ASP C 212 5.78 20.59 17.67
C ASP C 212 5.76 20.36 16.15
N ARG C 213 6.61 19.43 15.70
CA ARG C 213 6.81 19.13 14.29
C ARG C 213 5.69 18.24 13.75
N PHE C 214 5.19 17.31 14.58
CA PHE C 214 4.05 16.47 14.21
C PHE C 214 2.79 17.27 13.94
N MET C 215 2.59 18.38 14.66
CA MET C 215 1.39 19.19 14.54
CA MET C 215 1.40 19.21 14.55
C MET C 215 1.38 19.97 13.22
N THR C 216 2.52 20.57 12.85
CA THR C 216 2.63 21.26 11.57
C THR C 216 2.59 20.28 10.41
N ALA C 217 3.23 19.12 10.58
CA ALA C 217 3.24 18.12 9.50
C ALA C 217 1.80 17.76 9.17
N ASN C 218 1.02 17.43 10.24
CA ASN C 218 -0.41 17.17 10.14
C ASN C 218 -1.14 18.33 9.48
N ALA C 219 -0.89 19.58 9.89
CA ALA C 219 -1.62 20.68 9.32
C ALA C 219 -1.31 20.88 7.84
N LEU C 220 -0.13 20.45 7.38
CA LEU C 220 0.27 20.69 5.99
C LEU C 220 0.08 19.46 5.08
N GLY C 221 -0.48 18.37 5.61
CA GLY C 221 -0.78 17.20 4.80
C GLY C 221 0.40 16.24 4.61
N PHE C 222 1.47 16.43 5.36
CA PHE C 222 2.64 15.58 5.26
C PHE C 222 2.38 14.31 6.07
N THR C 223 2.98 13.20 5.63
CA THR C 223 2.81 11.93 6.31
C THR C 223 3.34 12.00 7.75
N GLU C 224 4.57 12.48 7.91
CA GLU C 224 5.20 12.65 9.22
C GLU C 224 6.38 13.61 9.05
N PRO C 225 6.98 14.12 10.15
CA PRO C 225 8.21 14.92 10.08
C PRO C 225 9.35 14.04 9.59
N MET C 226 10.33 14.64 8.90
CA MET C 226 11.59 13.97 8.62
C MET C 226 12.34 13.78 9.93
N ARG C 227 13.11 12.67 9.97
CA ARG C 227 13.67 12.13 11.19
C ARG C 227 15.01 12.78 11.51
N ASN C 228 15.58 13.55 10.58
CA ASN C 228 16.91 14.12 10.73
C ASN C 228 16.90 15.56 10.23
N SER C 229 17.28 16.50 11.12
CA SER C 229 17.22 17.92 10.86
C SER C 229 18.21 18.33 9.73
N ILE C 230 19.38 17.68 9.72
CA ILE C 230 20.43 18.03 8.77
C ILE C 230 19.96 17.57 7.38
N ASP C 231 19.35 16.38 7.35
CA ASP C 231 18.81 15.81 6.13
C ASP C 231 17.68 16.71 5.65
N ALA C 232 16.84 17.19 6.58
CA ALA C 232 15.72 18.01 6.18
C ALA C 232 16.16 19.26 5.42
N VAL C 233 17.27 19.93 5.84
CA VAL C 233 17.70 21.16 5.17
C VAL C 233 18.57 20.83 3.96
N SER C 234 19.21 19.67 3.98
CA SER C 234 20.24 19.37 2.99
C SER C 234 19.68 18.62 1.75
N ASP C 235 18.47 18.05 1.83
CA ASP C 235 18.01 17.08 0.84
C ASP C 235 17.26 17.76 -0.30
N ARG C 236 17.60 17.35 -1.53
CA ARG C 236 16.82 17.74 -2.72
C ARG C 236 16.49 16.52 -3.60
N ASP C 237 16.43 15.33 -2.99
CA ASP C 237 16.12 14.09 -3.71
C ASP C 237 14.74 14.25 -4.39
N PHE C 238 13.81 14.91 -3.70
CA PHE C 238 12.46 15.08 -4.21
C PHE C 238 12.54 15.91 -5.50
N VAL C 239 13.51 16.81 -5.61
CA VAL C 239 13.59 17.57 -6.84
C VAL C 239 14.10 16.65 -7.94
N LEU C 240 15.13 15.85 -7.61
CA LEU C 240 15.76 14.96 -8.58
C LEU C 240 14.75 13.91 -9.07
N GLU C 241 13.95 13.34 -8.16
CA GLU C 241 13.02 12.31 -8.54
C GLU C 241 11.95 12.91 -9.44
N PHE C 242 11.43 14.09 -9.15
CA PHE C 242 10.38 14.72 -9.96
C PHE C 242 10.94 15.10 -11.33
N LEU C 243 12.18 15.61 -11.39
CA LEU C 243 12.83 15.98 -12.65
C LEU C 243 13.04 14.75 -13.52
N TYR C 244 13.48 13.64 -12.93
CA TYR C 244 13.64 12.42 -13.71
C TYR C 244 12.28 11.88 -14.20
N THR C 245 11.25 11.86 -13.34
CA THR C 245 9.93 11.42 -13.75
C THR C 245 9.44 12.30 -14.91
N ASN C 246 9.65 13.61 -14.83
CA ASN C 246 9.30 14.48 -15.95
C ASN C 246 10.03 14.08 -17.23
N ALA C 247 11.33 13.75 -17.09
CA ALA C 247 12.18 13.40 -18.23
C ALA C 247 11.71 12.14 -18.96
N ASN C 248 11.39 11.09 -18.19
CA ASN C 248 10.92 9.85 -18.74
C ASN C 248 9.56 10.05 -19.45
N THR C 249 8.67 10.86 -18.84
CA THR C 249 7.40 11.17 -19.46
C THR C 249 7.63 11.85 -20.81
N GLY C 250 8.60 12.75 -20.84
CA GLY C 250 8.95 13.51 -22.03
C GLY C 250 9.56 12.62 -23.10
N ILE C 251 10.26 11.56 -22.66
CA ILE C 251 10.81 10.57 -23.61
C ILE C 251 9.65 9.91 -24.35
N HIS C 252 8.64 9.44 -23.60
CA HIS C 252 7.44 8.89 -24.20
C HIS C 252 6.81 9.85 -25.21
N LEU C 253 6.58 11.08 -24.82
CA LEU C 253 5.98 12.05 -25.71
C LEU C 253 6.85 12.39 -26.94
N SER C 254 8.18 12.28 -26.79
CA SER C 254 9.10 12.47 -27.90
C SER C 254 8.96 11.36 -28.97
N ARG C 255 8.64 10.13 -28.55
CA ARG C 255 8.42 8.99 -29.48
C ARG C 255 7.05 9.20 -30.16
N LEU C 256 6.04 9.52 -29.37
CA LEU C 256 4.73 9.88 -29.93
C LEU C 256 4.90 11.01 -30.96
N GLY C 257 5.71 12.02 -30.63
CA GLY C 257 6.01 13.08 -31.56
C GLY C 257 6.60 12.54 -32.86
N GLU C 258 7.64 11.73 -32.72
CA GLU C 258 8.34 11.16 -33.87
C GLU C 258 7.34 10.41 -34.76
N GLU C 259 6.46 9.62 -34.16
CA GLU C 259 5.57 8.76 -34.92
C GLU C 259 4.64 9.57 -35.78
N TRP C 260 4.18 10.67 -35.18
CA TRP C 260 3.11 11.45 -35.76
C TRP C 260 3.63 12.42 -36.85
N VAL C 261 4.87 12.91 -36.68
CA VAL C 261 5.53 13.62 -37.77
C VAL C 261 5.70 12.69 -38.96
N LEU C 262 6.02 11.42 -38.69
CA LEU C 262 6.17 10.40 -39.71
C LEU C 262 4.82 10.13 -40.35
N TRP C 263 3.81 9.85 -39.55
CA TRP C 263 2.51 9.49 -40.11
C TRP C 263 1.95 10.62 -40.96
N ALA C 264 2.23 11.85 -40.52
CA ALA C 264 1.78 13.06 -41.19
C ALA C 264 2.51 13.28 -42.52
N SER C 265 3.65 12.64 -42.73
CA SER C 265 4.41 12.81 -43.94
C SER C 265 3.63 12.32 -45.15
N GLU C 266 4.01 12.81 -46.34
CA GLU C 266 3.40 12.34 -47.57
C GLU C 266 3.83 10.88 -47.80
N GLU C 267 5.08 10.58 -47.48
CA GLU C 267 5.66 9.27 -47.70
C GLU C 267 4.86 8.21 -46.96
N PHE C 268 4.40 8.52 -45.75
CA PHE C 268 3.52 7.59 -45.06
C PHE C 268 2.07 7.80 -45.53
N GLY C 269 1.59 9.04 -45.39
CA GLY C 269 0.24 9.41 -45.74
C GLY C 269 -0.83 8.84 -44.81
N PHE C 270 -0.46 8.44 -43.59
CA PHE C 270 -1.37 7.71 -42.70
C PHE C 270 -2.39 8.61 -42.00
N MET C 271 -2.08 9.90 -41.86
CA MET C 271 -2.81 10.78 -40.95
C MET C 271 -2.78 12.21 -41.49
N THR C 272 -3.89 12.94 -41.35
CA THR C 272 -3.93 14.35 -41.73
C THR C 272 -4.34 15.20 -40.53
N PRO C 273 -3.45 16.08 -40.04
CA PRO C 273 -3.80 16.97 -38.93
C PRO C 273 -4.78 18.01 -39.43
N SER C 274 -5.70 18.45 -38.56
CA SER C 274 -6.56 19.57 -38.88
C SER C 274 -5.73 20.85 -39.04
N ASP C 275 -6.29 21.87 -39.68
CA ASP C 275 -5.62 23.16 -39.88
C ASP C 275 -5.34 23.89 -38.57
N SER C 276 -6.20 23.67 -37.56
CA SER C 276 -6.00 24.23 -36.23
C SER C 276 -4.72 23.73 -35.56
N VAL C 277 -4.16 22.56 -35.97
CA VAL C 277 -2.97 22.03 -35.33
C VAL C 277 -1.80 21.82 -36.29
N SER C 278 -1.73 22.63 -37.36
CA SER C 278 -0.72 22.48 -38.39
C SER C 278 -0.49 23.81 -39.10
N THR C 279 0.67 23.98 -39.76
CA THR C 279 0.93 25.14 -40.60
C THR C 279 1.00 24.71 -42.08
N GLY C 280 0.77 25.68 -42.97
CA GLY C 280 0.63 25.36 -44.37
C GLY C 280 1.39 26.35 -45.26
N SER C 281 0.95 26.44 -46.51
CA SER C 281 1.61 27.22 -47.54
C SER C 281 0.59 27.56 -48.63
N SER C 282 0.47 28.83 -49.03
CA SER C 282 -0.53 29.17 -50.03
C SER C 282 -0.04 28.71 -51.41
N ILE C 283 1.28 28.68 -51.63
CA ILE C 283 1.83 28.21 -52.90
C ILE C 283 1.79 26.68 -52.99
N MET C 284 1.86 25.95 -51.88
CA MET C 284 1.80 24.49 -51.92
C MET C 284 0.74 24.02 -50.92
N PRO C 285 -0.57 24.16 -51.27
CA PRO C 285 -1.65 23.88 -50.32
C PRO C 285 -1.81 22.47 -49.76
N GLN C 286 -1.13 21.47 -50.34
CA GLN C 286 -1.10 20.12 -49.79
C GLN C 286 -0.03 19.96 -48.67
N LYS C 287 0.93 20.90 -48.56
CA LYS C 287 1.91 20.86 -47.49
C LYS C 287 1.20 21.27 -46.19
N LYS C 288 1.08 20.32 -45.27
CA LYS C 288 0.61 20.49 -43.90
C LYS C 288 1.70 20.06 -42.92
N ASN C 289 2.35 21.05 -42.29
CA ASN C 289 3.41 20.76 -41.33
C ASN C 289 2.83 20.53 -39.95
N PRO C 290 3.21 19.47 -39.21
CA PRO C 290 2.72 19.24 -37.84
C PRO C 290 3.61 19.86 -36.75
N ASP C 291 3.75 21.19 -36.80
CA ASP C 291 4.60 21.96 -35.90
C ASP C 291 4.47 21.57 -34.44
N PRO C 292 3.27 21.45 -33.86
CA PRO C 292 3.13 21.12 -32.45
C PRO C 292 3.87 19.85 -32.02
N MET C 293 3.76 18.76 -32.81
CA MET C 293 4.37 17.45 -32.41
C MET C 293 5.89 17.50 -32.59
N GLU C 294 6.34 18.28 -33.58
CA GLU C 294 7.77 18.52 -33.72
C GLU C 294 8.28 19.21 -32.47
N LEU C 295 7.52 20.22 -31.98
CA LEU C 295 7.87 20.94 -30.77
C LEU C 295 7.78 20.06 -29.54
N VAL C 296 6.83 19.13 -29.51
CA VAL C 296 6.77 18.20 -28.39
C VAL C 296 8.03 17.36 -28.33
N ARG C 297 8.48 16.82 -29.45
CA ARG C 297 9.71 15.98 -29.49
C ARG C 297 10.90 16.84 -29.05
N GLY C 298 10.98 18.06 -29.56
CA GLY C 298 12.12 18.97 -29.27
C GLY C 298 12.23 19.43 -27.81
N LYS C 299 11.07 19.56 -27.16
CA LYS C 299 10.95 20.00 -25.79
C LYS C 299 11.25 18.88 -24.78
N SER C 300 11.33 17.62 -25.23
CA SER C 300 11.90 16.61 -24.35
C SER C 300 13.38 16.89 -24.04
N ALA C 301 14.07 17.65 -24.92
CA ALA C 301 15.47 17.96 -24.68
C ALA C 301 15.62 18.87 -23.47
N ARG C 302 14.78 19.90 -23.37
CA ARG C 302 14.92 20.85 -22.23
C ARG C 302 14.63 20.11 -20.91
N VAL C 303 13.74 19.12 -20.92
CA VAL C 303 13.37 18.45 -19.70
C VAL C 303 14.53 17.57 -19.23
N ILE C 304 15.29 16.99 -20.18
CA ILE C 304 16.47 16.21 -19.83
C ILE C 304 17.55 17.14 -19.28
N GLY C 305 17.77 18.28 -19.93
CA GLY C 305 18.71 19.31 -19.48
C GLY C 305 18.45 19.76 -18.05
N ASP C 306 17.16 19.92 -17.68
CA ASP C 306 16.73 20.31 -16.34
C ASP C 306 17.19 19.26 -15.32
N LEU C 307 17.04 17.95 -15.66
CA LEU C 307 17.42 16.89 -14.75
C LEU C 307 18.94 16.94 -14.53
N VAL C 308 19.70 17.18 -15.60
CA VAL C 308 21.15 17.15 -15.51
C VAL C 308 21.65 18.35 -14.71
N THR C 309 21.00 19.52 -14.89
CA THR C 309 21.35 20.67 -14.08
C THR C 309 21.38 20.27 -12.61
N VAL C 310 20.30 19.71 -12.10
CA VAL C 310 20.21 19.58 -10.65
C VAL C 310 21.03 18.39 -10.15
N LEU C 311 21.15 17.29 -10.91
CA LEU C 311 22.13 16.23 -10.59
C LEU C 311 23.55 16.79 -10.41
N THR C 312 24.02 17.64 -11.33
CA THR C 312 25.32 18.28 -11.30
CA THR C 312 25.35 18.22 -11.26
C THR C 312 25.40 19.27 -10.14
N LEU C 313 24.26 19.91 -9.84
CA LEU C 313 24.19 20.84 -8.72
C LEU C 313 24.59 20.13 -7.42
N CYS C 314 23.92 19.00 -7.13
CA CYS C 314 24.06 18.31 -5.86
C CYS C 314 25.38 17.57 -5.76
N LYS C 315 25.97 17.23 -6.90
CA LYS C 315 27.13 16.34 -6.92
C LYS C 315 28.29 17.03 -6.19
N GLY C 316 28.79 16.30 -5.18
CA GLY C 316 30.01 16.60 -4.44
C GLY C 316 29.83 17.76 -3.43
N LEU C 317 28.61 18.15 -3.09
CA LEU C 317 28.41 19.25 -2.15
C LEU C 317 28.55 18.75 -0.71
N PRO C 318 29.14 19.55 0.21
CA PRO C 318 29.24 19.14 1.61
C PRO C 318 27.90 19.38 2.27
N LEU C 319 27.75 18.82 3.47
CA LEU C 319 26.62 19.17 4.33
C LEU C 319 26.79 20.59 4.94
N ALA C 320 25.70 21.28 5.35
CA ALA C 320 24.30 20.88 5.26
C ALA C 320 23.61 21.70 4.16
N TYR C 321 23.31 22.96 4.49
CA TYR C 321 22.78 23.89 3.51
C TYR C 321 23.95 24.65 2.82
N ASN C 322 23.86 24.80 1.50
CA ASN C 322 24.77 25.65 0.76
C ASN C 322 23.93 26.54 -0.14
N ARG C 323 24.40 27.74 -0.47
CA ARG C 323 23.60 28.64 -1.29
C ARG C 323 23.39 28.07 -2.70
N ASP C 324 24.24 27.15 -3.14
CA ASP C 324 24.06 26.48 -4.46
C ASP C 324 22.64 25.92 -4.61
N PHE C 325 21.97 25.54 -3.52
CA PHE C 325 20.68 24.90 -3.60
C PHE C 325 19.58 25.83 -4.07
N GLN C 326 19.85 27.14 -4.17
CA GLN C 326 18.92 28.09 -4.77
C GLN C 326 18.72 27.82 -6.26
N GLU C 327 19.71 27.20 -6.89
CA GLU C 327 19.63 26.81 -8.29
C GLU C 327 18.70 25.63 -8.56
N ASP C 328 17.99 25.12 -7.55
CA ASP C 328 17.14 23.93 -7.65
C ASP C 328 15.79 24.26 -8.29
N LYS C 329 15.41 25.53 -8.21
CA LYS C 329 14.03 25.94 -8.44
C LYS C 329 13.74 26.23 -9.92
N GLU C 330 14.58 27.03 -10.60
CA GLU C 330 14.30 27.34 -11.99
C GLU C 330 14.20 26.08 -12.87
N PRO C 331 15.04 25.04 -12.72
CA PRO C 331 14.89 23.78 -13.47
C PRO C 331 13.63 23.00 -13.18
N MET C 332 13.19 22.98 -11.93
CA MET C 332 11.94 22.32 -11.59
C MET C 332 10.78 23.09 -12.19
N PHE C 333 10.83 24.43 -12.19
CA PHE C 333 9.75 25.24 -12.77
C PHE C 333 9.65 25.06 -14.29
N ASP C 334 10.81 25.06 -14.94
CA ASP C 334 10.88 24.92 -16.37
C ASP C 334 10.42 23.52 -16.83
N SER C 335 10.92 22.48 -16.15
CA SER C 335 10.59 21.12 -16.44
C SER C 335 9.09 20.90 -16.25
N THR C 336 8.52 21.43 -15.18
CA THR C 336 7.14 21.15 -14.85
C THR C 336 6.24 21.83 -15.86
N LYS C 337 6.57 23.07 -16.18
CA LYS C 337 5.76 23.82 -17.14
C LYS C 337 5.85 23.20 -18.51
N THR C 338 7.05 22.76 -18.90
CA THR C 338 7.24 22.19 -20.24
C THR C 338 6.41 20.91 -20.40
N ILE C 339 6.55 19.96 -19.45
CA ILE C 339 5.88 18.68 -19.52
C ILE C 339 4.37 18.87 -19.50
N MET C 340 3.85 19.77 -18.67
CA MET C 340 2.42 20.01 -18.68
C MET C 340 1.97 20.50 -20.06
N GLY C 341 2.77 21.35 -20.68
CA GLY C 341 2.43 21.87 -21.99
C GLY C 341 2.51 20.73 -23.00
N MET C 342 3.51 19.85 -22.85
CA MET C 342 3.69 18.76 -23.80
C MET C 342 2.53 17.77 -23.72
N ILE C 343 2.06 17.48 -22.50
CA ILE C 343 0.94 16.58 -22.30
C ILE C 343 -0.33 17.16 -22.91
N ASP C 344 -0.59 18.44 -22.68
CA ASP C 344 -1.84 19.03 -23.12
C ASP C 344 -1.91 19.24 -24.63
N VAL C 345 -0.82 19.63 -25.27
CA VAL C 345 -0.89 19.86 -26.70
C VAL C 345 -0.96 18.51 -27.44
N SER C 346 -0.42 17.44 -26.83
CA SER C 346 -0.46 16.11 -27.41
C SER C 346 -1.87 15.55 -27.39
N ALA C 347 -2.66 15.93 -26.36
CA ALA C 347 -4.09 15.60 -26.32
C ALA C 347 -4.88 16.42 -27.35
N GLU C 348 -4.64 17.74 -27.46
CA GLU C 348 -5.26 18.53 -28.50
C GLU C 348 -5.01 17.91 -29.86
N PHE C 349 -3.79 17.46 -30.10
CA PHE C 349 -3.41 16.95 -31.40
C PHE C 349 -4.17 15.63 -31.69
N ALA C 350 -4.23 14.74 -30.68
CA ALA C 350 -4.94 13.47 -30.72
C ALA C 350 -6.42 13.67 -31.05
N GLN C 351 -6.95 14.86 -30.69
CA GLN C 351 -8.33 15.16 -30.96
C GLN C 351 -8.51 15.82 -32.32
N ASN C 352 -7.43 16.14 -33.06
CA ASN C 352 -7.58 16.89 -34.29
C ASN C 352 -6.84 16.21 -35.44
N VAL C 353 -6.86 14.87 -35.49
CA VAL C 353 -6.26 14.09 -36.58
C VAL C 353 -7.28 13.11 -37.16
N THR C 354 -7.20 12.94 -38.51
CA THR C 354 -7.98 12.00 -39.31
C THR C 354 -7.02 11.04 -40.02
N PHE C 355 -7.42 9.75 -40.12
CA PHE C 355 -6.60 8.75 -40.80
C PHE C 355 -7.09 8.56 -42.23
N ASN C 356 -6.15 8.35 -43.15
CA ASN C 356 -6.45 8.21 -44.56
C ASN C 356 -6.56 6.73 -44.84
N GLU C 357 -7.76 6.20 -44.58
CA GLU C 357 -7.95 4.73 -44.64
C GLU C 357 -7.70 4.21 -46.06
N ASP C 358 -8.19 4.94 -47.05
CA ASP C 358 -8.05 4.46 -48.41
C ASP C 358 -6.57 4.36 -48.75
N ARG C 359 -5.76 5.28 -48.23
CA ARG C 359 -4.31 5.29 -48.58
C ARG C 359 -3.58 4.19 -47.80
N ILE C 360 -3.93 4.00 -46.53
CA ILE C 360 -3.31 2.94 -45.76
C ILE C 360 -3.63 1.57 -46.39
N LYS C 361 -4.89 1.39 -46.83
CA LYS C 361 -5.40 0.13 -47.31
C LYS C 361 -4.62 -0.29 -48.55
N LYS C 362 -4.44 0.66 -49.46
CA LYS C 362 -3.79 0.40 -50.73
C LYS C 362 -2.32 0.07 -50.56
N SER C 363 -1.72 0.39 -49.42
CA SER C 363 -0.27 0.16 -49.21
C SER C 363 0.00 -1.22 -48.63
N LEU C 364 -0.93 -1.76 -47.86
CA LEU C 364 -0.69 -3.01 -47.11
C LEU C 364 -0.42 -4.27 -47.96
N PRO C 365 -1.17 -4.57 -49.05
CA PRO C 365 -1.01 -5.83 -49.77
C PRO C 365 0.36 -6.30 -50.26
N ALA C 366 1.19 -5.38 -50.75
CA ALA C 366 2.46 -5.75 -51.36
C ALA C 366 3.51 -6.09 -50.31
N GLY C 367 3.23 -5.84 -49.05
CA GLY C 367 4.16 -6.21 -47.99
C GLY C 367 4.44 -7.71 -47.89
N HIS C 368 3.37 -8.51 -47.94
CA HIS C 368 3.45 -9.95 -47.59
C HIS C 368 3.46 -9.98 -46.05
N LEU C 369 2.66 -9.10 -45.41
CA LEU C 369 2.63 -9.05 -43.95
C LEU C 369 1.92 -10.27 -43.37
N ASP C 370 1.29 -11.08 -44.24
CA ASP C 370 0.58 -12.28 -43.79
C ASP C 370 1.56 -13.45 -43.67
N ALA C 371 2.86 -13.21 -43.90
CA ALA C 371 3.81 -14.29 -44.03
C ALA C 371 3.97 -15.03 -42.70
N THR C 372 4.15 -14.30 -41.60
CA THR C 372 4.39 -14.93 -40.31
CA THR C 372 4.40 -14.93 -40.31
C THR C 372 3.16 -15.73 -39.90
N THR C 373 1.97 -15.24 -40.28
CA THR C 373 0.73 -15.95 -39.96
C THR C 373 0.70 -17.30 -40.69
N LEU C 374 1.04 -17.26 -41.99
CA LEU C 374 1.13 -18.49 -42.77
C LEU C 374 2.14 -19.44 -42.10
N ALA C 375 3.24 -18.90 -41.56
CA ALA C 375 4.23 -19.74 -40.93
C ALA C 375 3.62 -20.35 -39.69
N ASP C 376 2.80 -19.58 -38.97
CA ASP C 376 2.19 -20.12 -37.77
C ASP C 376 1.19 -21.23 -38.16
N TYR C 377 0.45 -21.01 -39.25
CA TYR C 377 -0.45 -22.02 -39.82
C TYR C 377 0.27 -23.36 -40.01
N LEU C 378 1.48 -23.33 -40.59
CA LEU C 378 2.25 -24.54 -40.85
C LEU C 378 2.75 -25.17 -39.55
N VAL C 379 3.17 -24.38 -38.53
CA VAL C 379 3.65 -24.93 -37.27
C VAL C 379 2.49 -25.61 -36.58
N LYS C 380 1.31 -25.02 -36.66
CA LYS C 380 0.13 -25.66 -36.10
C LYS C 380 -0.17 -26.97 -36.81
N LYS C 381 0.16 -27.07 -38.10
CA LYS C 381 -0.06 -28.31 -38.85
C LYS C 381 1.02 -29.34 -38.56
N GLY C 382 2.01 -29.00 -37.73
CA GLY C 382 3.02 -29.94 -37.30
C GLY C 382 4.36 -29.71 -37.99
N MET C 383 4.52 -28.65 -38.77
CA MET C 383 5.82 -28.38 -39.37
C MET C 383 6.73 -27.75 -38.31
N PRO C 384 8.02 -28.12 -38.26
CA PRO C 384 8.99 -27.40 -37.44
C PRO C 384 9.18 -25.96 -37.91
N PHE C 385 9.65 -25.11 -36.99
CA PHE C 385 9.81 -23.69 -37.26
C PHE C 385 10.57 -23.45 -38.58
N ARG C 386 11.78 -24.00 -38.70
CA ARG C 386 12.61 -23.72 -39.85
C ARG C 386 11.93 -24.17 -41.14
N SER C 387 11.25 -25.34 -41.09
CA SER C 387 10.62 -25.88 -42.27
C SER C 387 9.51 -24.94 -42.73
N SER C 388 8.76 -24.45 -41.74
CA SER C 388 7.64 -23.57 -42.01
CA SER C 388 7.64 -23.55 -42.00
C SER C 388 8.14 -22.30 -42.70
N HIS C 389 9.26 -21.75 -42.20
CA HIS C 389 9.85 -20.57 -42.81
C HIS C 389 10.35 -20.87 -44.22
N ASP C 390 11.04 -22.01 -44.41
CA ASP C 390 11.49 -22.41 -45.73
C ASP C 390 10.35 -22.45 -46.76
N ILE C 391 9.22 -23.05 -46.35
CA ILE C 391 8.08 -23.16 -47.23
C ILE C 391 7.53 -21.79 -47.57
N VAL C 392 7.35 -20.93 -46.55
CA VAL C 392 6.73 -19.64 -46.79
C VAL C 392 7.69 -18.83 -47.65
N GLY C 393 8.98 -18.93 -47.33
CA GLY C 393 10.03 -18.40 -48.18
C GLY C 393 9.75 -18.65 -49.67
N LYS C 394 9.61 -19.92 -50.05
CA LYS C 394 9.35 -20.31 -51.42
C LYS C 394 8.03 -19.73 -51.95
N LEU C 395 6.96 -19.86 -51.15
CA LEU C 395 5.65 -19.40 -51.57
C LEU C 395 5.67 -17.92 -51.94
N VAL C 396 6.45 -17.12 -51.20
CA VAL C 396 6.45 -15.65 -51.43
C VAL C 396 7.20 -15.36 -52.74
N GLY C 397 8.24 -16.14 -53.03
CA GLY C 397 8.93 -15.97 -54.31
C GLY C 397 7.99 -16.25 -55.45
N VAL C 398 7.46 -17.47 -55.53
CA VAL C 398 6.44 -17.82 -56.56
C VAL C 398 5.36 -16.73 -56.63
N CYS C 399 5.23 -15.91 -55.60
CA CYS C 399 4.14 -14.90 -55.52
C CYS C 399 4.57 -13.51 -56.02
N VAL C 400 5.51 -12.86 -55.35
CA VAL C 400 5.82 -11.47 -55.69
C VAL C 400 6.67 -11.44 -56.97
N SER C 401 6.87 -12.63 -57.54
CA SER C 401 7.51 -12.71 -58.88
C SER C 401 6.39 -12.34 -59.85
N LYS C 402 5.14 -12.56 -59.45
CA LYS C 402 4.00 -12.21 -60.28
C LYS C 402 3.32 -10.96 -59.75
N GLY C 403 4.06 -10.16 -58.96
CA GLY C 403 3.52 -9.03 -58.22
C GLY C 403 2.12 -9.27 -57.64
N CYS C 404 1.94 -10.35 -56.86
CA CYS C 404 0.64 -10.69 -56.29
C CYS C 404 0.74 -10.90 -54.77
N GLU C 405 -0.38 -11.35 -54.18
CA GLU C 405 -0.52 -11.66 -52.77
C GLU C 405 -0.70 -13.16 -52.56
N LEU C 406 -0.23 -13.67 -51.41
CA LEU C 406 -0.36 -15.07 -51.04
C LEU C 406 -1.81 -15.57 -51.19
N GLN C 407 -2.80 -14.75 -50.83
CA GLN C 407 -4.17 -15.23 -50.79
C GLN C 407 -4.71 -15.44 -52.21
N ASN C 408 -4.02 -14.94 -53.23
CA ASN C 408 -4.41 -15.13 -54.63
C ASN C 408 -3.87 -16.44 -55.20
N LEU C 409 -2.99 -17.15 -54.46
CA LEU C 409 -2.42 -18.40 -54.93
C LEU C 409 -3.49 -19.50 -54.84
N SER C 410 -3.39 -20.53 -55.69
CA SER C 410 -4.31 -21.67 -55.61
C SER C 410 -3.80 -22.70 -54.61
N LEU C 411 -4.71 -23.49 -54.08
CA LEU C 411 -4.31 -24.53 -53.14
C LEU C 411 -3.36 -25.52 -53.83
N GLU C 412 -3.51 -25.68 -55.16
CA GLU C 412 -2.75 -26.66 -55.92
C GLU C 412 -1.27 -26.30 -55.88
N GLU C 413 -0.98 -25.00 -56.05
CA GLU C 413 0.40 -24.54 -56.09
C GLU C 413 1.00 -24.55 -54.69
N MET C 414 0.12 -24.47 -53.68
CA MET C 414 0.57 -24.52 -52.31
C MET C 414 0.95 -25.97 -51.96
N LYS C 415 0.08 -26.93 -52.35
CA LYS C 415 0.32 -28.34 -52.07
C LYS C 415 1.56 -28.87 -52.79
N LYS C 416 1.95 -28.25 -53.91
CA LYS C 416 3.22 -28.57 -54.55
C LYS C 416 4.39 -28.38 -53.57
N LEU C 417 4.29 -27.43 -52.65
CA LEU C 417 5.45 -27.14 -51.82
C LEU C 417 5.42 -27.98 -50.55
N SER C 418 4.21 -28.33 -50.11
CA SER C 418 4.07 -29.21 -48.97
C SER C 418 2.64 -29.73 -48.98
N PRO C 419 2.47 -31.02 -48.64
CA PRO C 419 1.14 -31.61 -48.52
C PRO C 419 0.30 -31.21 -47.33
N VAL C 420 0.84 -30.43 -46.36
CA VAL C 420 0.09 -30.15 -45.12
C VAL C 420 -0.94 -29.05 -45.38
N PHE C 421 -0.73 -28.23 -46.39
CA PHE C 421 -1.70 -27.23 -46.78
C PHE C 421 -3.07 -27.86 -47.05
N GLU C 422 -4.12 -27.19 -46.54
CA GLU C 422 -5.50 -27.55 -46.79
C GLU C 422 -6.31 -26.31 -47.15
N GLU C 423 -7.61 -26.51 -47.48
CA GLU C 423 -8.49 -25.42 -47.88
C GLU C 423 -8.64 -24.35 -46.77
N ASP C 424 -8.55 -24.73 -45.49
CA ASP C 424 -8.68 -23.80 -44.38
C ASP C 424 -7.59 -22.71 -44.39
N VAL C 425 -6.55 -22.86 -45.23
CA VAL C 425 -5.41 -21.98 -45.23
C VAL C 425 -5.84 -20.56 -45.59
N PHE C 426 -6.93 -20.39 -46.35
CA PHE C 426 -7.28 -19.07 -46.84
C PHE C 426 -7.81 -18.18 -45.70
N GLY C 427 -8.32 -18.84 -44.64
CA GLY C 427 -8.73 -18.20 -43.40
C GLY C 427 -7.54 -17.58 -42.66
N PHE C 428 -6.31 -17.85 -43.11
CA PHE C 428 -5.11 -17.35 -42.48
C PHE C 428 -4.29 -16.48 -43.43
N LEU C 429 -4.88 -15.99 -44.54
CA LEU C 429 -4.12 -15.18 -45.48
C LEU C 429 -4.84 -13.87 -45.75
N GLY C 430 -4.06 -12.88 -46.21
CA GLY C 430 -4.50 -11.50 -46.16
C GLY C 430 -4.41 -10.89 -44.75
N VAL C 431 -4.36 -9.56 -44.68
CA VAL C 431 -3.99 -8.89 -43.43
C VAL C 431 -5.17 -8.87 -42.47
N GLU C 432 -6.41 -8.71 -42.99
CA GLU C 432 -7.58 -8.80 -42.13
C GLU C 432 -7.61 -10.11 -41.34
N ASN C 433 -7.38 -11.23 -42.05
CA ASN C 433 -7.34 -12.55 -41.43
C ASN C 433 -6.12 -12.66 -40.52
N SER C 434 -4.95 -12.17 -40.98
CA SER C 434 -3.76 -12.18 -40.14
CA SER C 434 -3.76 -12.19 -40.13
C SER C 434 -4.05 -11.50 -38.79
N VAL C 435 -4.62 -10.30 -38.84
CA VAL C 435 -4.95 -9.55 -37.62
C VAL C 435 -5.92 -10.37 -36.75
N ASN C 436 -6.92 -11.01 -37.37
CA ASN C 436 -7.91 -11.82 -36.66
CA ASN C 436 -7.90 -11.78 -36.61
C ASN C 436 -7.24 -13.00 -35.95
N LYS C 437 -6.12 -13.50 -36.49
CA LYS C 437 -5.56 -14.76 -36.03
C LYS C 437 -4.60 -14.63 -34.84
N PHE C 438 -4.13 -13.42 -34.54
CA PHE C 438 -3.33 -13.20 -33.35
C PHE C 438 -4.21 -13.50 -32.14
N SER C 439 -3.65 -14.23 -31.17
CA SER C 439 -4.45 -14.73 -30.07
C SER C 439 -3.74 -14.62 -28.72
N SER C 440 -2.41 -14.35 -28.69
CA SER C 440 -1.69 -14.26 -27.42
C SER C 440 -2.15 -13.00 -26.66
N TYR C 441 -2.17 -13.12 -25.34
CA TYR C 441 -2.47 -11.98 -24.47
C TYR C 441 -1.58 -10.79 -24.86
N GLY C 442 -2.17 -9.61 -25.02
CA GLY C 442 -1.41 -8.41 -25.34
C GLY C 442 -1.07 -8.29 -26.83
N SER C 443 -1.57 -9.23 -27.66
CA SER C 443 -1.30 -9.22 -29.08
C SER C 443 -2.19 -8.19 -29.78
N THR C 444 -1.91 -7.92 -31.08
CA THR C 444 -2.72 -7.01 -31.87
C THR C 444 -4.00 -7.71 -32.36
N GLY C 445 -4.29 -8.94 -31.88
CA GLY C 445 -5.46 -9.67 -32.34
C GLY C 445 -6.77 -8.93 -32.03
N SER C 446 -7.77 -8.98 -32.93
CA SER C 446 -8.98 -8.16 -32.83
C SER C 446 -9.62 -8.31 -31.45
N ASN C 447 -9.76 -9.56 -30.98
CA ASN C 447 -10.41 -9.80 -29.70
C ASN C 447 -9.56 -9.34 -28.52
N CYS C 448 -8.25 -9.59 -28.56
CA CYS C 448 -7.33 -9.15 -27.52
C CYS C 448 -7.34 -7.63 -27.34
N VAL C 449 -7.36 -6.89 -28.46
CA VAL C 449 -7.37 -5.44 -28.44
C VAL C 449 -8.70 -4.92 -27.91
N ALA C 450 -9.82 -5.53 -28.30
CA ALA C 450 -11.10 -5.16 -27.70
C ALA C 450 -11.08 -5.37 -26.18
N GLU C 451 -10.54 -6.48 -25.69
CA GLU C 451 -10.40 -6.74 -24.25
C GLU C 451 -9.64 -5.59 -23.58
N GLN C 452 -8.50 -5.20 -24.18
CA GLN C 452 -7.66 -4.15 -23.61
C GLN C 452 -8.34 -2.80 -23.70
N LEU C 453 -9.08 -2.51 -24.77
CA LEU C 453 -9.79 -1.25 -24.84
C LEU C 453 -10.88 -1.20 -23.75
N GLY C 454 -11.61 -2.30 -23.55
CA GLY C 454 -12.60 -2.36 -22.48
C GLY C 454 -11.96 -2.10 -21.11
N TYR C 455 -10.75 -2.63 -20.87
CA TYR C 455 -10.10 -2.44 -19.57
C TYR C 455 -9.85 -0.96 -19.31
N TRP C 456 -9.33 -0.29 -20.33
CA TRP C 456 -8.97 1.09 -20.25
C TRP C 456 -10.19 2.00 -20.16
N VAL C 457 -11.26 1.65 -20.88
CA VAL C 457 -12.50 2.40 -20.83
C VAL C 457 -12.99 2.37 -19.38
N ASN C 458 -12.92 1.22 -18.71
CA ASN C 458 -13.36 1.16 -17.32
C ASN C 458 -12.39 1.94 -16.41
N LYS C 459 -11.09 1.80 -16.61
CA LYS C 459 -10.07 2.39 -15.73
C LYS C 459 -10.12 3.92 -15.76
N LEU C 460 -10.45 4.51 -16.92
CA LEU C 460 -10.48 5.95 -17.13
C LEU C 460 -11.89 6.52 -17.06
N ASN C 461 -12.86 5.70 -16.63
CA ASN C 461 -14.23 6.14 -16.41
C ASN C 461 -14.70 6.88 -17.65
N ILE C 462 -14.47 6.28 -18.82
CA ILE C 462 -14.89 6.85 -20.08
C ILE C 462 -16.36 6.50 -20.33
N THR C 463 -17.11 7.49 -20.84
CA THR C 463 -18.48 7.29 -21.30
C THR C 463 -18.68 8.05 -22.59
N SER D 16 37.52 -6.05 -44.65
CA SER D 16 36.28 -6.71 -45.15
C SER D 16 35.02 -6.05 -44.56
N VAL D 17 34.05 -5.74 -45.44
CA VAL D 17 32.80 -5.08 -45.05
C VAL D 17 32.07 -5.92 -44.00
N THR D 18 31.79 -7.20 -44.31
CA THR D 18 31.00 -8.00 -43.42
C THR D 18 31.80 -8.19 -42.12
N GLU D 19 33.13 -8.11 -42.20
CA GLU D 19 33.95 -8.26 -41.01
C GLU D 19 33.88 -6.99 -40.14
N LYS D 20 33.96 -5.80 -40.77
CA LYS D 20 33.71 -4.53 -40.12
C LYS D 20 32.32 -4.47 -39.46
N VAL D 21 31.28 -4.85 -40.20
CA VAL D 21 29.92 -4.81 -39.68
C VAL D 21 29.75 -5.84 -38.57
N GLU D 22 30.40 -7.00 -38.69
CA GLU D 22 30.33 -8.00 -37.65
C GLU D 22 30.81 -7.40 -36.33
N LYS D 23 32.02 -6.82 -36.37
CA LYS D 23 32.65 -6.24 -35.21
C LYS D 23 31.81 -5.09 -34.64
N PHE D 24 31.15 -4.31 -35.51
CA PHE D 24 30.38 -3.17 -35.05
C PHE D 24 29.09 -3.61 -34.38
N THR D 25 28.47 -4.72 -34.80
CA THR D 25 27.10 -5.02 -34.39
C THR D 25 27.07 -6.07 -33.31
N GLU D 26 28.15 -6.85 -33.16
CA GLU D 26 28.20 -7.94 -32.19
C GLU D 26 28.01 -7.38 -30.79
N SER D 27 27.28 -8.11 -29.95
CA SER D 27 27.06 -7.65 -28.58
C SER D 27 27.53 -8.64 -27.52
N ILE D 28 28.10 -9.78 -27.93
CA ILE D 28 28.45 -10.86 -27.01
C ILE D 28 29.59 -10.45 -26.08
N SER D 29 30.51 -9.61 -26.54
CA SER D 29 31.59 -9.10 -25.69
C SER D 29 31.08 -8.52 -24.36
N PHE D 30 29.84 -8.00 -24.34
CA PHE D 30 29.25 -7.42 -23.14
C PHE D 30 28.00 -8.17 -22.70
N ASP D 31 27.20 -8.74 -23.62
CA ASP D 31 25.87 -9.24 -23.26
C ASP D 31 25.97 -10.69 -22.76
N LYS D 32 27.17 -11.24 -22.74
CA LYS D 32 27.44 -12.57 -22.21
C LYS D 32 27.09 -12.68 -20.71
N VAL D 33 27.07 -11.53 -20.02
CA VAL D 33 26.81 -11.51 -18.59
C VAL D 33 25.33 -11.78 -18.30
N LEU D 34 24.44 -11.74 -19.32
CA LEU D 34 23.04 -12.16 -19.19
C LEU D 34 22.84 -13.67 -19.18
N TYR D 35 23.90 -14.49 -19.20
CA TYR D 35 23.74 -15.91 -19.48
C TYR D 35 22.77 -16.61 -18.49
N LYS D 36 22.74 -16.28 -17.19
CA LYS D 36 21.91 -17.08 -16.29
C LYS D 36 20.44 -16.74 -16.55
N GLN D 37 20.17 -15.47 -16.84
CA GLN D 37 18.81 -15.04 -17.10
C GLN D 37 18.29 -15.62 -18.41
N ASP D 38 19.17 -15.71 -19.41
CA ASP D 38 18.80 -16.20 -20.73
C ASP D 38 18.37 -17.67 -20.67
N ILE D 39 19.17 -18.43 -19.92
CA ILE D 39 18.92 -19.82 -19.69
C ILE D 39 17.63 -20.02 -18.88
N MET D 40 17.40 -19.22 -17.83
CA MET D 40 16.18 -19.33 -17.08
C MET D 40 14.99 -19.01 -17.99
N GLY D 41 15.17 -18.04 -18.89
CA GLY D 41 14.09 -17.56 -19.76
C GLY D 41 13.70 -18.58 -20.83
N SER D 42 14.73 -19.28 -21.32
CA SER D 42 14.57 -20.34 -22.28
C SER D 42 13.94 -21.61 -21.68
N LYS D 43 14.36 -21.97 -20.46
CA LYS D 43 13.77 -23.09 -19.76
C LYS D 43 12.27 -22.84 -19.58
N ALA D 44 11.90 -21.67 -19.09
CA ALA D 44 10.50 -21.33 -18.90
C ALA D 44 9.74 -21.42 -20.23
N HIS D 45 10.38 -20.96 -21.29
CA HIS D 45 9.73 -20.88 -22.59
C HIS D 45 9.42 -22.30 -23.02
N ALA D 46 10.35 -23.21 -22.78
CA ALA D 46 10.24 -24.56 -23.27
C ALA D 46 9.21 -25.33 -22.44
N SER D 47 9.25 -25.13 -21.12
CA SER D 47 8.25 -25.73 -20.26
C SER D 47 6.86 -25.30 -20.71
N MET D 48 6.70 -24.01 -21.06
CA MET D 48 5.41 -23.54 -21.47
C MET D 48 5.03 -24.28 -22.74
N LEU D 49 5.97 -24.33 -23.71
CA LEU D 49 5.70 -24.87 -25.04
C LEU D 49 5.18 -26.32 -24.93
N ALA D 50 5.72 -27.09 -23.96
CA ALA D 50 5.30 -28.46 -23.70
C ALA D 50 3.91 -28.50 -23.08
N HIS D 51 3.68 -27.62 -22.11
CA HIS D 51 2.40 -27.59 -21.43
C HIS D 51 1.31 -27.23 -22.44
N GLN D 52 1.64 -26.44 -23.48
CA GLN D 52 0.67 -25.97 -24.48
C GLN D 52 0.55 -26.95 -25.68
N GLY D 53 1.42 -27.96 -25.72
CA GLY D 53 1.31 -28.99 -26.75
C GLY D 53 2.03 -28.62 -28.04
N LEU D 54 2.98 -27.69 -27.97
CA LEU D 54 3.67 -27.26 -29.17
C LEU D 54 4.99 -28.01 -29.32
N ILE D 55 5.53 -28.53 -28.22
CA ILE D 55 6.60 -29.51 -28.29
C ILE D 55 6.20 -30.67 -27.39
N THR D 56 6.90 -31.80 -27.59
CA THR D 56 6.77 -32.98 -26.75
C THR D 56 7.41 -32.74 -25.38
N ASP D 57 6.96 -33.50 -24.39
CA ASP D 57 7.65 -33.56 -23.11
C ASP D 57 9.07 -34.03 -23.33
N SER D 58 9.25 -34.95 -24.25
CA SER D 58 10.57 -35.52 -24.46
C SER D 58 11.57 -34.43 -24.92
N ASP D 59 11.12 -33.61 -25.88
CA ASP D 59 11.94 -32.51 -26.40
C ASP D 59 12.23 -31.52 -25.27
N LYS D 60 11.24 -31.30 -24.40
CA LYS D 60 11.40 -30.44 -23.26
C LYS D 60 12.48 -30.96 -22.30
N ASP D 61 12.39 -32.23 -21.95
CA ASP D 61 13.33 -32.77 -20.99
C ASP D 61 14.74 -32.63 -21.57
N SER D 62 14.85 -32.72 -22.89
CA SER D 62 16.14 -32.63 -23.58
C SER D 62 16.71 -31.21 -23.53
N ILE D 63 15.85 -30.23 -23.87
CA ILE D 63 16.17 -28.81 -23.81
C ILE D 63 16.64 -28.44 -22.38
N LEU D 64 15.91 -28.88 -21.35
CA LEU D 64 16.21 -28.46 -19.98
C LEU D 64 17.54 -29.02 -19.52
N ARG D 65 17.80 -30.30 -19.82
CA ARG D 65 19.03 -30.95 -19.41
C ARG D 65 20.20 -30.31 -20.16
N GLY D 66 19.99 -29.98 -21.45
CA GLY D 66 21.01 -29.36 -22.27
C GLY D 66 21.38 -27.95 -21.77
N LEU D 67 20.37 -27.17 -21.38
CA LEU D 67 20.55 -25.81 -20.92
C LEU D 67 21.33 -25.80 -19.61
N ASP D 68 21.02 -26.76 -18.71
CA ASP D 68 21.72 -26.90 -17.44
C ASP D 68 23.16 -27.38 -17.64
N ASP D 69 23.41 -28.16 -18.69
CA ASP D 69 24.75 -28.60 -18.99
C ASP D 69 25.59 -27.43 -19.48
N ILE D 70 25.02 -26.57 -20.32
CA ILE D 70 25.71 -25.41 -20.85
C ILE D 70 26.00 -24.43 -19.70
N GLU D 71 25.04 -24.31 -18.77
CA GLU D 71 25.22 -23.45 -17.63
C GLU D 71 26.41 -23.92 -16.82
N ARG D 72 26.52 -25.23 -16.57
CA ARG D 72 27.64 -25.74 -15.79
C ARG D 72 28.96 -25.45 -16.51
N GLN D 73 28.90 -25.39 -17.85
CA GLN D 73 30.07 -25.21 -18.69
C GLN D 73 30.53 -23.76 -18.60
N ILE D 74 29.58 -22.83 -18.55
CA ILE D 74 29.89 -21.41 -18.39
C ILE D 74 30.42 -21.13 -16.99
N GLU D 75 29.79 -21.70 -15.96
CA GLU D 75 30.25 -21.56 -14.58
C GLU D 75 31.67 -22.11 -14.47
N ALA D 76 32.02 -23.08 -15.30
CA ALA D 76 33.31 -23.73 -15.20
C ALA D 76 34.38 -22.98 -16.02
N ASN D 77 34.03 -21.84 -16.62
CA ASN D 77 34.86 -21.21 -17.64
C ASN D 77 35.38 -22.26 -18.61
N LYS D 78 34.47 -23.10 -19.15
CA LYS D 78 34.82 -23.99 -20.24
C LYS D 78 33.97 -23.70 -21.46
N PHE D 79 33.29 -22.55 -21.49
CA PHE D 79 32.40 -22.26 -22.60
C PHE D 79 33.13 -21.25 -23.47
N GLU D 80 33.09 -21.46 -24.78
CA GLU D 80 33.74 -20.58 -25.73
C GLU D 80 32.73 -19.64 -26.39
N TRP D 81 32.76 -18.39 -25.95
CA TRP D 81 31.89 -17.36 -26.51
C TRP D 81 32.41 -16.97 -27.89
N ARG D 82 31.50 -16.73 -28.84
CA ARG D 82 31.89 -16.45 -30.21
C ARG D 82 31.23 -15.20 -30.79
N THR D 83 32.06 -14.37 -31.42
CA THR D 83 31.64 -13.20 -32.17
C THR D 83 30.78 -13.56 -33.37
N ASP D 84 31.14 -14.68 -34.00
CA ASP D 84 30.49 -15.05 -35.25
C ASP D 84 29.07 -15.54 -34.95
N ARG D 85 28.77 -15.69 -33.66
CA ARG D 85 27.42 -16.14 -33.18
C ARG D 85 26.66 -14.92 -32.63
N GLU D 86 27.23 -13.72 -32.70
CA GLU D 86 26.49 -12.47 -32.54
C GLU D 86 26.28 -12.04 -31.08
N ASP D 87 25.57 -12.82 -30.27
CA ASP D 87 25.07 -12.34 -28.98
C ASP D 87 24.91 -13.52 -28.05
N VAL D 88 24.48 -13.26 -26.81
CA VAL D 88 24.31 -14.32 -25.82
C VAL D 88 23.23 -15.33 -26.25
N HIS D 89 22.15 -14.88 -26.91
CA HIS D 89 21.00 -15.70 -27.25
C HIS D 89 21.40 -16.75 -28.31
N MET D 90 21.90 -16.29 -29.46
CA MET D 90 22.39 -17.16 -30.52
C MET D 90 23.57 -18.01 -30.04
N ASN D 91 24.48 -17.46 -29.20
CA ASN D 91 25.60 -18.25 -28.72
C ASN D 91 25.09 -19.46 -27.97
N ILE D 92 24.06 -19.25 -27.17
CA ILE D 92 23.55 -20.34 -26.34
C ILE D 92 22.70 -21.31 -27.16
N GLU D 93 21.83 -20.78 -28.04
CA GLU D 93 21.00 -21.60 -28.92
C GLU D 93 21.88 -22.43 -29.84
N ALA D 94 22.98 -21.87 -30.36
CA ALA D 94 23.83 -22.59 -31.32
C ALA D 94 24.57 -23.73 -30.63
N ALA D 95 25.05 -23.49 -29.41
CA ALA D 95 25.73 -24.50 -28.61
C ALA D 95 24.77 -25.61 -28.15
N LEU D 96 23.54 -25.21 -27.77
CA LEU D 96 22.51 -26.16 -27.41
C LEU D 96 22.28 -27.17 -28.57
N THR D 97 22.17 -26.64 -29.79
CA THR D 97 21.93 -27.43 -30.98
C THR D 97 23.04 -28.44 -31.19
N ASP D 98 24.30 -28.00 -31.00
CA ASP D 98 25.47 -28.86 -31.10
C ASP D 98 25.40 -29.95 -30.04
N LEU D 99 24.85 -29.65 -28.87
CA LEU D 99 24.85 -30.60 -27.77
C LEU D 99 23.73 -31.64 -27.88
N ILE D 100 22.53 -31.23 -28.36
CA ILE D 100 21.34 -32.07 -28.25
C ILE D 100 20.62 -32.24 -29.60
N GLY D 101 21.09 -31.56 -30.63
CA GLY D 101 20.46 -31.78 -31.92
C GLY D 101 19.20 -30.99 -32.16
N GLU D 102 18.33 -31.50 -33.02
CA GLU D 102 17.11 -30.77 -33.46
C GLU D 102 16.21 -30.19 -32.35
N PRO D 103 15.94 -30.85 -31.20
CA PRO D 103 15.05 -30.24 -30.23
C PRO D 103 15.41 -28.78 -29.90
N ALA D 104 16.69 -28.42 -29.97
CA ALA D 104 17.12 -27.07 -29.67
C ALA D 104 16.39 -26.06 -30.53
N LYS D 105 16.16 -26.39 -31.80
CA LYS D 105 15.60 -25.43 -32.74
C LYS D 105 14.15 -25.10 -32.38
N LYS D 106 13.55 -25.92 -31.51
CA LYS D 106 12.16 -25.75 -31.10
C LYS D 106 11.98 -24.57 -30.15
N LEU D 107 13.07 -24.08 -29.53
CA LEU D 107 13.08 -22.90 -28.69
C LEU D 107 12.67 -21.63 -29.42
N HIS D 108 12.89 -21.56 -30.73
CA HIS D 108 12.58 -20.37 -31.50
C HIS D 108 11.09 -20.31 -31.77
N THR D 109 10.33 -21.39 -31.49
CA THR D 109 8.88 -21.43 -31.69
C THR D 109 8.23 -20.32 -30.87
N ALA D 110 7.47 -19.46 -31.53
CA ALA D 110 6.70 -18.40 -30.91
C ALA D 110 7.59 -17.50 -30.04
N ARG D 111 8.73 -17.05 -30.58
CA ARG D 111 9.69 -16.25 -29.85
C ARG D 111 10.60 -15.49 -30.81
N SER D 112 10.92 -14.23 -30.45
CA SER D 112 11.85 -13.37 -31.17
C SER D 112 12.96 -12.96 -30.21
N ARG D 113 14.10 -12.56 -30.76
CA ARG D 113 15.15 -12.01 -29.86
C ARG D 113 14.62 -10.71 -29.23
N ASN D 114 13.69 -10.00 -29.91
CA ASN D 114 13.14 -8.78 -29.38
C ASN D 114 12.53 -9.03 -27.99
N ASP D 115 11.67 -10.05 -27.84
CA ASP D 115 11.01 -10.25 -26.57
C ASP D 115 11.90 -11.01 -25.58
N GLN D 116 12.85 -11.77 -26.11
CA GLN D 116 13.76 -12.55 -25.28
C GLN D 116 14.73 -11.60 -24.56
N VAL D 117 15.27 -10.62 -25.28
CA VAL D 117 16.30 -9.78 -24.71
C VAL D 117 15.68 -8.88 -23.62
N ALA D 118 14.47 -8.37 -23.87
CA ALA D 118 13.70 -7.60 -22.90
C ALA D 118 13.42 -8.39 -21.61
N THR D 119 13.11 -9.67 -21.74
CA THR D 119 12.85 -10.55 -20.61
C THR D 119 14.15 -10.73 -19.83
N ASP D 120 15.21 -11.10 -20.56
CA ASP D 120 16.49 -11.42 -19.95
C ASP D 120 17.02 -10.23 -19.18
N PHE D 121 16.86 -9.04 -19.79
CA PHE D 121 17.46 -7.83 -19.28
C PHE D 121 16.74 -7.35 -18.02
N ARG D 122 15.38 -7.47 -17.99
CA ARG D 122 14.56 -7.19 -16.81
C ARG D 122 14.90 -8.14 -15.65
N LEU D 123 15.09 -9.42 -15.97
CA LEU D 123 15.45 -10.40 -14.97
C LEU D 123 16.80 -10.06 -14.37
N TRP D 124 17.75 -9.60 -15.22
CA TRP D 124 19.09 -9.27 -14.76
C TRP D 124 19.04 -8.02 -13.85
N CYS D 125 18.24 -7.02 -14.28
CA CYS D 125 18.03 -5.81 -13.50
C CYS D 125 17.46 -6.21 -12.12
N ARG D 126 16.46 -7.09 -12.12
CA ARG D 126 15.80 -7.46 -10.84
C ARG D 126 16.84 -8.06 -9.89
N ASP D 127 17.72 -8.92 -10.39
CA ASP D 127 18.68 -9.59 -9.54
C ASP D 127 19.69 -8.54 -9.04
N ALA D 128 20.08 -7.63 -9.95
CA ALA D 128 21.02 -6.60 -9.59
C ALA D 128 20.47 -5.68 -8.47
N ILE D 129 19.23 -5.23 -8.65
CA ILE D 129 18.57 -4.40 -7.65
C ILE D 129 18.60 -5.10 -6.30
N ASP D 130 18.23 -6.39 -6.28
CA ASP D 130 18.28 -7.17 -5.04
C ASP D 130 19.67 -7.11 -4.39
N THR D 131 20.75 -7.21 -5.19
CA THR D 131 22.10 -7.22 -4.66
C THR D 131 22.43 -5.85 -4.06
N ILE D 132 21.97 -4.77 -4.71
CA ILE D 132 22.30 -3.41 -4.31
C ILE D 132 21.63 -3.09 -2.98
N ILE D 133 20.38 -3.53 -2.78
CA ILE D 133 19.70 -3.32 -1.51
C ILE D 133 20.48 -3.99 -0.36
N VAL D 134 21.01 -5.19 -0.56
CA VAL D 134 21.81 -5.84 0.46
C VAL D 134 23.04 -4.99 0.77
N LYS D 135 23.64 -4.41 -0.29
CA LYS D 135 24.88 -3.67 -0.11
C LYS D 135 24.61 -2.38 0.66
N ILE D 136 23.49 -1.72 0.31
CA ILE D 136 23.06 -0.46 0.95
C ILE D 136 22.82 -0.69 2.45
N ARG D 137 22.09 -1.74 2.80
CA ARG D 137 21.85 -2.08 4.24
CA ARG D 137 21.85 -2.07 4.24
C ARG D 137 23.19 -2.27 4.99
N ASN D 138 24.14 -2.84 4.26
CA ASN D 138 25.49 -3.04 4.84
C ASN D 138 26.15 -1.69 5.13
N LEU D 139 25.97 -0.72 4.25
CA LEU D 139 26.59 0.57 4.41
C LEU D 139 25.89 1.32 5.56
N GLN D 140 24.56 1.25 5.57
CA GLN D 140 23.74 1.77 6.66
C GLN D 140 24.27 1.22 7.98
N ARG D 141 24.42 -0.11 8.07
CA ARG D 141 24.91 -0.72 9.33
C ARG D 141 26.30 -0.19 9.67
N ALA D 142 27.19 -0.11 8.68
CA ALA D 142 28.55 0.35 8.95
C ALA D 142 28.52 1.78 9.52
N LEU D 143 27.61 2.63 9.01
CA LEU D 143 27.50 4.03 9.44
C LEU D 143 26.94 4.10 10.85
N VAL D 144 25.93 3.26 11.12
CA VAL D 144 25.27 3.24 12.41
C VAL D 144 26.24 2.69 13.46
N GLU D 145 27.04 1.67 13.13
CA GLU D 145 28.01 1.12 14.06
CA GLU D 145 28.02 1.13 14.07
C GLU D 145 29.08 2.19 14.38
N LEU D 146 29.45 3.01 13.37
CA LEU D 146 30.37 4.12 13.60
C LEU D 146 29.78 5.26 14.47
N ALA D 147 28.55 5.71 14.18
CA ALA D 147 27.78 6.59 15.03
C ALA D 147 27.78 6.15 16.50
N LEU D 148 27.48 4.85 16.74
CA LEU D 148 27.39 4.25 18.06
C LEU D 148 28.75 4.25 18.73
N LYS D 149 29.80 4.03 17.95
CA LYS D 149 31.15 4.04 18.47
C LYS D 149 31.59 5.45 18.93
N ASN D 150 30.95 6.50 18.41
CA ASN D 150 31.33 7.88 18.71
C ASN D 150 30.09 8.69 19.09
N GLU D 151 29.17 8.11 19.85
CA GLU D 151 27.86 8.68 20.06
C GLU D 151 27.92 10.02 20.81
N ALA D 152 28.97 10.25 21.58
CA ALA D 152 29.05 11.42 22.44
C ALA D 152 29.83 12.55 21.76
N LEU D 153 30.43 12.28 20.60
CA LEU D 153 31.37 13.23 20.05
C LEU D 153 30.64 14.41 19.39
N ILE D 154 31.03 15.63 19.77
CA ILE D 154 30.46 16.85 19.25
C ILE D 154 31.38 17.44 18.20
N VAL D 155 30.76 17.83 17.08
CA VAL D 155 31.47 18.43 15.98
C VAL D 155 30.61 19.61 15.52
N PRO D 156 31.14 20.48 14.65
CA PRO D 156 30.35 21.59 14.14
C PRO D 156 29.41 21.10 13.08
N GLY D 157 28.22 21.68 13.02
CA GLY D 157 27.40 21.64 11.83
C GLY D 157 27.60 22.92 11.04
N TYR D 158 27.54 22.80 9.70
CA TYR D 158 27.97 23.84 8.78
C TYR D 158 26.83 24.26 7.85
N THR D 159 26.78 25.57 7.59
CA THR D 159 26.09 26.11 6.44
C THR D 159 27.04 27.06 5.75
N HIS D 160 27.06 27.02 4.40
CA HIS D 160 27.99 27.77 3.57
C HIS D 160 29.43 27.41 3.92
N LEU D 161 29.62 26.22 4.44
CA LEU D 161 30.88 25.80 5.02
C LEU D 161 31.40 26.81 6.04
N GLN D 162 30.44 27.40 6.78
CA GLN D 162 30.75 28.20 7.98
C GLN D 162 30.14 27.47 9.17
N ARG D 163 30.79 27.52 10.33
CA ARG D 163 30.24 26.83 11.47
C ARG D 163 28.96 27.52 11.91
N ALA D 164 27.87 26.76 12.10
CA ALA D 164 26.57 27.33 12.42
C ALA D 164 26.09 26.90 13.80
N GLN D 165 26.27 25.64 14.16
CA GLN D 165 25.72 25.15 15.41
C GLN D 165 26.47 23.89 15.80
N PRO D 166 26.50 23.48 17.09
CA PRO D 166 27.12 22.21 17.48
C PRO D 166 26.15 21.06 17.23
N VAL D 167 26.66 19.96 16.66
CA VAL D 167 25.87 18.74 16.48
C VAL D 167 26.67 17.57 17.01
N LEU D 168 25.96 16.45 17.25
CA LEU D 168 26.53 15.15 17.61
C LEU D 168 26.95 14.40 16.34
N LEU D 169 28.14 13.78 16.35
CA LEU D 169 28.68 13.09 15.18
CA LEU D 169 28.69 13.07 15.20
C LEU D 169 27.66 12.07 14.68
N PRO D 170 27.02 11.25 15.54
CA PRO D 170 25.93 10.38 15.09
C PRO D 170 24.81 11.05 14.31
N HIS D 171 24.45 12.29 14.63
CA HIS D 171 23.38 12.97 13.90
C HIS D 171 23.81 13.24 12.44
N VAL D 172 25.10 13.57 12.26
CA VAL D 172 25.65 13.83 10.93
C VAL D 172 25.60 12.52 10.12
N LEU D 173 26.02 11.40 10.73
CA LEU D 173 26.12 10.11 10.07
C LEU D 173 24.73 9.60 9.73
N LEU D 174 23.75 9.82 10.61
CA LEU D 174 22.37 9.43 10.33
C LEU D 174 21.77 10.18 9.14
N THR D 175 22.32 11.35 8.80
CA THR D 175 21.88 12.02 7.58
C THR D 175 22.07 11.07 6.38
N PHE D 176 23.27 10.48 6.25
CA PHE D 176 23.59 9.63 5.14
C PHE D 176 22.75 8.36 5.23
N VAL D 177 22.52 7.87 6.45
CA VAL D 177 21.70 6.69 6.66
C VAL D 177 20.28 6.94 6.18
N GLU D 178 19.77 8.16 6.37
CA GLU D 178 18.43 8.52 5.94
C GLU D 178 18.42 8.70 4.42
N GLN D 179 19.52 9.18 3.83
CA GLN D 179 19.52 9.37 2.38
C GLN D 179 19.44 8.00 1.69
N LEU D 180 20.20 7.04 2.24
CA LEU D 180 20.30 5.71 1.67
C LEU D 180 18.96 4.99 1.78
N GLU D 181 18.17 5.32 2.83
CA GLU D 181 16.85 4.77 2.98
C GLU D 181 15.95 5.25 1.84
N ARG D 182 16.07 6.51 1.45
CA ARG D 182 15.30 6.96 0.31
C ARG D 182 15.75 6.22 -0.95
N ASP D 183 17.05 6.02 -1.11
CA ASP D 183 17.58 5.26 -2.22
C ASP D 183 16.96 3.87 -2.27
N ALA D 184 17.02 3.19 -1.13
CA ALA D 184 16.45 1.85 -1.00
C ALA D 184 14.96 1.85 -1.40
N GLY D 185 14.27 2.91 -1.06
CA GLY D 185 12.85 3.00 -1.34
C GLY D 185 12.65 3.11 -2.85
N ARG D 186 13.49 3.90 -3.50
CA ARG D 186 13.42 4.02 -4.98
C ARG D 186 13.71 2.66 -5.62
N TYR D 187 14.69 1.92 -5.09
CA TYR D 187 15.05 0.66 -5.70
C TYR D 187 13.87 -0.29 -5.55
N VAL D 188 13.23 -0.30 -4.37
CA VAL D 188 12.07 -1.17 -4.18
C VAL D 188 10.96 -0.81 -5.15
N ASP D 189 10.73 0.46 -5.40
CA ASP D 189 9.65 0.86 -6.28
C ASP D 189 10.03 0.60 -7.74
N CYS D 190 11.32 0.74 -8.04
CA CYS D 190 11.84 0.47 -9.36
C CYS D 190 11.59 -1.01 -9.73
N ARG D 191 11.97 -1.89 -8.81
CA ARG D 191 11.85 -3.35 -9.00
C ARG D 191 10.39 -3.76 -9.25
N ALA D 192 9.46 -3.25 -8.42
CA ALA D 192 8.07 -3.64 -8.63
C ALA D 192 7.60 -3.20 -10.02
N ARG D 193 7.99 -1.99 -10.46
CA ARG D 193 7.46 -1.48 -11.73
C ARG D 193 7.98 -2.31 -12.90
N LEU D 194 9.17 -2.85 -12.76
CA LEU D 194 9.81 -3.57 -13.89
C LEU D 194 9.44 -5.05 -13.89
N ASN D 195 8.78 -5.51 -12.82
CA ASN D 195 8.54 -6.94 -12.66
C ASN D 195 7.28 -7.40 -13.40
N PHE D 196 7.14 -6.96 -14.68
CA PHE D 196 6.12 -7.46 -15.61
C PHE D 196 6.82 -8.10 -16.83
N SER D 197 6.28 -9.25 -17.31
CA SER D 197 6.90 -10.07 -18.36
C SER D 197 6.63 -9.52 -19.75
N PRO D 198 7.66 -9.18 -20.54
CA PRO D 198 7.50 -8.99 -21.98
C PRO D 198 7.49 -10.24 -22.88
N LEU D 199 7.68 -11.43 -22.33
CA LEU D 199 7.82 -12.63 -23.16
C LEU D 199 6.45 -13.06 -23.67
N GLY D 200 6.39 -13.39 -24.96
CA GLY D 200 5.12 -13.65 -25.61
C GLY D 200 4.72 -12.54 -26.57
N ALA D 201 5.49 -11.44 -26.59
CA ALA D 201 5.25 -10.32 -27.47
C ALA D 201 5.73 -10.62 -28.88
N CYS D 202 6.65 -11.60 -28.95
CA CYS D 202 7.37 -11.97 -30.17
C CYS D 202 8.12 -10.75 -30.72
N ALA D 203 8.07 -10.57 -32.06
CA ALA D 203 8.80 -9.48 -32.69
C ALA D 203 8.18 -8.15 -32.30
N LEU D 204 6.85 -8.10 -32.12
CA LEU D 204 6.18 -6.87 -31.68
C LEU D 204 4.68 -7.04 -31.52
N ALA D 205 4.08 -8.04 -32.19
CA ALA D 205 2.64 -8.06 -32.38
C ALA D 205 2.00 -9.23 -31.64
N GLY D 206 2.78 -10.01 -30.90
CA GLY D 206 2.29 -11.26 -30.37
C GLY D 206 2.34 -12.38 -31.43
N THR D 207 1.58 -13.46 -31.18
CA THR D 207 1.52 -14.64 -32.05
C THR D 207 0.09 -15.18 -32.14
N GLY D 208 -0.16 -15.92 -33.22
CA GLY D 208 -1.35 -16.72 -33.42
C GLY D 208 -1.22 -18.15 -32.89
N LEU D 209 0.00 -18.55 -32.46
CA LEU D 209 0.23 -19.85 -31.83
C LEU D 209 -0.24 -19.91 -30.38
N PRO D 210 -0.65 -21.10 -29.88
CA PRO D 210 -1.31 -21.17 -28.57
C PRO D 210 -0.37 -21.18 -27.36
N ILE D 211 0.43 -20.13 -27.24
CA ILE D 211 1.25 -19.93 -26.04
C ILE D 211 0.37 -19.48 -24.87
N ASP D 212 0.97 -19.54 -23.68
CA ASP D 212 0.35 -19.08 -22.44
C ASP D 212 1.33 -18.17 -21.73
N ARG D 213 1.20 -16.86 -21.94
CA ARG D 213 2.16 -15.90 -21.38
C ARG D 213 2.05 -15.75 -19.86
N PHE D 214 0.85 -16.05 -19.31
CA PHE D 214 0.64 -16.04 -17.87
C PHE D 214 1.52 -17.08 -17.16
N MET D 215 1.75 -18.20 -17.84
CA MET D 215 2.54 -19.31 -17.27
C MET D 215 4.04 -18.97 -17.23
N THR D 216 4.55 -18.32 -18.27
CA THR D 216 5.96 -17.95 -18.29
C THR D 216 6.20 -16.76 -17.35
N ALA D 217 5.27 -15.80 -17.29
CA ALA D 217 5.35 -14.74 -16.31
C ALA D 217 5.55 -15.32 -14.92
N ASN D 218 4.61 -16.14 -14.47
CA ASN D 218 4.71 -16.81 -13.19
C ASN D 218 5.98 -17.62 -13.03
N ALA D 219 6.42 -18.37 -14.07
CA ALA D 219 7.61 -19.19 -13.92
C ALA D 219 8.88 -18.36 -13.63
N LEU D 220 8.93 -17.13 -14.17
CA LEU D 220 10.11 -16.27 -14.07
C LEU D 220 9.93 -15.24 -12.95
N GLY D 221 8.88 -15.39 -12.14
CA GLY D 221 8.72 -14.60 -10.93
C GLY D 221 8.16 -13.22 -11.22
N PHE D 222 7.70 -12.96 -12.45
CA PHE D 222 7.02 -11.73 -12.80
C PHE D 222 5.61 -11.65 -12.24
N THR D 223 5.13 -10.42 -12.03
CA THR D 223 3.86 -10.18 -11.39
C THR D 223 2.77 -10.64 -12.35
N GLU D 224 2.94 -10.28 -13.60
CA GLU D 224 2.00 -10.67 -14.62
C GLU D 224 2.59 -10.26 -15.96
N PRO D 225 1.99 -10.71 -17.08
CA PRO D 225 2.46 -10.33 -18.41
C PRO D 225 2.06 -8.89 -18.70
N MET D 226 2.93 -8.19 -19.42
CA MET D 226 2.63 -6.86 -19.92
C MET D 226 1.41 -6.97 -20.83
N ARG D 227 0.57 -5.93 -20.87
CA ARG D 227 -0.69 -5.98 -21.58
C ARG D 227 -0.60 -5.48 -23.01
N ASN D 228 0.62 -5.15 -23.48
CA ASN D 228 0.77 -4.58 -24.81
C ASN D 228 2.11 -5.02 -25.36
N SER D 229 2.02 -5.74 -26.51
CA SER D 229 3.17 -6.41 -27.07
C SER D 229 4.14 -5.42 -27.73
N ILE D 230 3.61 -4.38 -28.39
CA ILE D 230 4.44 -3.29 -28.94
C ILE D 230 5.20 -2.61 -27.79
N ASP D 231 4.49 -2.34 -26.69
CA ASP D 231 5.14 -1.82 -25.46
C ASP D 231 6.21 -2.78 -24.94
N ALA D 232 5.89 -4.09 -24.95
CA ALA D 232 6.81 -5.11 -24.45
C ALA D 232 8.20 -5.06 -25.09
N VAL D 233 8.28 -4.87 -26.42
CA VAL D 233 9.55 -4.94 -27.13
C VAL D 233 10.19 -3.56 -27.29
N SER D 234 9.39 -2.50 -27.14
CA SER D 234 9.88 -1.15 -27.35
C SER D 234 10.25 -0.39 -26.06
N ASP D 235 9.89 -0.92 -24.88
CA ASP D 235 10.04 -0.21 -23.63
C ASP D 235 11.41 -0.44 -23.01
N ARG D 236 12.03 0.67 -22.56
CA ARG D 236 13.25 0.62 -21.77
C ARG D 236 13.18 1.55 -20.54
N ASP D 237 11.97 1.87 -20.08
CA ASP D 237 11.78 2.67 -18.88
C ASP D 237 12.46 2.04 -17.66
N PHE D 238 12.44 0.71 -17.56
CA PHE D 238 13.02 0.02 -16.43
C PHE D 238 14.53 0.26 -16.40
N VAL D 239 15.13 0.53 -17.59
CA VAL D 239 16.54 0.90 -17.66
C VAL D 239 16.71 2.35 -17.16
N LEU D 240 15.98 3.31 -17.75
CA LEU D 240 16.03 4.70 -17.34
C LEU D 240 15.83 4.83 -15.81
N GLU D 241 14.89 4.08 -15.23
CA GLU D 241 14.54 4.20 -13.81
C GLU D 241 15.69 3.70 -12.91
N PHE D 242 16.26 2.56 -13.31
CA PHE D 242 17.40 1.97 -12.62
C PHE D 242 18.62 2.92 -12.68
N LEU D 243 18.92 3.43 -13.87
CA LEU D 243 20.00 4.36 -14.06
C LEU D 243 19.84 5.59 -13.17
N TYR D 244 18.65 6.20 -13.16
CA TYR D 244 18.37 7.37 -12.32
C TYR D 244 18.60 7.01 -10.84
N THR D 245 18.02 5.89 -10.38
CA THR D 245 18.12 5.48 -9.01
C THR D 245 19.58 5.35 -8.61
N ASN D 246 20.38 4.78 -9.50
CA ASN D 246 21.81 4.65 -9.28
C ASN D 246 22.45 6.04 -9.21
N ALA D 247 22.04 6.97 -10.07
CA ALA D 247 22.59 8.32 -10.11
C ALA D 247 22.33 9.11 -8.82
N ASN D 248 21.09 9.07 -8.30
CA ASN D 248 20.77 9.72 -7.04
C ASN D 248 21.53 9.02 -5.90
N THR D 249 21.64 7.67 -5.90
CA THR D 249 22.45 6.98 -4.90
C THR D 249 23.90 7.46 -4.94
N GLY D 250 24.44 7.67 -6.16
CA GLY D 250 25.83 8.06 -6.36
C GLY D 250 26.05 9.47 -5.83
N ILE D 251 25.05 10.34 -6.00
CA ILE D 251 25.10 11.68 -5.44
C ILE D 251 25.21 11.68 -3.93
N HIS D 252 24.39 10.89 -3.23
CA HIS D 252 24.53 10.71 -1.79
C HIS D 252 25.98 10.37 -1.44
N LEU D 253 26.58 9.48 -2.19
CA LEU D 253 27.92 9.01 -1.88
C LEU D 253 28.97 10.03 -2.28
N SER D 254 28.62 10.93 -3.22
CA SER D 254 29.54 11.98 -3.63
C SER D 254 29.66 13.05 -2.54
N ARG D 255 28.55 13.31 -1.86
CA ARG D 255 28.53 14.25 -0.76
C ARG D 255 29.20 13.61 0.44
N LEU D 256 28.95 12.30 0.68
CA LEU D 256 29.69 11.55 1.68
C LEU D 256 31.20 11.67 1.46
N GLY D 257 31.58 11.64 0.18
CA GLY D 257 32.97 11.65 -0.21
C GLY D 257 33.58 13.03 0.02
N GLU D 258 32.93 14.09 -0.49
CA GLU D 258 33.32 15.45 -0.21
C GLU D 258 33.51 15.67 1.30
N GLU D 259 32.52 15.24 2.09
CA GLU D 259 32.56 15.40 3.55
C GLU D 259 33.82 14.75 4.12
N TRP D 260 34.09 13.50 3.75
CA TRP D 260 35.16 12.72 4.36
C TRP D 260 36.54 13.14 3.88
N VAL D 261 36.63 13.67 2.66
CA VAL D 261 37.88 14.21 2.16
C VAL D 261 38.21 15.48 2.94
N LEU D 262 37.19 16.27 3.27
CA LEU D 262 37.35 17.46 4.10
C LEU D 262 37.78 17.07 5.51
N TRP D 263 37.09 16.11 6.11
CA TRP D 263 37.38 15.76 7.47
C TRP D 263 38.78 15.17 7.62
N ALA D 264 39.34 14.57 6.56
CA ALA D 264 40.64 13.95 6.64
C ALA D 264 41.74 14.97 6.32
N SER D 265 41.36 16.16 5.85
CA SER D 265 42.35 17.22 5.66
C SER D 265 42.91 17.65 7.01
N GLU D 266 44.04 18.33 6.99
CA GLU D 266 44.64 18.76 8.26
C GLU D 266 43.95 20.01 8.79
N GLU D 267 43.43 20.85 7.90
CA GLU D 267 42.68 22.05 8.22
C GLU D 267 41.48 21.71 9.11
N PHE D 268 40.74 20.68 8.75
CA PHE D 268 39.64 20.20 9.57
C PHE D 268 40.20 19.37 10.72
N GLY D 269 40.90 18.29 10.41
CA GLY D 269 41.66 17.59 11.41
C GLY D 269 40.83 16.58 12.17
N PHE D 270 39.62 16.32 11.67
CA PHE D 270 38.63 15.58 12.43
C PHE D 270 38.83 14.07 12.34
N MET D 271 39.37 13.59 11.23
CA MET D 271 39.31 12.15 10.94
C MET D 271 40.68 11.67 10.45
N THR D 272 41.10 10.51 10.95
CA THR D 272 42.24 9.82 10.39
C THR D 272 41.87 8.47 9.75
N PRO D 273 42.14 8.26 8.45
CA PRO D 273 41.90 6.96 7.82
C PRO D 273 43.04 6.02 8.17
N SER D 274 42.73 4.72 8.30
CA SER D 274 43.77 3.70 8.43
C SER D 274 44.69 3.69 7.21
N ASP D 275 45.87 3.11 7.42
CA ASP D 275 46.83 2.91 6.34
C ASP D 275 46.18 2.16 5.17
N SER D 276 45.31 1.20 5.50
CA SER D 276 44.76 0.28 4.52
C SER D 276 43.74 0.94 3.60
N VAL D 277 43.31 2.20 3.86
CA VAL D 277 42.33 2.89 3.01
C VAL D 277 42.84 4.27 2.60
N SER D 278 44.17 4.46 2.60
CA SER D 278 44.76 5.76 2.29
C SER D 278 46.12 5.51 1.66
N THR D 279 46.71 6.57 1.13
CA THR D 279 48.06 6.53 0.59
C THR D 279 48.81 7.70 1.19
N GLY D 280 50.12 7.72 1.00
CA GLY D 280 50.94 8.72 1.66
C GLY D 280 52.29 8.88 0.98
N SER D 281 53.26 9.41 1.74
CA SER D 281 54.57 9.78 1.24
C SER D 281 55.64 9.23 2.18
N SER D 282 56.68 8.61 1.62
CA SER D 282 57.83 8.23 2.42
C SER D 282 58.42 9.44 3.16
N ILE D 283 58.52 10.60 2.47
CA ILE D 283 59.22 11.76 3.02
C ILE D 283 58.30 12.73 3.75
N MET D 284 56.98 12.55 3.68
CA MET D 284 56.03 13.39 4.42
C MET D 284 55.07 12.50 5.18
N PRO D 285 55.49 11.92 6.32
CA PRO D 285 54.73 10.82 6.96
C PRO D 285 53.39 11.14 7.63
N GLN D 286 52.98 12.41 7.65
CA GLN D 286 51.68 12.79 8.18
C GLN D 286 50.68 12.95 7.03
N LYS D 287 51.14 13.02 5.77
CA LYS D 287 50.25 13.10 4.63
C LYS D 287 49.50 11.77 4.52
N LYS D 288 48.18 11.81 4.66
CA LYS D 288 47.37 10.62 4.41
C LYS D 288 46.27 11.03 3.45
N ASN D 289 46.39 10.59 2.19
CA ASN D 289 45.45 10.91 1.14
C ASN D 289 44.30 9.94 1.23
N PRO D 290 43.03 10.40 1.22
CA PRO D 290 41.89 9.48 1.26
C PRO D 290 41.39 9.06 -0.11
N ASP D 291 42.29 8.47 -0.92
CA ASP D 291 42.03 8.18 -2.34
C ASP D 291 40.70 7.46 -2.51
N PRO D 292 40.37 6.42 -1.71
CA PRO D 292 39.11 5.72 -1.89
C PRO D 292 37.91 6.63 -1.93
N MET D 293 37.82 7.65 -1.05
CA MET D 293 36.63 8.48 -1.06
C MET D 293 36.66 9.53 -2.17
N GLU D 294 37.85 9.98 -2.60
CA GLU D 294 37.96 10.85 -3.76
C GLU D 294 37.45 10.14 -5.03
N LEU D 295 37.73 8.83 -5.14
CA LEU D 295 37.24 8.07 -6.27
C LEU D 295 35.74 7.80 -6.16
N VAL D 296 35.20 7.58 -4.95
CA VAL D 296 33.74 7.51 -4.77
C VAL D 296 33.10 8.78 -5.30
N ARG D 297 33.62 9.95 -4.88
CA ARG D 297 33.14 11.25 -5.38
C ARG D 297 33.17 11.34 -6.90
N GLY D 298 34.32 10.99 -7.48
CA GLY D 298 34.49 11.08 -8.92
C GLY D 298 33.63 10.09 -9.70
N LYS D 299 33.43 8.88 -9.19
CA LYS D 299 32.67 7.87 -9.90
C LYS D 299 31.17 8.26 -10.00
N SER D 300 30.73 9.24 -9.21
CA SER D 300 29.37 9.74 -9.37
C SER D 300 29.16 10.31 -10.77
N ALA D 301 30.25 10.81 -11.38
CA ALA D 301 30.20 11.43 -12.68
C ALA D 301 29.75 10.40 -13.73
N ARG D 302 30.37 9.21 -13.73
CA ARG D 302 30.09 8.17 -14.77
C ARG D 302 28.64 7.67 -14.63
N VAL D 303 28.20 7.49 -13.41
CA VAL D 303 26.82 7.07 -13.18
C VAL D 303 25.82 8.07 -13.76
N ILE D 304 26.08 9.37 -13.62
CA ILE D 304 25.21 10.37 -14.25
C ILE D 304 25.34 10.25 -15.77
N GLY D 305 26.57 10.11 -16.29
CA GLY D 305 26.83 9.94 -17.71
C GLY D 305 26.01 8.79 -18.29
N ASP D 306 25.93 7.65 -17.58
CA ASP D 306 25.31 6.43 -18.07
C ASP D 306 23.80 6.70 -18.24
N LEU D 307 23.25 7.46 -17.29
CA LEU D 307 21.84 7.83 -17.31
C LEU D 307 21.54 8.74 -18.52
N VAL D 308 22.42 9.69 -18.83
CA VAL D 308 22.19 10.58 -19.95
C VAL D 308 22.26 9.81 -21.26
N THR D 309 23.17 8.85 -21.35
CA THR D 309 23.27 7.97 -22.52
C THR D 309 21.89 7.45 -22.91
N VAL D 310 21.27 6.70 -21.99
CA VAL D 310 20.07 5.97 -22.33
C VAL D 310 18.87 6.92 -22.49
N LEU D 311 18.83 8.02 -21.71
CA LEU D 311 17.86 9.07 -21.99
C LEU D 311 17.95 9.58 -23.44
N THR D 312 19.17 9.84 -23.90
CA THR D 312 19.39 10.39 -25.22
C THR D 312 19.08 9.32 -26.28
N LEU D 313 19.36 8.07 -25.93
CA LEU D 313 19.18 6.94 -26.81
C LEU D 313 17.70 6.81 -27.17
N CYS D 314 16.84 6.90 -26.14
CA CYS D 314 15.43 6.65 -26.28
C CYS D 314 14.70 7.83 -26.90
N LYS D 315 15.24 9.03 -26.76
CA LYS D 315 14.62 10.25 -27.28
C LYS D 315 14.42 10.19 -28.79
N GLY D 316 13.15 10.37 -29.15
CA GLY D 316 12.81 10.68 -30.52
C GLY D 316 12.75 9.41 -31.35
N LEU D 317 12.90 8.23 -30.74
CA LEU D 317 12.86 6.97 -31.50
C LEU D 317 11.43 6.58 -31.88
N PRO D 318 11.16 6.20 -33.14
CA PRO D 318 9.86 5.58 -33.47
C PRO D 318 9.71 4.17 -32.87
N LEU D 319 8.46 3.67 -32.83
CA LEU D 319 8.16 2.30 -32.46
C LEU D 319 8.56 1.34 -33.56
N ALA D 320 8.62 0.01 -33.30
CA ALA D 320 8.58 -0.68 -32.02
C ALA D 320 10.02 -0.91 -31.57
N TYR D 321 10.68 -1.92 -32.16
CA TYR D 321 12.06 -2.28 -31.90
C TYR D 321 12.98 -1.58 -32.90
N ASN D 322 14.08 -0.99 -32.42
CA ASN D 322 15.10 -0.39 -33.25
C ASN D 322 16.44 -0.94 -32.74
N ARG D 323 17.42 -1.17 -33.63
CA ARG D 323 18.72 -1.71 -33.25
C ARG D 323 19.44 -0.81 -32.26
N ASP D 324 19.09 0.46 -32.18
CA ASP D 324 19.74 1.42 -31.24
C ASP D 324 19.64 0.88 -29.82
N PHE D 325 18.52 0.24 -29.48
CA PHE D 325 18.28 -0.32 -28.17
C PHE D 325 19.39 -1.26 -27.76
N GLN D 326 20.18 -1.77 -28.69
CA GLN D 326 21.33 -2.56 -28.27
C GLN D 326 22.27 -1.74 -27.37
N GLU D 327 22.16 -0.41 -27.43
CA GLU D 327 23.07 0.48 -26.70
C GLU D 327 22.65 0.65 -25.23
N ASP D 328 21.57 -0.02 -24.82
CA ASP D 328 21.00 0.14 -23.48
C ASP D 328 21.83 -0.60 -22.42
N LYS D 329 22.58 -1.63 -22.80
CA LYS D 329 23.11 -2.60 -21.85
C LYS D 329 24.41 -2.13 -21.18
N GLU D 330 25.38 -1.66 -21.97
CA GLU D 330 26.68 -1.34 -21.43
C GLU D 330 26.56 -0.23 -20.37
N PRO D 331 25.74 0.83 -20.57
CA PRO D 331 25.56 1.87 -19.55
C PRO D 331 25.01 1.27 -18.26
N MET D 332 24.08 0.30 -18.37
CA MET D 332 23.39 -0.23 -17.20
C MET D 332 24.40 -1.04 -16.43
N PHE D 333 25.21 -1.85 -17.14
CA PHE D 333 26.24 -2.67 -16.53
C PHE D 333 27.29 -1.77 -15.87
N ASP D 334 27.67 -0.69 -16.55
CA ASP D 334 28.64 0.20 -15.98
C ASP D 334 28.10 0.85 -14.70
N SER D 335 26.92 1.47 -14.82
CA SER D 335 26.28 2.16 -13.73
C SER D 335 26.22 1.25 -12.51
N THR D 336 25.74 0.01 -12.71
CA THR D 336 25.52 -0.99 -11.68
C THR D 336 26.84 -1.40 -11.02
N LYS D 337 27.80 -1.76 -11.83
CA LYS D 337 29.11 -2.13 -11.28
C LYS D 337 29.66 -0.98 -10.42
N THR D 338 29.58 0.24 -10.97
CA THR D 338 30.14 1.41 -10.33
C THR D 338 29.49 1.69 -8.97
N ILE D 339 28.14 1.74 -8.91
CA ILE D 339 27.48 2.00 -7.65
C ILE D 339 27.81 0.91 -6.64
N MET D 340 27.83 -0.35 -7.08
CA MET D 340 28.10 -1.43 -6.14
C MET D 340 29.47 -1.21 -5.52
N GLY D 341 30.43 -0.80 -6.35
CA GLY D 341 31.79 -0.54 -5.88
C GLY D 341 31.81 0.60 -4.84
N MET D 342 31.11 1.68 -5.19
CA MET D 342 31.00 2.87 -4.38
C MET D 342 30.41 2.47 -3.03
N ILE D 343 29.32 1.67 -3.06
CA ILE D 343 28.63 1.40 -1.81
C ILE D 343 29.57 0.62 -0.90
N ASP D 344 30.23 -0.41 -1.43
CA ASP D 344 31.03 -1.32 -0.61
C ASP D 344 32.29 -0.63 -0.11
N VAL D 345 32.87 0.23 -0.94
CA VAL D 345 34.08 0.92 -0.60
C VAL D 345 33.80 1.89 0.54
N SER D 346 32.72 2.69 0.43
CA SER D 346 32.26 3.56 1.49
C SER D 346 32.08 2.81 2.81
N ALA D 347 31.53 1.61 2.76
CA ALA D 347 31.34 0.83 3.97
C ALA D 347 32.70 0.45 4.57
N GLU D 348 33.66 0.04 3.73
CA GLU D 348 34.96 -0.33 4.26
C GLU D 348 35.66 0.89 4.85
N PHE D 349 35.49 2.05 4.21
CA PHE D 349 36.10 3.27 4.68
C PHE D 349 35.54 3.64 6.06
N ALA D 350 34.21 3.57 6.22
CA ALA D 350 33.53 3.77 7.50
C ALA D 350 34.09 2.88 8.61
N GLN D 351 34.62 1.72 8.27
CA GLN D 351 35.10 0.78 9.27
C GLN D 351 36.57 0.98 9.53
N ASN D 352 37.18 1.95 8.84
CA ASN D 352 38.60 2.15 8.90
C ASN D 352 38.94 3.63 9.07
N VAL D 353 38.11 4.36 9.84
CA VAL D 353 38.45 5.71 10.24
C VAL D 353 38.29 5.82 11.75
N THR D 354 39.14 6.68 12.37
CA THR D 354 38.94 7.14 13.74
C THR D 354 38.90 8.67 13.77
N PHE D 355 38.16 9.20 14.74
CA PHE D 355 38.06 10.64 14.92
C PHE D 355 39.09 11.13 15.94
N ASN D 356 39.59 12.35 15.67
CA ASN D 356 40.63 12.99 16.45
C ASN D 356 39.99 13.87 17.53
N GLU D 357 39.64 13.24 18.65
CA GLU D 357 38.84 13.84 19.71
C GLU D 357 39.47 15.14 20.24
N ASP D 358 40.78 15.11 20.56
CA ASP D 358 41.46 16.29 21.07
C ASP D 358 41.47 17.42 20.06
N ARG D 359 41.88 17.18 18.81
CA ARG D 359 41.86 18.23 17.79
C ARG D 359 40.49 18.86 17.66
N ILE D 360 39.42 18.05 17.63
CA ILE D 360 38.07 18.55 17.44
C ILE D 360 37.68 19.44 18.63
N LYS D 361 37.90 18.94 19.85
CA LYS D 361 37.49 19.60 21.07
C LYS D 361 38.19 20.94 21.29
N LYS D 362 39.45 21.03 20.87
CA LYS D 362 40.21 22.26 20.87
C LYS D 362 39.57 23.34 19.99
N SER D 363 39.05 22.95 18.83
CA SER D 363 38.57 23.87 17.81
C SER D 363 37.20 24.47 18.14
N LEU D 364 36.39 23.79 18.98
CA LEU D 364 35.00 24.18 19.22
C LEU D 364 34.88 25.52 19.98
N PRO D 365 35.59 25.79 21.10
CA PRO D 365 35.32 26.97 21.91
C PRO D 365 35.23 28.34 21.22
N ALA D 366 36.03 28.52 20.15
CA ALA D 366 36.22 29.83 19.54
C ALA D 366 35.05 30.26 18.66
N GLY D 367 34.13 29.34 18.34
CA GLY D 367 33.10 29.63 17.35
C GLY D 367 31.79 30.19 17.94
N HIS D 368 31.69 30.26 19.26
CA HIS D 368 30.44 30.75 19.91
C HIS D 368 29.25 29.96 19.37
N LEU D 369 29.40 28.64 19.30
CA LEU D 369 28.37 27.79 18.72
C LEU D 369 27.14 27.75 19.64
N ASP D 370 27.32 28.14 20.92
CA ASP D 370 26.26 28.12 21.93
C ASP D 370 25.37 29.37 21.87
N ALA D 371 25.59 30.21 20.86
CA ALA D 371 24.89 31.47 20.76
C ALA D 371 23.40 31.25 20.55
N THR D 372 23.02 30.26 19.72
CA THR D 372 21.61 30.07 19.40
CA THR D 372 21.63 29.98 19.38
C THR D 372 20.84 29.54 20.60
N THR D 373 21.52 28.75 21.45
CA THR D 373 20.93 28.22 22.65
C THR D 373 20.68 29.38 23.62
N LEU D 374 21.63 30.32 23.68
CA LEU D 374 21.42 31.50 24.51
C LEU D 374 20.22 32.30 24.03
N ALA D 375 20.11 32.55 22.73
CA ALA D 375 18.96 33.23 22.15
C ALA D 375 17.66 32.50 22.48
N ASP D 376 17.70 31.15 22.47
CA ASP D 376 16.53 30.34 22.81
C ASP D 376 16.13 30.56 24.27
N TYR D 377 17.13 30.62 25.15
CA TYR D 377 16.92 30.92 26.57
C TYR D 377 16.10 32.21 26.71
N LEU D 378 16.52 33.27 26.00
CA LEU D 378 15.87 34.57 26.12
C LEU D 378 14.45 34.51 25.55
N VAL D 379 14.27 33.76 24.46
CA VAL D 379 12.97 33.61 23.81
C VAL D 379 12.01 32.86 24.75
N LYS D 380 12.54 31.86 25.46
CA LYS D 380 11.78 31.18 26.47
C LYS D 380 11.29 32.20 27.49
N LYS D 381 12.11 33.19 27.84
CA LYS D 381 11.77 34.13 28.91
C LYS D 381 10.86 35.26 28.42
N GLY D 382 10.36 35.23 27.19
CA GLY D 382 9.43 36.25 26.75
C GLY D 382 10.00 37.20 25.69
N MET D 383 11.30 37.14 25.41
CA MET D 383 11.89 38.16 24.55
C MET D 383 11.60 37.87 23.09
N PRO D 384 11.16 38.88 22.28
CA PRO D 384 10.93 38.68 20.86
C PRO D 384 12.24 38.17 20.29
N PHE D 385 12.15 37.23 19.33
CA PHE D 385 13.37 36.56 18.80
C PHE D 385 14.34 37.57 18.23
N ARG D 386 13.83 38.57 17.51
CA ARG D 386 14.74 39.50 16.86
C ARG D 386 15.55 40.26 17.92
N SER D 387 14.91 40.55 19.08
CA SER D 387 15.62 41.22 20.17
C SER D 387 16.62 40.26 20.81
N SER D 388 16.24 38.98 20.94
CA SER D 388 17.12 38.04 21.59
C SER D 388 18.39 37.87 20.77
N HIS D 389 18.27 38.00 19.44
CA HIS D 389 19.44 37.78 18.59
C HIS D 389 20.37 38.98 18.70
N ASP D 390 19.82 40.20 18.69
CA ASP D 390 20.66 41.39 18.82
C ASP D 390 21.47 41.34 20.09
N ILE D 391 20.82 40.90 21.18
CA ILE D 391 21.44 40.93 22.49
C ILE D 391 22.53 39.89 22.56
N VAL D 392 22.27 38.71 21.98
CA VAL D 392 23.27 37.66 21.98
C VAL D 392 24.44 38.09 21.10
N GLY D 393 24.12 38.73 19.97
CA GLY D 393 25.11 39.33 19.08
C GLY D 393 26.13 40.22 19.80
N LYS D 394 25.62 41.24 20.51
CA LYS D 394 26.41 42.09 21.37
C LYS D 394 27.27 41.30 22.38
N LEU D 395 26.68 40.30 23.04
CA LEU D 395 27.41 39.60 24.07
C LEU D 395 28.60 38.88 23.45
N VAL D 396 28.40 38.37 22.22
CA VAL D 396 29.43 37.59 21.58
C VAL D 396 30.58 38.52 21.20
N GLY D 397 30.24 39.73 20.73
CA GLY D 397 31.23 40.76 20.45
C GLY D 397 32.05 41.09 21.69
N VAL D 398 31.40 41.17 22.84
CA VAL D 398 32.12 41.34 24.09
C VAL D 398 33.12 40.20 24.26
N CYS D 399 32.67 38.94 24.08
CA CYS D 399 33.54 37.80 24.31
C CYS D 399 34.70 37.77 23.32
N VAL D 400 34.49 38.30 22.12
CA VAL D 400 35.47 38.28 21.05
C VAL D 400 36.62 39.21 21.42
N SER D 401 36.28 40.45 21.80
CA SER D 401 37.30 41.38 22.24
C SER D 401 38.01 40.81 23.47
N LYS D 402 37.26 40.38 24.50
CA LYS D 402 37.88 39.91 25.72
C LYS D 402 38.58 38.56 25.55
N GLY D 403 38.36 37.86 24.44
CA GLY D 403 38.94 36.55 24.19
C GLY D 403 38.46 35.48 25.19
N CYS D 404 37.14 35.44 25.44
CA CYS D 404 36.56 34.43 26.30
C CYS D 404 35.40 33.75 25.56
N GLU D 405 34.77 32.82 26.27
CA GLU D 405 33.56 32.15 25.83
C GLU D 405 32.39 32.81 26.55
N LEU D 406 31.18 32.53 26.06
CA LEU D 406 29.97 33.12 26.62
C LEU D 406 29.81 32.60 28.03
N GLN D 407 30.17 31.33 28.22
CA GLN D 407 30.12 30.65 29.51
C GLN D 407 30.93 31.37 30.59
N ASN D 408 31.89 32.19 30.18
CA ASN D 408 32.77 32.80 31.17
C ASN D 408 32.29 34.20 31.54
N LEU D 409 31.36 34.81 30.78
CA LEU D 409 30.76 36.09 31.12
C LEU D 409 30.09 35.99 32.48
N SER D 410 30.15 37.10 33.25
CA SER D 410 29.45 37.20 34.52
C SER D 410 27.97 37.44 34.26
N LEU D 411 27.15 37.04 35.22
CA LEU D 411 25.74 37.34 35.14
C LEU D 411 25.51 38.85 35.11
N GLU D 412 26.36 39.59 35.86
CA GLU D 412 26.33 41.04 35.94
C GLU D 412 26.54 41.65 34.56
N GLU D 413 27.45 41.10 33.74
CA GLU D 413 27.70 41.60 32.40
C GLU D 413 26.47 41.47 31.50
N MET D 414 25.76 40.34 31.63
CA MET D 414 24.58 40.05 30.83
C MET D 414 23.42 40.98 31.21
N LYS D 415 23.24 41.20 32.51
CA LYS D 415 22.25 42.12 33.05
C LYS D 415 22.43 43.55 32.56
N LYS D 416 23.56 43.89 31.98
CA LYS D 416 23.67 45.19 31.33
C LYS D 416 22.72 45.31 30.15
N LEU D 417 22.41 44.18 29.48
CA LEU D 417 21.61 44.21 28.27
C LEU D 417 20.14 43.90 28.55
N SER D 418 19.87 43.05 29.54
CA SER D 418 18.50 42.71 29.89
C SER D 418 18.39 42.24 31.33
N PRO D 419 17.27 42.57 32.02
CA PRO D 419 17.02 41.99 33.34
C PRO D 419 16.54 40.53 33.35
N VAL D 420 16.21 39.96 32.18
CA VAL D 420 15.66 38.61 32.16
C VAL D 420 16.74 37.56 32.50
N PHE D 421 18.02 37.83 32.24
CA PHE D 421 19.07 36.87 32.56
C PHE D 421 19.01 36.54 34.04
N GLU D 422 19.09 35.25 34.37
CA GLU D 422 19.22 34.81 35.74
C GLU D 422 20.35 33.77 35.80
N GLU D 423 20.62 33.24 37.00
CA GLU D 423 21.74 32.33 37.22
C GLU D 423 21.57 30.99 36.46
N ASP D 424 20.34 30.60 36.15
CA ASP D 424 20.12 29.38 35.40
C ASP D 424 20.71 29.43 33.98
N VAL D 425 21.25 30.59 33.57
CA VAL D 425 21.66 30.83 32.19
C VAL D 425 22.86 29.94 31.86
N PHE D 426 23.64 29.60 32.91
CA PHE D 426 24.88 28.89 32.73
C PHE D 426 24.64 27.41 32.38
N GLY D 427 23.39 26.92 32.55
CA GLY D 427 23.01 25.59 32.14
C GLY D 427 22.76 25.50 30.63
N PHE D 428 22.78 26.66 29.95
CA PHE D 428 22.50 26.79 28.53
C PHE D 428 23.75 27.19 27.74
N LEU D 429 24.92 27.23 28.40
CA LEU D 429 26.09 27.80 27.77
C LEU D 429 27.17 26.73 27.74
N GLY D 430 28.10 26.90 26.78
CA GLY D 430 29.08 25.89 26.43
C GLY D 430 28.46 24.87 25.47
N VAL D 431 29.30 24.22 24.64
CA VAL D 431 28.79 23.35 23.57
C VAL D 431 28.05 22.12 24.10
N GLU D 432 28.56 21.54 25.20
CA GLU D 432 28.01 20.33 25.80
C GLU D 432 26.59 20.58 26.32
N ASN D 433 26.35 21.77 26.87
CA ASN D 433 25.03 22.13 27.36
C ASN D 433 24.11 22.49 26.19
N SER D 434 24.65 23.17 25.17
CA SER D 434 23.92 23.49 23.94
CA SER D 434 23.91 23.51 23.96
C SER D 434 23.38 22.24 23.30
N VAL D 435 24.23 21.23 23.14
CA VAL D 435 23.79 19.98 22.53
C VAL D 435 22.66 19.36 23.35
N ASN D 436 22.81 19.29 24.69
CA ASN D 436 21.76 18.70 25.52
CA ASN D 436 21.79 18.77 25.59
C ASN D 436 20.49 19.54 25.43
N LYS D 437 20.54 20.81 25.05
CA LYS D 437 19.33 21.64 25.07
C LYS D 437 18.45 21.47 23.83
N PHE D 438 19.01 20.93 22.74
CA PHE D 438 18.19 20.68 21.56
C PHE D 438 17.16 19.61 21.93
N SER D 439 15.92 19.84 21.53
CA SER D 439 14.84 19.01 22.05
C SER D 439 13.79 18.65 20.98
N SER D 440 13.76 19.32 19.82
CA SER D 440 12.74 19.11 18.82
C SER D 440 12.93 17.71 18.19
N TYR D 441 11.86 17.13 17.66
CA TYR D 441 11.95 15.85 16.97
C TYR D 441 12.96 15.97 15.82
N GLY D 442 13.84 14.98 15.71
CA GLY D 442 14.85 14.93 14.67
C GLY D 442 16.01 15.87 14.87
N SER D 443 16.12 16.47 16.07
CA SER D 443 17.17 17.44 16.40
C SER D 443 18.45 16.71 16.78
N THR D 444 19.54 17.47 16.93
CA THR D 444 20.80 16.91 17.38
C THR D 444 20.84 16.65 18.89
N GLY D 445 19.75 16.86 19.62
CA GLY D 445 19.77 16.62 21.05
C GLY D 445 20.10 15.16 21.41
N SER D 446 20.82 15.01 22.52
CA SER D 446 21.34 13.72 22.96
C SER D 446 20.25 12.66 23.06
N ASN D 447 19.12 13.00 23.65
CA ASN D 447 18.01 12.05 23.77
C ASN D 447 17.32 11.83 22.43
N CYS D 448 17.28 12.86 21.57
CA CYS D 448 16.65 12.75 20.25
C CYS D 448 17.50 11.88 19.32
N VAL D 449 18.82 12.08 19.34
CA VAL D 449 19.73 11.27 18.56
C VAL D 449 19.71 9.83 19.09
N ALA D 450 19.63 9.68 20.43
CA ALA D 450 19.58 8.36 21.07
C ALA D 450 18.37 7.56 20.58
N GLU D 451 17.25 8.23 20.46
CA GLU D 451 16.05 7.55 20.00
C GLU D 451 16.21 7.11 18.54
N GLN D 452 16.74 7.98 17.69
CA GLN D 452 16.88 7.66 16.29
C GLN D 452 17.86 6.49 16.15
N LEU D 453 18.91 6.47 16.94
CA LEU D 453 19.87 5.37 16.87
C LEU D 453 19.18 4.05 17.22
N GLY D 454 18.40 4.02 18.31
CA GLY D 454 17.68 2.83 18.74
C GLY D 454 16.73 2.34 17.65
N TYR D 455 16.12 3.30 16.92
CA TYR D 455 15.25 3.00 15.79
C TYR D 455 16.02 2.31 14.68
N TRP D 456 17.26 2.75 14.46
CA TRP D 456 18.02 2.19 13.34
C TRP D 456 18.61 0.85 13.70
N VAL D 457 19.04 0.73 14.95
CA VAL D 457 19.57 -0.53 15.42
C VAL D 457 18.52 -1.62 15.19
N ASN D 458 17.27 -1.32 15.53
CA ASN D 458 16.18 -2.29 15.48
C ASN D 458 15.83 -2.62 14.02
N LYS D 459 15.67 -1.60 13.17
CA LYS D 459 15.38 -1.77 11.76
C LYS D 459 16.46 -2.57 11.02
N LEU D 460 17.76 -2.33 11.28
CA LEU D 460 18.82 -3.01 10.55
C LEU D 460 19.20 -4.31 11.23
N ASN D 461 18.55 -4.66 12.34
CA ASN D 461 18.80 -5.91 13.07
C ASN D 461 20.25 -5.96 13.54
N ILE D 462 20.75 -4.85 14.11
CA ILE D 462 22.10 -4.79 14.63
C ILE D 462 22.13 -5.38 16.03
N THR D 463 23.21 -6.11 16.35
CA THR D 463 23.41 -6.75 17.65
C THR D 463 24.83 -6.53 18.10
N GLU E 15 -36.21 7.56 -5.62
CA GLU E 15 -37.21 7.02 -4.68
C GLU E 15 -37.56 8.12 -3.65
N SER E 16 -38.85 8.26 -3.34
CA SER E 16 -39.33 9.13 -2.27
C SER E 16 -38.83 8.68 -0.89
N VAL E 17 -38.76 9.62 0.06
CA VAL E 17 -38.45 9.29 1.45
C VAL E 17 -39.59 8.49 2.06
N THR E 18 -40.82 8.88 1.73
CA THR E 18 -41.99 8.18 2.23
C THR E 18 -41.93 6.74 1.72
N GLU E 19 -41.48 6.58 0.48
CA GLU E 19 -41.45 5.25 -0.14
C GLU E 19 -40.36 4.41 0.53
N LYS E 20 -39.21 5.03 0.80
CA LYS E 20 -38.10 4.29 1.37
C LYS E 20 -38.45 3.81 2.78
N VAL E 21 -39.11 4.69 3.53
CA VAL E 21 -39.53 4.42 4.90
C VAL E 21 -40.66 3.40 4.91
N GLU E 22 -41.54 3.43 3.90
CA GLU E 22 -42.55 2.39 3.74
C GLU E 22 -41.91 1.01 3.58
N LYS E 23 -40.93 0.86 2.67
CA LYS E 23 -40.31 -0.43 2.43
C LYS E 23 -39.55 -0.92 3.65
N PHE E 24 -38.97 0.01 4.42
CA PHE E 24 -38.14 -0.34 5.55
C PHE E 24 -38.97 -0.82 6.74
N THR E 25 -40.21 -0.32 6.90
CA THR E 25 -40.99 -0.54 8.10
C THR E 25 -42.04 -1.62 7.92
N GLU E 26 -42.42 -1.87 6.64
CA GLU E 26 -43.47 -2.82 6.30
C GLU E 26 -43.13 -4.20 6.86
N SER E 27 -44.11 -4.89 7.45
CA SER E 27 -43.90 -6.23 7.98
C SER E 27 -44.77 -7.29 7.27
N ILE E 28 -45.66 -6.86 6.36
CA ILE E 28 -46.66 -7.76 5.79
C ILE E 28 -45.97 -8.84 4.98
N SER E 29 -44.78 -8.53 4.45
CA SER E 29 -44.04 -9.47 3.63
C SER E 29 -43.65 -10.73 4.41
N PHE E 30 -43.52 -10.63 5.75
CA PHE E 30 -43.30 -11.81 6.59
C PHE E 30 -44.44 -12.10 7.57
N ASP E 31 -45.26 -11.12 7.97
CA ASP E 31 -46.17 -11.33 9.10
C ASP E 31 -47.55 -11.82 8.65
N LYS E 32 -47.80 -11.80 7.34
CA LYS E 32 -49.00 -12.43 6.77
C LYS E 32 -49.18 -13.87 7.26
N VAL E 33 -48.10 -14.55 7.70
CA VAL E 33 -48.20 -15.95 8.11
C VAL E 33 -48.92 -16.10 9.45
N LEU E 34 -49.30 -14.98 10.06
CA LEU E 34 -50.00 -14.99 11.33
C LEU E 34 -51.51 -14.84 11.09
N TYR E 35 -51.94 -14.78 9.81
CA TYR E 35 -53.33 -14.46 9.49
C TYR E 35 -54.34 -15.33 10.26
N LYS E 36 -54.08 -16.63 10.46
CA LYS E 36 -55.08 -17.48 11.11
C LYS E 36 -55.28 -17.03 12.55
N GLN E 37 -54.17 -16.80 13.26
CA GLN E 37 -54.22 -16.43 14.66
C GLN E 37 -54.78 -15.01 14.83
N ASP E 38 -54.48 -14.10 13.88
CA ASP E 38 -55.00 -12.75 13.91
C ASP E 38 -56.54 -12.82 13.85
N ILE E 39 -57.06 -13.72 13.00
CA ILE E 39 -58.50 -13.80 12.80
C ILE E 39 -59.16 -14.42 14.03
N MET E 40 -58.54 -15.50 14.58
CA MET E 40 -59.00 -16.18 15.79
C MET E 40 -59.12 -15.11 16.87
N GLY E 41 -58.13 -14.21 16.88
CA GLY E 41 -58.01 -13.18 17.91
C GLY E 41 -59.11 -12.14 17.78
N SER E 42 -59.33 -11.65 16.56
CA SER E 42 -60.31 -10.60 16.30
C SER E 42 -61.74 -11.11 16.51
N LYS E 43 -62.00 -12.41 16.27
CA LYS E 43 -63.30 -12.98 16.49
C LYS E 43 -63.59 -13.03 17.99
N ALA E 44 -62.64 -13.50 18.80
CA ALA E 44 -62.83 -13.59 20.24
C ALA E 44 -63.02 -12.19 20.83
N HIS E 45 -62.32 -11.20 20.27
CA HIS E 45 -62.46 -9.81 20.68
C HIS E 45 -63.84 -9.27 20.35
N ALA E 46 -64.29 -9.47 19.10
CA ALA E 46 -65.62 -9.07 18.65
C ALA E 46 -66.69 -9.67 19.59
N SER E 47 -66.56 -10.95 19.95
CA SER E 47 -67.54 -11.64 20.78
C SER E 47 -67.58 -11.09 22.20
N MET E 48 -66.42 -10.74 22.74
CA MET E 48 -66.39 -10.16 24.09
C MET E 48 -67.00 -8.75 24.08
N LEU E 49 -66.72 -7.93 23.03
CA LEU E 49 -67.24 -6.57 22.88
C LEU E 49 -68.78 -6.60 22.87
N ALA E 50 -69.38 -7.45 22.02
CA ALA E 50 -70.81 -7.60 21.97
C ALA E 50 -71.36 -8.09 23.30
N HIS E 51 -70.76 -9.14 23.88
CA HIS E 51 -71.15 -9.57 25.23
C HIS E 51 -71.07 -8.47 26.27
N GLN E 52 -70.13 -7.53 26.13
CA GLN E 52 -69.97 -6.47 27.13
C GLN E 52 -70.76 -5.20 26.78
N GLY E 53 -71.55 -5.21 25.70
CA GLY E 53 -72.35 -4.04 25.34
C GLY E 53 -71.59 -2.99 24.53
N LEU E 54 -70.33 -3.23 24.12
CA LEU E 54 -69.56 -2.20 23.46
C LEU E 54 -69.87 -2.12 21.97
N ILE E 55 -70.26 -3.26 21.38
CA ILE E 55 -70.83 -3.28 20.04
C ILE E 55 -72.13 -4.10 20.09
N THR E 56 -72.94 -3.94 19.05
CA THR E 56 -74.18 -4.67 18.98
C THR E 56 -73.90 -6.10 18.52
N ASP E 57 -74.92 -6.96 18.68
CA ASP E 57 -74.81 -8.35 18.25
C ASP E 57 -74.81 -8.41 16.72
N SER E 58 -75.46 -7.44 16.06
CA SER E 58 -75.44 -7.47 14.61
C SER E 58 -74.05 -7.07 14.13
N ASP E 59 -73.42 -6.11 14.81
CA ASP E 59 -72.03 -5.76 14.51
C ASP E 59 -71.19 -7.03 14.63
N LYS E 60 -71.29 -7.75 15.75
CA LYS E 60 -70.56 -8.98 15.95
CA LYS E 60 -70.57 -8.99 15.96
C LYS E 60 -70.81 -9.92 14.77
N ASP E 61 -72.08 -10.18 14.48
CA ASP E 61 -72.45 -11.12 13.43
C ASP E 61 -71.73 -10.77 12.13
N SER E 62 -71.68 -9.50 11.72
CA SER E 62 -71.03 -9.13 10.45
C SER E 62 -69.51 -9.29 10.51
N ILE E 63 -68.91 -8.93 11.64
CA ILE E 63 -67.47 -9.05 11.79
C ILE E 63 -67.08 -10.52 11.65
N LEU E 64 -67.84 -11.41 12.30
CA LEU E 64 -67.51 -12.84 12.33
C LEU E 64 -67.69 -13.44 10.95
N ARG E 65 -68.83 -13.21 10.29
CA ARG E 65 -69.06 -13.72 8.94
C ARG E 65 -68.01 -13.13 7.98
N GLY E 66 -67.64 -11.87 8.15
CA GLY E 66 -66.69 -11.24 7.24
C GLY E 66 -65.24 -11.73 7.43
N LEU E 67 -64.85 -12.00 8.68
CA LEU E 67 -63.53 -12.54 8.98
C LEU E 67 -63.42 -13.99 8.51
N ASP E 68 -64.53 -14.74 8.60
CA ASP E 68 -64.59 -16.07 7.99
C ASP E 68 -64.41 -15.93 6.48
N ASP E 69 -65.08 -14.96 5.83
CA ASP E 69 -64.97 -14.83 4.39
CA ASP E 69 -64.96 -14.79 4.38
C ASP E 69 -63.51 -14.55 4.01
N ILE E 70 -62.84 -13.64 4.76
CA ILE E 70 -61.50 -13.22 4.41
C ILE E 70 -60.54 -14.40 4.61
N GLU E 71 -60.80 -15.21 5.63
CA GLU E 71 -59.97 -16.38 5.87
C GLU E 71 -60.07 -17.35 4.68
N ARG E 72 -61.27 -17.54 4.12
CA ARG E 72 -61.44 -18.43 2.99
C ARG E 72 -60.68 -17.86 1.81
N GLN E 73 -60.81 -16.55 1.54
CA GLN E 73 -60.09 -15.88 0.48
C GLN E 73 -58.59 -16.16 0.55
N ILE E 74 -58.05 -16.19 1.77
CA ILE E 74 -56.62 -16.40 2.01
C ILE E 74 -56.29 -17.87 1.78
N GLU E 75 -57.13 -18.77 2.29
CA GLU E 75 -56.85 -20.19 2.13
C GLU E 75 -56.79 -20.51 0.63
N ALA E 76 -57.43 -19.69 -0.20
CA ALA E 76 -57.65 -20.02 -1.59
C ALA E 76 -56.67 -19.25 -2.47
N ASN E 77 -55.73 -18.52 -1.86
CA ASN E 77 -54.77 -17.70 -2.59
C ASN E 77 -55.43 -16.59 -3.41
N LYS E 78 -56.58 -16.09 -2.96
CA LYS E 78 -57.32 -15.06 -3.68
C LYS E 78 -57.27 -13.72 -2.95
N PHE E 79 -56.44 -13.62 -1.90
CA PHE E 79 -56.33 -12.40 -1.11
C PHE E 79 -55.09 -11.63 -1.56
N GLU E 80 -55.22 -10.34 -1.85
CA GLU E 80 -54.06 -9.52 -2.20
C GLU E 80 -53.51 -8.78 -0.97
N TRP E 81 -52.35 -9.25 -0.48
CA TRP E 81 -51.64 -8.57 0.58
C TRP E 81 -51.01 -7.30 0.01
N ARG E 82 -50.98 -6.20 0.80
CA ARG E 82 -50.52 -4.91 0.30
C ARG E 82 -49.51 -4.28 1.24
N THR E 83 -48.36 -3.86 0.69
CA THR E 83 -47.30 -3.21 1.45
CA THR E 83 -47.31 -3.23 1.47
C THR E 83 -47.79 -1.86 1.96
N ASP E 84 -48.71 -1.23 1.22
CA ASP E 84 -49.27 0.05 1.66
C ASP E 84 -50.24 -0.08 2.83
N ARG E 85 -50.56 -1.32 3.24
CA ARG E 85 -51.46 -1.58 4.41
C ARG E 85 -50.57 -1.97 5.59
N GLU E 86 -49.25 -2.09 5.37
CA GLU E 86 -48.28 -2.09 6.45
C GLU E 86 -48.06 -3.52 6.93
N ASP E 87 -49.13 -4.12 7.53
CA ASP E 87 -48.98 -5.33 8.32
C ASP E 87 -50.21 -6.24 8.18
N VAL E 88 -50.15 -7.43 8.81
CA VAL E 88 -51.21 -8.43 8.73
C VAL E 88 -52.49 -7.88 9.38
N HIS E 89 -52.33 -7.12 10.48
CA HIS E 89 -53.47 -6.60 11.25
C HIS E 89 -54.24 -5.64 10.37
N MET E 90 -53.53 -4.70 9.73
CA MET E 90 -54.13 -3.58 9.03
C MET E 90 -54.61 -4.05 7.66
N ASN E 91 -53.96 -5.08 7.11
CA ASN E 91 -54.41 -5.63 5.84
C ASN E 91 -55.80 -6.24 6.00
N ILE E 92 -55.98 -6.98 7.11
CA ILE E 92 -57.23 -7.69 7.36
C ILE E 92 -58.32 -6.69 7.76
N GLU E 93 -57.99 -5.74 8.64
CA GLU E 93 -58.94 -4.76 9.11
C GLU E 93 -59.47 -3.98 7.91
N ALA E 94 -58.59 -3.59 6.98
CA ALA E 94 -58.98 -2.78 5.83
C ALA E 94 -59.79 -3.57 4.79
N ALA E 95 -59.50 -4.87 4.66
CA ALA E 95 -60.26 -5.73 3.76
C ALA E 95 -61.64 -5.98 4.35
N LEU E 96 -61.69 -6.17 5.68
CA LEU E 96 -62.95 -6.34 6.39
C LEU E 96 -63.82 -5.11 6.19
N THR E 97 -63.20 -3.91 6.26
CA THR E 97 -63.94 -2.68 6.12
C THR E 97 -64.57 -2.65 4.74
N ASP E 98 -63.79 -2.96 3.69
CA ASP E 98 -64.28 -2.89 2.30
C ASP E 98 -65.41 -3.87 2.06
N LEU E 99 -65.45 -4.92 2.89
CA LEU E 99 -66.42 -6.00 2.81
C LEU E 99 -67.71 -5.67 3.60
N ILE E 100 -67.63 -5.34 4.89
CA ILE E 100 -68.83 -5.14 5.67
C ILE E 100 -69.03 -3.67 6.09
N GLY E 101 -68.11 -2.77 5.73
CA GLY E 101 -68.33 -1.34 5.92
C GLY E 101 -68.08 -0.85 7.35
N GLU E 102 -69.05 -0.11 7.90
CA GLU E 102 -68.83 0.71 9.07
C GLU E 102 -68.57 -0.11 10.34
N PRO E 103 -69.29 -1.22 10.62
CA PRO E 103 -69.01 -2.05 11.81
C PRO E 103 -67.60 -2.61 11.94
N ALA E 104 -66.87 -2.75 10.82
CA ALA E 104 -65.52 -3.27 10.88
C ALA E 104 -64.63 -2.38 11.74
N LYS E 105 -64.96 -1.08 11.81
CA LYS E 105 -64.10 -0.11 12.49
C LYS E 105 -64.22 -0.20 14.02
N LYS E 106 -65.34 -0.74 14.52
CA LYS E 106 -65.56 -0.92 15.93
C LYS E 106 -64.66 -1.99 16.53
N LEU E 107 -63.96 -2.70 15.65
CA LEU E 107 -63.13 -3.79 16.09
C LEU E 107 -61.90 -3.24 16.78
N HIS E 108 -61.58 -1.97 16.44
CA HIS E 108 -60.51 -1.26 17.09
C HIS E 108 -60.82 -0.83 18.54
N THR E 109 -62.10 -0.90 18.96
CA THR E 109 -62.50 -0.58 20.32
C THR E 109 -61.69 -1.37 21.36
N ALA E 110 -61.06 -0.66 22.30
CA ALA E 110 -60.42 -1.30 23.45
C ALA E 110 -59.32 -2.29 23.05
N ARG E 111 -58.67 -1.98 21.92
CA ARG E 111 -57.54 -2.78 21.46
C ARG E 111 -56.49 -1.92 20.75
N SER E 112 -55.20 -2.28 20.86
CA SER E 112 -54.11 -1.65 20.11
C SER E 112 -53.37 -2.74 19.35
N ARG E 113 -52.58 -2.35 18.35
CA ARG E 113 -51.72 -3.35 17.68
C ARG E 113 -50.65 -3.87 18.66
N ASN E 114 -50.35 -3.15 19.76
CA ASN E 114 -49.38 -3.63 20.73
C ASN E 114 -49.88 -4.91 21.44
N ASP E 115 -51.14 -4.95 21.86
CA ASP E 115 -51.63 -6.13 22.55
C ASP E 115 -52.12 -7.19 21.54
N GLN E 116 -52.56 -6.75 20.35
CA GLN E 116 -53.00 -7.65 19.29
C GLN E 116 -51.82 -8.48 18.78
N VAL E 117 -50.70 -7.81 18.51
CA VAL E 117 -49.56 -8.51 17.93
C VAL E 117 -49.02 -9.53 18.91
N ALA E 118 -49.02 -9.18 20.19
CA ALA E 118 -48.49 -10.06 21.23
C ALA E 118 -49.36 -11.32 21.42
N THR E 119 -50.68 -11.13 21.34
CA THR E 119 -51.64 -12.22 21.37
C THR E 119 -51.43 -13.17 20.18
N ASP E 120 -51.51 -12.62 18.95
CA ASP E 120 -51.30 -13.36 17.72
C ASP E 120 -50.01 -14.18 17.80
N PHE E 121 -48.91 -13.54 18.19
CA PHE E 121 -47.61 -14.19 18.08
C PHE E 121 -47.53 -15.34 19.10
N ARG E 122 -48.05 -15.15 20.30
CA ARG E 122 -48.19 -16.20 21.29
C ARG E 122 -49.02 -17.37 20.77
N LEU E 123 -50.13 -17.10 20.06
CA LEU E 123 -51.01 -18.16 19.58
C LEU E 123 -50.24 -18.93 18.51
N TRP E 124 -49.57 -18.21 17.60
CA TRP E 124 -48.79 -18.86 16.56
C TRP E 124 -47.71 -19.78 17.15
N CYS E 125 -47.06 -19.31 18.21
CA CYS E 125 -45.99 -20.05 18.82
C CYS E 125 -46.54 -21.31 19.48
N ARG E 126 -47.68 -21.20 20.16
CA ARG E 126 -48.32 -22.36 20.84
C ARG E 126 -48.66 -23.46 19.81
N ASP E 127 -49.16 -23.05 18.65
CA ASP E 127 -49.48 -24.02 17.60
C ASP E 127 -48.21 -24.67 17.08
N ALA E 128 -47.15 -23.86 16.85
CA ALA E 128 -45.87 -24.34 16.35
C ALA E 128 -45.28 -25.35 17.31
N ILE E 129 -45.32 -25.07 18.60
CA ILE E 129 -44.79 -25.97 19.60
C ILE E 129 -45.53 -27.30 19.56
N ASP E 130 -46.86 -27.26 19.41
CA ASP E 130 -47.65 -28.49 19.34
C ASP E 130 -47.22 -29.36 18.15
N THR E 131 -47.03 -28.71 17.00
CA THR E 131 -46.55 -29.35 15.78
C THR E 131 -45.13 -29.95 15.96
N ILE E 132 -44.19 -29.22 16.56
CA ILE E 132 -42.83 -29.71 16.78
C ILE E 132 -42.82 -30.94 17.70
N ILE E 133 -43.68 -30.99 18.72
CA ILE E 133 -43.72 -32.15 19.61
C ILE E 133 -44.15 -33.40 18.81
N VAL E 134 -45.12 -33.26 17.89
CA VAL E 134 -45.58 -34.38 17.09
C VAL E 134 -44.40 -34.88 16.26
N LYS E 135 -43.64 -33.97 15.68
CA LYS E 135 -42.51 -34.33 14.86
C LYS E 135 -41.40 -34.96 15.68
N ILE E 136 -41.16 -34.52 16.92
CA ILE E 136 -40.16 -35.14 17.78
C ILE E 136 -40.56 -36.60 18.05
N ARG E 137 -41.82 -36.85 18.39
CA ARG E 137 -42.35 -38.22 18.66
C ARG E 137 -42.13 -39.11 17.44
N ASN E 138 -42.41 -38.56 16.26
CA ASN E 138 -42.18 -39.30 15.02
C ASN E 138 -40.71 -39.69 14.90
N LEU E 139 -39.81 -38.73 15.18
CA LEU E 139 -38.38 -39.04 15.07
C LEU E 139 -38.01 -40.05 16.16
N GLN E 140 -38.44 -39.82 17.40
CA GLN E 140 -38.11 -40.79 18.42
C GLN E 140 -38.59 -42.18 18.02
N ARG E 141 -39.74 -42.24 17.35
CA ARG E 141 -40.30 -43.54 16.96
C ARG E 141 -39.46 -44.21 15.87
N ALA E 142 -39.09 -43.42 14.85
CA ALA E 142 -38.19 -43.87 13.80
C ALA E 142 -36.93 -44.48 14.40
N LEU E 143 -36.44 -43.87 15.49
CA LEU E 143 -35.18 -44.26 16.09
C LEU E 143 -35.28 -45.57 16.85
N VAL E 144 -36.32 -45.75 17.66
CA VAL E 144 -36.53 -46.95 18.47
C VAL E 144 -36.87 -48.13 17.56
N GLU E 145 -37.54 -47.88 16.41
CA GLU E 145 -37.86 -48.90 15.43
C GLU E 145 -36.60 -49.41 14.72
N LEU E 146 -35.74 -48.50 14.29
CA LEU E 146 -34.40 -48.80 13.82
C LEU E 146 -33.63 -49.57 14.88
N ALA E 147 -33.80 -49.22 16.15
CA ALA E 147 -33.11 -49.91 17.22
C ALA E 147 -33.57 -51.36 17.30
N LEU E 148 -34.91 -51.58 17.31
CA LEU E 148 -35.53 -52.89 17.41
C LEU E 148 -35.15 -53.76 16.21
N LYS E 149 -35.12 -53.16 15.03
CA LYS E 149 -34.81 -53.85 13.81
C LYS E 149 -33.36 -54.34 13.77
N ASN E 150 -32.43 -53.70 14.50
CA ASN E 150 -31.03 -54.06 14.50
C ASN E 150 -30.55 -54.30 15.94
N GLU E 151 -31.35 -55.03 16.73
CA GLU E 151 -31.24 -55.07 18.19
C GLU E 151 -29.95 -55.75 18.66
N ALA E 152 -29.40 -56.66 17.86
CA ALA E 152 -28.28 -57.49 18.29
C ALA E 152 -26.93 -56.94 17.83
N LEU E 153 -26.93 -55.82 17.13
CA LEU E 153 -25.72 -55.34 16.47
C LEU E 153 -24.81 -54.67 17.49
N ILE E 154 -23.53 -55.03 17.48
CA ILE E 154 -22.56 -54.47 18.40
C ILE E 154 -21.64 -53.52 17.63
N VAL E 155 -21.50 -52.28 18.13
CA VAL E 155 -20.54 -51.33 17.60
C VAL E 155 -19.61 -50.87 18.73
N PRO E 156 -18.45 -50.27 18.41
CA PRO E 156 -17.64 -49.62 19.44
C PRO E 156 -18.36 -48.43 20.05
N GLY E 157 -18.17 -48.23 21.35
CA GLY E 157 -18.48 -46.96 22.00
C GLY E 157 -17.22 -46.11 22.11
N TYR E 158 -17.36 -44.78 21.89
CA TYR E 158 -16.20 -43.89 21.70
C TYR E 158 -16.12 -42.87 22.85
N THR E 159 -14.90 -42.65 23.37
CA THR E 159 -14.53 -41.44 24.09
C THR E 159 -13.26 -40.90 23.42
N HIS E 160 -13.24 -39.58 23.18
CA HIS E 160 -12.13 -38.90 22.52
C HIS E 160 -11.99 -39.38 21.07
N LEU E 161 -13.11 -39.85 20.50
CA LEU E 161 -13.17 -40.60 19.24
C LEU E 161 -12.16 -41.76 19.19
N GLN E 162 -11.97 -42.39 20.34
CA GLN E 162 -11.16 -43.59 20.53
C GLN E 162 -12.07 -44.66 21.14
N ARG E 163 -11.78 -45.92 20.80
CA ARG E 163 -12.60 -47.07 21.13
C ARG E 163 -12.48 -47.39 22.61
N ALA E 164 -13.60 -47.40 23.32
CA ALA E 164 -13.55 -47.41 24.76
C ALA E 164 -14.15 -48.72 25.25
N GLN E 165 -15.41 -48.97 24.89
CA GLN E 165 -16.08 -50.21 25.27
CA GLN E 165 -16.08 -50.21 25.28
C GLN E 165 -16.99 -50.64 24.13
N PRO E 166 -17.44 -51.92 24.08
CA PRO E 166 -18.38 -52.36 23.07
C PRO E 166 -19.79 -52.06 23.56
N VAL E 167 -20.63 -51.49 22.68
CA VAL E 167 -22.00 -51.19 23.01
C VAL E 167 -22.95 -51.74 21.94
N LEU E 168 -24.21 -51.97 22.33
CA LEU E 168 -25.26 -52.33 21.37
C LEU E 168 -25.75 -51.09 20.62
N LEU E 169 -25.98 -51.24 19.30
CA LEU E 169 -26.46 -50.16 18.46
C LEU E 169 -27.73 -49.55 19.06
N PRO E 170 -28.70 -50.37 19.55
CA PRO E 170 -29.86 -49.86 20.28
C PRO E 170 -29.56 -48.91 21.43
N HIS E 171 -28.46 -49.12 22.13
CA HIS E 171 -28.09 -48.25 23.24
C HIS E 171 -27.68 -46.85 22.75
N VAL E 172 -26.98 -46.78 21.62
CA VAL E 172 -26.53 -45.54 21.01
C VAL E 172 -27.76 -44.77 20.53
N LEU E 173 -28.66 -45.49 19.88
CA LEU E 173 -29.81 -44.83 19.29
C LEU E 173 -30.70 -44.30 20.41
N LEU E 174 -30.76 -45.01 21.53
CA LEU E 174 -31.56 -44.60 22.66
C LEU E 174 -30.99 -43.33 23.33
N THR E 175 -29.68 -43.09 23.17
CA THR E 175 -29.08 -41.83 23.57
C THR E 175 -29.87 -40.68 22.94
N PHE E 176 -30.07 -40.72 21.61
CA PHE E 176 -30.68 -39.61 20.90
C PHE E 176 -32.13 -39.47 21.30
N VAL E 177 -32.76 -40.59 21.65
CA VAL E 177 -34.17 -40.60 22.00
C VAL E 177 -34.34 -39.86 23.33
N GLU E 178 -33.43 -40.14 24.28
CA GLU E 178 -33.40 -39.50 25.57
C GLU E 178 -33.10 -38.01 25.44
N GLN E 179 -32.16 -37.64 24.58
CA GLN E 179 -31.89 -36.23 24.27
C GLN E 179 -33.19 -35.53 23.86
N LEU E 180 -33.89 -36.12 22.89
CA LEU E 180 -35.12 -35.58 22.32
C LEU E 180 -36.27 -35.58 23.34
N GLU E 181 -36.24 -36.41 24.38
CA GLU E 181 -37.27 -36.40 25.42
C GLU E 181 -37.13 -35.17 26.34
N ARG E 182 -35.88 -34.76 26.62
CA ARG E 182 -35.62 -33.55 27.36
C ARG E 182 -36.04 -32.34 26.54
N ASP E 183 -35.82 -32.40 25.22
CA ASP E 183 -36.30 -31.33 24.35
C ASP E 183 -37.81 -31.24 24.41
N ALA E 184 -38.51 -32.37 24.30
CA ALA E 184 -39.98 -32.35 24.36
C ALA E 184 -40.49 -31.72 25.66
N GLY E 185 -39.80 -32.03 26.78
CA GLY E 185 -40.08 -31.48 28.10
C GLY E 185 -39.90 -29.98 28.16
N ARG E 186 -38.84 -29.47 27.50
CA ARG E 186 -38.61 -28.05 27.41
C ARG E 186 -39.73 -27.39 26.63
N TYR E 187 -40.15 -28.01 25.51
CA TYR E 187 -41.29 -27.50 24.73
C TYR E 187 -42.57 -27.38 25.58
N VAL E 188 -42.86 -28.40 26.40
CA VAL E 188 -44.09 -28.45 27.18
C VAL E 188 -44.06 -27.34 28.23
N ASP E 189 -42.92 -27.19 28.90
CA ASP E 189 -42.73 -26.13 29.89
C ASP E 189 -42.80 -24.74 29.23
N CYS E 190 -42.10 -24.60 28.09
CA CYS E 190 -42.16 -23.38 27.31
C CYS E 190 -43.63 -23.03 27.02
N ARG E 191 -44.40 -23.97 26.48
CA ARG E 191 -45.82 -23.70 26.08
C ARG E 191 -46.67 -23.23 27.26
N ALA E 192 -46.46 -23.79 28.43
CA ALA E 192 -47.31 -23.48 29.56
C ALA E 192 -47.06 -22.02 29.99
N ARG E 193 -45.78 -21.61 29.98
CA ARG E 193 -45.37 -20.32 30.48
C ARG E 193 -45.82 -19.19 29.55
N LEU E 194 -45.97 -19.49 28.27
CA LEU E 194 -46.36 -18.46 27.27
C LEU E 194 -47.88 -18.43 27.11
N ASN E 195 -48.59 -19.34 27.76
CA ASN E 195 -50.01 -19.50 27.49
C ASN E 195 -50.82 -18.63 28.45
N PHE E 196 -50.48 -17.33 28.50
CA PHE E 196 -51.21 -16.32 29.24
C PHE E 196 -51.46 -15.18 28.28
N SER E 197 -52.66 -14.56 28.39
CA SER E 197 -53.21 -13.67 27.38
C SER E 197 -52.83 -12.24 27.67
N PRO E 198 -52.16 -11.56 26.71
CA PRO E 198 -51.98 -10.09 26.75
C PRO E 198 -53.14 -9.27 26.22
N LEU E 199 -54.21 -9.92 25.76
CA LEU E 199 -55.24 -9.19 25.06
C LEU E 199 -56.04 -8.45 26.12
N GLY E 200 -56.12 -7.12 25.92
CA GLY E 200 -56.81 -6.20 26.83
C GLY E 200 -55.88 -5.21 27.51
N ALA E 201 -54.57 -5.33 27.25
CA ALA E 201 -53.57 -4.38 27.67
C ALA E 201 -53.67 -3.08 26.89
N CYS E 202 -54.26 -3.12 25.70
CA CYS E 202 -54.31 -1.98 24.78
C CYS E 202 -52.88 -1.53 24.55
N ALA E 203 -52.60 -0.24 24.57
CA ALA E 203 -51.31 0.27 24.17
C ALA E 203 -50.22 -0.13 25.17
N LEU E 204 -50.60 -0.20 26.45
CA LEU E 204 -49.73 -0.55 27.56
C LEU E 204 -50.43 -0.48 28.91
N ALA E 205 -51.47 0.36 29.06
CA ALA E 205 -51.96 0.80 30.37
C ALA E 205 -53.31 0.14 30.71
N GLY E 206 -53.90 -0.54 29.73
CA GLY E 206 -55.25 -1.04 29.93
C GLY E 206 -56.26 -0.05 29.35
N THR E 207 -57.50 -0.21 29.79
CA THR E 207 -58.60 0.60 29.30
C THR E 207 -59.55 0.88 30.45
N GLY E 208 -60.33 1.97 30.33
CA GLY E 208 -61.44 2.19 31.23
C GLY E 208 -62.74 1.66 30.65
N LEU E 209 -62.72 1.12 29.42
CA LEU E 209 -63.93 0.56 28.81
C LEU E 209 -64.18 -0.81 29.41
N PRO E 210 -65.47 -1.22 29.57
CA PRO E 210 -65.82 -2.45 30.27
C PRO E 210 -65.64 -3.75 29.48
N ILE E 211 -64.38 -4.07 29.17
CA ILE E 211 -64.03 -5.33 28.56
C ILE E 211 -63.98 -6.42 29.62
N ASP E 212 -63.89 -7.68 29.15
CA ASP E 212 -63.72 -8.86 30.00
C ASP E 212 -62.53 -9.68 29.49
N ARG E 213 -61.38 -9.51 30.13
CA ARG E 213 -60.16 -10.13 29.69
C ARG E 213 -60.18 -11.62 29.98
N PHE E 214 -60.94 -12.08 30.96
CA PHE E 214 -61.00 -13.52 31.21
C PHE E 214 -61.74 -14.29 30.11
N MET E 215 -62.77 -13.66 29.55
N MET E 215 -62.73 -13.63 29.52
CA MET E 215 -63.58 -14.24 28.48
CA MET E 215 -63.60 -14.19 28.49
C MET E 215 -62.76 -14.36 27.20
C MET E 215 -62.85 -14.29 27.15
N THR E 216 -61.95 -13.36 26.86
CA THR E 216 -61.09 -13.50 25.68
C THR E 216 -59.99 -14.52 25.96
N ALA E 217 -59.43 -14.52 27.16
CA ALA E 217 -58.38 -15.49 27.44
C ALA E 217 -58.91 -16.93 27.32
N ASN E 218 -60.11 -17.15 27.87
CA ASN E 218 -60.72 -18.46 27.85
C ASN E 218 -61.05 -18.91 26.42
N ALA E 219 -61.56 -17.97 25.63
CA ALA E 219 -62.02 -18.25 24.29
C ALA E 219 -60.84 -18.62 23.39
N LEU E 220 -59.63 -18.12 23.71
CA LEU E 220 -58.46 -18.35 22.88
C LEU E 220 -57.54 -19.40 23.53
N GLY E 221 -57.96 -20.00 24.64
CA GLY E 221 -57.30 -21.20 25.14
C GLY E 221 -56.14 -20.91 26.09
N PHE E 222 -55.99 -19.65 26.52
CA PHE E 222 -54.93 -19.28 27.43
C PHE E 222 -55.41 -19.63 28.83
N THR E 223 -54.47 -19.87 29.76
CA THR E 223 -54.80 -20.27 31.12
C THR E 223 -55.54 -19.15 31.88
N GLU E 224 -55.05 -17.90 31.74
CA GLU E 224 -55.65 -16.73 32.31
C GLU E 224 -55.02 -15.49 31.67
N PRO E 225 -55.53 -14.26 31.93
CA PRO E 225 -54.96 -13.04 31.37
C PRO E 225 -53.70 -12.72 32.17
N MET E 226 -52.69 -12.14 31.49
CA MET E 226 -51.52 -11.64 32.19
C MET E 226 -51.93 -10.57 33.20
N ARG E 227 -51.17 -10.49 34.30
CA ARG E 227 -51.51 -9.66 35.47
C ARG E 227 -51.05 -8.20 35.33
N ASN E 228 -50.25 -7.88 34.32
CA ASN E 228 -49.67 -6.54 34.19
C ASN E 228 -49.71 -6.13 32.73
N SER E 229 -50.42 -5.02 32.44
CA SER E 229 -50.59 -4.50 31.10
C SER E 229 -49.25 -4.11 30.47
N ILE E 230 -48.31 -3.56 31.24
CA ILE E 230 -47.06 -3.07 30.65
C ILE E 230 -46.19 -4.26 30.25
N ASP E 231 -46.15 -5.28 31.11
CA ASP E 231 -45.56 -6.57 30.85
C ASP E 231 -46.15 -7.20 29.58
N ALA E 232 -47.48 -7.22 29.53
CA ALA E 232 -48.15 -7.84 28.42
C ALA E 232 -47.67 -7.29 27.09
N VAL E 233 -47.47 -5.96 26.96
CA VAL E 233 -47.11 -5.40 25.66
C VAL E 233 -45.59 -5.41 25.44
N SER E 234 -44.79 -5.55 26.53
CA SER E 234 -43.34 -5.36 26.43
C SER E 234 -42.60 -6.68 26.45
N ASP E 235 -43.31 -7.77 26.76
CA ASP E 235 -42.68 -9.06 27.00
C ASP E 235 -42.53 -9.91 25.71
N ARG E 236 -41.28 -10.38 25.49
CA ARG E 236 -40.97 -11.29 24.40
C ARG E 236 -40.20 -12.50 24.93
N ASP E 237 -40.33 -12.81 26.23
CA ASP E 237 -39.69 -13.99 26.81
C ASP E 237 -40.10 -15.28 26.10
N PHE E 238 -41.37 -15.40 25.75
CA PHE E 238 -41.85 -16.59 25.08
C PHE E 238 -41.08 -16.79 23.79
N VAL E 239 -40.72 -15.72 23.06
CA VAL E 239 -39.89 -15.85 21.88
C VAL E 239 -38.52 -16.40 22.25
N LEU E 240 -37.92 -15.89 23.34
CA LEU E 240 -36.58 -16.25 23.73
C LEU E 240 -36.55 -17.70 24.13
N GLU E 241 -37.49 -18.14 24.98
CA GLU E 241 -37.47 -19.52 25.49
C GLU E 241 -37.69 -20.53 24.35
N PHE E 242 -38.54 -20.16 23.36
CA PHE E 242 -38.82 -21.01 22.20
C PHE E 242 -37.57 -21.08 21.34
N LEU E 243 -36.94 -19.94 21.08
CA LEU E 243 -35.68 -19.90 20.33
C LEU E 243 -34.58 -20.73 20.99
N TYR E 244 -34.48 -20.66 22.31
CA TYR E 244 -33.47 -21.45 23.04
C TYR E 244 -33.80 -22.94 22.90
N THR E 245 -35.09 -23.29 23.03
CA THR E 245 -35.52 -24.68 23.02
C THR E 245 -35.24 -25.30 21.64
N ASN E 246 -35.57 -24.59 20.55
CA ASN E 246 -35.17 -24.94 19.18
C ASN E 246 -33.65 -25.16 19.09
N ALA E 247 -32.86 -24.35 19.80
CA ALA E 247 -31.42 -24.38 19.63
C ALA E 247 -30.83 -25.59 20.34
N ASN E 248 -31.36 -25.93 21.52
CA ASN E 248 -30.87 -27.12 22.21
C ASN E 248 -31.24 -28.38 21.38
N THR E 249 -32.44 -28.41 20.80
CA THR E 249 -32.87 -29.54 20.02
C THR E 249 -31.96 -29.68 18.81
N GLY E 250 -31.65 -28.59 18.15
CA GLY E 250 -30.76 -28.58 16.99
C GLY E 250 -29.32 -28.96 17.32
N ILE E 251 -28.90 -28.70 18.55
CA ILE E 251 -27.59 -29.17 19.00
C ILE E 251 -27.62 -30.70 18.99
N HIS E 252 -28.72 -31.28 19.49
CA HIS E 252 -28.86 -32.74 19.53
C HIS E 252 -28.81 -33.33 18.12
N LEU E 253 -29.50 -32.67 17.19
CA LEU E 253 -29.53 -33.09 15.80
C LEU E 253 -28.19 -32.91 15.09
N SER E 254 -27.37 -32.00 15.61
CA SER E 254 -26.05 -31.73 15.06
C SER E 254 -25.09 -32.81 15.52
N ARG E 255 -25.32 -33.39 16.71
CA ARG E 255 -24.55 -34.54 17.18
C ARG E 255 -24.92 -35.85 16.43
N LEU E 256 -26.23 -36.07 16.19
CA LEU E 256 -26.69 -37.13 15.30
C LEU E 256 -26.11 -36.97 13.91
N GLY E 257 -26.19 -35.77 13.33
CA GLY E 257 -25.62 -35.48 12.03
C GLY E 257 -24.13 -35.86 11.92
N GLU E 258 -23.34 -35.31 12.86
CA GLU E 258 -21.94 -35.68 13.01
C GLU E 258 -21.78 -37.20 13.14
N GLU E 259 -22.53 -37.88 14.00
CA GLU E 259 -22.35 -39.31 14.18
C GLU E 259 -22.61 -40.06 12.86
N TRP E 260 -23.69 -39.71 12.18
CA TRP E 260 -24.13 -40.41 10.99
C TRP E 260 -23.28 -40.10 9.75
N VAL E 261 -22.69 -38.89 9.68
CA VAL E 261 -21.74 -38.59 8.62
C VAL E 261 -20.45 -39.38 8.82
N LEU E 262 -20.07 -39.61 10.09
CA LEU E 262 -18.92 -40.43 10.43
C LEU E 262 -19.18 -41.89 10.05
N TRP E 263 -20.31 -42.44 10.52
CA TRP E 263 -20.66 -43.84 10.27
C TRP E 263 -20.76 -44.17 8.78
N ALA E 264 -21.10 -43.16 7.96
CA ALA E 264 -21.20 -43.26 6.52
C ALA E 264 -19.83 -43.12 5.84
N SER E 265 -18.79 -42.71 6.58
CA SER E 265 -17.47 -42.70 6.01
C SER E 265 -17.01 -44.15 5.71
N GLU E 266 -16.05 -44.33 4.79
CA GLU E 266 -15.51 -45.67 4.59
CA GLU E 266 -15.45 -45.63 4.56
C GLU E 266 -14.60 -46.03 5.75
N GLU E 267 -14.07 -45.04 6.48
CA GLU E 267 -13.13 -45.35 7.55
C GLU E 267 -13.88 -46.06 8.68
N PHE E 268 -15.09 -45.60 8.99
CA PHE E 268 -15.97 -46.30 9.91
C PHE E 268 -16.64 -47.46 9.15
N GLY E 269 -17.35 -47.13 8.06
CA GLY E 269 -17.97 -48.14 7.21
C GLY E 269 -19.20 -48.81 7.86
N PHE E 270 -19.83 -48.16 8.85
CA PHE E 270 -20.88 -48.81 9.62
C PHE E 270 -22.24 -48.71 8.92
N MET E 271 -22.44 -47.70 8.08
CA MET E 271 -23.79 -47.40 7.61
C MET E 271 -23.77 -47.03 6.12
N THR E 272 -24.81 -47.45 5.38
CA THR E 272 -24.99 -47.08 3.98
C THR E 272 -26.31 -46.31 3.82
N PRO E 273 -26.30 -45.04 3.44
CA PRO E 273 -27.58 -44.38 3.21
C PRO E 273 -28.17 -44.97 1.93
N SER E 274 -29.49 -44.97 1.80
CA SER E 274 -30.10 -45.31 0.53
C SER E 274 -29.76 -44.24 -0.49
N ASP E 275 -30.00 -44.59 -1.75
CA ASP E 275 -29.85 -43.66 -2.83
C ASP E 275 -30.68 -42.40 -2.64
N SER E 276 -31.89 -42.52 -2.09
CA SER E 276 -32.82 -41.41 -1.99
C SER E 276 -32.45 -40.39 -0.89
N VAL E 277 -31.56 -40.78 0.05
CA VAL E 277 -31.06 -39.85 1.07
C VAL E 277 -29.54 -39.59 0.93
N SER E 278 -28.96 -39.73 -0.28
CA SER E 278 -27.53 -39.48 -0.49
C SER E 278 -27.26 -38.90 -1.87
N THR E 279 -26.03 -38.50 -2.12
CA THR E 279 -25.60 -38.15 -3.48
C THR E 279 -24.34 -38.96 -3.79
N GLY E 280 -23.96 -38.96 -5.08
CA GLY E 280 -22.86 -39.79 -5.54
C GLY E 280 -22.19 -39.23 -6.79
N SER E 281 -21.41 -40.08 -7.46
CA SER E 281 -20.89 -39.73 -8.77
C SER E 281 -20.84 -40.99 -9.64
N SER E 282 -21.08 -40.79 -10.95
CA SER E 282 -20.92 -41.84 -11.95
C SER E 282 -19.46 -42.28 -12.01
N ILE E 283 -18.51 -41.33 -11.91
CA ILE E 283 -17.10 -41.65 -12.05
C ILE E 283 -16.63 -42.48 -10.87
N MET E 284 -17.21 -42.31 -9.67
CA MET E 284 -16.76 -43.08 -8.52
C MET E 284 -17.98 -43.64 -7.83
N PRO E 285 -18.52 -44.77 -8.34
CA PRO E 285 -19.79 -45.28 -7.87
C PRO E 285 -19.86 -45.82 -6.43
N GLN E 286 -18.72 -45.94 -5.74
CA GLN E 286 -18.76 -46.37 -4.36
C GLN E 286 -18.92 -45.19 -3.42
N LYS E 287 -18.88 -43.95 -3.96
CA LYS E 287 -18.84 -42.74 -3.16
C LYS E 287 -20.29 -42.36 -2.88
N LYS E 288 -20.68 -42.40 -1.60
CA LYS E 288 -22.05 -42.09 -1.19
C LYS E 288 -22.05 -41.00 -0.13
N ASN E 289 -22.44 -39.79 -0.56
CA ASN E 289 -22.34 -38.58 0.26
C ASN E 289 -23.61 -38.44 1.10
N PRO E 290 -23.57 -38.36 2.46
CA PRO E 290 -24.79 -38.16 3.23
C PRO E 290 -25.21 -36.71 3.38
N ASP E 291 -25.40 -36.03 2.25
CA ASP E 291 -25.66 -34.60 2.24
C ASP E 291 -26.76 -34.16 3.19
N PRO E 292 -27.91 -34.87 3.37
CA PRO E 292 -28.96 -34.36 4.26
C PRO E 292 -28.53 -34.28 5.73
N MET E 293 -27.77 -35.26 6.25
CA MET E 293 -27.31 -35.20 7.63
C MET E 293 -26.21 -34.14 7.82
N GLU E 294 -25.43 -33.89 6.76
CA GLU E 294 -24.49 -32.77 6.78
C GLU E 294 -25.26 -31.46 6.93
N LEU E 295 -26.35 -31.31 6.14
CA LEU E 295 -27.16 -30.11 6.21
C LEU E 295 -27.91 -30.04 7.52
N VAL E 296 -28.26 -31.17 8.14
CA VAL E 296 -28.87 -31.13 9.46
C VAL E 296 -27.88 -30.46 10.42
N ARG E 297 -26.62 -30.95 10.37
CA ARG E 297 -25.54 -30.40 11.17
C ARG E 297 -25.36 -28.92 10.90
N GLY E 298 -25.12 -28.56 9.65
CA GLY E 298 -24.96 -27.16 9.28
C GLY E 298 -26.06 -26.24 9.80
N LYS E 299 -27.31 -26.69 9.76
CA LYS E 299 -28.48 -25.84 9.98
C LYS E 299 -28.70 -25.57 11.47
N SER E 300 -28.05 -26.32 12.37
CA SER E 300 -28.02 -26.03 13.79
C SER E 300 -27.43 -24.64 14.03
N ALA E 301 -26.61 -24.16 13.06
CA ALA E 301 -25.93 -22.88 13.22
C ALA E 301 -26.95 -21.74 13.16
N ARG E 302 -27.81 -21.76 12.15
CA ARG E 302 -28.77 -20.65 11.96
C ARG E 302 -29.77 -20.61 13.12
N VAL E 303 -30.02 -21.75 13.75
CA VAL E 303 -30.96 -21.78 14.86
C VAL E 303 -30.32 -21.07 16.06
N ILE E 304 -29.00 -21.27 16.22
CA ILE E 304 -28.25 -20.55 17.24
C ILE E 304 -28.23 -19.05 16.92
N GLY E 305 -27.97 -18.69 15.68
CA GLY E 305 -27.95 -17.30 15.28
C GLY E 305 -29.28 -16.64 15.60
N ASP E 306 -30.37 -17.38 15.36
CA ASP E 306 -31.72 -16.83 15.52
C ASP E 306 -31.95 -16.50 16.99
N LEU E 307 -31.45 -17.35 17.88
CA LEU E 307 -31.56 -17.10 19.30
C LEU E 307 -30.81 -15.82 19.65
N VAL E 308 -29.55 -15.73 19.17
CA VAL E 308 -28.69 -14.59 19.47
C VAL E 308 -29.31 -13.28 19.01
N THR E 309 -30.03 -13.30 17.86
CA THR E 309 -30.66 -12.11 17.29
C THR E 309 -31.66 -11.50 18.26
N VAL E 310 -32.50 -12.34 18.89
CA VAL E 310 -33.59 -11.79 19.71
C VAL E 310 -33.08 -11.47 21.14
N LEU E 311 -32.09 -12.24 21.61
CA LEU E 311 -31.42 -11.94 22.87
C LEU E 311 -30.82 -10.53 22.78
N THR E 312 -30.13 -10.25 21.67
CA THR E 312 -29.50 -8.96 21.44
C THR E 312 -30.54 -7.86 21.22
N LEU E 313 -31.66 -8.24 20.59
CA LEU E 313 -32.74 -7.32 20.34
C LEU E 313 -33.31 -6.73 21.63
N CYS E 314 -33.55 -7.58 22.62
CA CYS E 314 -34.23 -7.20 23.85
C CYS E 314 -33.31 -6.48 24.83
N LYS E 315 -32.02 -6.76 24.74
CA LYS E 315 -31.04 -6.24 25.67
C LYS E 315 -31.09 -4.72 25.68
N GLY E 316 -31.23 -4.14 26.87
CA GLY E 316 -31.05 -2.70 27.02
C GLY E 316 -32.25 -1.85 26.57
N LEU E 317 -33.36 -2.49 26.15
CA LEU E 317 -34.47 -1.70 25.67
C LEU E 317 -35.26 -1.13 26.85
N PRO E 318 -35.73 0.12 26.79
CA PRO E 318 -36.60 0.66 27.84
C PRO E 318 -38.00 0.07 27.71
N LEU E 319 -38.86 0.35 28.71
CA LEU E 319 -40.26 0.01 28.59
C LEU E 319 -40.94 1.09 27.74
N ALA E 320 -42.11 0.79 27.14
CA ALA E 320 -42.81 -0.49 27.21
C ALA E 320 -42.76 -1.21 25.85
N TYR E 321 -43.52 -0.73 24.84
CA TYR E 321 -43.40 -1.18 23.46
C TYR E 321 -42.43 -0.26 22.73
N ASN E 322 -41.50 -0.86 21.99
CA ASN E 322 -40.63 -0.17 21.05
C ASN E 322 -40.68 -0.89 19.70
N ARG E 323 -40.52 -0.14 18.60
CA ARG E 323 -40.66 -0.68 17.26
C ARG E 323 -39.63 -1.77 16.99
N ASP E 324 -38.52 -1.73 17.71
CA ASP E 324 -37.46 -2.75 17.54
C ASP E 324 -38.07 -4.14 17.64
N PHE E 325 -39.19 -4.28 18.35
CA PHE E 325 -39.73 -5.62 18.62
C PHE E 325 -40.30 -6.27 17.36
N GLN E 326 -40.50 -5.48 16.29
CA GLN E 326 -40.91 -6.01 15.00
C GLN E 326 -39.90 -7.03 14.45
N GLU E 327 -38.65 -6.93 14.88
CA GLU E 327 -37.60 -7.85 14.44
C GLU E 327 -37.62 -9.17 15.20
N ASP E 328 -38.63 -9.43 16.05
CA ASP E 328 -38.76 -10.69 16.79
C ASP E 328 -39.34 -11.83 15.92
N LYS E 329 -40.00 -11.50 14.80
CA LYS E 329 -40.76 -12.47 14.02
C LYS E 329 -39.91 -13.33 13.09
N GLU E 330 -39.14 -12.67 12.21
CA GLU E 330 -38.39 -13.37 11.19
C GLU E 330 -37.50 -14.44 11.82
N PRO E 331 -36.77 -14.18 12.92
CA PRO E 331 -35.93 -15.23 13.49
C PRO E 331 -36.73 -16.37 14.11
N MET E 332 -37.85 -16.08 14.77
CA MET E 332 -38.66 -17.17 15.30
C MET E 332 -39.18 -18.03 14.15
N PHE E 333 -39.69 -17.38 13.09
CA PHE E 333 -40.18 -18.10 11.92
C PHE E 333 -39.09 -18.95 11.28
N ASP E 334 -37.87 -18.40 11.16
CA ASP E 334 -36.76 -19.11 10.59
C ASP E 334 -36.31 -20.24 11.50
N SER E 335 -36.21 -19.95 12.82
CA SER E 335 -35.88 -20.99 13.78
C SER E 335 -36.84 -22.16 13.63
N THR E 336 -38.15 -21.89 13.58
CA THR E 336 -39.17 -22.92 13.66
C THR E 336 -39.19 -23.76 12.37
N LYS E 337 -39.09 -23.07 11.21
CA LYS E 337 -39.05 -23.76 9.94
C LYS E 337 -37.83 -24.66 9.89
N THR E 338 -36.72 -24.19 10.46
CA THR E 338 -35.49 -24.94 10.37
C THR E 338 -35.57 -26.16 11.28
N ILE E 339 -35.96 -25.99 12.54
CA ILE E 339 -35.93 -27.16 13.41
C ILE E 339 -36.90 -28.24 12.88
N MET E 340 -38.02 -27.84 12.31
CA MET E 340 -39.02 -28.80 11.78
C MET E 340 -38.40 -29.58 10.62
N GLY E 341 -37.72 -28.90 9.71
CA GLY E 341 -37.01 -29.54 8.62
C GLY E 341 -35.97 -30.54 9.14
N MET E 342 -35.22 -30.12 10.15
CA MET E 342 -34.12 -30.92 10.65
C MET E 342 -34.69 -32.19 11.27
N ILE E 343 -35.79 -32.06 12.05
CA ILE E 343 -36.39 -33.20 12.72
C ILE E 343 -36.94 -34.20 11.68
N ASP E 344 -37.67 -33.71 10.69
CA ASP E 344 -38.29 -34.55 9.68
C ASP E 344 -37.26 -35.22 8.78
N VAL E 345 -36.22 -34.50 8.38
CA VAL E 345 -35.20 -35.07 7.51
C VAL E 345 -34.42 -36.14 8.30
N SER E 346 -34.10 -35.91 9.56
CA SER E 346 -33.47 -36.95 10.39
C SER E 346 -34.33 -38.22 10.46
N ALA E 347 -35.64 -38.07 10.71
CA ALA E 347 -36.54 -39.22 10.84
C ALA E 347 -36.51 -40.05 9.54
N GLU E 348 -36.58 -39.34 8.40
CA GLU E 348 -36.54 -39.93 7.07
C GLU E 348 -35.19 -40.61 6.86
N PHE E 349 -34.08 -40.01 7.31
CA PHE E 349 -32.79 -40.65 7.16
C PHE E 349 -32.75 -41.94 7.99
N ALA E 350 -33.31 -41.91 9.22
CA ALA E 350 -33.31 -43.08 10.10
C ALA E 350 -34.05 -44.25 9.44
N GLN E 351 -34.94 -43.96 8.48
CA GLN E 351 -35.74 -44.98 7.84
C GLN E 351 -35.11 -45.44 6.51
N ASN E 352 -34.00 -44.83 6.06
CA ASN E 352 -33.37 -45.11 4.78
C ASN E 352 -31.87 -45.37 4.98
N VAL E 353 -31.55 -46.13 6.04
CA VAL E 353 -30.18 -46.52 6.30
C VAL E 353 -30.15 -47.99 6.66
N THR E 354 -29.06 -48.64 6.28
CA THR E 354 -28.79 -50.02 6.65
C THR E 354 -27.37 -50.07 7.19
N PHE E 355 -27.18 -51.01 8.12
CA PHE E 355 -25.94 -51.27 8.81
C PHE E 355 -25.17 -52.38 8.08
N ASN E 356 -23.85 -52.17 7.92
CA ASN E 356 -22.94 -53.02 7.19
C ASN E 356 -22.32 -54.00 8.18
N GLU E 357 -23.00 -55.12 8.41
CA GLU E 357 -22.79 -55.91 9.61
C GLU E 357 -21.45 -56.65 9.50
N ASP E 358 -21.04 -56.98 8.28
CA ASP E 358 -19.79 -57.70 8.08
C ASP E 358 -18.63 -56.74 8.31
N ARG E 359 -18.64 -55.60 7.63
CA ARG E 359 -17.70 -54.52 7.93
C ARG E 359 -17.60 -54.29 9.43
N ILE E 360 -18.73 -54.09 10.12
CA ILE E 360 -18.72 -53.85 11.57
C ILE E 360 -18.00 -55.01 12.27
N LYS E 361 -18.39 -56.25 11.94
CA LYS E 361 -17.84 -57.45 12.55
C LYS E 361 -16.33 -57.49 12.37
N LYS E 362 -15.90 -57.13 11.17
CA LYS E 362 -14.50 -57.16 10.79
C LYS E 362 -13.70 -56.22 11.69
N SER E 363 -14.20 -55.00 11.97
CA SER E 363 -13.40 -54.02 12.70
C SER E 363 -13.34 -54.31 14.20
N LEU E 364 -14.36 -54.93 14.78
CA LEU E 364 -14.48 -55.00 16.24
C LEU E 364 -13.27 -55.62 16.95
N PRO E 365 -12.61 -56.72 16.49
CA PRO E 365 -11.46 -57.27 17.24
C PRO E 365 -10.20 -56.40 17.34
N ALA E 366 -10.15 -55.25 16.62
CA ALA E 366 -9.15 -54.21 16.83
C ALA E 366 -9.42 -53.46 18.13
N GLY E 367 -8.53 -53.69 19.11
CA GLY E 367 -8.37 -52.80 20.25
C GLY E 367 -9.01 -53.31 21.54
N HIS E 368 -9.26 -54.61 21.62
CA HIS E 368 -9.62 -55.25 22.88
C HIS E 368 -10.68 -54.45 23.63
N LEU E 369 -11.94 -54.57 23.20
CA LEU E 369 -13.04 -53.91 23.89
C LEU E 369 -13.47 -54.73 25.12
N ASP E 370 -12.96 -55.96 25.25
CA ASP E 370 -13.31 -56.84 26.34
C ASP E 370 -12.36 -56.69 27.53
N ALA E 371 -11.39 -55.77 27.39
CA ALA E 371 -10.41 -55.51 28.43
C ALA E 371 -11.10 -55.25 29.77
N THR E 372 -12.05 -54.29 29.79
CA THR E 372 -12.66 -53.85 31.05
C THR E 372 -13.49 -54.99 31.62
N THR E 373 -14.09 -55.77 30.72
CA THR E 373 -14.88 -56.90 31.16
C THR E 373 -13.97 -57.90 31.88
N LEU E 374 -12.72 -58.01 31.38
CA LEU E 374 -11.75 -58.91 31.97
C LEU E 374 -11.31 -58.36 33.33
N ALA E 375 -11.15 -57.04 33.40
CA ALA E 375 -10.84 -56.40 34.68
C ALA E 375 -11.96 -56.68 35.68
N ASP E 376 -13.22 -56.51 35.27
CA ASP E 376 -14.34 -56.75 36.17
C ASP E 376 -14.28 -58.21 36.66
N TYR E 377 -13.90 -59.13 35.77
CA TYR E 377 -13.80 -60.54 36.14
C TYR E 377 -12.89 -60.67 37.37
N LEU E 378 -11.68 -60.10 37.27
CA LEU E 378 -10.68 -60.25 38.31
C LEU E 378 -11.17 -59.62 39.62
N VAL E 379 -11.80 -58.43 39.52
CA VAL E 379 -12.32 -57.76 40.70
C VAL E 379 -13.33 -58.68 41.36
N LYS E 380 -14.19 -59.32 40.56
CA LYS E 380 -15.19 -60.23 41.08
C LYS E 380 -14.55 -61.50 41.64
N LYS E 381 -13.30 -61.80 41.27
CA LYS E 381 -12.55 -62.86 41.91
C LYS E 381 -11.88 -62.35 43.19
N GLY E 382 -12.02 -61.06 43.50
CA GLY E 382 -11.62 -60.52 44.79
C GLY E 382 -10.31 -59.74 44.70
N MET E 383 -9.88 -59.40 43.49
CA MET E 383 -8.62 -58.70 43.31
C MET E 383 -8.91 -57.21 43.49
N PRO E 384 -7.97 -56.37 44.03
CA PRO E 384 -8.19 -54.93 44.12
C PRO E 384 -8.30 -54.37 42.71
N PHE E 385 -9.01 -53.25 42.58
CA PHE E 385 -9.25 -52.63 41.29
C PHE E 385 -7.89 -52.46 40.61
N ARG E 386 -6.95 -51.75 41.25
CA ARG E 386 -5.74 -51.32 40.57
C ARG E 386 -4.84 -52.48 40.16
N SER E 387 -4.92 -53.63 40.87
CA SER E 387 -4.15 -54.81 40.52
C SER E 387 -4.71 -55.47 39.27
N SER E 388 -6.07 -55.48 39.18
CA SER E 388 -6.79 -55.93 38.01
C SER E 388 -6.36 -55.15 36.76
N HIS E 389 -6.23 -53.82 36.86
CA HIS E 389 -5.88 -53.00 35.71
C HIS E 389 -4.46 -53.30 35.23
N ASP E 390 -3.56 -53.65 36.18
CA ASP E 390 -2.18 -54.01 35.89
C ASP E 390 -2.13 -55.30 35.08
N ILE E 391 -2.73 -56.36 35.61
CA ILE E 391 -2.67 -57.68 35.01
C ILE E 391 -3.29 -57.66 33.60
N VAL E 392 -4.42 -56.99 33.46
CA VAL E 392 -5.09 -56.96 32.17
C VAL E 392 -4.28 -56.12 31.18
N GLY E 393 -3.62 -55.06 31.65
CA GLY E 393 -2.71 -54.29 30.80
C GLY E 393 -1.57 -55.14 30.21
N LYS E 394 -1.06 -56.10 31.01
CA LYS E 394 -0.02 -57.03 30.62
C LYS E 394 -0.55 -58.07 29.62
N LEU E 395 -1.58 -58.84 30.00
CA LEU E 395 -2.24 -59.76 29.06
C LEU E 395 -2.49 -59.09 27.70
N VAL E 396 -2.84 -57.80 27.73
CA VAL E 396 -3.13 -57.05 26.52
C VAL E 396 -1.82 -56.69 25.83
N GLY E 397 -0.77 -56.42 26.61
CA GLY E 397 0.57 -56.21 26.06
C GLY E 397 1.00 -57.35 25.13
N VAL E 398 0.61 -58.59 25.48
CA VAL E 398 0.88 -59.80 24.70
C VAL E 398 0.17 -59.72 23.35
N CYS E 399 -1.04 -59.13 23.34
CA CYS E 399 -1.84 -58.97 22.14
C CYS E 399 -1.79 -57.52 21.64
N VAL E 400 -0.67 -57.10 21.04
CA VAL E 400 -0.63 -55.76 20.46
C VAL E 400 -1.57 -55.73 19.26
N CYS E 404 -4.58 -60.08 17.32
CA CYS E 404 -4.35 -60.69 18.65
C CYS E 404 -5.56 -60.40 19.57
N GLU E 405 -6.23 -61.47 20.05
CA GLU E 405 -7.47 -61.36 20.78
C GLU E 405 -7.40 -62.18 22.08
N LEU E 406 -7.93 -61.62 23.17
CA LEU E 406 -7.69 -62.14 24.51
C LEU E 406 -8.30 -63.52 24.70
N GLN E 407 -9.34 -63.86 23.91
CA GLN E 407 -10.03 -65.13 24.07
C GLN E 407 -9.25 -66.30 23.44
N ASN E 408 -8.18 -66.02 22.69
CA ASN E 408 -7.34 -67.05 22.10
C ASN E 408 -6.10 -67.35 22.95
N LEU E 409 -5.90 -66.59 24.05
CA LEU E 409 -4.89 -66.96 25.03
C LEU E 409 -5.28 -68.30 25.64
N SER E 410 -4.27 -69.12 25.95
CA SER E 410 -4.51 -70.33 26.74
C SER E 410 -4.68 -69.92 28.18
N LEU E 411 -5.37 -70.75 28.95
CA LEU E 411 -5.52 -70.50 30.37
C LEU E 411 -4.14 -70.44 31.03
N GLU E 412 -3.19 -71.26 30.57
CA GLU E 412 -1.86 -71.31 31.16
C GLU E 412 -1.12 -69.98 30.94
N GLU E 413 -1.33 -69.36 29.77
CA GLU E 413 -0.69 -68.09 29.40
C GLU E 413 -1.10 -67.00 30.39
N MET E 414 -2.35 -67.09 30.84
CA MET E 414 -2.90 -66.17 31.84
C MET E 414 -2.31 -66.45 33.22
N LYS E 415 -2.01 -67.73 33.50
CA LYS E 415 -1.58 -68.20 34.81
C LYS E 415 -0.14 -67.77 35.08
N LYS E 416 0.62 -67.53 34.01
CA LYS E 416 1.97 -67.01 34.09
C LYS E 416 1.95 -65.64 34.77
N LEU E 417 0.77 -64.95 34.72
CA LEU E 417 0.56 -63.58 35.20
C LEU E 417 -0.17 -63.53 36.54
N SER E 418 -1.12 -64.45 36.76
CA SER E 418 -1.80 -64.54 38.06
C SER E 418 -2.46 -65.91 38.23
N PRO E 419 -2.41 -66.51 39.44
CA PRO E 419 -3.12 -67.78 39.68
C PRO E 419 -4.63 -67.65 39.85
N VAL E 420 -5.15 -66.45 39.54
CA VAL E 420 -6.53 -66.09 39.87
C VAL E 420 -7.47 -66.55 38.75
N PHE E 421 -6.97 -66.56 37.50
CA PHE E 421 -7.74 -66.97 36.34
C PHE E 421 -8.08 -68.46 36.42
N GLU E 422 -9.37 -68.80 36.30
CA GLU E 422 -9.83 -70.18 36.16
C GLU E 422 -10.40 -70.36 34.76
N GLU E 423 -11.33 -71.33 34.59
CA GLU E 423 -11.78 -71.75 33.26
C GLU E 423 -12.86 -70.80 32.75
N ASP E 424 -13.78 -70.41 33.63
CA ASP E 424 -14.94 -69.61 33.28
C ASP E 424 -14.54 -68.27 32.65
N VAL E 425 -13.25 -67.91 32.75
CA VAL E 425 -12.77 -66.66 32.18
C VAL E 425 -13.25 -66.49 30.74
N PHE E 426 -13.49 -67.59 30.03
CA PHE E 426 -13.69 -67.49 28.59
C PHE E 426 -15.11 -67.03 28.29
N GLY E 427 -16.03 -67.16 29.25
CA GLY E 427 -17.38 -66.62 29.12
C GLY E 427 -17.43 -65.11 29.43
N PHE E 428 -16.25 -64.49 29.66
CA PHE E 428 -16.13 -63.05 29.85
C PHE E 428 -15.27 -62.46 28.74
N LEU E 429 -14.79 -63.27 27.79
CA LEU E 429 -13.93 -62.75 26.75
C LEU E 429 -14.69 -62.72 25.42
N GLY E 430 -14.23 -61.86 24.49
CA GLY E 430 -14.95 -61.55 23.26
C GLY E 430 -15.98 -60.45 23.47
N VAL E 431 -16.16 -59.57 22.46
CA VAL E 431 -17.09 -58.43 22.53
C VAL E 431 -18.53 -58.89 22.77
N GLU E 432 -18.90 -60.09 22.30
CA GLU E 432 -20.25 -60.60 22.47
C GLU E 432 -20.54 -60.87 23.94
N ASN E 433 -19.58 -61.52 24.62
CA ASN E 433 -19.70 -61.83 26.04
C ASN E 433 -19.59 -60.54 26.88
N SER E 434 -18.67 -59.65 26.48
CA SER E 434 -18.51 -58.34 27.11
C SER E 434 -19.87 -57.67 27.20
N VAL E 435 -20.48 -57.40 26.04
CA VAL E 435 -21.77 -56.73 26.01
C VAL E 435 -22.73 -57.42 26.97
N ASN E 436 -22.65 -58.75 27.10
CA ASN E 436 -23.62 -59.50 27.89
C ASN E 436 -23.35 -59.32 29.39
N LYS E 437 -22.09 -59.06 29.79
CA LYS E 437 -21.71 -58.94 31.20
C LYS E 437 -22.03 -57.59 31.85
N PHE E 438 -22.20 -56.53 31.07
CA PHE E 438 -22.68 -55.28 31.63
C PHE E 438 -24.05 -55.54 32.29
N SER E 439 -24.21 -55.10 33.54
CA SER E 439 -25.44 -55.37 34.27
C SER E 439 -25.96 -54.14 35.02
N SER E 440 -25.20 -53.04 35.01
CA SER E 440 -25.66 -51.85 35.71
C SER E 440 -26.85 -51.24 34.99
N TYR E 441 -27.71 -50.54 35.76
CA TYR E 441 -28.89 -49.93 35.19
C TYR E 441 -28.49 -48.80 34.25
N GLY E 442 -29.13 -48.80 33.08
CA GLY E 442 -28.80 -47.87 31.99
C GLY E 442 -27.53 -48.26 31.24
N SER E 443 -26.97 -49.45 31.54
CA SER E 443 -25.81 -49.98 30.81
C SER E 443 -26.23 -50.55 29.46
N THR E 444 -25.23 -50.93 28.63
CA THR E 444 -25.45 -51.53 27.33
C THR E 444 -25.66 -53.03 27.45
N GLY E 445 -25.78 -53.55 28.67
CA GLY E 445 -26.05 -54.98 28.81
C GLY E 445 -27.35 -55.35 28.09
N SER E 446 -27.33 -56.48 27.37
CA SER E 446 -28.46 -56.97 26.59
C SER E 446 -29.81 -56.84 27.33
N ASN E 447 -29.91 -57.40 28.54
CA ASN E 447 -31.14 -57.30 29.32
C ASN E 447 -31.48 -55.87 29.72
N CYS E 448 -30.46 -55.01 29.96
CA CYS E 448 -30.73 -53.65 30.40
C CYS E 448 -31.31 -52.90 29.21
N VAL E 449 -30.77 -53.15 28.02
CA VAL E 449 -31.22 -52.43 26.85
C VAL E 449 -32.65 -52.88 26.54
N ALA E 450 -32.97 -54.16 26.82
CA ALA E 450 -34.29 -54.68 26.51
C ALA E 450 -35.37 -54.01 27.38
N GLU E 451 -35.03 -53.80 28.64
CA GLU E 451 -35.93 -53.11 29.53
C GLU E 451 -36.20 -51.71 29.02
N GLN E 452 -35.15 -51.05 28.54
CA GLN E 452 -35.30 -49.67 28.10
C GLN E 452 -36.15 -49.60 26.83
N LEU E 453 -35.88 -50.49 25.88
CA LEU E 453 -36.68 -50.59 24.68
C LEU E 453 -38.14 -50.84 25.03
N GLY E 454 -38.40 -51.66 26.07
CA GLY E 454 -39.75 -51.86 26.54
C GLY E 454 -40.42 -50.53 26.92
N TYR E 455 -39.71 -49.78 27.78
CA TYR E 455 -40.15 -48.48 28.24
C TYR E 455 -40.54 -47.62 27.05
N TRP E 456 -39.71 -47.57 25.99
CA TRP E 456 -39.97 -46.65 24.89
C TRP E 456 -41.09 -47.13 23.96
N VAL E 457 -41.11 -48.44 23.67
CA VAL E 457 -42.24 -49.07 22.99
C VAL E 457 -43.59 -48.77 23.68
N ASN E 458 -43.63 -48.86 25.01
CA ASN E 458 -44.83 -48.49 25.77
C ASN E 458 -45.10 -46.98 25.63
N LYS E 459 -44.11 -46.16 25.97
CA LYS E 459 -44.27 -44.72 25.99
C LYS E 459 -44.60 -44.14 24.63
N LEU E 460 -44.12 -44.73 23.53
CA LEU E 460 -44.31 -44.12 22.23
C LEU E 460 -45.48 -44.78 21.50
N ASN E 461 -46.16 -45.70 22.19
CA ASN E 461 -47.31 -46.42 21.62
CA ASN E 461 -47.27 -46.50 21.66
C ASN E 461 -46.87 -47.12 20.32
N ILE E 462 -45.69 -47.74 20.31
CA ILE E 462 -45.22 -48.48 19.14
C ILE E 462 -45.96 -49.82 19.00
N THR E 463 -46.37 -50.17 17.76
CA THR E 463 -47.07 -51.43 17.48
C THR E 463 -46.36 -52.25 16.40
N SER E 464 -46.78 -53.52 16.28
CA SER E 464 -46.17 -54.47 15.37
C SER E 464 -46.68 -54.34 13.93
N THR E 465 -47.79 -53.62 13.71
CA THR E 465 -48.65 -53.77 12.54
C THR E 465 -47.97 -53.29 11.26
N GLY F 10 19.60 -18.61 38.19
CA GLY F 10 20.83 -18.39 37.40
C GLY F 10 20.54 -18.20 35.91
N GLY F 11 20.07 -19.28 35.27
CA GLY F 11 19.55 -19.23 33.91
C GLY F 11 18.03 -19.36 33.91
N ARG F 12 17.50 -20.16 32.98
CA ARG F 12 16.06 -20.37 32.86
C ARG F 12 15.72 -21.85 32.70
N PHE F 13 14.89 -22.36 33.60
CA PHE F 13 14.23 -23.65 33.46
C PHE F 13 13.76 -23.84 32.02
N GLU F 14 14.00 -25.04 31.47
CA GLU F 14 13.45 -25.42 30.18
C GLU F 14 12.33 -26.42 30.45
N GLU F 15 11.11 -26.04 30.04
CA GLU F 15 9.92 -26.88 30.17
C GLU F 15 9.97 -28.04 29.16
N SER F 16 9.60 -29.23 29.64
CA SER F 16 9.30 -30.34 28.76
C SER F 16 8.02 -30.06 27.97
N VAL F 17 7.82 -30.77 26.84
CA VAL F 17 6.54 -30.82 26.12
C VAL F 17 5.38 -31.16 27.05
N THR F 18 5.56 -32.21 27.84
CA THR F 18 4.56 -32.68 28.80
C THR F 18 4.14 -31.59 29.78
N GLU F 19 5.10 -30.78 30.26
CA GLU F 19 4.78 -29.63 31.09
C GLU F 19 3.97 -28.58 30.31
N LYS F 20 4.36 -28.29 29.06
CA LYS F 20 3.67 -27.28 28.28
C LYS F 20 2.21 -27.66 27.99
N VAL F 21 1.99 -28.94 27.72
CA VAL F 21 0.65 -29.45 27.49
C VAL F 21 -0.18 -29.53 28.77
N GLU F 22 0.45 -29.94 29.91
CA GLU F 22 -0.21 -30.06 31.20
C GLU F 22 -0.73 -28.69 31.64
N LYS F 23 0.04 -27.62 31.35
CA LYS F 23 -0.38 -26.26 31.61
C LYS F 23 -1.71 -25.95 30.92
N PHE F 24 -1.83 -26.40 29.66
CA PHE F 24 -2.98 -26.09 28.83
C PHE F 24 -4.19 -26.95 29.19
N THR F 25 -3.99 -28.19 29.65
CA THR F 25 -5.11 -29.10 29.89
C THR F 25 -5.59 -29.09 31.35
N GLU F 26 -4.76 -28.59 32.28
CA GLU F 26 -5.12 -28.54 33.69
C GLU F 26 -6.43 -27.76 33.83
N SER F 27 -7.29 -28.24 34.73
CA SER F 27 -8.55 -27.58 35.05
C SER F 27 -8.64 -27.18 36.53
N ILE F 28 -7.76 -27.74 37.39
CA ILE F 28 -7.82 -27.47 38.83
C ILE F 28 -7.94 -25.97 39.13
N SER F 29 -7.35 -25.10 38.28
CA SER F 29 -7.33 -23.67 38.56
C SER F 29 -8.75 -23.14 38.65
N PHE F 30 -9.71 -23.78 37.98
CA PHE F 30 -11.08 -23.29 38.03
C PHE F 30 -12.03 -24.33 38.60
N ASP F 31 -11.76 -25.62 38.40
CA ASP F 31 -12.70 -26.64 38.82
C ASP F 31 -12.55 -26.94 40.30
N LYS F 32 -11.55 -26.33 40.98
CA LYS F 32 -11.39 -26.47 42.43
C LYS F 32 -12.66 -26.08 43.23
N VAL F 33 -13.53 -25.27 42.61
CA VAL F 33 -14.73 -24.77 43.28
C VAL F 33 -15.80 -25.85 43.41
N LEU F 34 -15.57 -27.06 42.89
CA LEU F 34 -16.52 -28.15 42.99
C LEU F 34 -16.22 -29.06 44.17
N TYR F 35 -15.21 -28.73 44.97
CA TYR F 35 -14.69 -29.67 45.95
C TYR F 35 -15.81 -30.18 46.87
N LYS F 36 -16.74 -29.31 47.33
CA LYS F 36 -17.79 -29.77 48.22
C LYS F 36 -18.60 -30.91 47.58
N GLN F 37 -19.02 -30.69 46.33
CA GLN F 37 -19.86 -31.64 45.62
C GLN F 37 -19.07 -32.89 45.23
N ASP F 38 -17.80 -32.73 44.82
CA ASP F 38 -16.94 -33.87 44.56
C ASP F 38 -16.89 -34.79 45.77
N ILE F 39 -16.74 -34.21 46.98
CA ILE F 39 -16.49 -35.00 48.16
C ILE F 39 -17.77 -35.71 48.58
N MET F 40 -18.90 -35.01 48.47
CA MET F 40 -20.24 -35.55 48.68
C MET F 40 -20.48 -36.74 47.72
N GLY F 41 -20.06 -36.61 46.46
CA GLY F 41 -20.21 -37.69 45.50
C GLY F 41 -19.39 -38.90 45.86
N SER F 42 -18.14 -38.67 46.26
CA SER F 42 -17.21 -39.74 46.59
C SER F 42 -17.59 -40.53 47.85
N LYS F 43 -18.15 -39.86 48.85
CA LYS F 43 -18.59 -40.51 50.08
C LYS F 43 -19.81 -41.39 49.81
N ALA F 44 -20.71 -40.90 48.95
CA ALA F 44 -21.88 -41.65 48.53
C ALA F 44 -21.47 -42.93 47.82
N HIS F 45 -20.42 -42.80 46.98
CA HIS F 45 -19.94 -43.88 46.13
C HIS F 45 -19.25 -44.92 46.99
N ALA F 46 -18.45 -44.48 47.95
CA ALA F 46 -17.80 -45.41 48.87
C ALA F 46 -18.84 -46.15 49.70
N SER F 47 -19.87 -45.45 50.18
CA SER F 47 -20.86 -46.10 51.02
C SER F 47 -21.54 -47.20 50.20
N MET F 48 -21.84 -46.91 48.94
CA MET F 48 -22.48 -47.91 48.09
C MET F 48 -21.53 -49.07 47.85
N LEU F 49 -20.26 -48.79 47.54
CA LEU F 49 -19.27 -49.82 47.29
C LEU F 49 -19.26 -50.80 48.46
N ALA F 50 -19.24 -50.26 49.68
CA ALA F 50 -19.16 -51.08 50.86
C ALA F 50 -20.43 -51.90 51.00
N HIS F 51 -21.59 -51.25 50.86
CA HIS F 51 -22.87 -51.94 50.93
C HIS F 51 -22.94 -53.12 49.96
N GLN F 52 -22.34 -53.01 48.77
CA GLN F 52 -22.46 -54.01 47.71
C GLN F 52 -21.31 -55.02 47.74
N GLY F 53 -20.49 -54.98 48.81
CA GLY F 53 -19.47 -55.99 49.08
C GLY F 53 -18.15 -55.72 48.36
N LEU F 54 -18.06 -54.61 47.60
CA LEU F 54 -16.93 -54.31 46.74
C LEU F 54 -15.76 -53.71 47.53
N ILE F 55 -16.01 -53.26 48.77
CA ILE F 55 -14.95 -52.90 49.71
C ILE F 55 -15.44 -53.30 51.09
N THR F 56 -14.51 -53.40 52.04
CA THR F 56 -14.82 -53.71 53.42
C THR F 56 -15.38 -52.45 54.07
N ASP F 57 -16.14 -52.61 55.15
CA ASP F 57 -16.66 -51.48 55.92
C ASP F 57 -15.49 -50.69 56.53
N SER F 58 -14.40 -51.39 56.90
CA SER F 58 -13.16 -50.77 57.34
C SER F 58 -12.62 -49.76 56.32
N ASP F 59 -12.51 -50.15 55.04
CA ASP F 59 -12.02 -49.26 53.99
C ASP F 59 -12.97 -48.07 53.84
N LYS F 60 -14.27 -48.34 53.99
CA LYS F 60 -15.26 -47.31 53.81
C LYS F 60 -15.02 -46.26 54.89
N ASP F 61 -14.90 -46.73 56.14
CA ASP F 61 -14.78 -45.82 57.28
C ASP F 61 -13.56 -44.92 57.11
N SER F 62 -12.43 -45.52 56.70
CA SER F 62 -11.20 -44.75 56.50
C SER F 62 -11.33 -43.75 55.35
N ILE F 63 -12.12 -44.10 54.31
CA ILE F 63 -12.35 -43.22 53.19
C ILE F 63 -13.26 -42.07 53.65
N LEU F 64 -14.29 -42.41 54.43
CA LEU F 64 -15.25 -41.40 54.86
C LEU F 64 -14.57 -40.42 55.82
N ARG F 65 -13.80 -40.93 56.78
CA ARG F 65 -13.09 -40.09 57.73
C ARG F 65 -12.06 -39.25 56.94
N GLY F 66 -11.25 -39.94 56.14
CA GLY F 66 -10.23 -39.28 55.36
C GLY F 66 -10.80 -38.12 54.55
N LEU F 67 -11.98 -38.30 53.95
CA LEU F 67 -12.56 -37.29 53.07
C LEU F 67 -13.08 -36.11 53.88
N ASP F 68 -13.59 -36.38 55.09
CA ASP F 68 -14.07 -35.36 56.00
C ASP F 68 -12.91 -34.45 56.42
N ASP F 69 -11.72 -35.02 56.63
CA ASP F 69 -10.56 -34.25 57.09
CA ASP F 69 -10.55 -34.27 57.07
C ASP F 69 -10.08 -33.34 55.97
N ILE F 70 -10.16 -33.80 54.72
CA ILE F 70 -9.71 -33.01 53.57
C ILE F 70 -10.64 -31.82 53.38
N GLU F 71 -11.94 -32.08 53.49
CA GLU F 71 -12.92 -31.03 53.36
C GLU F 71 -12.61 -29.93 54.40
N ARG F 72 -12.32 -30.34 55.64
CA ARG F 72 -11.97 -29.40 56.70
C ARG F 72 -10.68 -28.65 56.35
N GLN F 73 -9.65 -29.36 55.85
CA GLN F 73 -8.44 -28.69 55.41
C GLN F 73 -8.74 -27.65 54.33
N ILE F 74 -9.60 -27.95 53.35
CA ILE F 74 -9.88 -26.97 52.30
C ILE F 74 -10.57 -25.73 52.86
N GLU F 75 -11.56 -25.91 53.73
CA GLU F 75 -12.38 -24.79 54.17
C GLU F 75 -11.59 -23.86 55.11
N ALA F 76 -10.53 -24.38 55.74
CA ALA F 76 -9.60 -23.58 56.54
C ALA F 76 -8.45 -23.02 55.70
N ASN F 77 -8.48 -23.21 54.37
CA ASN F 77 -7.48 -22.65 53.48
C ASN F 77 -6.09 -23.21 53.78
N LYS F 78 -6.02 -24.49 54.16
CA LYS F 78 -4.75 -25.16 54.39
C LYS F 78 -4.54 -26.33 53.45
N PHE F 79 -5.18 -26.31 52.27
CA PHE F 79 -5.04 -27.42 51.36
C PHE F 79 -4.30 -26.94 50.11
N GLU F 80 -3.21 -27.63 49.76
CA GLU F 80 -2.41 -27.20 48.63
C GLU F 80 -2.97 -27.83 47.37
N TRP F 81 -3.66 -27.02 46.55
CA TRP F 81 -4.12 -27.48 45.25
C TRP F 81 -2.92 -27.57 44.33
N ARG F 82 -2.87 -28.58 43.46
CA ARG F 82 -1.67 -28.76 42.65
C ARG F 82 -2.02 -28.99 41.18
N THR F 83 -1.32 -28.27 40.29
CA THR F 83 -1.57 -28.32 38.86
CA THR F 83 -1.61 -28.33 38.87
C THR F 83 -0.99 -29.63 38.32
N ASP F 84 -0.07 -30.22 39.07
CA ASP F 84 0.52 -31.49 38.68
C ASP F 84 -0.45 -32.64 38.95
N ARG F 85 -1.59 -32.32 39.59
CA ARG F 85 -2.64 -33.33 39.91
C ARG F 85 -3.85 -33.11 38.99
N GLU F 86 -3.78 -32.18 38.04
CA GLU F 86 -4.71 -32.05 36.92
C GLU F 86 -6.00 -31.29 37.28
N ASP F 87 -6.78 -31.84 38.20
CA ASP F 87 -8.18 -31.47 38.38
C ASP F 87 -8.59 -31.72 39.84
N VAL F 88 -9.85 -31.42 40.17
CA VAL F 88 -10.30 -31.48 41.55
C VAL F 88 -10.34 -32.94 42.02
N HIS F 89 -10.69 -33.85 41.09
CA HIS F 89 -10.91 -35.25 41.43
C HIS F 89 -9.63 -35.92 41.91
N MET F 90 -8.57 -35.74 41.11
CA MET F 90 -7.28 -36.36 41.38
C MET F 90 -6.55 -35.65 42.51
N ASN F 91 -6.66 -34.32 42.57
CA ASN F 91 -6.19 -33.57 43.72
C ASN F 91 -6.70 -34.17 45.03
N ILE F 92 -8.00 -34.38 45.14
CA ILE F 92 -8.63 -34.87 46.34
C ILE F 92 -8.27 -36.32 46.60
N GLU F 93 -8.24 -37.14 45.55
CA GLU F 93 -8.01 -38.57 45.71
C GLU F 93 -6.52 -38.86 45.98
N ALA F 94 -5.61 -38.09 45.37
CA ALA F 94 -4.18 -38.23 45.67
C ALA F 94 -3.87 -37.80 47.11
N ALA F 95 -4.51 -36.72 47.57
CA ALA F 95 -4.37 -36.27 48.95
C ALA F 95 -4.96 -37.33 49.88
N LEU F 96 -6.08 -37.94 49.48
CA LEU F 96 -6.65 -39.02 50.28
C LEU F 96 -5.67 -40.19 50.39
N THR F 97 -5.01 -40.56 49.29
CA THR F 97 -4.07 -41.68 49.31
C THR F 97 -2.86 -41.37 50.19
N ASP F 98 -2.31 -40.15 50.09
CA ASP F 98 -1.23 -39.71 50.98
C ASP F 98 -1.65 -39.79 52.46
N LEU F 99 -2.94 -39.63 52.75
CA LEU F 99 -3.42 -39.55 54.12
C LEU F 99 -3.75 -40.93 54.68
N ILE F 100 -4.41 -41.80 53.90
CA ILE F 100 -4.86 -43.07 54.44
C ILE F 100 -4.21 -44.26 53.73
N GLY F 101 -3.52 -44.06 52.63
CA GLY F 101 -2.86 -45.19 51.96
C GLY F 101 -3.83 -46.09 51.16
N GLU F 102 -3.59 -47.40 51.22
CA GLU F 102 -4.11 -48.38 50.25
C GLU F 102 -5.61 -48.20 50.01
N PRO F 103 -6.45 -48.14 51.06
CA PRO F 103 -7.90 -48.02 50.87
C PRO F 103 -8.39 -46.94 49.90
N ALA F 104 -7.61 -45.87 49.76
CA ALA F 104 -8.00 -44.73 48.95
C ALA F 104 -8.10 -45.16 47.49
N LYS F 105 -7.19 -46.07 47.14
CA LYS F 105 -7.04 -46.60 45.80
C LYS F 105 -8.27 -47.42 45.37
N LYS F 106 -9.09 -47.87 46.33
CA LYS F 106 -10.30 -48.61 46.01
C LYS F 106 -11.46 -47.68 45.67
N LEU F 107 -11.34 -46.37 45.95
CA LEU F 107 -12.44 -45.45 45.73
C LEU F 107 -12.84 -45.37 44.25
N HIS F 108 -11.92 -45.58 43.32
CA HIS F 108 -12.22 -45.36 41.92
C HIS F 108 -12.83 -46.60 41.26
N THR F 109 -13.01 -47.69 42.05
CA THR F 109 -13.70 -48.91 41.65
C THR F 109 -15.07 -48.57 41.07
N ALA F 110 -15.37 -49.12 39.88
CA ALA F 110 -16.67 -48.98 39.24
C ALA F 110 -17.05 -47.51 39.00
N ARG F 111 -16.08 -46.66 38.67
CA ARG F 111 -16.39 -45.27 38.42
C ARG F 111 -15.35 -44.71 37.46
N SER F 112 -15.75 -43.69 36.70
CA SER F 112 -14.90 -42.97 35.78
C SER F 112 -14.94 -41.49 36.14
N ARG F 113 -13.96 -40.72 35.68
CA ARG F 113 -14.05 -39.25 35.84
C ARG F 113 -15.21 -38.75 34.99
N ASN F 114 -15.51 -39.45 33.87
CA ASN F 114 -16.58 -39.02 32.99
C ASN F 114 -17.92 -38.89 33.76
N ASP F 115 -18.27 -39.91 34.56
CA ASP F 115 -19.56 -39.91 35.23
C ASP F 115 -19.45 -39.06 36.51
N GLN F 116 -18.25 -39.02 37.07
CA GLN F 116 -17.98 -38.30 38.31
C GLN F 116 -18.06 -36.79 38.08
N VAL F 117 -17.41 -36.26 37.03
CA VAL F 117 -17.50 -34.84 36.73
C VAL F 117 -18.94 -34.44 36.42
N ALA F 118 -19.72 -35.28 35.74
CA ALA F 118 -21.07 -34.86 35.38
C ALA F 118 -21.98 -34.85 36.62
N THR F 119 -21.73 -35.74 37.58
CA THR F 119 -22.47 -35.79 38.83
C THR F 119 -22.19 -34.53 39.63
N ASP F 120 -20.89 -34.29 39.87
CA ASP F 120 -20.41 -33.17 40.67
C ASP F 120 -20.99 -31.87 40.12
N PHE F 121 -21.01 -31.71 38.78
CA PHE F 121 -21.36 -30.44 38.18
C PHE F 121 -22.87 -30.23 38.22
N ARG F 122 -23.68 -31.28 38.00
CA ARG F 122 -25.12 -31.19 38.23
C ARG F 122 -25.42 -30.80 39.68
N LEU F 123 -24.69 -31.38 40.65
CA LEU F 123 -24.87 -31.06 42.05
C LEU F 123 -24.59 -29.57 42.28
N TRP F 124 -23.50 -29.07 41.72
CA TRP F 124 -23.12 -27.68 41.86
C TRP F 124 -24.20 -26.75 41.30
N CYS F 125 -24.63 -27.03 40.05
CA CYS F 125 -25.73 -26.28 39.44
C CYS F 125 -27.01 -26.30 40.30
N ARG F 126 -27.30 -27.41 40.98
CA ARG F 126 -28.58 -27.50 41.75
C ARG F 126 -28.48 -26.55 42.95
N ASP F 127 -27.32 -26.52 43.60
CA ASP F 127 -27.06 -25.64 44.72
C ASP F 127 -27.11 -24.18 44.21
N ALA F 128 -26.58 -23.96 43.02
CA ALA F 128 -26.52 -22.62 42.48
C ALA F 128 -27.92 -22.11 42.11
N ILE F 129 -28.78 -22.96 41.57
CA ILE F 129 -30.12 -22.53 41.20
C ILE F 129 -30.95 -22.15 42.45
N ASP F 130 -30.80 -22.97 43.52
CA ASP F 130 -31.51 -22.74 44.78
C ASP F 130 -31.12 -21.37 45.34
N THR F 131 -29.83 -21.05 45.26
CA THR F 131 -29.32 -19.78 45.73
C THR F 131 -29.94 -18.64 44.94
N ILE F 132 -29.92 -18.76 43.61
CA ILE F 132 -30.46 -17.75 42.72
C ILE F 132 -31.94 -17.50 42.99
N ILE F 133 -32.71 -18.55 43.27
CA ILE F 133 -34.16 -18.36 43.48
C ILE F 133 -34.38 -17.49 44.73
N VAL F 134 -33.66 -17.73 45.82
CA VAL F 134 -33.76 -16.91 47.02
C VAL F 134 -33.45 -15.44 46.69
N LYS F 135 -32.35 -15.23 45.96
CA LYS F 135 -31.94 -13.89 45.65
C LYS F 135 -33.00 -13.19 44.79
N ILE F 136 -33.67 -13.91 43.89
CA ILE F 136 -34.75 -13.32 43.02
C ILE F 136 -35.92 -12.88 43.91
N ARG F 137 -36.33 -13.71 44.86
CA ARG F 137 -37.39 -13.33 45.83
CA ARG F 137 -37.39 -13.33 45.83
C ARG F 137 -37.01 -12.02 46.57
N ASN F 138 -35.72 -11.94 46.91
CA ASN F 138 -35.23 -10.76 47.59
C ASN F 138 -35.47 -9.53 46.72
N LEU F 139 -35.12 -9.60 45.44
CA LEU F 139 -35.22 -8.45 44.53
C LEU F 139 -36.69 -8.12 44.27
N GLN F 140 -37.50 -9.17 44.11
CA GLN F 140 -38.94 -8.99 43.94
C GLN F 140 -39.51 -8.22 45.14
N ARG F 141 -39.13 -8.62 46.37
CA ARG F 141 -39.58 -7.92 47.56
C ARG F 141 -39.13 -6.46 47.54
N ALA F 142 -37.85 -6.22 47.26
CA ALA F 142 -37.33 -4.87 47.22
C ALA F 142 -38.17 -4.02 46.28
N LEU F 143 -38.60 -4.65 45.16
CA LEU F 143 -39.34 -3.95 44.13
C LEU F 143 -40.76 -3.67 44.59
N VAL F 144 -41.35 -4.63 45.28
CA VAL F 144 -42.70 -4.46 45.78
C VAL F 144 -42.71 -3.44 46.93
N GLU F 145 -41.70 -3.46 47.82
CA GLU F 145 -41.65 -2.51 48.93
CA GLU F 145 -41.64 -2.51 48.93
C GLU F 145 -41.46 -1.11 48.36
N LEU F 146 -40.66 -0.98 47.30
CA LEU F 146 -40.49 0.31 46.65
C LEU F 146 -41.81 0.79 46.05
N ALA F 147 -42.59 -0.16 45.49
CA ALA F 147 -43.87 0.14 44.86
C ALA F 147 -44.86 0.63 45.90
N LEU F 148 -44.88 -0.03 47.06
CA LEU F 148 -45.79 0.30 48.15
C LEU F 148 -45.51 1.71 48.69
N LYS F 149 -44.22 2.01 48.88
CA LYS F 149 -43.78 3.30 49.40
C LYS F 149 -44.12 4.44 48.45
N ASN F 150 -44.41 4.16 47.16
CA ASN F 150 -44.69 5.22 46.21
C ASN F 150 -46.00 4.93 45.47
N GLU F 151 -46.94 4.29 46.15
CA GLU F 151 -48.09 3.67 45.49
C GLU F 151 -48.95 4.67 44.72
N ALA F 152 -48.92 5.95 45.14
CA ALA F 152 -49.81 6.95 44.60
C ALA F 152 -49.15 7.78 43.50
N LEU F 153 -47.90 7.49 43.16
CA LEU F 153 -47.15 8.37 42.29
C LEU F 153 -47.49 8.08 40.82
N ILE F 154 -47.81 9.13 40.04
CA ILE F 154 -48.15 9.02 38.62
C ILE F 154 -46.89 9.41 37.82
N VAL F 155 -46.55 8.57 36.86
CA VAL F 155 -45.53 8.87 35.87
C VAL F 155 -46.07 8.55 34.46
N PRO F 156 -45.44 9.12 33.40
CA PRO F 156 -45.77 8.77 32.03
C PRO F 156 -45.40 7.31 31.74
N GLY F 157 -46.25 6.66 30.93
CA GLY F 157 -45.92 5.39 30.29
C GLY F 157 -45.50 5.66 28.85
N TYR F 158 -44.48 4.93 28.35
CA TYR F 158 -43.86 5.24 27.07
C TYR F 158 -44.10 4.14 26.02
N THR F 159 -44.28 4.55 24.75
CA THR F 159 -44.05 3.69 23.61
C THR F 159 -43.20 4.50 22.63
N HIS F 160 -42.15 3.87 22.10
CA HIS F 160 -41.19 4.55 21.24
C HIS F 160 -40.50 5.70 21.99
N LEU F 161 -40.34 5.56 23.31
CA LEU F 161 -39.84 6.60 24.22
C LEU F 161 -40.56 7.95 24.01
N GLN F 162 -41.86 7.86 23.73
CA GLN F 162 -42.76 8.99 23.67
C GLN F 162 -43.87 8.72 24.67
N ARG F 163 -44.36 9.76 25.34
CA ARG F 163 -45.40 9.58 26.35
C ARG F 163 -46.71 9.17 25.68
N ALA F 164 -47.30 8.07 26.15
CA ALA F 164 -48.50 7.49 25.57
C ALA F 164 -49.69 7.62 26.51
N GLN F 165 -49.51 7.24 27.79
CA GLN F 165 -50.58 7.19 28.76
C GLN F 165 -50.01 7.56 30.13
N PRO F 166 -50.83 7.96 31.12
CA PRO F 166 -50.35 8.14 32.49
C PRO F 166 -50.53 6.82 33.24
N VAL F 167 -49.51 6.40 33.98
CA VAL F 167 -49.56 5.14 34.70
C VAL F 167 -49.08 5.38 36.11
N LEU F 168 -49.31 4.38 36.96
CA LEU F 168 -48.82 4.50 38.33
C LEU F 168 -47.46 3.83 38.38
N LEU F 169 -46.57 4.43 39.14
CA LEU F 169 -45.22 3.94 39.35
C LEU F 169 -45.24 2.49 39.83
N PRO F 170 -46.06 2.08 40.81
CA PRO F 170 -46.10 0.67 41.19
C PRO F 170 -46.43 -0.26 40.02
N HIS F 171 -47.26 0.20 39.10
CA HIS F 171 -47.64 -0.62 37.97
C HIS F 171 -46.42 -0.88 37.07
N VAL F 172 -45.59 0.17 36.88
CA VAL F 172 -44.35 0.05 36.15
C VAL F 172 -43.43 -0.97 36.83
N LEU F 173 -43.30 -0.85 38.17
CA LEU F 173 -42.36 -1.68 38.92
C LEU F 173 -42.81 -3.15 38.91
N LEU F 174 -44.12 -3.39 39.03
CA LEU F 174 -44.64 -4.75 39.00
C LEU F 174 -44.34 -5.43 37.66
N THR F 175 -44.18 -4.68 36.55
CA THR F 175 -43.68 -5.24 35.30
C THR F 175 -42.46 -6.12 35.56
N PHE F 176 -41.51 -5.59 36.36
CA PHE F 176 -40.23 -6.27 36.57
C PHE F 176 -40.40 -7.43 37.56
N VAL F 177 -41.40 -7.35 38.46
CA VAL F 177 -41.68 -8.45 39.37
C VAL F 177 -42.26 -9.63 38.58
N GLU F 178 -43.09 -9.33 37.54
CA GLU F 178 -43.71 -10.37 36.73
C GLU F 178 -42.65 -11.03 35.85
N GLN F 179 -41.75 -10.24 35.26
CA GLN F 179 -40.59 -10.76 34.55
C GLN F 179 -39.86 -11.76 35.43
N LEU F 180 -39.52 -11.34 36.64
CA LEU F 180 -38.65 -12.11 37.51
C LEU F 180 -39.36 -13.38 37.93
N GLU F 181 -40.71 -13.35 37.90
CA GLU F 181 -41.53 -14.52 38.24
C GLU F 181 -41.44 -15.59 37.15
N ARG F 182 -41.41 -15.17 35.89
CA ARG F 182 -41.15 -16.08 34.77
C ARG F 182 -39.72 -16.63 34.84
N ASP F 183 -38.79 -15.78 35.25
CA ASP F 183 -37.41 -16.20 35.48
C ASP F 183 -37.33 -17.33 36.50
N ALA F 184 -37.94 -17.12 37.66
CA ALA F 184 -37.97 -18.11 38.71
C ALA F 184 -38.64 -19.41 38.26
N GLY F 185 -39.60 -19.24 37.34
CA GLY F 185 -40.31 -20.35 36.72
C GLY F 185 -39.38 -21.22 35.89
N ARG F 186 -38.49 -20.56 35.16
CA ARG F 186 -37.50 -21.22 34.34
C ARG F 186 -36.48 -21.94 35.23
N TYR F 187 -36.06 -21.30 36.34
CA TYR F 187 -35.11 -21.89 37.30
C TYR F 187 -35.68 -23.20 37.87
N VAL F 188 -36.94 -23.18 38.28
CA VAL F 188 -37.56 -24.33 38.93
C VAL F 188 -37.62 -25.50 37.93
N ASP F 189 -38.00 -25.21 36.68
CA ASP F 189 -38.17 -26.20 35.62
C ASP F 189 -36.82 -26.81 35.22
N CYS F 190 -35.83 -25.95 35.05
CA CYS F 190 -34.46 -26.34 34.77
C CYS F 190 -33.92 -27.26 35.84
N ARG F 191 -34.13 -26.92 37.12
CA ARG F 191 -33.64 -27.76 38.25
C ARG F 191 -34.27 -29.16 38.21
N ALA F 192 -35.56 -29.24 37.92
CA ALA F 192 -36.21 -30.54 37.85
C ALA F 192 -35.54 -31.44 36.80
N ARG F 193 -35.19 -30.81 35.66
CA ARG F 193 -34.75 -31.57 34.51
C ARG F 193 -33.30 -32.01 34.71
N LEU F 194 -32.51 -31.27 35.47
CA LEU F 194 -31.13 -31.65 35.68
C LEU F 194 -30.98 -32.65 36.82
N ASN F 195 -32.03 -32.87 37.62
CA ASN F 195 -31.84 -33.57 38.88
C ASN F 195 -32.01 -35.07 38.68
N PHE F 196 -31.26 -35.61 37.69
CA PHE F 196 -31.11 -37.04 37.43
C PHE F 196 -29.62 -37.39 37.54
N SER F 197 -29.29 -38.53 38.18
CA SER F 197 -27.93 -38.91 38.54
C SER F 197 -27.24 -39.65 37.39
N PRO F 198 -26.12 -39.11 36.85
CA PRO F 198 -25.31 -39.88 35.89
C PRO F 198 -24.38 -40.90 36.55
N LEU F 199 -24.35 -40.94 37.86
CA LEU F 199 -23.32 -41.72 38.52
C LEU F 199 -23.62 -43.21 38.30
N GLY F 200 -22.62 -43.96 37.85
CA GLY F 200 -22.76 -45.38 37.56
C GLY F 200 -22.73 -45.69 36.07
N ALA F 201 -22.76 -44.66 35.23
CA ALA F 201 -22.52 -44.80 33.79
C ALA F 201 -21.06 -45.16 33.49
N CYS F 202 -20.16 -44.93 34.46
CA CYS F 202 -18.73 -45.11 34.28
C CYS F 202 -18.28 -44.36 33.02
N ALA F 203 -17.45 -45.00 32.18
CA ALA F 203 -16.84 -44.26 31.09
C ALA F 203 -17.85 -43.88 30.01
N LEU F 204 -18.86 -44.74 29.76
CA LEU F 204 -19.95 -44.48 28.82
C LEU F 204 -20.95 -45.65 28.79
N ALA F 205 -20.54 -46.88 29.15
CA ALA F 205 -21.38 -48.03 28.85
C ALA F 205 -21.92 -48.71 30.11
N GLY F 206 -21.64 -48.17 31.31
CA GLY F 206 -22.03 -48.87 32.53
C GLY F 206 -20.93 -49.83 32.99
N THR F 207 -21.28 -50.76 33.89
CA THR F 207 -20.33 -51.70 34.40
C THR F 207 -20.96 -53.08 34.61
N GLY F 208 -20.10 -54.11 34.64
CA GLY F 208 -20.50 -55.44 35.07
C GLY F 208 -20.32 -55.68 36.56
N LEU F 209 -19.86 -54.67 37.31
CA LEU F 209 -19.63 -54.80 38.75
C LEU F 209 -20.94 -54.55 39.48
N PRO F 210 -21.20 -55.18 40.63
CA PRO F 210 -22.54 -55.10 41.24
C PRO F 210 -22.87 -53.82 41.99
N ILE F 211 -22.79 -52.67 41.31
CA ILE F 211 -23.07 -51.39 41.96
C ILE F 211 -24.58 -51.20 42.12
N ASP F 212 -24.96 -50.14 42.86
CA ASP F 212 -26.36 -49.74 43.06
C ASP F 212 -26.52 -48.26 42.75
N ARG F 213 -26.96 -47.96 41.53
CA ARG F 213 -27.15 -46.59 41.07
C ARG F 213 -28.35 -45.92 41.74
N PHE F 214 -29.34 -46.68 42.18
CA PHE F 214 -30.49 -46.08 42.83
C PHE F 214 -30.07 -45.57 44.21
N MET F 215 -29.14 -46.28 44.85
CA MET F 215 -28.71 -45.92 46.20
C MET F 215 -27.92 -44.61 46.15
N THR F 216 -26.98 -44.49 45.21
CA THR F 216 -26.19 -43.28 45.08
C THR F 216 -27.05 -42.11 44.61
N ALA F 217 -27.99 -42.32 43.68
CA ALA F 217 -28.93 -41.26 43.33
C ALA F 217 -29.71 -40.75 44.55
N ASN F 218 -30.15 -41.63 45.43
CA ASN F 218 -31.01 -41.23 46.53
C ASN F 218 -30.19 -40.44 47.53
N ALA F 219 -28.99 -40.97 47.87
CA ALA F 219 -28.08 -40.30 48.80
C ALA F 219 -27.72 -38.89 48.32
N LEU F 220 -27.61 -38.67 47.00
CA LEU F 220 -27.21 -37.37 46.51
C LEU F 220 -28.42 -36.49 46.18
N GLY F 221 -29.62 -36.94 46.55
CA GLY F 221 -30.82 -36.12 46.37
C GLY F 221 -31.37 -36.06 44.93
N PHE F 222 -30.87 -36.89 44.02
CA PHE F 222 -31.41 -36.90 42.67
C PHE F 222 -32.75 -37.63 42.61
N THR F 223 -33.62 -37.21 41.68
CA THR F 223 -34.88 -37.91 41.43
C THR F 223 -34.69 -39.41 41.11
N GLU F 224 -33.84 -39.73 40.15
CA GLU F 224 -33.55 -41.09 39.75
C GLU F 224 -32.19 -41.14 39.05
N PRO F 225 -31.62 -42.34 38.81
CA PRO F 225 -30.48 -42.51 37.91
C PRO F 225 -30.90 -42.24 36.47
N MET F 226 -30.02 -41.68 35.65
CA MET F 226 -30.37 -41.50 34.23
C MET F 226 -30.53 -42.89 33.57
N ARG F 227 -31.42 -43.01 32.60
CA ARG F 227 -31.69 -44.31 31.94
CA ARG F 227 -31.69 -44.31 31.94
C ARG F 227 -30.69 -44.84 30.88
N ASN F 228 -29.81 -43.93 30.45
CA ASN F 228 -28.84 -44.29 29.38
C ASN F 228 -27.42 -43.88 29.77
N SER F 229 -26.52 -44.85 29.88
CA SER F 229 -25.15 -44.56 30.27
C SER F 229 -24.43 -43.61 29.31
N ILE F 230 -24.66 -43.71 27.98
CA ILE F 230 -23.97 -42.86 27.01
C ILE F 230 -24.44 -41.40 27.11
N ASP F 231 -25.77 -41.23 27.22
CA ASP F 231 -26.39 -39.94 27.53
C ASP F 231 -25.83 -39.35 28.83
N ALA F 232 -25.72 -40.17 29.89
CA ALA F 232 -25.20 -39.73 31.18
C ALA F 232 -23.83 -39.02 31.08
N VAL F 233 -22.93 -39.52 30.24
CA VAL F 233 -21.56 -39.01 30.21
C VAL F 233 -21.42 -37.93 29.11
N SER F 234 -22.40 -37.82 28.20
CA SER F 234 -22.32 -36.93 27.04
C SER F 234 -23.26 -35.73 27.11
N ASP F 235 -24.27 -35.76 27.99
CA ASP F 235 -25.26 -34.70 28.05
C ASP F 235 -24.68 -33.50 28.82
N ARG F 236 -24.86 -32.29 28.27
CA ARG F 236 -24.63 -31.05 29.00
C ARG F 236 -25.82 -30.11 28.84
N ASP F 237 -27.04 -30.68 28.73
CA ASP F 237 -28.26 -29.90 28.52
C ASP F 237 -28.54 -29.07 29.75
N PHE F 238 -28.21 -29.62 30.92
CA PHE F 238 -28.42 -28.91 32.17
C PHE F 238 -27.59 -27.63 32.18
N VAL F 239 -26.39 -27.65 31.58
CA VAL F 239 -25.55 -26.47 31.45
C VAL F 239 -26.21 -25.44 30.52
N LEU F 240 -26.62 -25.84 29.32
CA LEU F 240 -27.24 -24.95 28.35
C LEU F 240 -28.51 -24.30 28.90
N GLU F 241 -29.41 -25.05 29.54
CA GLU F 241 -30.67 -24.48 29.99
C GLU F 241 -30.44 -23.53 31.16
N PHE F 242 -29.43 -23.81 31.98
CA PHE F 242 -29.12 -22.98 33.12
C PHE F 242 -28.54 -21.69 32.56
N LEU F 243 -27.66 -21.80 31.55
CA LEU F 243 -27.08 -20.66 30.91
C LEU F 243 -28.16 -19.81 30.22
N TYR F 244 -29.13 -20.43 29.56
CA TYR F 244 -30.16 -19.67 28.85
C TYR F 244 -31.01 -18.90 29.87
N THR F 245 -31.32 -19.55 31.01
CA THR F 245 -32.22 -18.98 32.02
C THR F 245 -31.57 -17.73 32.63
N ASN F 246 -30.25 -17.82 32.89
CA ASN F 246 -29.45 -16.69 33.34
C ASN F 246 -29.47 -15.56 32.31
N ALA F 247 -29.32 -15.90 31.04
CA ALA F 247 -29.27 -14.94 29.96
C ALA F 247 -30.58 -14.15 29.89
N ASN F 248 -31.71 -14.82 30.05
CA ASN F 248 -33.03 -14.16 29.99
C ASN F 248 -33.27 -13.32 31.24
N THR F 249 -32.87 -13.79 32.43
CA THR F 249 -32.92 -12.99 33.64
C THR F 249 -32.11 -11.70 33.46
N GLY F 250 -30.89 -11.83 32.94
CA GLY F 250 -30.03 -10.67 32.68
C GLY F 250 -30.62 -9.69 31.68
N ILE F 251 -31.37 -10.18 30.68
CA ILE F 251 -32.08 -9.29 29.77
C ILE F 251 -33.09 -8.45 30.54
N HIS F 252 -33.84 -9.06 31.45
CA HIS F 252 -34.78 -8.30 32.26
C HIS F 252 -34.09 -7.22 33.08
N LEU F 253 -33.02 -7.63 33.79
CA LEU F 253 -32.22 -6.70 34.56
C LEU F 253 -31.57 -5.64 33.68
N SER F 254 -31.27 -5.92 32.39
CA SER F 254 -30.69 -4.92 31.51
C SER F 254 -31.73 -3.88 31.11
N ARG F 255 -33.01 -4.24 31.08
CA ARG F 255 -34.06 -3.28 30.78
C ARG F 255 -34.32 -2.38 32.00
N LEU F 256 -34.30 -2.99 33.20
CA LEU F 256 -34.34 -2.30 34.48
C LEU F 256 -33.20 -1.28 34.52
N GLY F 257 -31.96 -1.76 34.25
CA GLY F 257 -30.80 -0.93 34.04
C GLY F 257 -31.08 0.27 33.17
N GLU F 258 -31.54 0.05 31.93
CA GLU F 258 -31.79 1.10 30.98
C GLU F 258 -32.80 2.09 31.54
N GLU F 259 -33.93 1.56 32.05
CA GLU F 259 -34.98 2.39 32.64
C GLU F 259 -34.41 3.30 33.72
N TRP F 260 -33.68 2.73 34.68
CA TRP F 260 -33.26 3.47 35.85
C TRP F 260 -32.13 4.45 35.51
N VAL F 261 -31.29 4.14 34.52
CA VAL F 261 -30.34 5.13 34.01
C VAL F 261 -31.06 6.29 33.30
N LEU F 262 -32.15 6.00 32.59
CA LEU F 262 -32.96 7.04 31.99
C LEU F 262 -33.59 7.93 33.08
N TRP F 263 -34.20 7.31 34.09
CA TRP F 263 -34.94 8.10 35.08
C TRP F 263 -34.00 8.94 35.96
N ALA F 264 -32.73 8.50 36.05
CA ALA F 264 -31.72 9.22 36.80
C ALA F 264 -31.15 10.40 36.00
N SER F 265 -31.40 10.41 34.68
CA SER F 265 -30.97 11.52 33.84
C SER F 265 -31.61 12.83 34.30
N GLU F 266 -30.95 13.94 33.98
CA GLU F 266 -31.55 15.25 34.23
C GLU F 266 -32.84 15.38 33.40
N GLU F 267 -32.80 14.80 32.19
CA GLU F 267 -33.81 15.02 31.17
C GLU F 267 -35.13 14.48 31.66
N PHE F 268 -35.13 13.26 32.20
CA PHE F 268 -36.32 12.72 32.83
C PHE F 268 -36.53 13.37 34.20
N GLY F 269 -35.50 13.26 35.05
CA GLY F 269 -35.48 13.87 36.37
C GLY F 269 -36.42 13.20 37.35
N PHE F 270 -36.73 11.92 37.11
CA PHE F 270 -37.72 11.19 37.89
C PHE F 270 -37.16 10.68 39.21
N MET F 271 -35.86 10.36 39.23
CA MET F 271 -35.32 9.51 40.27
C MET F 271 -33.97 10.05 40.68
N THR F 272 -33.66 9.99 41.98
CA THR F 272 -32.36 10.38 42.48
C THR F 272 -31.82 9.20 43.28
N PRO F 273 -30.65 8.64 42.91
CA PRO F 273 -29.99 7.64 43.73
C PRO F 273 -29.25 8.26 44.91
N SER F 274 -29.10 7.50 45.99
CA SER F 274 -28.30 7.92 47.14
C SER F 274 -26.82 7.94 46.77
N ASP F 275 -26.04 8.51 47.69
CA ASP F 275 -24.61 8.66 47.55
C ASP F 275 -23.92 7.30 47.57
N SER F 276 -24.52 6.33 48.27
CA SER F 276 -23.91 5.05 48.48
C SER F 276 -23.99 4.17 47.23
N VAL F 277 -24.86 4.52 46.26
CA VAL F 277 -25.02 3.75 45.03
C VAL F 277 -24.82 4.61 43.76
N SER F 278 -24.08 5.72 43.86
CA SER F 278 -23.82 6.56 42.71
C SER F 278 -22.42 7.16 42.83
N THR F 279 -21.92 7.75 41.75
CA THR F 279 -20.77 8.63 41.82
C THR F 279 -21.19 10.00 41.30
N GLY F 280 -20.31 10.99 41.42
CA GLY F 280 -20.56 12.32 40.92
C GLY F 280 -19.25 13.09 40.83
N SER F 281 -19.33 14.38 41.10
CA SER F 281 -18.29 15.32 40.75
C SER F 281 -18.32 16.48 41.72
N SER F 282 -17.15 16.82 42.25
CA SER F 282 -17.09 17.87 43.26
C SER F 282 -17.29 19.26 42.65
N ILE F 283 -17.08 19.45 41.35
CA ILE F 283 -17.33 20.78 40.78
C ILE F 283 -18.73 20.91 40.18
N MET F 284 -19.44 19.78 40.00
CA MET F 284 -20.79 19.75 39.43
C MET F 284 -21.62 18.84 40.33
N PRO F 285 -22.22 19.42 41.41
CA PRO F 285 -22.87 18.61 42.46
C PRO F 285 -24.20 17.93 42.11
N GLN F 286 -24.82 18.37 41.02
CA GLN F 286 -26.06 17.77 40.56
C GLN F 286 -25.80 16.55 39.67
N LYS F 287 -24.53 16.27 39.34
CA LYS F 287 -24.18 15.14 38.52
C LYS F 287 -24.17 13.90 39.40
N LYS F 288 -25.19 13.04 39.27
CA LYS F 288 -25.23 11.79 40.00
C LYS F 288 -25.30 10.66 38.97
N ASN F 289 -24.15 10.00 38.78
CA ASN F 289 -23.99 8.90 37.85
C ASN F 289 -24.40 7.56 38.48
N PRO F 290 -25.33 6.82 37.85
CA PRO F 290 -25.81 5.55 38.40
C PRO F 290 -24.99 4.33 38.00
N ASP F 291 -23.69 4.40 38.28
CA ASP F 291 -22.76 3.36 37.88
C ASP F 291 -23.25 1.93 38.17
N PRO F 292 -23.82 1.58 39.34
CA PRO F 292 -24.30 0.22 39.54
C PRO F 292 -25.26 -0.31 38.47
N MET F 293 -26.23 0.50 38.05
CA MET F 293 -27.23 0.07 37.10
C MET F 293 -26.70 0.12 35.66
N GLU F 294 -25.70 0.97 35.37
CA GLU F 294 -25.00 0.89 34.08
C GLU F 294 -24.24 -0.44 33.94
N LEU F 295 -23.58 -0.84 35.03
CA LEU F 295 -22.88 -2.11 35.09
C LEU F 295 -23.85 -3.28 34.99
N VAL F 296 -24.97 -3.23 35.73
CA VAL F 296 -25.97 -4.28 35.60
C VAL F 296 -26.36 -4.41 34.12
N ARG F 297 -26.59 -3.30 33.43
CA ARG F 297 -26.96 -3.37 32.03
C ARG F 297 -25.85 -4.06 31.25
N GLY F 298 -24.62 -3.54 31.42
CA GLY F 298 -23.45 -4.04 30.69
C GLY F 298 -23.22 -5.52 30.93
N LYS F 299 -23.49 -5.99 32.16
CA LYS F 299 -23.12 -7.37 32.54
C LYS F 299 -24.06 -8.40 31.90
N SER F 300 -25.16 -7.96 31.25
CA SER F 300 -26.04 -8.88 30.59
C SER F 300 -25.32 -9.43 29.36
N ALA F 301 -24.29 -8.72 28.91
CA ALA F 301 -23.58 -9.13 27.71
C ALA F 301 -22.78 -10.40 27.94
N ARG F 302 -21.99 -10.42 29.00
CA ARG F 302 -21.14 -11.61 29.26
C ARG F 302 -22.04 -12.83 29.53
N VAL F 303 -23.24 -12.60 30.06
CA VAL F 303 -24.12 -13.72 30.33
C VAL F 303 -24.65 -14.30 29.01
N ILE F 304 -24.91 -13.45 28.02
CA ILE F 304 -25.29 -13.94 26.70
C ILE F 304 -24.11 -14.68 26.10
N GLY F 305 -22.93 -14.08 26.25
CA GLY F 305 -21.66 -14.64 25.79
C GLY F 305 -21.36 -16.04 26.33
N ASP F 306 -21.53 -16.22 27.64
CA ASP F 306 -21.40 -17.53 28.27
C ASP F 306 -22.32 -18.55 27.59
N LEU F 307 -23.56 -18.13 27.24
CA LEU F 307 -24.51 -19.06 26.65
C LEU F 307 -24.04 -19.52 25.27
N VAL F 308 -23.61 -18.59 24.43
CA VAL F 308 -23.13 -18.90 23.09
C VAL F 308 -21.90 -19.80 23.15
N THR F 309 -21.08 -19.62 24.16
CA THR F 309 -19.88 -20.42 24.35
C THR F 309 -20.25 -21.89 24.42
N VAL F 310 -21.14 -22.27 25.34
CA VAL F 310 -21.43 -23.69 25.52
C VAL F 310 -22.36 -24.24 24.41
N LEU F 311 -23.11 -23.35 23.70
CA LEU F 311 -23.90 -23.71 22.51
C LEU F 311 -23.00 -24.05 21.34
N THR F 312 -21.96 -23.23 21.10
CA THR F 312 -20.99 -23.57 20.06
C THR F 312 -20.15 -24.78 20.46
N LEU F 313 -19.83 -24.89 21.76
CA LEU F 313 -19.07 -26.03 22.30
C LEU F 313 -19.71 -27.37 21.93
N CYS F 314 -21.03 -27.50 22.15
CA CYS F 314 -21.72 -28.77 22.00
C CYS F 314 -22.03 -29.10 20.55
N LYS F 315 -22.14 -28.06 19.70
CA LYS F 315 -22.54 -28.18 18.31
C LYS F 315 -21.61 -29.17 17.61
N GLY F 316 -22.19 -30.19 17.01
CA GLY F 316 -21.46 -31.00 16.04
C GLY F 316 -20.49 -32.01 16.64
N LEU F 317 -20.57 -32.26 17.95
CA LEU F 317 -19.66 -33.15 18.64
C LEU F 317 -20.17 -34.58 18.53
N PRO F 318 -19.26 -35.55 18.28
CA PRO F 318 -19.63 -36.96 18.23
C PRO F 318 -19.92 -37.41 19.65
N LEU F 319 -20.55 -38.60 19.75
CA LEU F 319 -20.67 -39.26 21.04
C LEU F 319 -19.33 -39.89 21.36
N ALA F 320 -18.99 -40.04 22.65
CA ALA F 320 -19.83 -39.79 23.81
C ALA F 320 -19.25 -38.63 24.62
N TYR F 321 -18.31 -38.95 25.53
CA TYR F 321 -17.50 -37.94 26.18
C TYR F 321 -16.37 -37.52 25.26
N ASN F 322 -16.22 -36.19 25.08
CA ASN F 322 -15.07 -35.56 24.43
C ASN F 322 -14.43 -34.55 25.40
N ARG F 323 -13.10 -34.39 25.31
CA ARG F 323 -12.36 -33.51 26.20
C ARG F 323 -12.82 -32.06 26.06
N ASP F 324 -13.42 -31.69 24.93
CA ASP F 324 -13.98 -30.34 24.74
C ASP F 324 -14.95 -29.99 25.89
N PHE F 325 -15.57 -30.99 26.53
CA PHE F 325 -16.57 -30.73 27.56
C PHE F 325 -16.00 -30.09 28.82
N GLN F 326 -14.67 -30.04 28.94
CA GLN F 326 -14.04 -29.37 30.06
C GLN F 326 -14.37 -27.87 30.06
N GLU F 327 -14.61 -27.34 28.86
CA GLU F 327 -14.90 -25.95 28.63
C GLU F 327 -16.31 -25.55 29.09
N ASP F 328 -17.08 -26.47 29.68
CA ASP F 328 -18.44 -26.15 30.08
C ASP F 328 -18.42 -25.36 31.41
N LYS F 329 -17.39 -25.54 32.22
CA LYS F 329 -17.40 -25.01 33.61
C LYS F 329 -17.19 -23.48 33.69
N GLU F 330 -16.04 -23.00 33.24
CA GLU F 330 -15.76 -21.55 33.31
C GLU F 330 -17.00 -20.73 32.91
N PRO F 331 -17.68 -20.98 31.78
CA PRO F 331 -18.80 -20.16 31.38
C PRO F 331 -19.98 -20.26 32.37
N MET F 332 -20.16 -21.42 33.00
CA MET F 332 -21.30 -21.60 33.87
C MET F 332 -20.99 -20.83 35.15
N PHE F 333 -19.71 -20.92 35.55
CA PHE F 333 -19.27 -20.32 36.82
C PHE F 333 -19.35 -18.80 36.71
N ASP F 334 -18.95 -18.28 35.55
CA ASP F 334 -19.00 -16.86 35.22
C ASP F 334 -20.44 -16.36 35.17
N SER F 335 -21.30 -17.12 34.51
CA SER F 335 -22.68 -16.72 34.28
C SER F 335 -23.39 -16.61 35.62
N THR F 336 -23.16 -17.59 36.51
CA THR F 336 -23.84 -17.69 37.78
C THR F 336 -23.38 -16.58 38.71
N LYS F 337 -22.06 -16.40 38.83
CA LYS F 337 -21.55 -15.29 39.63
C LYS F 337 -22.13 -13.96 39.13
N THR F 338 -22.17 -13.79 37.80
CA THR F 338 -22.56 -12.54 37.21
C THR F 338 -24.02 -12.27 37.52
N ILE F 339 -24.91 -13.23 37.27
CA ILE F 339 -26.34 -12.96 37.47
C ILE F 339 -26.64 -12.71 38.97
N MET F 340 -26.02 -13.49 39.87
CA MET F 340 -26.17 -13.29 41.30
C MET F 340 -25.80 -11.86 41.71
N GLY F 341 -24.65 -11.40 41.20
CA GLY F 341 -24.21 -10.03 41.32
C GLY F 341 -25.27 -9.04 40.85
N MET F 342 -25.80 -9.24 39.63
CA MET F 342 -26.72 -8.28 39.03
C MET F 342 -28.04 -8.27 39.82
N ILE F 343 -28.49 -9.43 40.28
CA ILE F 343 -29.73 -9.49 41.05
C ILE F 343 -29.56 -8.68 42.35
N ASP F 344 -28.52 -9.02 43.12
CA ASP F 344 -28.31 -8.48 44.46
C ASP F 344 -28.08 -6.98 44.42
N VAL F 345 -27.27 -6.50 43.47
CA VAL F 345 -27.02 -5.08 43.34
C VAL F 345 -28.29 -4.33 42.93
N SER F 346 -29.08 -4.89 42.03
CA SER F 346 -30.34 -4.29 41.65
C SER F 346 -31.25 -4.12 42.89
N ALA F 347 -31.23 -5.07 43.82
CA ALA F 347 -32.08 -4.99 44.99
C ALA F 347 -31.61 -3.86 45.87
N GLU F 348 -30.29 -3.72 45.96
CA GLU F 348 -29.67 -2.66 46.74
C GLU F 348 -30.05 -1.30 46.16
N PHE F 349 -30.03 -1.18 44.85
CA PHE F 349 -30.28 0.12 44.24
C PHE F 349 -31.74 0.50 44.46
N ALA F 350 -32.65 -0.49 44.38
CA ALA F 350 -34.08 -0.26 44.61
C ALA F 350 -34.34 0.27 46.01
N GLN F 351 -33.48 -0.05 46.98
CA GLN F 351 -33.64 0.40 48.36
C GLN F 351 -32.92 1.73 48.63
N ASN F 352 -32.31 2.32 47.61
CA ASN F 352 -31.47 3.50 47.74
C ASN F 352 -31.83 4.48 46.63
N VAL F 353 -33.13 4.56 46.26
CA VAL F 353 -33.63 5.59 45.36
C VAL F 353 -34.85 6.27 45.99
N THR F 354 -34.98 7.57 45.66
CA THR F 354 -36.19 8.34 45.89
C THR F 354 -36.61 9.01 44.56
N PHE F 355 -37.93 9.24 44.43
CA PHE F 355 -38.52 9.87 43.26
C PHE F 355 -38.71 11.35 43.51
N ASN F 356 -38.56 12.13 42.44
CA ASN F 356 -38.64 13.57 42.56
C ASN F 356 -40.07 14.00 42.23
N GLU F 357 -40.89 14.11 43.28
CA GLU F 357 -42.33 14.24 43.13
C GLU F 357 -42.75 15.52 42.42
N ASP F 358 -42.15 16.64 42.77
CA ASP F 358 -42.43 17.92 42.05
CA ASP F 358 -42.43 17.92 42.04
C ASP F 358 -41.95 17.98 40.56
N ARG F 359 -40.76 17.41 40.37
CA ARG F 359 -40.24 17.33 39.01
C ARG F 359 -41.22 16.56 38.14
N ILE F 360 -41.56 15.35 38.59
CA ILE F 360 -42.44 14.48 37.82
C ILE F 360 -43.75 15.22 37.54
N LYS F 361 -44.37 15.75 38.60
CA LYS F 361 -45.72 16.32 38.57
C LYS F 361 -45.78 17.53 37.64
N LYS F 362 -44.72 18.32 37.59
CA LYS F 362 -44.67 19.54 36.81
C LYS F 362 -44.65 19.25 35.31
N SER F 363 -44.06 18.13 34.88
CA SER F 363 -44.00 17.81 33.45
C SER F 363 -45.32 17.26 32.92
N LEU F 364 -46.10 16.58 33.79
CA LEU F 364 -47.17 15.67 33.41
C LEU F 364 -48.30 16.31 32.62
N PRO F 365 -48.85 17.46 33.02
CA PRO F 365 -50.17 17.87 32.51
C PRO F 365 -50.18 18.59 31.15
N ALA F 366 -49.03 18.71 30.50
CA ALA F 366 -48.93 19.41 29.24
C ALA F 366 -49.00 18.50 28.00
N GLY F 367 -49.07 17.16 28.13
CA GLY F 367 -48.91 16.30 26.95
C GLY F 367 -50.18 15.53 26.53
N HIS F 368 -51.37 16.05 26.89
CA HIS F 368 -52.64 15.48 26.47
C HIS F 368 -52.71 13.99 26.79
N LEU F 369 -52.15 13.58 27.95
CA LEU F 369 -52.20 12.18 28.34
C LEU F 369 -53.63 11.73 28.62
N ASP F 370 -54.57 12.66 28.81
CA ASP F 370 -55.96 12.36 29.11
C ASP F 370 -56.83 12.17 27.86
N ALA F 371 -56.26 12.27 26.65
CA ALA F 371 -56.99 12.19 25.40
C ALA F 371 -57.71 10.83 25.22
N THR F 372 -57.01 9.75 25.58
CA THR F 372 -57.57 8.41 25.49
C THR F 372 -58.74 8.22 26.47
N THR F 373 -58.64 8.81 27.67
CA THR F 373 -59.70 8.69 28.67
C THR F 373 -60.96 9.38 28.13
N LEU F 374 -60.80 10.50 27.43
CA LEU F 374 -61.90 11.24 26.87
C LEU F 374 -62.54 10.44 25.71
N ALA F 375 -61.72 9.79 24.88
CA ALA F 375 -62.23 8.87 23.85
C ALA F 375 -63.04 7.77 24.50
N ASP F 376 -62.53 7.19 25.60
CA ASP F 376 -63.29 6.17 26.31
C ASP F 376 -64.62 6.72 26.81
N TYR F 377 -64.63 7.97 27.30
CA TYR F 377 -65.83 8.62 27.81
C TYR F 377 -66.90 8.59 26.72
N LEU F 378 -66.55 9.03 25.52
CA LEU F 378 -67.48 9.10 24.40
C LEU F 378 -67.94 7.70 23.96
N VAL F 379 -67.01 6.73 23.97
CA VAL F 379 -67.40 5.37 23.63
C VAL F 379 -68.41 4.89 24.67
N LYS F 380 -68.19 5.19 25.96
CA LYS F 380 -69.14 4.78 26.99
C LYS F 380 -70.51 5.43 26.74
N LYS F 381 -70.52 6.68 26.24
CA LYS F 381 -71.77 7.37 25.94
C LYS F 381 -72.42 6.92 24.63
N GLY F 382 -71.88 5.89 23.97
CA GLY F 382 -72.55 5.30 22.83
C GLY F 382 -71.93 5.69 21.49
N MET F 383 -70.88 6.53 21.47
CA MET F 383 -70.24 6.95 20.22
C MET F 383 -69.35 5.81 19.68
N PRO F 384 -69.36 5.53 18.35
CA PRO F 384 -68.39 4.59 17.77
C PRO F 384 -66.95 5.11 17.87
N PHE F 385 -65.98 4.17 17.99
CA PHE F 385 -64.56 4.44 18.10
C PHE F 385 -64.06 5.49 17.11
N ARG F 386 -64.35 5.33 15.82
CA ARG F 386 -63.80 6.23 14.81
C ARG F 386 -64.29 7.64 15.08
N SER F 387 -65.56 7.77 15.50
CA SER F 387 -66.14 9.08 15.72
C SER F 387 -65.54 9.71 16.99
N SER F 388 -65.39 8.90 18.04
CA SER F 388 -64.79 9.36 19.31
C SER F 388 -63.39 9.92 19.03
N HIS F 389 -62.59 9.20 18.25
CA HIS F 389 -61.26 9.68 17.91
C HIS F 389 -61.32 10.96 17.09
N ASP F 390 -62.24 11.07 16.12
CA ASP F 390 -62.37 12.27 15.30
C ASP F 390 -62.66 13.52 16.17
N ILE F 391 -63.55 13.35 17.16
CA ILE F 391 -63.98 14.43 18.02
C ILE F 391 -62.84 14.81 18.97
N VAL F 392 -62.21 13.78 19.57
CA VAL F 392 -61.17 14.03 20.54
C VAL F 392 -60.02 14.76 19.82
N GLY F 393 -59.64 14.29 18.63
CA GLY F 393 -58.58 14.91 17.84
C GLY F 393 -58.80 16.40 17.61
N LYS F 394 -60.03 16.77 17.27
CA LYS F 394 -60.38 18.16 16.99
C LYS F 394 -60.33 19.00 18.27
N LEU F 395 -60.73 18.44 19.42
CA LEU F 395 -60.75 19.16 20.67
C LEU F 395 -59.33 19.42 21.16
N VAL F 396 -58.46 18.45 20.96
CA VAL F 396 -57.07 18.58 21.32
C VAL F 396 -56.47 19.64 20.40
N GLY F 397 -57.01 19.78 19.19
CA GLY F 397 -56.58 20.78 18.22
C GLY F 397 -57.00 22.20 18.61
N VAL F 398 -58.13 22.33 19.30
CA VAL F 398 -58.57 23.58 19.90
C VAL F 398 -57.67 23.95 21.09
N CYS F 399 -57.21 22.94 21.84
CA CYS F 399 -56.34 23.13 22.98
C CYS F 399 -54.98 23.66 22.53
N VAL F 400 -54.30 22.88 21.67
CA VAL F 400 -53.02 23.27 21.11
C VAL F 400 -53.08 24.74 20.68
N SER F 401 -54.02 25.10 19.80
CA SER F 401 -54.04 26.43 19.22
C SER F 401 -54.15 27.50 20.30
N LYS F 402 -55.01 27.26 21.28
CA LYS F 402 -55.24 28.19 22.38
C LYS F 402 -54.32 27.93 23.57
N GLY F 403 -53.26 27.15 23.39
CA GLY F 403 -52.40 26.68 24.47
C GLY F 403 -53.17 26.39 25.78
N CYS F 404 -54.04 25.37 25.79
CA CYS F 404 -54.64 24.94 27.05
C CYS F 404 -54.61 23.41 27.19
N GLU F 405 -55.13 22.92 28.32
CA GLU F 405 -55.36 21.50 28.58
C GLU F 405 -56.84 21.18 28.30
N LEU F 406 -57.14 19.90 28.10
CA LEU F 406 -58.51 19.48 27.78
C LEU F 406 -59.49 19.92 28.84
N GLN F 407 -59.04 19.87 30.10
CA GLN F 407 -59.93 20.13 31.23
C GLN F 407 -60.24 21.62 31.39
N ASN F 408 -59.56 22.50 30.63
CA ASN F 408 -59.88 23.91 30.67
C ASN F 408 -60.90 24.28 29.60
N LEU F 409 -61.29 23.35 28.72
CA LEU F 409 -62.32 23.60 27.71
C LEU F 409 -63.70 23.67 28.38
N SER F 410 -64.54 24.59 27.89
CA SER F 410 -65.94 24.63 28.32
C SER F 410 -66.75 23.50 27.70
N LEU F 411 -67.82 23.14 28.39
CA LEU F 411 -68.80 22.20 27.88
C LEU F 411 -69.43 22.74 26.60
N GLU F 412 -69.67 24.04 26.54
CA GLU F 412 -70.29 24.63 25.37
C GLU F 412 -69.38 24.44 24.16
N GLU F 413 -68.08 24.53 24.37
CA GLU F 413 -67.13 24.31 23.31
C GLU F 413 -67.18 22.86 22.76
N MET F 414 -67.30 21.87 23.66
CA MET F 414 -67.29 20.46 23.33
C MET F 414 -68.57 20.05 22.57
N LYS F 415 -69.72 20.62 22.98
CA LYS F 415 -71.03 20.39 22.41
C LYS F 415 -71.17 20.94 20.99
N LYS F 416 -70.26 21.80 20.54
CA LYS F 416 -70.23 22.19 19.15
C LYS F 416 -69.91 21.03 18.23
N LEU F 417 -69.26 19.98 18.77
CA LEU F 417 -68.83 18.83 17.98
C LEU F 417 -69.74 17.62 18.21
N SER F 418 -70.34 17.47 19.39
CA SER F 418 -71.20 16.32 19.68
C SER F 418 -72.14 16.66 20.81
N PRO F 419 -73.41 16.23 20.72
CA PRO F 419 -74.34 16.43 21.82
C PRO F 419 -74.12 15.53 23.04
N VAL F 420 -73.23 14.53 22.98
CA VAL F 420 -73.18 13.54 24.06
C VAL F 420 -72.44 14.11 25.28
N PHE F 421 -71.67 15.18 25.07
CA PHE F 421 -70.90 15.77 26.16
C PHE F 421 -71.83 16.35 27.23
N GLU F 422 -71.57 15.95 28.49
CA GLU F 422 -72.24 16.50 29.66
C GLU F 422 -71.19 16.93 30.69
N GLU F 423 -71.69 17.49 31.79
CA GLU F 423 -70.86 18.14 32.80
C GLU F 423 -70.03 17.09 33.53
N ASP F 424 -70.43 15.82 33.44
CA ASP F 424 -69.69 14.72 34.07
C ASP F 424 -68.34 14.48 33.38
N VAL F 425 -68.10 15.14 32.23
CA VAL F 425 -66.90 14.94 31.44
C VAL F 425 -65.65 15.39 32.21
N PHE F 426 -65.80 16.38 33.09
CA PHE F 426 -64.66 16.94 33.80
C PHE F 426 -64.07 15.93 34.80
N GLY F 427 -64.88 14.97 35.28
CA GLY F 427 -64.41 13.87 36.12
C GLY F 427 -63.54 12.86 35.38
N PHE F 428 -63.39 13.01 34.05
CA PHE F 428 -62.57 12.14 33.24
C PHE F 428 -61.36 12.86 32.65
N LEU F 429 -61.23 14.16 32.86
CA LEU F 429 -60.11 14.89 32.26
C LEU F 429 -59.08 15.25 33.32
N GLY F 430 -57.86 15.54 32.87
CA GLY F 430 -56.74 15.75 33.75
C GLY F 430 -56.08 14.41 34.11
N VAL F 431 -54.82 14.50 34.47
CA VAL F 431 -53.99 13.31 34.60
C VAL F 431 -54.43 12.45 35.80
N GLU F 432 -54.75 13.08 36.93
CA GLU F 432 -55.19 12.33 38.09
C GLU F 432 -56.48 11.56 37.79
N ASN F 433 -57.42 12.23 37.10
CA ASN F 433 -58.69 11.62 36.74
C ASN F 433 -58.51 10.51 35.68
N SER F 434 -57.67 10.71 34.66
CA SER F 434 -57.36 9.67 33.68
C SER F 434 -56.92 8.38 34.35
N VAL F 435 -55.92 8.48 35.23
CA VAL F 435 -55.32 7.30 35.86
C VAL F 435 -56.33 6.50 36.65
N ASN F 436 -57.25 7.22 37.28
CA ASN F 436 -58.28 6.66 38.13
C ASN F 436 -59.32 5.92 37.30
N LYS F 437 -59.51 6.28 36.03
CA LYS F 437 -60.53 5.71 35.17
C LYS F 437 -60.11 4.39 34.51
N PHE F 438 -58.84 3.98 34.62
CA PHE F 438 -58.44 2.65 34.15
C PHE F 438 -59.08 1.60 35.06
N SER F 439 -59.73 0.58 34.46
CA SER F 439 -60.60 -0.33 35.20
C SER F 439 -60.37 -1.79 34.81
N SER F 440 -59.79 -2.05 33.63
CA SER F 440 -59.59 -3.39 33.14
C SER F 440 -58.59 -4.13 34.03
N TYR F 441 -58.72 -5.47 34.10
CA TYR F 441 -57.82 -6.31 34.89
C TYR F 441 -56.40 -6.17 34.32
N GLY F 442 -55.40 -6.05 35.23
CA GLY F 442 -54.02 -5.82 34.82
C GLY F 442 -53.73 -4.37 34.43
N SER F 443 -54.74 -3.50 34.57
CA SER F 443 -54.58 -2.11 34.16
C SER F 443 -53.78 -1.35 35.23
N THR F 444 -53.50 -0.07 34.90
CA THR F 444 -52.86 0.87 35.81
C THR F 444 -53.86 1.51 36.77
N GLY F 445 -55.11 1.08 36.77
CA GLY F 445 -56.12 1.63 37.64
C GLY F 445 -55.74 1.41 39.10
N SER F 446 -55.93 2.43 39.93
CA SER F 446 -55.58 2.41 41.37
C SER F 446 -56.01 1.12 42.08
N ASN F 447 -57.25 0.69 41.87
CA ASN F 447 -57.79 -0.49 42.54
C ASN F 447 -57.24 -1.77 41.92
N CYS F 448 -56.98 -1.71 40.62
CA CYS F 448 -56.33 -2.79 39.89
C CYS F 448 -54.95 -3.05 40.49
N VAL F 449 -54.16 -1.98 40.62
CA VAL F 449 -52.82 -2.08 41.12
C VAL F 449 -52.83 -2.52 42.58
N ALA F 450 -53.77 -1.99 43.36
CA ALA F 450 -53.89 -2.36 44.76
C ALA F 450 -54.09 -3.87 44.91
N GLU F 451 -54.95 -4.46 44.07
CA GLU F 451 -55.22 -5.88 44.08
C GLU F 451 -53.95 -6.67 43.77
N GLN F 452 -53.23 -6.24 42.72
CA GLN F 452 -52.01 -6.87 42.26
C GLN F 452 -50.90 -6.76 43.32
N LEU F 453 -50.83 -5.61 44.04
CA LEU F 453 -49.85 -5.45 45.11
C LEU F 453 -50.20 -6.39 46.28
N GLY F 454 -51.50 -6.46 46.62
CA GLY F 454 -51.94 -7.38 47.65
C GLY F 454 -51.48 -8.80 47.34
N TYR F 455 -51.71 -9.18 46.08
CA TYR F 455 -51.30 -10.49 45.60
C TYR F 455 -49.83 -10.74 45.93
N TRP F 456 -48.96 -9.79 45.54
CA TRP F 456 -47.52 -10.00 45.70
C TRP F 456 -47.10 -9.99 47.17
N VAL F 457 -47.77 -9.14 47.99
CA VAL F 457 -47.41 -9.03 49.39
C VAL F 457 -47.63 -10.37 50.08
N ASN F 458 -48.74 -11.03 49.70
CA ASN F 458 -49.09 -12.35 50.20
C ASN F 458 -48.16 -13.43 49.64
N LYS F 459 -47.94 -13.39 48.33
CA LYS F 459 -47.14 -14.39 47.67
C LYS F 459 -45.68 -14.33 48.13
N LEU F 460 -45.17 -13.14 48.49
CA LEU F 460 -43.77 -13.01 48.89
C LEU F 460 -43.63 -13.04 50.41
N ASN F 461 -44.77 -13.03 51.09
CA ASN F 461 -44.77 -13.11 52.54
C ASN F 461 -44.18 -11.83 53.13
N ILE F 462 -44.49 -10.68 52.53
CA ILE F 462 -44.05 -9.39 53.00
C ILE F 462 -44.88 -8.98 54.23
N THR F 463 -44.21 -8.66 55.36
CA THR F 463 -44.86 -8.33 56.62
C THR F 463 -44.18 -7.12 57.25
N SER G 16 -22.72 -4.18 54.03
CA SER G 16 -22.84 -2.71 53.78
C SER G 16 -23.07 -2.44 52.29
N VAL G 17 -23.87 -1.41 51.99
CA VAL G 17 -24.19 -1.03 50.61
C VAL G 17 -22.89 -0.63 49.90
N THR G 18 -22.13 0.29 50.51
CA THR G 18 -20.84 0.72 49.98
C THR G 18 -19.98 -0.51 49.66
N GLU G 19 -19.87 -1.43 50.61
CA GLU G 19 -19.05 -2.62 50.48
C GLU G 19 -19.50 -3.46 49.28
N LYS G 20 -20.81 -3.69 49.14
CA LYS G 20 -21.33 -4.48 48.05
C LYS G 20 -21.11 -3.79 46.70
N VAL G 21 -21.26 -2.45 46.65
CA VAL G 21 -21.11 -1.72 45.40
C VAL G 21 -19.64 -1.69 44.99
N GLU G 22 -18.77 -1.71 46.00
CA GLU G 22 -17.34 -1.64 45.82
C GLU G 22 -16.87 -2.91 45.10
N LYS G 23 -17.20 -4.06 45.69
CA LYS G 23 -16.89 -5.36 45.08
C LYS G 23 -17.49 -5.48 43.68
N PHE G 24 -18.65 -4.86 43.44
CA PHE G 24 -19.30 -5.03 42.16
C PHE G 24 -18.69 -4.07 41.14
N THR G 25 -18.15 -2.91 41.58
CA THR G 25 -17.61 -1.94 40.63
C THR G 25 -16.09 -2.05 40.45
N GLU G 26 -15.39 -2.75 41.37
CA GLU G 26 -13.94 -2.77 41.34
C GLU G 26 -13.45 -3.56 40.13
N SER G 27 -12.37 -3.07 39.50
CA SER G 27 -11.86 -3.67 38.29
C SER G 27 -10.40 -4.14 38.46
N ILE G 28 -9.77 -3.88 39.61
CA ILE G 28 -8.34 -4.16 39.81
C ILE G 28 -8.06 -5.66 39.78
N SER G 29 -9.04 -6.47 40.19
CA SER G 29 -8.86 -7.92 40.15
C SER G 29 -8.56 -8.37 38.72
N PHE G 30 -9.01 -7.64 37.69
CA PHE G 30 -8.66 -7.98 36.31
C PHE G 30 -7.76 -6.94 35.62
N ASP G 31 -7.98 -5.62 35.82
CA ASP G 31 -7.23 -4.62 35.04
C ASP G 31 -5.78 -4.43 35.52
N LYS G 32 -5.32 -5.12 36.55
CA LYS G 32 -3.95 -4.92 37.01
C LYS G 32 -2.96 -5.32 35.94
N VAL G 33 -3.40 -6.17 34.99
CA VAL G 33 -2.51 -6.68 33.96
C VAL G 33 -2.19 -5.55 32.95
N LEU G 34 -2.83 -4.39 33.10
CA LEU G 34 -2.51 -3.24 32.26
C LEU G 34 -1.34 -2.42 32.82
N TYR G 35 -0.71 -2.87 33.91
CA TYR G 35 0.17 -2.00 34.68
C TYR G 35 1.32 -1.45 33.86
N LYS G 36 1.91 -2.20 32.92
CA LYS G 36 3.01 -1.69 32.10
C LYS G 36 2.58 -0.57 31.15
N GLN G 37 1.43 -0.70 30.52
CA GLN G 37 0.96 0.30 29.58
C GLN G 37 0.52 1.59 30.30
N ASP G 38 -0.09 1.43 31.49
CA ASP G 38 -0.59 2.55 32.26
C ASP G 38 0.58 3.40 32.75
N ILE G 39 1.68 2.74 33.11
CA ILE G 39 2.89 3.43 33.51
C ILE G 39 3.54 4.15 32.32
N MET G 40 3.61 3.52 31.16
CA MET G 40 4.14 4.16 29.96
C MET G 40 3.34 5.41 29.58
N GLY G 41 1.99 5.31 29.67
CA GLY G 41 1.09 6.39 29.34
C GLY G 41 1.22 7.57 30.31
N SER G 42 1.38 7.27 31.62
CA SER G 42 1.57 8.28 32.64
C SER G 42 2.90 9.03 32.49
N LYS G 43 3.96 8.30 32.14
CA LYS G 43 5.25 8.93 31.87
C LYS G 43 5.21 9.82 30.64
N ALA G 44 4.62 9.34 29.54
CA ALA G 44 4.45 10.19 28.36
C ALA G 44 3.64 11.42 28.71
N HIS G 45 2.57 11.24 29.49
CA HIS G 45 1.75 12.35 29.94
C HIS G 45 2.59 13.36 30.74
N ALA G 46 3.29 12.93 31.78
CA ALA G 46 4.11 13.80 32.62
C ALA G 46 5.14 14.54 31.77
N SER G 47 5.77 13.81 30.86
CA SER G 47 6.76 14.39 29.97
CA SER G 47 6.75 14.36 29.95
C SER G 47 6.16 15.50 29.11
N MET G 48 4.94 15.29 28.60
CA MET G 48 4.28 16.29 27.77
C MET G 48 3.94 17.50 28.65
N LEU G 49 3.51 17.25 29.88
CA LEU G 49 3.11 18.33 30.77
C LEU G 49 4.30 19.25 31.01
N ALA G 50 5.51 18.71 31.12
CA ALA G 50 6.68 19.54 31.41
C ALA G 50 7.05 20.36 30.17
N HIS G 51 6.97 19.72 29.00
CA HIS G 51 7.29 20.33 27.73
C HIS G 51 6.34 21.50 27.45
N GLN G 52 5.10 21.43 27.96
CA GLN G 52 4.11 22.47 27.73
C GLN G 52 4.08 23.49 28.87
N GLY G 53 4.97 23.31 29.85
CA GLY G 53 5.09 24.25 30.96
C GLY G 53 3.93 24.16 31.94
N LEU G 54 3.29 23.00 32.06
CA LEU G 54 2.23 22.86 33.06
C LEU G 54 2.78 22.31 34.35
N ILE G 55 3.97 21.70 34.33
CA ILE G 55 4.66 21.25 35.53
C ILE G 55 6.13 21.53 35.28
N THR G 56 6.89 21.56 36.37
CA THR G 56 8.32 21.84 36.30
C THR G 56 9.04 20.58 35.84
N ASP G 57 10.20 20.73 35.21
CA ASP G 57 11.06 19.61 34.87
C ASP G 57 11.44 18.78 36.09
N SER G 58 11.50 19.37 37.27
CA SER G 58 11.91 18.60 38.43
C SER G 58 10.74 17.80 38.97
N ASP G 59 9.53 18.35 38.88
CA ASP G 59 8.33 17.57 39.16
C ASP G 59 8.22 16.35 38.23
N LYS G 60 8.46 16.56 36.94
CA LYS G 60 8.40 15.50 35.95
C LYS G 60 9.35 14.37 36.28
N ASP G 61 10.59 14.69 36.64
CA ASP G 61 11.61 13.72 36.98
C ASP G 61 11.22 12.92 38.22
N SER G 62 10.60 13.55 39.22
CA SER G 62 10.15 12.82 40.40
C SER G 62 9.08 11.82 40.01
N ILE G 63 8.19 12.22 39.12
CA ILE G 63 7.15 11.34 38.61
C ILE G 63 7.77 10.17 37.84
N LEU G 64 8.53 10.45 36.76
CA LEU G 64 9.19 9.42 35.97
C LEU G 64 9.89 8.41 36.86
N ARG G 65 10.66 8.89 37.84
CA ARG G 65 11.48 8.02 38.68
C ARG G 65 10.63 7.20 39.65
N GLY G 66 9.64 7.83 40.27
CA GLY G 66 8.71 7.09 41.11
C GLY G 66 7.94 6.01 40.32
N LEU G 67 7.57 6.30 39.07
CA LEU G 67 6.81 5.34 38.28
C LEU G 67 7.69 4.13 37.97
N ASP G 68 9.00 4.34 37.79
CA ASP G 68 9.97 3.30 37.51
C ASP G 68 10.22 2.46 38.77
N ASP G 69 10.24 3.11 39.94
CA ASP G 69 10.28 2.38 41.19
C ASP G 69 9.06 1.47 41.32
N ILE G 70 7.86 1.98 40.99
CA ILE G 70 6.65 1.21 41.17
C ILE G 70 6.64 0.04 40.19
N GLU G 71 7.01 0.26 38.93
CA GLU G 71 7.08 -0.85 37.99
C GLU G 71 7.99 -1.95 38.54
N ARG G 72 9.18 -1.59 39.07
CA ARG G 72 10.12 -2.57 39.62
C ARG G 72 9.50 -3.35 40.77
N GLN G 73 8.71 -2.68 41.60
CA GLN G 73 8.06 -3.37 42.70
C GLN G 73 7.07 -4.41 42.17
N ILE G 74 6.33 -4.04 41.11
CA ILE G 74 5.30 -4.93 40.58
C ILE G 74 6.02 -6.14 40.00
N GLU G 75 7.06 -5.93 39.18
CA GLU G 75 7.82 -7.01 38.57
C GLU G 75 8.38 -7.96 39.65
N ALA G 76 8.68 -7.45 40.84
CA ALA G 76 9.25 -8.28 41.90
C ALA G 76 8.19 -8.89 42.79
N ASN G 77 6.91 -8.70 42.47
CA ASN G 77 5.81 -9.29 43.22
C ASN G 77 5.83 -8.82 44.66
N LYS G 78 6.00 -7.50 44.85
CA LYS G 78 6.07 -6.88 46.15
C LYS G 78 5.10 -5.71 46.23
N PHE G 79 4.06 -5.73 45.40
CA PHE G 79 3.18 -4.57 45.25
C PHE G 79 1.76 -4.99 45.60
N GLU G 80 1.21 -4.45 46.68
CA GLU G 80 -0.12 -4.83 47.12
C GLU G 80 -1.17 -4.07 46.30
N TRP G 81 -1.85 -4.78 45.42
CA TRP G 81 -3.01 -4.24 44.73
C TRP G 81 -4.16 -4.12 45.71
N ARG G 82 -4.94 -3.03 45.65
CA ARG G 82 -6.01 -2.85 46.62
C ARG G 82 -7.35 -2.61 45.94
N THR G 83 -8.38 -3.29 46.42
CA THR G 83 -9.74 -3.12 45.89
C THR G 83 -10.30 -1.80 46.37
N ASP G 84 -9.85 -1.35 47.54
CA ASP G 84 -10.29 -0.04 48.01
C ASP G 84 -9.70 1.09 47.15
N ARG G 85 -8.75 0.76 46.26
CA ARG G 85 -8.18 1.74 45.28
C ARG G 85 -8.85 1.56 43.91
N GLU G 86 -9.82 0.65 43.77
CA GLU G 86 -10.73 0.64 42.62
C GLU G 86 -10.11 -0.11 41.43
N ASP G 87 -9.02 0.42 40.85
CA ASP G 87 -8.54 -0.01 39.55
C ASP G 87 -7.04 0.20 39.45
N VAL G 88 -6.46 -0.16 38.30
CA VAL G 88 -5.03 -0.02 38.04
C VAL G 88 -4.61 1.47 38.08
N HIS G 89 -5.40 2.37 37.51
CA HIS G 89 -5.02 3.77 37.42
C HIS G 89 -4.90 4.40 38.82
N MET G 90 -5.90 4.16 39.67
CA MET G 90 -5.93 4.76 40.99
C MET G 90 -4.96 4.04 41.93
N ASN G 91 -4.77 2.73 41.77
CA ASN G 91 -3.78 1.97 42.55
C ASN G 91 -2.38 2.54 42.36
N ILE G 92 -1.95 2.70 41.10
CA ILE G 92 -0.60 3.16 40.80
C ILE G 92 -0.44 4.60 41.27
N GLU G 93 -1.44 5.45 40.97
CA GLU G 93 -1.30 6.89 41.13
C GLU G 93 -1.43 7.26 42.60
N ALA G 94 -2.06 6.40 43.42
CA ALA G 94 -2.06 6.54 44.89
C ALA G 94 -0.74 6.06 45.47
N ALA G 95 -0.21 4.95 44.98
CA ALA G 95 1.06 4.44 45.47
C ALA G 95 2.17 5.41 45.12
N LEU G 96 2.07 6.04 43.94
CA LEU G 96 3.02 7.06 43.55
C LEU G 96 2.99 8.24 44.55
N THR G 97 1.79 8.60 45.04
CA THR G 97 1.59 9.70 45.98
C THR G 97 2.23 9.33 47.32
N ASP G 98 1.97 8.13 47.84
CA ASP G 98 2.65 7.65 49.05
C ASP G 98 4.18 7.67 48.90
N LEU G 99 4.68 7.66 47.66
CA LEU G 99 6.10 7.49 47.44
C LEU G 99 6.80 8.82 47.17
N ILE G 100 6.16 9.81 46.54
CA ILE G 100 6.88 11.03 46.17
C ILE G 100 6.12 12.29 46.58
N GLY G 101 4.93 12.17 47.15
CA GLY G 101 4.20 13.32 47.65
C GLY G 101 3.43 14.03 46.55
N GLU G 102 3.43 15.37 46.62
CA GLU G 102 2.48 16.21 45.90
C GLU G 102 2.68 16.13 44.38
N PRO G 103 3.92 16.00 43.84
CA PRO G 103 4.09 15.92 42.38
C PRO G 103 3.22 14.86 41.71
N ALA G 104 3.04 13.71 42.36
CA ALA G 104 2.21 12.61 41.88
C ALA G 104 0.82 13.11 41.49
N LYS G 105 0.26 14.05 42.23
CA LYS G 105 -1.08 14.55 41.95
C LYS G 105 -1.11 15.39 40.68
N LYS G 106 0.06 15.79 40.17
CA LYS G 106 0.07 16.64 38.99
C LYS G 106 -0.33 15.84 37.76
N LEU G 107 -0.27 14.49 37.84
CA LEU G 107 -0.64 13.59 36.74
C LEU G 107 -2.11 13.74 36.34
N HIS G 108 -3.01 13.95 37.30
CA HIS G 108 -4.42 14.19 37.03
C HIS G 108 -4.65 15.41 36.09
N THR G 109 -3.64 16.29 35.90
CA THR G 109 -3.83 17.53 35.16
C THR G 109 -4.16 17.16 33.72
N ALA G 110 -5.29 17.68 33.23
CA ALA G 110 -5.64 17.58 31.82
C ALA G 110 -5.68 16.10 31.39
N ARG G 111 -6.34 15.25 32.16
CA ARG G 111 -6.39 13.82 31.93
C ARG G 111 -7.53 13.23 32.78
N SER G 112 -8.33 12.35 32.19
CA SER G 112 -9.46 11.69 32.83
C SER G 112 -9.17 10.19 32.79
N ARG G 113 -9.81 9.41 33.66
CA ARG G 113 -9.67 7.92 33.53
C ARG G 113 -10.31 7.48 32.18
N ASN G 114 -11.17 8.31 31.60
CA ASN G 114 -11.82 7.95 30.36
C ASN G 114 -10.80 7.82 29.23
N ASP G 115 -9.91 8.81 29.08
CA ASP G 115 -8.92 8.78 28.01
C ASP G 115 -7.73 7.94 28.45
N GLN G 116 -7.47 7.89 29.76
CA GLN G 116 -6.40 7.04 30.24
C GLN G 116 -6.69 5.57 29.93
N VAL G 117 -7.88 5.06 30.23
CA VAL G 117 -8.11 3.62 30.06
C VAL G 117 -8.13 3.27 28.58
N ALA G 118 -8.62 4.17 27.72
CA ALA G 118 -8.71 3.89 26.30
C ALA G 118 -7.29 3.81 25.74
N THR G 119 -6.40 4.70 26.21
CA THR G 119 -5.01 4.67 25.82
C THR G 119 -4.37 3.36 26.25
N ASP G 120 -4.52 2.99 27.53
CA ASP G 120 -3.77 1.88 28.09
C ASP G 120 -4.16 0.58 27.38
N PHE G 121 -5.46 0.44 27.09
CA PHE G 121 -6.03 -0.79 26.58
C PHE G 121 -5.63 -0.93 25.12
N ARG G 122 -5.68 0.16 24.33
CA ARG G 122 -5.13 0.17 22.97
C ARG G 122 -3.67 -0.24 22.94
N LEU G 123 -2.87 0.24 23.89
CA LEU G 123 -1.46 -0.16 23.98
C LEU G 123 -1.32 -1.65 24.31
N TRP G 124 -2.12 -2.17 25.26
CA TRP G 124 -2.05 -3.57 25.62
C TRP G 124 -2.42 -4.46 24.41
N CYS G 125 -3.47 -4.07 23.66
CA CYS G 125 -3.89 -4.74 22.43
C CYS G 125 -2.78 -4.74 21.39
N ARG G 126 -2.06 -3.64 21.23
CA ARG G 126 -0.96 -3.56 20.24
C ARG G 126 0.13 -4.57 20.60
N ASP G 127 0.53 -4.61 21.86
CA ASP G 127 1.53 -5.57 22.34
C ASP G 127 1.09 -7.03 22.14
N ALA G 128 -0.20 -7.31 22.37
CA ALA G 128 -0.71 -8.66 22.38
C ALA G 128 -0.79 -9.17 20.93
N ILE G 129 -1.21 -8.29 20.02
CA ILE G 129 -1.24 -8.56 18.59
C ILE G 129 0.17 -8.92 18.12
N ASP G 130 1.17 -8.10 18.49
CA ASP G 130 2.55 -8.40 18.09
C ASP G 130 2.97 -9.77 18.60
N THR G 131 2.61 -10.10 19.85
CA THR G 131 2.94 -11.41 20.40
C THR G 131 2.24 -12.56 19.62
N ILE G 132 0.97 -12.38 19.24
CA ILE G 132 0.22 -13.43 18.59
C ILE G 132 0.82 -13.73 17.23
N ILE G 133 1.24 -12.70 16.51
CA ILE G 133 1.86 -12.85 15.21
C ILE G 133 3.12 -13.69 15.31
N VAL G 134 3.97 -13.45 16.31
CA VAL G 134 5.14 -14.29 16.55
C VAL G 134 4.70 -15.75 16.75
N LYS G 135 3.67 -16.00 17.55
CA LYS G 135 3.23 -17.36 17.82
C LYS G 135 2.64 -18.03 16.58
N ILE G 136 2.01 -17.24 15.72
CA ILE G 136 1.39 -17.76 14.47
C ILE G 136 2.50 -18.22 13.52
N ARG G 137 3.56 -17.43 13.38
CA ARG G 137 4.72 -17.82 12.55
CA ARG G 137 4.71 -17.82 12.54
C ARG G 137 5.40 -19.12 13.02
N ASN G 138 5.46 -19.24 14.35
CA ASN G 138 6.00 -20.43 15.00
CA ASN G 138 6.01 -20.43 14.97
C ASN G 138 5.18 -21.64 14.58
N LEU G 139 3.84 -21.50 14.59
CA LEU G 139 2.93 -22.59 14.24
C LEU G 139 3.06 -22.91 12.75
N GLN G 140 3.07 -21.84 11.93
CA GLN G 140 3.31 -21.98 10.51
C GLN G 140 4.58 -22.79 10.28
N ARG G 141 5.67 -22.42 10.97
CA ARG G 141 6.95 -23.15 10.80
C ARG G 141 6.77 -24.63 11.21
N ALA G 142 6.03 -24.89 12.28
CA ALA G 142 5.93 -26.27 12.73
C ALA G 142 5.17 -27.15 11.71
N LEU G 143 4.19 -26.55 11.05
CA LEU G 143 3.39 -27.20 10.04
C LEU G 143 4.19 -27.41 8.77
N VAL G 144 5.06 -26.46 8.40
CA VAL G 144 5.81 -26.63 7.18
C VAL G 144 6.89 -27.69 7.41
N GLU G 145 7.41 -27.77 8.63
CA GLU G 145 8.43 -28.74 8.99
C GLU G 145 7.86 -30.17 9.04
N LEU G 146 6.62 -30.35 9.53
CA LEU G 146 5.95 -31.65 9.42
C LEU G 146 5.71 -32.01 7.94
N ALA G 147 5.32 -31.01 7.14
CA ALA G 147 5.09 -31.17 5.72
C ALA G 147 6.35 -31.70 5.09
N LEU G 148 7.49 -31.12 5.43
CA LEU G 148 8.79 -31.50 4.86
C LEU G 148 9.25 -32.86 5.38
N LYS G 149 8.94 -33.26 6.61
CA LYS G 149 9.30 -34.60 7.06
C LYS G 149 8.47 -35.71 6.37
N ASN G 150 7.42 -35.34 5.64
CA ASN G 150 6.42 -36.28 5.17
C ASN G 150 6.00 -35.87 3.76
N GLU G 151 6.96 -35.40 2.96
CA GLU G 151 6.63 -34.64 1.76
C GLU G 151 6.07 -35.58 0.67
N ALA G 152 6.40 -36.87 0.70
CA ALA G 152 5.92 -37.80 -0.33
C ALA G 152 4.73 -38.67 0.13
N LEU G 153 4.12 -38.36 1.28
CA LEU G 153 3.05 -39.21 1.78
C LEU G 153 1.77 -38.81 1.07
N ILE G 154 1.13 -39.76 0.41
CA ILE G 154 -0.19 -39.59 -0.21
C ILE G 154 -1.26 -40.02 0.77
N VAL G 155 -2.25 -39.15 0.97
CA VAL G 155 -3.42 -39.46 1.77
C VAL G 155 -4.64 -39.14 0.92
N PRO G 156 -5.87 -39.49 1.33
CA PRO G 156 -7.08 -39.03 0.65
C PRO G 156 -7.40 -37.56 0.93
N GLY G 157 -7.86 -36.83 -0.11
CA GLY G 157 -8.60 -35.60 0.08
C GLY G 157 -10.10 -35.90 0.14
N TYR G 158 -10.87 -35.19 0.95
CA TYR G 158 -12.22 -35.62 1.27
C TYR G 158 -13.19 -34.52 0.87
N THR G 159 -14.39 -34.93 0.46
CA THR G 159 -15.57 -34.06 0.45
C THR G 159 -16.71 -34.87 1.04
N HIS G 160 -17.51 -34.25 1.92
CA HIS G 160 -18.63 -34.94 2.56
C HIS G 160 -18.12 -36.08 3.46
N LEU G 161 -16.83 -36.01 3.84
CA LEU G 161 -16.10 -37.07 4.55
C LEU G 161 -16.09 -38.37 3.75
N GLN G 162 -16.13 -38.24 2.43
CA GLN G 162 -15.92 -39.34 1.50
C GLN G 162 -14.63 -39.10 0.74
N ARG G 163 -13.82 -40.14 0.50
CA ARG G 163 -12.58 -40.02 -0.26
C ARG G 163 -12.88 -39.58 -1.68
N ALA G 164 -12.29 -38.48 -2.11
CA ALA G 164 -12.66 -37.86 -3.37
C ALA G 164 -11.49 -37.94 -4.36
N GLN G 165 -10.30 -37.63 -3.89
CA GLN G 165 -9.16 -37.59 -4.77
C GLN G 165 -7.90 -37.74 -3.95
N PRO G 166 -6.79 -38.22 -4.55
CA PRO G 166 -5.54 -38.39 -3.81
C PRO G 166 -4.79 -37.07 -3.70
N VAL G 167 -4.27 -36.81 -2.50
CA VAL G 167 -3.47 -35.60 -2.29
C VAL G 167 -2.21 -35.95 -1.53
N LEU G 168 -1.26 -35.00 -1.50
CA LEU G 168 -0.07 -35.13 -0.68
C LEU G 168 -0.31 -34.50 0.70
N LEU G 169 0.12 -35.18 1.76
CA LEU G 169 0.02 -34.66 3.12
C LEU G 169 0.48 -33.19 3.19
N PRO G 170 1.63 -32.80 2.60
CA PRO G 170 2.07 -31.40 2.69
C PRO G 170 1.08 -30.39 2.11
N HIS G 171 0.33 -30.81 1.10
CA HIS G 171 -0.64 -29.94 0.47
C HIS G 171 -1.81 -29.74 1.44
N VAL G 172 -2.10 -30.78 2.24
CA VAL G 172 -3.12 -30.64 3.25
C VAL G 172 -2.67 -29.65 4.33
N LEU G 173 -1.45 -29.84 4.84
CA LEU G 173 -0.89 -29.04 5.92
C LEU G 173 -0.74 -27.60 5.46
N LEU G 174 -0.42 -27.38 4.16
CA LEU G 174 -0.31 -26.03 3.63
C LEU G 174 -1.65 -25.32 3.61
N THR G 175 -2.79 -26.05 3.61
CA THR G 175 -4.08 -25.38 3.81
C THR G 175 -4.10 -24.50 5.07
N PHE G 176 -3.72 -25.11 6.20
CA PHE G 176 -3.73 -24.47 7.50
C PHE G 176 -2.75 -23.30 7.51
N VAL G 177 -1.55 -23.53 6.99
CA VAL G 177 -0.57 -22.47 6.86
C VAL G 177 -1.15 -21.27 6.10
N GLU G 178 -1.93 -21.51 5.04
CA GLU G 178 -2.51 -20.40 4.29
C GLU G 178 -3.66 -19.75 5.07
N GLN G 179 -4.38 -20.52 5.89
CA GLN G 179 -5.42 -19.96 6.74
C GLN G 179 -4.81 -18.93 7.69
N LEU G 180 -3.75 -19.38 8.37
CA LEU G 180 -3.04 -18.62 9.40
C LEU G 180 -2.39 -17.39 8.77
N GLU G 181 -2.05 -17.42 7.48
CA GLU G 181 -1.48 -16.24 6.86
C GLU G 181 -2.55 -15.18 6.67
N ARG G 182 -3.78 -15.59 6.35
CA ARG G 182 -4.87 -14.64 6.29
C ARG G 182 -5.15 -14.08 7.68
N ASP G 183 -5.07 -14.94 8.70
CA ASP G 183 -5.19 -14.53 10.10
C ASP G 183 -4.13 -13.48 10.46
N ALA G 184 -2.88 -13.70 10.06
CA ALA G 184 -1.81 -12.77 10.33
C ALA G 184 -2.09 -11.45 9.60
N GLY G 185 -2.60 -11.52 8.36
CA GLY G 185 -2.97 -10.28 7.69
C GLY G 185 -4.07 -9.52 8.43
N ARG G 186 -5.10 -10.22 8.93
CA ARG G 186 -6.12 -9.50 9.72
C ARG G 186 -5.53 -8.79 10.94
N TYR G 187 -4.62 -9.47 11.65
CA TYR G 187 -3.96 -8.92 12.82
C TYR G 187 -3.18 -7.65 12.47
N VAL G 188 -2.49 -7.68 11.32
CA VAL G 188 -1.73 -6.52 10.89
C VAL G 188 -2.65 -5.34 10.59
N ASP G 189 -3.76 -5.59 9.87
CA ASP G 189 -4.71 -4.52 9.53
C ASP G 189 -5.42 -4.01 10.79
N CYS G 190 -5.65 -4.89 11.77
CA CYS G 190 -6.30 -4.52 13.02
C CYS G 190 -5.40 -3.60 13.84
N ARG G 191 -4.11 -3.93 13.87
CA ARG G 191 -3.12 -3.14 14.64
C ARG G 191 -2.99 -1.73 14.05
N ALA G 192 -2.91 -1.62 12.73
CA ALA G 192 -2.82 -0.30 12.09
C ALA G 192 -4.03 0.56 12.42
N ARG G 193 -5.24 0.00 12.36
CA ARG G 193 -6.42 0.83 12.56
C ARG G 193 -6.55 1.28 14.03
N LEU G 194 -6.05 0.50 14.99
CA LEU G 194 -6.20 0.80 16.43
C LEU G 194 -5.07 1.71 16.94
N ASN G 195 -4.05 1.94 16.13
CA ASN G 195 -2.86 2.63 16.56
C ASN G 195 -3.03 4.14 16.39
N PHE G 196 -4.15 4.69 16.90
CA PHE G 196 -4.37 6.13 17.02
C PHE G 196 -4.61 6.45 18.49
N SER G 197 -4.12 7.60 18.96
CA SER G 197 -4.04 7.92 20.39
C SER G 197 -5.32 8.58 20.87
N PRO G 198 -6.00 8.02 21.90
CA PRO G 198 -7.14 8.71 22.49
C PRO G 198 -6.71 9.73 23.55
N LEU G 199 -5.40 9.76 23.91
CA LEU G 199 -4.92 10.56 25.03
C LEU G 199 -5.08 12.04 24.74
N GLY G 200 -5.76 12.76 25.64
CA GLY G 200 -5.99 14.17 25.45
C GLY G 200 -7.45 14.49 25.17
N ALA G 201 -8.28 13.46 25.07
CA ALA G 201 -9.72 13.63 24.93
C ALA G 201 -10.34 14.05 26.25
N CYS G 202 -9.62 13.78 27.36
CA CYS G 202 -10.09 14.03 28.72
C CYS G 202 -11.39 13.23 28.95
N ALA G 203 -12.39 13.83 29.60
CA ALA G 203 -13.63 13.13 29.88
C ALA G 203 -14.41 12.80 28.61
N LEU G 204 -14.44 13.72 27.62
CA LEU G 204 -15.09 13.52 26.34
C LEU G 204 -14.90 14.72 25.41
N ALA G 205 -14.61 15.92 25.94
CA ALA G 205 -14.71 17.12 25.13
C ALA G 205 -13.34 17.74 24.82
N GLY G 206 -12.28 17.11 25.34
CA GLY G 206 -10.97 17.74 25.32
C GLY G 206 -10.73 18.66 26.51
N THR G 207 -9.73 19.54 26.39
CA THR G 207 -9.38 20.49 27.45
C THR G 207 -9.10 21.87 26.87
N GLY G 208 -9.16 22.89 27.74
CA GLY G 208 -8.71 24.23 27.43
C GLY G 208 -7.25 24.48 27.85
N LEU G 209 -6.64 23.53 28.55
CA LEU G 209 -5.24 23.65 28.96
C LEU G 209 -4.32 23.38 27.77
N PRO G 210 -3.13 24.04 27.73
CA PRO G 210 -2.19 23.88 26.62
C PRO G 210 -1.43 22.55 26.53
N ILE G 211 -2.19 21.45 26.41
CA ILE G 211 -1.59 20.14 26.20
C ILE G 211 -1.15 20.03 24.74
N ASP G 212 -0.36 19.01 24.45
CA ASP G 212 0.06 18.74 23.08
C ASP G 212 -0.16 17.24 22.80
N ARG G 213 -1.28 16.93 22.13
CA ARG G 213 -1.71 15.56 21.87
C ARG G 213 -0.75 14.87 20.91
N PHE G 214 -0.14 15.66 20.01
CA PHE G 214 0.75 15.12 18.99
C PHE G 214 1.98 14.51 19.62
N MET G 215 2.43 15.08 20.74
CA MET G 215 3.68 14.67 21.35
C MET G 215 3.45 13.35 22.10
N THR G 216 2.34 13.25 22.86
CA THR G 216 2.06 12.03 23.60
C THR G 216 1.83 10.87 22.62
N ALA G 217 1.22 11.19 21.48
CA ALA G 217 0.91 10.18 20.50
C ALA G 217 2.20 9.61 19.91
N ASN G 218 3.15 10.48 19.61
CA ASN G 218 4.42 10.01 19.07
C ASN G 218 5.17 9.18 20.12
N ALA G 219 5.17 9.66 21.37
CA ALA G 219 5.94 9.04 22.43
C ALA G 219 5.43 7.64 22.76
N LEU G 220 4.15 7.37 22.52
CA LEU G 220 3.57 6.05 22.75
C LEU G 220 3.45 5.17 21.49
N GLY G 221 4.17 5.49 20.40
CA GLY G 221 4.13 4.66 19.21
C GLY G 221 2.85 4.77 18.38
N PHE G 222 1.96 5.73 18.68
CA PHE G 222 0.79 5.92 17.87
C PHE G 222 1.11 6.70 16.59
N THR G 223 0.29 6.49 15.55
CA THR G 223 0.46 7.08 14.24
C THR G 223 0.14 8.55 14.41
N GLU G 224 -0.98 8.82 15.06
CA GLU G 224 -1.38 10.19 15.29
C GLU G 224 -2.51 10.24 16.31
N PRO G 225 -2.88 11.44 16.79
CA PRO G 225 -4.01 11.61 17.70
C PRO G 225 -5.29 11.36 16.94
N MET G 226 -6.25 10.76 17.61
CA MET G 226 -7.59 10.66 17.06
C MET G 226 -8.19 12.05 16.88
N ARG G 227 -8.93 12.22 15.79
CA ARG G 227 -9.46 13.56 15.44
C ARG G 227 -10.72 13.95 16.24
N ASN G 228 -11.21 13.09 17.13
CA ASN G 228 -12.46 13.45 17.78
C ASN G 228 -12.49 12.91 19.19
N SER G 229 -12.67 13.82 20.15
CA SER G 229 -12.52 13.54 21.56
C SER G 229 -13.64 12.61 22.06
N ILE G 230 -14.84 12.78 21.53
CA ILE G 230 -15.95 11.98 21.97
C ILE G 230 -15.75 10.56 21.43
N ASP G 231 -15.29 10.47 20.18
CA ASP G 231 -14.94 9.21 19.58
C ASP G 231 -13.89 8.52 20.45
N ALA G 232 -12.91 9.31 20.95
CA ALA G 232 -11.76 8.74 21.63
C ALA G 232 -12.18 8.02 22.91
N VAL G 233 -13.24 8.53 23.55
CA VAL G 233 -13.61 8.00 24.84
C VAL G 233 -14.69 6.96 24.64
N SER G 234 -15.48 7.10 23.57
CA SER G 234 -16.65 6.25 23.31
C SER G 234 -16.34 5.00 22.46
N ASP G 235 -15.21 4.98 21.72
CA ASP G 235 -14.90 3.92 20.76
C ASP G 235 -14.28 2.69 21.43
N ARG G 236 -14.81 1.49 21.09
CA ARG G 236 -14.21 0.19 21.34
C ARG G 236 -14.14 -0.72 20.10
N ASP G 237 -14.10 -0.14 18.90
CA ASP G 237 -13.93 -0.93 17.68
C ASP G 237 -12.67 -1.80 17.81
N PHE G 238 -11.59 -1.23 18.31
CA PHE G 238 -10.31 -1.93 18.30
C PHE G 238 -10.51 -3.26 19.00
N VAL G 239 -11.35 -3.26 20.06
CA VAL G 239 -11.61 -4.46 20.85
C VAL G 239 -12.42 -5.46 20.01
N LEU G 240 -13.43 -4.90 19.29
CA LEU G 240 -14.35 -5.68 18.48
C LEU G 240 -13.56 -6.40 17.39
N GLU G 241 -12.74 -5.62 16.66
CA GLU G 241 -11.98 -6.12 15.52
C GLU G 241 -10.95 -7.16 15.97
N PHE G 242 -10.32 -6.95 17.14
CA PHE G 242 -9.35 -7.90 17.64
C PHE G 242 -10.05 -9.18 18.11
N LEU G 243 -11.23 -9.06 18.78
CA LEU G 243 -11.98 -10.24 19.19
C LEU G 243 -12.40 -11.09 17.97
N TYR G 244 -12.82 -10.41 16.89
CA TYR G 244 -13.25 -11.09 15.66
C TYR G 244 -12.02 -11.82 15.07
N THR G 245 -10.89 -11.13 14.94
CA THR G 245 -9.68 -11.73 14.40
C THR G 245 -9.27 -12.95 15.24
N ASN G 246 -9.39 -12.87 16.56
CA ASN G 246 -9.09 -14.06 17.36
C ASN G 246 -10.10 -15.16 17.04
N ALA G 247 -11.39 -14.81 16.86
CA ALA G 247 -12.43 -15.80 16.60
C ALA G 247 -12.17 -16.58 15.30
N ASN G 248 -11.84 -15.87 14.22
CA ASN G 248 -11.54 -16.48 12.92
C ASN G 248 -10.27 -17.34 13.03
N THR G 249 -9.28 -16.90 13.82
CA THR G 249 -8.06 -17.69 13.99
C THR G 249 -8.44 -18.99 14.68
N GLY G 250 -9.29 -18.88 15.71
CA GLY G 250 -9.75 -20.05 16.48
C GLY G 250 -10.58 -21.04 15.64
N ILE G 251 -11.31 -20.51 14.65
CA ILE G 251 -12.12 -21.40 13.82
CA ILE G 251 -12.12 -21.35 13.77
C ILE G 251 -11.16 -22.27 13.02
N HIS G 252 -10.12 -21.67 12.48
CA HIS G 252 -9.08 -22.37 11.76
C HIS G 252 -8.48 -23.47 12.63
N LEU G 253 -8.12 -23.16 13.86
CA LEU G 253 -7.54 -24.15 14.74
C LEU G 253 -8.55 -25.22 15.15
N SER G 254 -9.85 -24.93 15.21
CA SER G 254 -10.85 -25.96 15.49
C SER G 254 -11.00 -26.94 14.30
N ARG G 255 -10.75 -26.50 13.06
CA ARG G 255 -10.75 -27.37 11.90
C ARG G 255 -9.52 -28.26 11.96
N LEU G 256 -8.35 -27.68 12.23
CA LEU G 256 -7.16 -28.47 12.48
C LEU G 256 -7.43 -29.46 13.59
N GLY G 257 -8.02 -29.02 14.70
CA GLY G 257 -8.35 -29.94 15.78
C GLY G 257 -9.22 -31.12 15.29
N GLU G 258 -10.28 -30.83 14.49
CA GLU G 258 -11.21 -31.86 14.06
C GLU G 258 -10.46 -32.85 13.19
N GLU G 259 -9.67 -32.32 12.26
CA GLU G 259 -8.85 -33.15 11.40
C GLU G 259 -8.03 -34.15 12.20
N TRP G 260 -7.24 -33.61 13.11
CA TRP G 260 -6.25 -34.42 13.81
C TRP G 260 -6.87 -35.41 14.81
N VAL G 261 -8.05 -35.09 15.38
CA VAL G 261 -8.74 -36.03 16.25
C VAL G 261 -9.25 -37.21 15.41
N LEU G 262 -9.67 -36.92 14.17
CA LEU G 262 -10.08 -37.93 13.19
C LEU G 262 -8.90 -38.82 12.80
N TRP G 263 -7.76 -38.20 12.42
CA TRP G 263 -6.59 -38.93 11.96
C TRP G 263 -6.04 -39.84 13.05
N ALA G 264 -6.21 -39.46 14.32
CA ALA G 264 -5.69 -40.22 15.45
C ALA G 264 -6.62 -41.36 15.79
N SER G 265 -7.84 -41.36 15.23
CA SER G 265 -8.77 -42.45 15.48
C SER G 265 -8.22 -43.77 14.93
N GLU G 266 -8.68 -44.90 15.48
CA GLU G 266 -8.38 -46.21 14.89
C GLU G 266 -8.94 -46.30 13.47
N GLU G 267 -10.12 -45.70 13.24
CA GLU G 267 -10.86 -45.84 11.99
C GLU G 267 -10.08 -45.25 10.83
N PHE G 268 -9.44 -44.12 11.06
CA PHE G 268 -8.58 -43.53 10.04
C PHE G 268 -7.19 -44.14 10.15
N GLY G 269 -6.59 -44.09 11.34
CA GLY G 269 -5.29 -44.71 11.57
C GLY G 269 -4.13 -43.96 10.91
N PHE G 270 -4.28 -42.68 10.63
CA PHE G 270 -3.32 -41.99 9.79
C PHE G 270 -2.11 -41.57 10.60
N MET G 271 -2.31 -41.41 11.92
CA MET G 271 -1.40 -40.61 12.72
C MET G 271 -1.36 -41.14 14.16
N THR G 272 -0.14 -41.25 14.74
CA THR G 272 0.03 -41.56 16.16
C THR G 272 0.61 -40.33 16.89
N PRO G 273 -0.07 -39.80 17.93
CA PRO G 273 0.54 -38.85 18.86
C PRO G 273 1.53 -39.52 19.84
N SER G 274 2.64 -38.82 20.15
CA SER G 274 3.52 -39.26 21.23
C SER G 274 2.79 -39.26 22.57
N ASP G 275 3.37 -40.00 23.51
CA ASP G 275 2.87 -40.10 24.86
C ASP G 275 2.83 -38.70 25.50
N SER G 276 3.80 -37.84 25.13
CA SER G 276 3.89 -36.48 25.64
C SER G 276 2.66 -35.64 25.30
N VAL G 277 1.88 -35.98 24.26
CA VAL G 277 0.78 -35.12 23.87
C VAL G 277 -0.52 -35.88 23.79
N SER G 278 -0.64 -36.99 24.55
CA SER G 278 -1.86 -37.78 24.52
C SER G 278 -2.07 -38.42 25.89
N THR G 279 -3.27 -38.88 26.18
CA THR G 279 -3.49 -39.72 27.37
C THR G 279 -3.94 -41.11 26.93
N GLY G 280 -4.22 -41.99 27.89
CA GLY G 280 -4.58 -43.36 27.53
C GLY G 280 -4.97 -44.24 28.72
N SER G 281 -4.68 -45.53 28.58
CA SER G 281 -5.23 -46.54 29.45
C SER G 281 -4.17 -47.60 29.75
N SER G 282 -4.09 -47.99 31.03
CA SER G 282 -3.23 -49.07 31.48
C SER G 282 -3.74 -50.41 30.95
N ILE G 283 -5.07 -50.49 30.82
CA ILE G 283 -5.79 -51.71 30.47
C ILE G 283 -5.98 -51.82 28.94
N MET G 284 -6.00 -50.69 28.22
CA MET G 284 -6.12 -50.65 26.76
C MET G 284 -5.01 -49.74 26.22
N PRO G 285 -3.74 -50.20 26.19
CA PRO G 285 -2.61 -49.34 25.80
C PRO G 285 -2.48 -48.95 24.31
N GLN G 286 -3.40 -49.39 23.46
CA GLN G 286 -3.49 -48.87 22.09
C GLN G 286 -4.35 -47.60 22.06
N LYS G 287 -5.19 -47.37 23.08
CA LYS G 287 -5.99 -46.17 23.21
C LYS G 287 -5.06 -45.02 23.59
N LYS G 288 -4.91 -44.09 22.67
CA LYS G 288 -4.17 -42.86 22.90
C LYS G 288 -5.07 -41.72 22.48
N ASN G 289 -5.55 -40.97 23.47
CA ASN G 289 -6.48 -39.88 23.21
C ASN G 289 -5.69 -38.63 22.88
N PRO G 290 -6.09 -37.87 21.81
CA PRO G 290 -5.48 -36.59 21.46
C PRO G 290 -6.10 -35.41 22.24
N ASP G 291 -6.10 -35.50 23.56
CA ASP G 291 -6.74 -34.47 24.44
C ASP G 291 -6.39 -33.03 24.03
N PRO G 292 -5.11 -32.67 23.78
CA PRO G 292 -4.78 -31.31 23.42
C PRO G 292 -5.57 -30.79 22.21
N MET G 293 -5.73 -31.63 21.18
CA MET G 293 -6.40 -31.16 19.94
C MET G 293 -7.92 -31.05 20.15
N GLU G 294 -8.51 -31.89 20.99
CA GLU G 294 -9.93 -31.76 21.30
C GLU G 294 -10.20 -30.42 22.02
N LEU G 295 -9.29 -30.05 22.90
CA LEU G 295 -9.41 -28.84 23.71
C LEU G 295 -9.18 -27.62 22.82
N VAL G 296 -8.25 -27.73 21.86
CA VAL G 296 -8.17 -26.69 20.84
C VAL G 296 -9.54 -26.46 20.18
N ARG G 297 -10.19 -27.57 19.81
CA ARG G 297 -11.48 -27.45 19.15
C ARG G 297 -12.52 -26.86 20.12
N GLY G 298 -12.52 -27.36 21.36
CA GLY G 298 -13.38 -26.84 22.42
C GLY G 298 -13.18 -25.35 22.70
N LYS G 299 -11.93 -24.87 22.71
CA LYS G 299 -11.69 -23.50 23.11
C LYS G 299 -12.01 -22.48 22.02
N SER G 300 -12.24 -22.90 20.77
CA SER G 300 -12.73 -21.93 19.79
C SER G 300 -14.09 -21.35 20.19
N ALA G 301 -14.84 -22.09 21.02
CA ALA G 301 -16.19 -21.68 21.41
C ALA G 301 -16.13 -20.44 22.31
N ARG G 302 -15.31 -20.49 23.36
CA ARG G 302 -15.18 -19.30 24.25
C ARG G 302 -14.69 -18.09 23.45
N VAL G 303 -13.85 -18.30 22.45
CA VAL G 303 -13.31 -17.14 21.75
C VAL G 303 -14.45 -16.50 20.97
N ILE G 304 -15.38 -17.32 20.47
CA ILE G 304 -16.62 -16.83 19.86
C ILE G 304 -17.49 -16.16 20.93
N GLY G 305 -17.60 -16.77 22.11
CA GLY G 305 -18.45 -16.18 23.16
C GLY G 305 -17.98 -14.77 23.57
N ASP G 306 -16.65 -14.57 23.56
CA ASP G 306 -16.04 -13.33 23.97
C ASP G 306 -16.34 -12.23 22.95
N LEU G 307 -16.31 -12.58 21.67
CA LEU G 307 -16.66 -11.62 20.62
C LEU G 307 -18.11 -11.21 20.86
N VAL G 308 -18.98 -12.20 21.15
CA VAL G 308 -20.41 -11.91 21.24
C VAL G 308 -20.67 -10.95 22.41
N THR G 309 -19.94 -11.13 23.50
CA THR G 309 -20.10 -10.32 24.68
C THR G 309 -19.91 -8.85 24.31
N VAL G 310 -18.79 -8.52 23.65
CA VAL G 310 -18.49 -7.11 23.46
C VAL G 310 -19.41 -6.53 22.39
N LEU G 311 -19.85 -7.35 21.41
CA LEU G 311 -20.80 -6.84 20.42
C LEU G 311 -22.10 -6.43 21.11
N THR G 312 -22.60 -7.29 22.00
CA THR G 312 -23.84 -7.05 22.72
C THR G 312 -23.66 -5.86 23.67
N LEU G 313 -22.46 -5.71 24.23
CA LEU G 313 -22.14 -4.68 25.19
C LEU G 313 -22.34 -3.31 24.56
N CYS G 314 -21.77 -3.12 23.37
CA CYS G 314 -21.75 -1.86 22.66
C CYS G 314 -23.10 -1.54 21.99
N LYS G 315 -23.88 -2.56 21.63
CA LYS G 315 -25.12 -2.33 20.89
C LYS G 315 -26.04 -1.42 21.71
N GLY G 316 -26.47 -0.32 21.08
CA GLY G 316 -27.58 0.45 21.60
C GLY G 316 -27.18 1.45 22.70
N LEU G 317 -25.87 1.56 23.02
CA LEU G 317 -25.41 2.51 24.03
C LEU G 317 -25.39 3.92 23.45
N PRO G 318 -25.83 4.93 24.21
CA PRO G 318 -25.66 6.32 23.78
C PRO G 318 -24.21 6.75 23.96
N LEU G 319 -23.86 7.91 23.40
CA LEU G 319 -22.58 8.52 23.68
C LEU G 319 -22.59 9.17 25.05
N ALA G 320 -21.40 9.45 25.63
CA ALA G 320 -20.07 9.14 25.11
C ALA G 320 -19.49 7.93 25.87
N TYR G 321 -19.07 8.18 27.10
CA TYR G 321 -18.59 7.14 28.02
C TYR G 321 -19.76 6.67 28.89
N ASN G 322 -19.84 5.34 29.07
CA ASN G 322 -20.76 4.69 29.99
C ASN G 322 -19.99 3.63 30.79
N ARG G 323 -20.40 3.41 32.05
CA ARG G 323 -19.71 2.43 32.89
C ARG G 323 -19.74 1.01 32.27
N ASP G 324 -20.71 0.76 31.39
CA ASP G 324 -20.80 -0.55 30.68
C ASP G 324 -19.43 -0.90 30.07
N PHE G 325 -18.72 0.09 29.53
CA PHE G 325 -17.47 -0.15 28.84
C PHE G 325 -16.42 -0.86 29.70
N GLN G 326 -16.59 -0.85 31.02
CA GLN G 326 -15.68 -1.55 31.93
C GLN G 326 -15.65 -3.06 31.63
N GLU G 327 -16.74 -3.57 31.05
CA GLU G 327 -16.87 -4.99 30.75
C GLU G 327 -16.16 -5.40 29.46
N ASP G 328 -15.50 -4.46 28.75
CA ASP G 328 -14.71 -4.72 27.53
C ASP G 328 -13.46 -5.57 27.83
N LYS G 329 -12.92 -5.54 29.07
CA LYS G 329 -11.55 -5.96 29.27
C LYS G 329 -11.45 -7.47 29.49
N GLU G 330 -12.25 -8.03 30.40
CA GLU G 330 -12.14 -9.45 30.74
C GLU G 330 -12.38 -10.33 29.50
N PRO G 331 -13.34 -10.06 28.59
CA PRO G 331 -13.46 -10.84 27.34
C PRO G 331 -12.25 -10.78 26.40
N MET G 332 -11.58 -9.64 26.36
CA MET G 332 -10.44 -9.45 25.49
C MET G 332 -9.25 -10.19 26.09
N PHE G 333 -9.09 -10.12 27.41
CA PHE G 333 -8.03 -10.86 28.08
C PHE G 333 -8.22 -12.37 27.90
N ASP G 334 -9.46 -12.86 28.04
CA ASP G 334 -9.79 -14.28 27.93
C ASP G 334 -9.53 -14.79 26.50
N SER G 335 -10.03 -14.02 25.52
CA SER G 335 -9.88 -14.32 24.11
C SER G 335 -8.40 -14.40 23.73
N THR G 336 -7.62 -13.39 24.12
CA THR G 336 -6.22 -13.30 23.73
C THR G 336 -5.45 -14.47 24.33
N LYS G 337 -5.66 -14.73 25.64
CA LYS G 337 -4.97 -15.78 26.34
C LYS G 337 -5.32 -17.15 25.77
N THR G 338 -6.61 -17.39 25.48
CA THR G 338 -7.05 -18.66 24.91
C THR G 338 -6.35 -18.89 23.57
N ILE G 339 -6.43 -17.90 22.65
CA ILE G 339 -5.91 -18.08 21.30
C ILE G 339 -4.40 -18.30 21.35
N MET G 340 -3.70 -17.62 22.26
CA MET G 340 -2.26 -17.81 22.36
C MET G 340 -1.95 -19.24 22.80
N GLY G 341 -2.72 -19.74 23.75
CA GLY G 341 -2.54 -21.11 24.17
C GLY G 341 -2.87 -22.14 23.07
N MET G 342 -3.89 -21.87 22.27
CA MET G 342 -4.33 -22.77 21.21
C MET G 342 -3.26 -22.82 20.12
N ILE G 343 -2.69 -21.65 19.83
CA ILE G 343 -1.67 -21.61 18.79
C ILE G 343 -0.47 -22.41 19.27
N ASP G 344 -0.06 -22.18 20.49
CA ASP G 344 1.17 -22.77 20.97
C ASP G 344 1.07 -24.28 21.13
N VAL G 345 -0.07 -24.75 21.64
CA VAL G 345 -0.20 -26.17 21.90
C VAL G 345 -0.37 -26.93 20.58
N SER G 346 -0.92 -26.23 19.58
CA SER G 346 -1.05 -26.81 18.26
C SER G 346 0.34 -26.95 17.63
N ALA G 347 1.23 -25.99 17.85
CA ALA G 347 2.59 -26.18 17.33
C ALA G 347 3.27 -27.36 18.03
N GLU G 348 3.07 -27.50 19.36
CA GLU G 348 3.61 -28.61 20.10
C GLU G 348 3.12 -29.91 19.50
N PHE G 349 1.81 -30.00 19.28
CA PHE G 349 1.21 -31.22 18.75
C PHE G 349 1.82 -31.57 17.38
N ALA G 350 1.97 -30.55 16.50
CA ALA G 350 2.53 -30.76 15.16
C ALA G 350 3.96 -31.32 15.20
N GLN G 351 4.69 -31.08 16.28
CA GLN G 351 6.03 -31.62 16.45
C GLN G 351 6.05 -33.00 17.13
N ASN G 352 4.90 -33.53 17.56
CA ASN G 352 4.88 -34.80 18.29
C ASN G 352 3.85 -35.79 17.69
N VAL G 353 3.84 -35.86 16.35
CA VAL G 353 2.96 -36.79 15.62
C VAL G 353 3.74 -37.54 14.52
N THR G 354 3.46 -38.85 14.40
CA THR G 354 4.06 -39.73 13.39
C THR G 354 2.96 -40.32 12.53
N PHE G 355 3.09 -40.17 11.20
CA PHE G 355 2.16 -40.74 10.25
C PHE G 355 2.44 -42.23 10.08
N ASN G 356 1.38 -42.99 9.77
CA ASN G 356 1.47 -44.44 9.60
C ASN G 356 1.27 -44.72 8.12
N GLU G 357 2.35 -44.60 7.35
CA GLU G 357 2.27 -44.62 5.89
C GLU G 357 1.80 -46.01 5.40
N ASP G 358 2.26 -47.06 6.06
CA ASP G 358 1.89 -48.39 5.68
C ASP G 358 0.38 -48.58 5.75
N ARG G 359 -0.22 -48.15 6.87
CA ARG G 359 -1.69 -48.26 7.04
C ARG G 359 -2.39 -47.44 5.96
N ILE G 360 -1.92 -46.21 5.75
CA ILE G 360 -2.58 -45.32 4.79
C ILE G 360 -2.52 -45.93 3.37
N LYS G 361 -1.31 -46.36 2.99
CA LYS G 361 -0.99 -46.86 1.66
C LYS G 361 -1.88 -48.05 1.33
N LYS G 362 -2.08 -48.96 2.28
CA LYS G 362 -2.84 -50.16 2.02
C LYS G 362 -4.34 -49.86 1.94
N SER G 363 -4.76 -48.72 2.47
CA SER G 363 -6.20 -48.32 2.40
C SER G 363 -6.57 -47.71 1.04
N LEU G 364 -5.63 -47.02 0.39
CA LEU G 364 -5.95 -46.24 -0.85
C LEU G 364 -6.49 -47.08 -2.02
N PRO G 365 -5.84 -48.19 -2.42
CA PRO G 365 -6.28 -48.91 -3.62
C PRO G 365 -7.74 -49.18 -3.84
N ALA G 366 -8.48 -49.51 -2.79
CA ALA G 366 -9.87 -49.85 -2.90
C ALA G 366 -10.74 -48.64 -3.25
N GLY G 367 -10.19 -47.42 -3.20
CA GLY G 367 -11.00 -46.23 -3.37
C GLY G 367 -11.08 -45.71 -4.81
N HIS G 368 -10.27 -46.27 -5.72
CA HIS G 368 -10.24 -45.86 -7.13
C HIS G 368 -10.05 -44.35 -7.27
N LEU G 369 -9.07 -43.80 -6.52
CA LEU G 369 -8.90 -42.36 -6.48
C LEU G 369 -8.25 -41.83 -7.76
N ASP G 370 -7.75 -42.74 -8.60
CA ASP G 370 -7.13 -42.38 -9.86
C ASP G 370 -8.17 -42.24 -10.96
N ALA G 371 -9.47 -42.35 -10.61
CA ALA G 371 -10.53 -42.30 -11.61
C ALA G 371 -10.55 -40.96 -12.32
N THR G 372 -10.47 -39.83 -11.58
CA THR G 372 -10.48 -38.52 -12.22
CA THR G 372 -10.51 -38.53 -12.26
C THR G 372 -9.28 -38.36 -13.14
N THR G 373 -8.14 -38.96 -12.77
CA THR G 373 -6.96 -38.85 -13.62
C THR G 373 -7.20 -39.57 -14.97
N LEU G 374 -7.86 -40.73 -14.93
CA LEU G 374 -8.26 -41.40 -16.17
C LEU G 374 -9.23 -40.55 -16.99
N ALA G 375 -10.16 -39.86 -16.33
CA ALA G 375 -11.10 -39.02 -17.04
C ALA G 375 -10.38 -37.89 -17.77
N ASP G 376 -9.33 -37.37 -17.11
CA ASP G 376 -8.54 -36.26 -17.64
C ASP G 376 -7.82 -36.75 -18.90
N TYR G 377 -7.28 -37.97 -18.82
CA TYR G 377 -6.68 -38.62 -19.97
C TYR G 377 -7.62 -38.61 -21.18
N LEU G 378 -8.87 -39.05 -20.97
CA LEU G 378 -9.85 -39.15 -22.04
C LEU G 378 -10.19 -37.77 -22.59
N VAL G 379 -10.36 -36.78 -21.70
CA VAL G 379 -10.65 -35.42 -22.13
C VAL G 379 -9.48 -34.85 -22.92
N LYS G 380 -8.24 -35.18 -22.55
CA LYS G 380 -7.08 -34.72 -23.30
CA LYS G 380 -7.12 -34.68 -23.32
C LYS G 380 -7.09 -35.35 -24.68
N LYS G 381 -7.73 -36.53 -24.80
CA LYS G 381 -7.82 -37.20 -26.08
C LYS G 381 -8.99 -36.70 -26.90
N GLY G 382 -9.76 -35.70 -26.46
CA GLY G 382 -10.83 -35.16 -27.30
C GLY G 382 -12.23 -35.54 -26.81
N MET G 383 -12.34 -36.36 -25.77
CA MET G 383 -13.65 -36.84 -25.39
C MET G 383 -14.36 -35.80 -24.52
N PRO G 384 -15.64 -35.45 -24.80
CA PRO G 384 -16.45 -34.64 -23.89
C PRO G 384 -16.47 -35.20 -22.46
N PHE G 385 -16.47 -34.29 -21.49
CA PHE G 385 -16.14 -34.63 -20.12
C PHE G 385 -17.22 -35.55 -19.54
N ARG G 386 -18.49 -35.33 -19.89
CA ARG G 386 -19.54 -36.21 -19.37
C ARG G 386 -19.36 -37.65 -19.88
N SER G 387 -18.94 -37.79 -21.13
CA SER G 387 -18.63 -39.09 -21.71
C SER G 387 -17.45 -39.75 -21.02
N SER G 388 -16.38 -38.98 -20.80
CA SER G 388 -15.25 -39.52 -20.07
CA SER G 388 -15.25 -39.52 -20.07
C SER G 388 -15.72 -40.04 -18.71
N HIS G 389 -16.55 -39.24 -18.01
CA HIS G 389 -17.00 -39.70 -16.69
C HIS G 389 -17.85 -40.96 -16.79
N ASP G 390 -18.66 -41.11 -17.85
CA ASP G 390 -19.46 -42.32 -17.97
C ASP G 390 -18.54 -43.51 -18.16
N ILE G 391 -17.54 -43.34 -19.05
CA ILE G 391 -16.71 -44.48 -19.41
C ILE G 391 -15.90 -44.94 -18.19
N VAL G 392 -15.35 -43.97 -17.44
CA VAL G 392 -14.50 -44.29 -16.30
C VAL G 392 -15.34 -44.95 -15.21
N GLY G 393 -16.57 -44.44 -15.03
CA GLY G 393 -17.49 -45.01 -14.05
C GLY G 393 -17.72 -46.50 -14.32
N LYS G 394 -17.84 -46.86 -15.60
CA LYS G 394 -18.06 -48.24 -16.01
C LYS G 394 -16.82 -49.10 -15.71
N LEU G 395 -15.63 -48.61 -16.10
CA LEU G 395 -14.39 -49.35 -15.83
C LEU G 395 -14.25 -49.54 -14.31
N VAL G 396 -14.64 -48.54 -13.53
CA VAL G 396 -14.56 -48.70 -12.09
C VAL G 396 -15.49 -49.84 -11.68
N GLY G 397 -16.70 -49.89 -12.23
CA GLY G 397 -17.64 -50.97 -11.95
C GLY G 397 -17.03 -52.35 -12.19
N VAL G 398 -16.43 -52.54 -13.37
CA VAL G 398 -15.73 -53.76 -13.74
C VAL G 398 -14.71 -54.09 -12.64
N CYS G 399 -14.01 -53.04 -12.19
CA CYS G 399 -12.97 -53.17 -11.19
C CYS G 399 -13.51 -53.67 -9.85
N VAL G 400 -14.65 -53.13 -9.42
CA VAL G 400 -15.19 -53.53 -8.13
C VAL G 400 -15.54 -55.01 -8.20
N SER G 401 -16.24 -55.43 -9.27
CA SER G 401 -16.76 -56.79 -9.34
C SER G 401 -15.60 -57.80 -9.43
N LYS G 402 -14.58 -57.48 -10.24
CA LYS G 402 -13.36 -58.25 -10.27
C LYS G 402 -12.54 -58.12 -8.98
N GLY G 403 -12.78 -57.08 -8.18
CA GLY G 403 -11.93 -56.76 -7.05
C GLY G 403 -10.50 -56.39 -7.45
N CYS G 404 -10.33 -55.57 -8.50
CA CYS G 404 -9.01 -55.14 -8.91
C CYS G 404 -8.95 -53.62 -8.95
N GLU G 405 -7.75 -53.09 -9.17
CA GLU G 405 -7.55 -51.67 -9.38
C GLU G 405 -7.57 -51.38 -10.87
N LEU G 406 -7.82 -50.11 -11.22
CA LEU G 406 -7.86 -49.67 -12.61
C LEU G 406 -6.58 -50.04 -13.37
N GLN G 407 -5.42 -49.95 -12.72
CA GLN G 407 -4.16 -50.12 -13.43
C GLN G 407 -3.93 -51.59 -13.75
N ASN G 408 -4.76 -52.48 -13.22
CA ASN G 408 -4.65 -53.88 -13.49
C ASN G 408 -5.55 -54.29 -14.66
N LEU G 409 -6.46 -53.41 -15.12
CA LEU G 409 -7.22 -53.71 -16.33
C LEU G 409 -6.27 -53.80 -17.52
N SER G 410 -6.62 -54.63 -18.52
CA SER G 410 -5.89 -54.69 -19.77
C SER G 410 -6.35 -53.56 -20.64
N LEU G 411 -5.51 -53.16 -21.59
CA LEU G 411 -5.90 -52.18 -22.60
C LEU G 411 -7.13 -52.63 -23.39
N GLU G 412 -7.24 -53.93 -23.75
CA GLU G 412 -8.36 -54.42 -24.55
C GLU G 412 -9.68 -54.34 -23.77
N GLU G 413 -9.60 -54.55 -22.46
CA GLU G 413 -10.74 -54.32 -21.58
C GLU G 413 -11.28 -52.90 -21.77
N MET G 414 -10.38 -51.92 -21.89
CA MET G 414 -10.75 -50.51 -21.92
C MET G 414 -11.22 -50.13 -23.32
N LYS G 415 -10.59 -50.73 -24.34
CA LYS G 415 -10.95 -50.58 -25.74
C LYS G 415 -12.39 -50.99 -26.03
N LYS G 416 -13.01 -51.79 -25.15
CA LYS G 416 -14.42 -52.11 -25.29
C LYS G 416 -15.30 -50.85 -25.24
N LEU G 417 -14.86 -49.81 -24.50
CA LEU G 417 -15.68 -48.64 -24.31
C LEU G 417 -15.26 -47.52 -25.27
N SER G 418 -13.97 -47.42 -25.59
CA SER G 418 -13.54 -46.44 -26.57
C SER G 418 -12.23 -46.87 -27.23
N PRO G 419 -12.04 -46.56 -28.54
CA PRO G 419 -10.76 -46.77 -29.21
C PRO G 419 -9.67 -45.77 -28.85
N VAL G 420 -10.05 -44.66 -28.24
CA VAL G 420 -9.14 -43.61 -27.80
C VAL G 420 -8.05 -44.15 -26.86
N PHE G 421 -8.35 -45.13 -26.05
CA PHE G 421 -7.35 -45.70 -25.12
C PHE G 421 -6.14 -46.29 -25.86
N GLU G 422 -4.92 -45.92 -25.46
CA GLU G 422 -3.70 -46.52 -25.95
C GLU G 422 -2.86 -46.96 -24.75
N GLU G 423 -1.66 -47.46 -25.03
CA GLU G 423 -0.80 -48.07 -24.03
C GLU G 423 -0.24 -47.04 -23.04
N ASP G 424 -0.24 -45.76 -23.44
CA ASP G 424 0.26 -44.68 -22.61
C ASP G 424 -0.64 -44.43 -21.39
N VAL G 425 -1.79 -45.08 -21.34
CA VAL G 425 -2.79 -44.82 -20.33
C VAL G 425 -2.29 -45.25 -18.95
N PHE G 426 -1.42 -46.27 -18.90
CA PHE G 426 -1.00 -46.86 -17.64
C PHE G 426 -0.16 -45.85 -16.85
N GLY G 427 0.36 -44.83 -17.53
CA GLY G 427 1.09 -43.77 -16.86
C GLY G 427 0.16 -42.78 -16.15
N PHE G 428 -1.15 -42.98 -16.32
CA PHE G 428 -2.17 -42.13 -15.71
C PHE G 428 -2.97 -42.86 -14.63
N LEU G 429 -2.47 -44.02 -14.19
CA LEU G 429 -3.24 -44.86 -13.30
C LEU G 429 -2.34 -45.27 -12.16
N GLY G 430 -2.97 -45.64 -11.05
CA GLY G 430 -2.29 -45.73 -9.75
C GLY G 430 -2.21 -44.35 -9.10
N VAL G 431 -2.22 -44.35 -7.75
CA VAL G 431 -2.31 -43.10 -6.97
C VAL G 431 -1.05 -42.26 -7.16
N GLU G 432 0.13 -42.91 -7.20
CA GLU G 432 1.38 -42.20 -7.41
C GLU G 432 1.39 -41.48 -8.74
N ASN G 433 0.96 -42.15 -9.82
CA ASN G 433 0.85 -41.50 -11.12
C ASN G 433 -0.18 -40.38 -11.06
N SER G 434 -1.29 -40.64 -10.36
CA SER G 434 -2.36 -39.66 -10.23
C SER G 434 -1.82 -38.35 -9.68
N VAL G 435 -1.03 -38.43 -8.60
CA VAL G 435 -0.51 -37.22 -7.97
C VAL G 435 0.49 -36.51 -8.88
N ASN G 436 1.29 -37.28 -9.61
CA ASN G 436 2.27 -36.68 -10.49
CA ASN G 436 2.27 -36.75 -10.54
C ASN G 436 1.57 -35.99 -11.67
N LYS G 437 0.35 -36.41 -12.02
CA LYS G 437 -0.33 -35.85 -13.18
C LYS G 437 -1.04 -34.54 -12.90
N PHE G 438 -1.41 -34.25 -11.66
CA PHE G 438 -1.94 -32.92 -11.34
C PHE G 438 -0.90 -31.84 -11.62
N SER G 439 -1.30 -30.74 -12.27
CA SER G 439 -0.33 -29.80 -12.78
C SER G 439 -0.74 -28.35 -12.60
N SER G 440 -2.02 -28.09 -12.27
CA SER G 440 -2.55 -26.73 -12.18
C SER G 440 -1.87 -26.03 -11.00
N TYR G 441 -1.72 -24.71 -11.12
CA TYR G 441 -1.21 -23.88 -10.02
C TYR G 441 -2.04 -24.12 -8.76
N GLY G 442 -1.35 -24.44 -7.64
CA GLY G 442 -1.98 -24.66 -6.34
C GLY G 442 -2.56 -26.06 -6.15
N SER G 443 -2.24 -26.96 -7.09
CA SER G 443 -2.81 -28.29 -7.08
C SER G 443 -1.93 -29.14 -6.19
N THR G 444 -2.34 -30.40 -5.99
CA THR G 444 -1.61 -31.28 -5.09
C THR G 444 -0.48 -31.94 -5.85
N GLY G 445 -0.18 -31.44 -7.05
CA GLY G 445 0.86 -32.04 -7.89
C GLY G 445 2.24 -31.95 -7.26
N SER G 446 3.04 -33.01 -7.41
CA SER G 446 4.33 -33.14 -6.75
C SER G 446 5.19 -31.89 -6.91
N ASN G 447 5.29 -31.40 -8.14
CA ASN G 447 6.11 -30.25 -8.41
C ASN G 447 5.44 -28.97 -7.93
N CYS G 448 4.11 -28.92 -7.96
CA CYS G 448 3.37 -27.75 -7.55
C CYS G 448 3.57 -27.56 -6.05
N VAL G 449 3.44 -28.66 -5.28
CA VAL G 449 3.64 -28.65 -3.84
C VAL G 449 5.07 -28.22 -3.50
N ALA G 450 6.07 -28.76 -4.21
CA ALA G 450 7.46 -28.40 -3.97
C ALA G 450 7.65 -26.90 -4.16
N GLU G 451 7.03 -26.30 -5.20
CA GLU G 451 7.11 -24.86 -5.37
C GLU G 451 6.57 -24.16 -4.12
N GLN G 452 5.37 -24.55 -3.69
CA GLN G 452 4.71 -23.89 -2.57
C GLN G 452 5.53 -24.13 -1.29
N LEU G 453 6.02 -25.34 -1.03
CA LEU G 453 6.91 -25.57 0.10
C LEU G 453 8.12 -24.62 0.02
N GLY G 454 8.67 -24.43 -1.20
CA GLY G 454 9.81 -23.54 -1.41
C GLY G 454 9.50 -22.10 -0.96
N TYR G 455 8.38 -21.60 -1.48
CA TYR G 455 7.84 -20.30 -1.11
C TYR G 455 7.77 -20.16 0.41
N TRP G 456 7.11 -21.08 1.11
CA TRP G 456 6.96 -20.94 2.54
C TRP G 456 8.29 -21.02 3.27
N VAL G 457 9.18 -21.93 2.89
CA VAL G 457 10.45 -22.12 3.58
C VAL G 457 11.23 -20.80 3.55
N ASN G 458 11.19 -20.10 2.42
CA ASN G 458 11.86 -18.84 2.33
C ASN G 458 11.11 -17.72 3.09
N LYS G 459 9.78 -17.70 3.00
CA LYS G 459 9.00 -16.63 3.62
C LYS G 459 9.11 -16.72 5.14
N LEU G 460 9.16 -17.94 5.69
CA LEU G 460 9.27 -18.13 7.13
C LEU G 460 10.73 -18.26 7.58
N ASN G 461 11.68 -18.07 6.64
CA ASN G 461 13.12 -18.12 6.91
C ASN G 461 13.48 -19.38 7.66
N ILE G 462 13.06 -20.53 7.14
CA ILE G 462 13.43 -21.82 7.67
C ILE G 462 14.75 -22.16 6.98
N THR G 463 15.63 -22.90 7.67
CA THR G 463 16.92 -23.29 7.09
C THR G 463 16.92 -24.79 6.84
N PHE H 13 -42.41 -29.34 3.20
CA PHE H 13 -42.08 -30.49 2.31
C PHE H 13 -42.92 -31.68 2.71
N GLU H 14 -43.07 -32.66 1.82
CA GLU H 14 -43.82 -33.91 2.16
C GLU H 14 -43.92 -34.80 0.93
N GLU H 15 -44.68 -35.90 1.03
CA GLU H 15 -44.84 -36.86 -0.09
C GLU H 15 -43.74 -37.92 -0.19
N SER H 16 -42.88 -37.80 -1.21
CA SER H 16 -41.79 -38.77 -1.42
C SER H 16 -40.59 -38.35 -0.56
N VAL H 17 -39.74 -39.30 -0.19
CA VAL H 17 -38.46 -38.96 0.50
C VAL H 17 -37.66 -38.08 -0.45
N THR H 18 -37.60 -38.47 -1.72
CA THR H 18 -36.88 -37.72 -2.73
C THR H 18 -37.39 -36.28 -2.71
N GLU H 19 -38.72 -36.11 -2.65
CA GLU H 19 -39.30 -34.73 -2.72
C GLU H 19 -38.91 -33.95 -1.48
N LYS H 20 -38.99 -34.58 -0.31
CA LYS H 20 -38.64 -33.92 0.97
C LYS H 20 -37.16 -33.53 0.96
N VAL H 21 -36.30 -34.46 0.57
CA VAL H 21 -34.88 -34.21 0.52
C VAL H 21 -34.57 -33.16 -0.55
N GLU H 22 -35.25 -33.22 -1.71
CA GLU H 22 -35.16 -32.18 -2.74
C GLU H 22 -35.37 -30.80 -2.14
N LYS H 23 -36.45 -30.61 -1.38
CA LYS H 23 -36.86 -29.29 -0.91
C LYS H 23 -35.91 -28.82 0.18
N PHE H 24 -35.41 -29.76 0.99
CA PHE H 24 -34.46 -29.43 2.05
C PHE H 24 -33.10 -29.04 1.46
N THR H 25 -32.70 -29.61 0.32
CA THR H 25 -31.33 -29.40 -0.14
C THR H 25 -31.26 -28.30 -1.21
N GLU H 26 -32.39 -27.91 -1.82
CA GLU H 26 -32.39 -26.96 -2.91
C GLU H 26 -31.92 -25.59 -2.40
N SER H 27 -31.20 -24.87 -3.26
CA SER H 27 -30.61 -23.60 -2.91
C SER H 27 -31.04 -22.45 -3.84
N ILE H 28 -31.76 -22.76 -4.93
CA ILE H 28 -32.07 -21.78 -5.96
C ILE H 28 -32.95 -20.66 -5.39
N SER H 29 -33.76 -20.96 -4.39
CA SER H 29 -34.66 -19.96 -3.87
C SER H 29 -33.89 -18.77 -3.30
N PHE H 30 -32.63 -18.96 -2.92
CA PHE H 30 -31.85 -17.85 -2.41
C PHE H 30 -30.67 -17.57 -3.32
N ASP H 31 -30.06 -18.60 -3.93
CA ASP H 31 -28.76 -18.43 -4.58
C ASP H 31 -28.91 -17.90 -6.01
N LYS H 32 -30.13 -17.67 -6.45
CA LYS H 32 -30.37 -17.10 -7.77
C LYS H 32 -29.82 -15.67 -7.89
N VAL H 33 -29.66 -15.00 -6.73
CA VAL H 33 -29.12 -13.65 -6.70
C VAL H 33 -27.66 -13.65 -7.20
N LEU H 34 -27.03 -14.83 -7.30
CA LEU H 34 -25.64 -14.92 -7.73
C LEU H 34 -25.51 -14.90 -9.25
N TYR H 35 -26.58 -14.57 -10.00
CA TYR H 35 -26.64 -14.97 -11.40
C TYR H 35 -25.59 -14.22 -12.24
N LYS H 36 -25.40 -12.92 -12.01
CA LYS H 36 -24.45 -12.14 -12.81
C LYS H 36 -23.03 -12.65 -12.61
N GLN H 37 -22.69 -12.93 -11.35
CA GLN H 37 -21.35 -13.39 -11.04
C GLN H 37 -21.10 -14.76 -11.72
N ASP H 38 -22.09 -15.64 -11.65
CA ASP H 38 -22.01 -17.00 -12.18
C ASP H 38 -21.76 -16.98 -13.70
N ILE H 39 -22.48 -16.08 -14.39
CA ILE H 39 -22.33 -15.89 -15.82
C ILE H 39 -20.96 -15.30 -16.13
N MET H 40 -20.54 -14.30 -15.34
CA MET H 40 -19.22 -13.70 -15.44
C MET H 40 -18.14 -14.78 -15.31
N GLY H 41 -18.24 -15.58 -14.25
CA GLY H 41 -17.26 -16.62 -13.96
C GLY H 41 -17.23 -17.71 -15.06
N SER H 42 -18.41 -18.07 -15.55
CA SER H 42 -18.52 -19.07 -16.60
C SER H 42 -17.97 -18.54 -17.94
N LYS H 43 -18.20 -17.25 -18.25
CA LYS H 43 -17.64 -16.67 -19.46
C LYS H 43 -16.11 -16.67 -19.41
N ALA H 44 -15.57 -16.27 -18.26
CA ALA H 44 -14.12 -16.24 -18.10
C ALA H 44 -13.58 -17.63 -18.34
N HIS H 45 -14.20 -18.61 -17.72
CA HIS H 45 -13.75 -19.99 -17.73
C HIS H 45 -13.72 -20.50 -19.17
N ALA H 46 -14.81 -20.28 -19.92
CA ALA H 46 -14.92 -20.69 -21.31
C ALA H 46 -13.82 -20.09 -22.19
N SER H 47 -13.49 -18.82 -22.01
CA SER H 47 -12.47 -18.17 -22.84
C SER H 47 -11.13 -18.81 -22.54
N MET H 48 -10.92 -19.18 -21.26
CA MET H 48 -9.65 -19.81 -20.92
C MET H 48 -9.62 -21.21 -21.52
N LEU H 49 -10.74 -21.96 -21.46
CA LEU H 49 -10.78 -23.30 -22.07
C LEU H 49 -10.43 -23.26 -23.57
N ALA H 50 -10.98 -22.28 -24.28
CA ALA H 50 -10.76 -22.16 -25.71
C ALA H 50 -9.32 -21.77 -25.97
N HIS H 51 -8.78 -20.82 -25.21
CA HIS H 51 -7.42 -20.37 -25.43
C HIS H 51 -6.48 -21.56 -25.26
N GLN H 52 -6.80 -22.46 -24.33
CA GLN H 52 -5.92 -23.56 -23.97
C GLN H 52 -6.20 -24.83 -24.79
N GLY H 53 -7.06 -24.74 -25.82
CA GLY H 53 -7.33 -25.89 -26.67
C GLY H 53 -8.31 -26.91 -26.10
N LEU H 54 -8.91 -26.68 -24.93
CA LEU H 54 -9.81 -27.65 -24.35
C LEU H 54 -11.20 -27.55 -24.95
N ILE H 55 -11.52 -26.47 -25.69
CA ILE H 55 -12.74 -26.39 -26.46
C ILE H 55 -12.48 -25.50 -27.67
N THR H 56 -13.31 -25.61 -28.68
CA THR H 56 -13.08 -24.91 -29.94
C THR H 56 -13.56 -23.51 -29.73
N ASP H 57 -13.08 -22.63 -30.62
CA ASP H 57 -13.45 -21.24 -30.65
C ASP H 57 -14.92 -21.05 -30.96
N SER H 58 -15.52 -21.87 -31.83
CA SER H 58 -16.95 -21.73 -32.07
C SER H 58 -17.75 -22.23 -30.85
N ASP H 59 -17.32 -23.31 -30.18
CA ASP H 59 -17.96 -23.72 -28.94
C ASP H 59 -18.00 -22.54 -27.97
N LYS H 60 -16.85 -21.85 -27.83
CA LYS H 60 -16.70 -20.74 -26.91
C LYS H 60 -17.64 -19.60 -27.29
N ASP H 61 -17.65 -19.23 -28.58
CA ASP H 61 -18.53 -18.18 -29.06
C ASP H 61 -19.97 -18.53 -28.72
N SER H 62 -20.38 -19.79 -28.88
CA SER H 62 -21.78 -20.16 -28.66
C SER H 62 -22.11 -20.00 -27.18
N ILE H 63 -21.16 -20.39 -26.33
CA ILE H 63 -21.32 -20.32 -24.89
C ILE H 63 -21.50 -18.87 -24.46
N LEU H 64 -20.66 -17.95 -24.95
CA LEU H 64 -20.71 -16.56 -24.50
C LEU H 64 -22.01 -15.90 -24.93
N ARG H 65 -22.39 -16.10 -26.20
CA ARG H 65 -23.59 -15.49 -26.76
C ARG H 65 -24.81 -16.06 -26.03
N GLY H 66 -24.79 -17.37 -25.75
CA GLY H 66 -25.84 -18.05 -25.00
C GLY H 66 -25.98 -17.50 -23.57
N LEU H 67 -24.86 -17.33 -22.88
CA LEU H 67 -24.88 -16.82 -21.51
C LEU H 67 -25.39 -15.38 -21.51
N ASP H 68 -24.94 -14.60 -22.49
CA ASP H 68 -25.38 -13.23 -22.63
C ASP H 68 -26.90 -13.21 -22.77
N ASP H 69 -27.43 -14.09 -23.63
CA ASP H 69 -28.86 -14.20 -23.86
C ASP H 69 -29.58 -14.51 -22.55
N ILE H 70 -29.10 -15.51 -21.80
CA ILE H 70 -29.78 -15.93 -20.59
C ILE H 70 -29.77 -14.78 -19.60
N GLU H 71 -28.69 -14.00 -19.62
CA GLU H 71 -28.59 -12.87 -18.71
C GLU H 71 -29.68 -11.88 -19.07
N ARG H 72 -29.89 -11.66 -20.38
CA ARG H 72 -30.93 -10.73 -20.81
C ARG H 72 -32.28 -11.23 -20.35
N GLN H 73 -32.54 -12.54 -20.48
CA GLN H 73 -33.76 -13.17 -20.01
C GLN H 73 -33.99 -12.85 -18.53
N ILE H 74 -32.97 -13.15 -17.72
CA ILE H 74 -33.08 -12.94 -16.28
C ILE H 74 -33.36 -11.46 -16.03
N GLU H 75 -32.60 -10.55 -16.66
CA GLU H 75 -32.74 -9.13 -16.40
C GLU H 75 -34.17 -8.66 -16.70
N ALA H 76 -34.87 -9.35 -17.59
CA ALA H 76 -36.18 -8.89 -18.06
C ALA H 76 -37.34 -9.60 -17.35
N ASN H 77 -37.03 -10.52 -16.42
CA ASN H 77 -38.05 -11.29 -15.73
C ASN H 77 -38.78 -12.23 -16.68
N LYS H 78 -38.00 -12.91 -17.52
CA LYS H 78 -38.56 -13.89 -18.43
C LYS H 78 -37.86 -15.23 -18.24
N PHE H 79 -37.26 -15.46 -17.07
CA PHE H 79 -36.46 -16.64 -16.82
C PHE H 79 -37.12 -17.42 -15.70
N GLU H 80 -37.43 -18.68 -15.96
CA GLU H 80 -38.08 -19.54 -14.98
C GLU H 80 -37.00 -20.27 -14.18
N TRP H 81 -36.76 -19.82 -12.95
CA TRP H 81 -35.92 -20.58 -12.05
C TRP H 81 -36.65 -21.85 -11.65
N ARG H 82 -35.95 -22.96 -11.41
CA ARG H 82 -36.60 -24.22 -11.13
C ARG H 82 -35.92 -24.96 -9.98
N THR H 83 -36.73 -25.39 -9.00
CA THR H 83 -36.26 -26.17 -7.85
CA THR H 83 -36.20 -26.13 -7.86
C THR H 83 -35.70 -27.50 -8.29
N ASP H 84 -36.25 -28.06 -9.39
CA ASP H 84 -35.81 -29.34 -9.95
C ASP H 84 -34.43 -29.22 -10.62
N ARG H 85 -33.92 -27.99 -10.71
CA ARG H 85 -32.55 -27.76 -11.22
C ARG H 85 -31.62 -27.45 -10.02
N GLU H 86 -32.12 -27.49 -8.78
CA GLU H 86 -31.29 -27.50 -7.57
C GLU H 86 -30.75 -26.12 -7.17
N ASP H 87 -29.93 -25.50 -8.03
CA ASP H 87 -29.12 -24.36 -7.60
C ASP H 87 -28.98 -23.39 -8.79
N VAL H 88 -28.32 -22.26 -8.56
CA VAL H 88 -28.09 -21.29 -9.63
C VAL H 88 -27.26 -21.89 -10.79
N HIS H 89 -26.31 -22.79 -10.46
CA HIS H 89 -25.28 -23.21 -11.40
C HIS H 89 -25.90 -24.10 -12.49
N MET H 90 -26.74 -25.01 -12.03
CA MET H 90 -27.39 -25.98 -12.88
C MET H 90 -28.60 -25.34 -13.55
N ASN H 91 -29.26 -24.38 -12.88
CA ASN H 91 -30.34 -23.67 -13.55
C ASN H 91 -29.82 -23.04 -14.85
N ILE H 92 -28.68 -22.33 -14.75
CA ILE H 92 -28.16 -21.57 -15.88
C ILE H 92 -27.61 -22.52 -16.96
N GLU H 93 -26.94 -23.59 -16.56
CA GLU H 93 -26.24 -24.45 -17.51
C GLU H 93 -27.25 -25.30 -18.26
N ALA H 94 -28.23 -25.87 -17.56
CA ALA H 94 -29.33 -26.59 -18.21
C ALA H 94 -30.07 -25.67 -19.18
N ALA H 95 -30.34 -24.45 -18.74
CA ALA H 95 -30.96 -23.46 -19.61
C ALA H 95 -30.10 -23.21 -20.87
N LEU H 96 -28.77 -23.17 -20.68
CA LEU H 96 -27.85 -22.94 -21.78
C LEU H 96 -27.83 -24.16 -22.68
N THR H 97 -27.86 -25.38 -22.13
CA THR H 97 -27.90 -26.58 -22.94
C THR H 97 -29.17 -26.58 -23.78
N ASP H 98 -30.32 -26.25 -23.19
CA ASP H 98 -31.54 -26.05 -23.97
C ASP H 98 -31.33 -25.09 -25.14
N LEU H 99 -30.55 -24.03 -24.94
CA LEU H 99 -30.51 -22.91 -25.87
C LEU H 99 -29.52 -23.16 -27.01
N ILE H 100 -28.36 -23.77 -26.71
CA ILE H 100 -27.33 -23.91 -27.73
C ILE H 100 -26.90 -25.36 -27.96
N GLY H 101 -27.40 -26.31 -27.19
CA GLY H 101 -27.08 -27.69 -27.44
C GLY H 101 -25.70 -28.06 -26.90
N GLU H 102 -24.96 -28.83 -27.70
CA GLU H 102 -23.83 -29.62 -27.19
C GLU H 102 -22.72 -28.74 -26.59
N PRO H 103 -22.32 -27.62 -27.23
CA PRO H 103 -21.29 -26.73 -26.64
C PRO H 103 -21.46 -26.48 -25.13
N ALA H 104 -22.69 -26.18 -24.70
CA ALA H 104 -23.00 -25.88 -23.32
C ALA H 104 -22.43 -26.94 -22.39
N LYS H 105 -22.45 -28.20 -22.80
CA LYS H 105 -22.00 -29.30 -21.96
C LYS H 105 -20.46 -29.32 -21.76
N LYS H 106 -19.70 -28.59 -22.57
CA LYS H 106 -18.25 -28.53 -22.41
C LYS H 106 -17.80 -27.46 -21.40
N LEU H 107 -18.72 -26.59 -21.00
CA LEU H 107 -18.48 -25.55 -20.01
C LEU H 107 -17.96 -26.13 -18.70
N HIS H 108 -18.44 -27.30 -18.27
CA HIS H 108 -17.97 -27.82 -16.99
C HIS H 108 -16.63 -28.58 -17.09
N THR H 109 -15.95 -28.57 -18.24
CA THR H 109 -14.61 -29.13 -18.33
C THR H 109 -13.70 -28.46 -17.30
N ALA H 110 -12.99 -29.29 -16.51
CA ALA H 110 -11.97 -28.82 -15.59
C ALA H 110 -12.54 -27.82 -14.58
N ARG H 111 -13.77 -28.07 -14.11
CA ARG H 111 -14.38 -27.23 -13.11
C ARG H 111 -15.23 -28.09 -12.21
N SER H 112 -15.34 -27.71 -10.94
CA SER H 112 -16.27 -28.30 -9.99
C SER H 112 -17.32 -27.25 -9.60
N ARG H 113 -18.42 -27.70 -9.00
CA ARG H 113 -19.35 -26.72 -8.41
C ARG H 113 -18.62 -26.14 -7.18
N ASN H 114 -17.72 -26.93 -6.58
CA ASN H 114 -17.02 -26.48 -5.37
C ASN H 114 -16.21 -25.21 -5.62
N ASP H 115 -15.57 -25.09 -6.78
CA ASP H 115 -14.69 -23.94 -7.06
C ASP H 115 -15.49 -22.83 -7.76
N GLN H 116 -16.52 -23.19 -8.52
CA GLN H 116 -17.40 -22.24 -9.16
C GLN H 116 -18.16 -21.39 -8.12
N VAL H 117 -18.59 -22.01 -7.02
CA VAL H 117 -19.45 -21.32 -6.06
C VAL H 117 -18.57 -20.40 -5.22
N ALA H 118 -17.39 -20.90 -4.85
CA ALA H 118 -16.41 -20.06 -4.20
C ALA H 118 -16.13 -18.81 -5.03
N THR H 119 -15.90 -18.98 -6.34
CA THR H 119 -15.61 -17.87 -7.23
C THR H 119 -16.80 -16.89 -7.28
N ASP H 120 -17.97 -17.43 -7.61
CA ASP H 120 -19.20 -16.64 -7.69
C ASP H 120 -19.47 -15.78 -6.46
N PHE H 121 -19.39 -16.40 -5.28
CA PHE H 121 -19.68 -15.74 -3.97
C PHE H 121 -18.65 -14.65 -3.65
N ARG H 122 -17.36 -14.91 -3.84
CA ARG H 122 -16.35 -13.88 -3.69
C ARG H 122 -16.66 -12.66 -4.56
N LEU H 123 -17.03 -12.91 -5.84
CA LEU H 123 -17.27 -11.80 -6.74
C LEU H 123 -18.50 -11.02 -6.27
N TRP H 124 -19.53 -11.75 -5.82
CA TRP H 124 -20.74 -11.09 -5.34
C TRP H 124 -20.43 -10.20 -4.12
N CYS H 125 -19.68 -10.75 -3.16
CA CYS H 125 -19.20 -10.01 -2.00
C CYS H 125 -18.39 -8.77 -2.39
N ARG H 126 -17.53 -8.91 -3.39
CA ARG H 126 -16.74 -7.74 -3.88
C ARG H 126 -17.68 -6.64 -4.36
N ASP H 127 -18.67 -7.00 -5.18
CA ASP H 127 -19.63 -6.00 -5.65
C ASP H 127 -20.42 -5.40 -4.50
N ALA H 128 -20.74 -6.23 -3.49
CA ALA H 128 -21.59 -5.77 -2.41
C ALA H 128 -20.82 -4.78 -1.54
N ILE H 129 -19.52 -4.99 -1.42
CA ILE H 129 -18.69 -4.10 -0.65
C ILE H 129 -18.56 -2.74 -1.35
N ASP H 130 -18.37 -2.77 -2.66
CA ASP H 130 -18.31 -1.52 -3.42
C ASP H 130 -19.58 -0.72 -3.18
N THR H 131 -20.74 -1.36 -3.29
CA THR H 131 -21.99 -0.64 -3.09
C THR H 131 -22.08 -0.06 -1.67
N ILE H 132 -21.73 -0.85 -0.64
CA ILE H 132 -21.84 -0.41 0.74
C ILE H 132 -20.95 0.81 1.00
N ILE H 133 -19.75 0.85 0.42
CA ILE H 133 -18.84 1.97 0.59
C ILE H 133 -19.50 3.24 0.05
N VAL H 134 -20.18 3.12 -1.09
CA VAL H 134 -20.81 4.28 -1.68
C VAL H 134 -21.90 4.77 -0.70
N LYS H 135 -22.69 3.82 -0.16
CA LYS H 135 -23.75 4.19 0.76
C LYS H 135 -23.19 4.88 2.01
N ILE H 136 -22.06 4.40 2.52
CA ILE H 136 -21.46 4.94 3.78
C ILE H 136 -20.99 6.39 3.54
N ARG H 137 -20.31 6.66 2.43
CA ARG H 137 -19.91 8.05 2.08
CA ARG H 137 -19.91 8.05 2.10
C ARG H 137 -21.13 8.98 1.99
N ASN H 138 -22.20 8.42 1.44
CA ASN H 138 -23.46 9.20 1.31
C ASN H 138 -23.99 9.55 2.71
N LEU H 139 -23.91 8.59 3.64
CA LEU H 139 -24.36 8.86 5.01
C LEU H 139 -23.41 9.86 5.69
N GLN H 140 -22.11 9.66 5.54
CA GLN H 140 -21.14 10.61 6.05
C GLN H 140 -21.43 12.00 5.50
N ARG H 141 -21.67 12.13 4.19
CA ARG H 141 -22.00 13.44 3.63
C ARG H 141 -23.24 14.03 4.29
N ALA H 142 -24.27 13.20 4.54
CA ALA H 142 -25.52 13.70 5.07
C ALA H 142 -25.29 14.22 6.50
N LEU H 143 -24.44 13.52 7.27
CA LEU H 143 -24.14 13.88 8.65
C LEU H 143 -23.35 15.20 8.68
N VAL H 144 -22.44 15.37 7.74
CA VAL H 144 -21.60 16.54 7.72
C VAL H 144 -22.41 17.74 7.25
N GLU H 145 -23.33 17.59 6.28
CA GLU H 145 -24.19 18.68 5.87
CA GLU H 145 -24.20 18.69 5.87
C GLU H 145 -25.08 19.10 7.04
N LEU H 146 -25.51 18.11 7.85
CA LEU H 146 -26.33 18.43 9.02
C LEU H 146 -25.49 19.20 10.05
N ALA H 147 -24.22 18.82 10.23
CA ALA H 147 -23.30 19.54 11.08
C ALA H 147 -23.12 20.99 10.65
N LEU H 148 -22.94 21.23 9.34
CA LEU H 148 -22.67 22.54 8.79
C LEU H 148 -23.88 23.46 8.94
N LYS H 149 -25.06 22.89 8.74
CA LYS H 149 -26.30 23.61 8.92
C LYS H 149 -26.59 23.93 10.41
N ASN H 150 -25.93 23.29 11.38
CA ASN H 150 -26.17 23.61 12.78
C ASN H 150 -24.83 23.77 13.52
N GLU H 151 -23.89 24.49 12.92
CA GLU H 151 -22.50 24.42 13.34
C GLU H 151 -22.30 25.12 14.69
N ALA H 152 -23.21 26.05 15.04
CA ALA H 152 -23.10 26.92 16.20
C ALA H 152 -23.84 26.34 17.41
N LEU H 153 -24.61 25.29 17.16
CA LEU H 153 -25.49 24.77 18.20
C LEU H 153 -24.70 24.02 19.26
N ILE H 154 -24.90 24.44 20.51
CA ILE H 154 -24.32 23.84 21.70
C ILE H 154 -25.35 22.90 22.30
N VAL H 155 -24.91 21.70 22.63
CA VAL H 155 -25.74 20.76 23.36
C VAL H 155 -24.88 20.19 24.48
N PRO H 156 -25.44 19.53 25.50
CA PRO H 156 -24.62 18.84 26.50
C PRO H 156 -23.91 17.63 25.92
N GLY H 157 -22.71 17.35 26.42
CA GLY H 157 -22.08 16.07 26.22
C GLY H 157 -22.26 15.22 27.47
N TYR H 158 -22.40 13.90 27.31
CA TYR H 158 -22.85 13.06 28.39
C TYR H 158 -21.82 11.96 28.74
N THR H 159 -21.69 11.68 30.04
CA THR H 159 -21.10 10.46 30.52
C THR H 159 -22.08 9.92 31.56
N HIS H 160 -22.32 8.60 31.58
CA HIS H 160 -23.27 7.96 32.48
C HIS H 160 -24.72 8.46 32.25
N LEU H 161 -24.95 9.06 31.08
CA LEU H 161 -26.17 9.77 30.72
C LEU H 161 -26.44 10.95 31.66
N GLN H 162 -25.35 11.51 32.19
CA GLN H 162 -25.38 12.75 32.94
C GLN H 162 -24.63 13.82 32.15
N ARG H 163 -25.09 15.06 32.22
CA ARG H 163 -24.45 16.15 31.53
C ARG H 163 -23.07 16.40 32.12
N ALA H 164 -22.05 16.43 31.25
CA ALA H 164 -20.67 16.44 31.67
C ALA H 164 -20.00 17.75 31.25
N GLN H 165 -20.13 18.10 29.98
CA GLN H 165 -19.46 19.25 29.43
C GLN H 165 -20.36 19.80 28.33
N PRO H 166 -20.16 21.06 27.92
CA PRO H 166 -20.90 21.59 26.80
C PRO H 166 -20.11 21.25 25.55
N VAL H 167 -20.79 20.80 24.49
CA VAL H 167 -20.10 20.44 23.24
C VAL H 167 -20.88 21.04 22.09
N LEU H 168 -20.24 21.14 20.92
CA LEU H 168 -20.92 21.57 19.70
C LEU H 168 -21.59 20.37 19.05
N LEU H 169 -22.82 20.56 18.59
CA LEU H 169 -23.52 19.51 17.85
C LEU H 169 -22.67 18.93 16.71
N PRO H 170 -22.08 19.74 15.81
CA PRO H 170 -21.16 19.21 14.81
C PRO H 170 -20.11 18.22 15.32
N HIS H 171 -19.66 18.45 16.57
CA HIS H 171 -18.66 17.59 17.16
C HIS H 171 -19.25 16.21 17.47
N VAL H 172 -20.51 16.19 17.95
CA VAL H 172 -21.20 14.93 18.27
C VAL H 172 -21.35 14.14 16.96
N LEU H 173 -21.81 14.83 15.89
CA LEU H 173 -22.09 14.19 14.62
C LEU H 173 -20.80 13.63 14.01
N LEU H 174 -19.70 14.38 14.11
CA LEU H 174 -18.43 13.93 13.59
C LEU H 174 -17.96 12.65 14.29
N THR H 175 -18.41 12.37 15.52
CA THR H 175 -18.11 11.08 16.14
C THR H 175 -18.55 9.93 15.20
N PHE H 176 -19.82 10.01 14.75
CA PHE H 176 -20.41 9.05 13.85
C PHE H 176 -19.61 8.98 12.57
N VAL H 177 -19.35 10.15 11.95
CA VAL H 177 -18.57 10.19 10.72
C VAL H 177 -17.24 9.43 10.92
N GLU H 178 -16.52 9.71 12.01
CA GLU H 178 -15.26 9.05 12.28
C GLU H 178 -15.43 7.53 12.46
N GLN H 179 -16.54 7.10 13.11
CA GLN H 179 -16.86 5.69 13.28
C GLN H 179 -17.06 5.02 11.91
N LEU H 180 -17.78 5.70 11.01
CA LEU H 180 -18.09 5.17 9.68
C LEU H 180 -16.84 5.14 8.80
N GLU H 181 -15.88 6.02 9.06
CA GLU H 181 -14.60 5.98 8.35
C GLU H 181 -13.80 4.74 8.74
N ARG H 182 -13.83 4.35 10.04
CA ARG H 182 -13.22 3.10 10.45
C ARG H 182 -13.91 1.89 9.78
N ASP H 183 -15.24 1.95 9.67
CA ASP H 183 -16.01 0.94 8.96
C ASP H 183 -15.52 0.83 7.52
N ALA H 184 -15.52 1.97 6.82
CA ALA H 184 -15.07 2.05 5.43
C ALA H 184 -13.69 1.42 5.31
N GLY H 185 -12.78 1.77 6.21
CA GLY H 185 -11.47 1.13 6.30
C GLY H 185 -11.61 -0.39 6.36
N ARG H 186 -12.47 -0.92 7.22
CA ARG H 186 -12.57 -2.38 7.37
C ARG H 186 -13.09 -3.03 6.08
N TYR H 187 -14.03 -2.38 5.38
CA TYR H 187 -14.56 -2.84 4.10
C TYR H 187 -13.45 -2.87 3.06
N VAL H 188 -12.58 -1.84 3.07
CA VAL H 188 -11.51 -1.82 2.08
C VAL H 188 -10.56 -2.99 2.31
N ASP H 189 -10.18 -3.20 3.56
CA ASP H 189 -9.27 -4.27 3.91
C ASP H 189 -9.90 -5.66 3.63
N CYS H 190 -11.18 -5.81 3.90
CA CYS H 190 -11.86 -7.07 3.76
C CYS H 190 -11.86 -7.49 2.28
N ARG H 191 -12.14 -6.51 1.42
CA ARG H 191 -12.23 -6.72 -0.04
C ARG H 191 -10.88 -7.13 -0.62
N ALA H 192 -9.81 -6.42 -0.25
CA ALA H 192 -8.50 -6.82 -0.76
C ALA H 192 -8.18 -8.24 -0.33
N ARG H 193 -8.56 -8.63 0.89
CA ARG H 193 -8.19 -9.98 1.33
C ARG H 193 -8.99 -11.03 0.54
N LEU H 194 -10.21 -10.69 0.09
CA LEU H 194 -11.05 -11.71 -0.47
C LEU H 194 -10.81 -11.79 -1.98
N ASN H 195 -9.96 -10.91 -2.50
CA ASN H 195 -9.86 -10.75 -3.95
C ASN H 195 -8.77 -11.65 -4.52
N PHE H 196 -8.85 -12.94 -4.16
CA PHE H 196 -8.00 -13.99 -4.67
C PHE H 196 -8.88 -15.09 -5.26
N SER H 197 -8.45 -15.70 -6.39
CA SER H 197 -9.30 -16.54 -7.22
C SER H 197 -9.28 -17.99 -6.75
N PRO H 198 -10.42 -18.61 -6.38
CA PRO H 198 -10.46 -20.07 -6.15
C PRO H 198 -10.58 -20.94 -7.41
N LEU H 199 -10.83 -20.30 -8.56
CA LEU H 199 -11.20 -21.01 -9.75
C LEU H 199 -10.00 -21.79 -10.27
N GLY H 200 -10.24 -23.10 -10.47
CA GLY H 200 -9.19 -24.01 -10.92
C GLY H 200 -8.72 -24.98 -9.83
N ALA H 201 -9.26 -24.86 -8.62
CA ALA H 201 -9.06 -25.87 -7.58
C ALA H 201 -9.92 -27.11 -7.87
N CYS H 202 -10.87 -26.97 -8.79
CA CYS H 202 -11.79 -28.04 -9.15
C CYS H 202 -12.42 -28.51 -7.85
N ALA H 203 -12.51 -29.83 -7.65
CA ALA H 203 -13.24 -30.34 -6.49
C ALA H 203 -12.51 -30.04 -5.18
N LEU H 204 -11.17 -30.09 -5.20
CA LEU H 204 -10.36 -29.81 -4.01
CA LEU H 204 -10.37 -29.79 -4.03
C LEU H 204 -8.87 -29.88 -4.34
N ALA H 205 -8.47 -30.66 -5.35
CA ALA H 205 -7.06 -31.02 -5.55
C ALA H 205 -6.43 -30.43 -6.82
N GLY H 206 -7.15 -29.60 -7.58
CA GLY H 206 -6.64 -29.11 -8.83
C GLY H 206 -7.00 -30.07 -9.97
N THR H 207 -6.26 -29.96 -11.08
CA THR H 207 -6.46 -30.80 -12.25
C THR H 207 -5.12 -31.06 -12.96
N GLY H 208 -5.11 -32.11 -13.81
CA GLY H 208 -4.02 -32.36 -14.75
C GLY H 208 -4.30 -31.83 -16.16
N LEU H 209 -5.48 -31.24 -16.40
CA LEU H 209 -5.81 -30.65 -17.69
C LEU H 209 -5.11 -29.30 -17.80
N PRO H 210 -4.71 -28.84 -19.00
CA PRO H 210 -3.87 -27.65 -19.14
C PRO H 210 -4.66 -26.34 -19.11
N ILE H 211 -5.31 -26.09 -17.97
CA ILE H 211 -5.95 -24.81 -17.74
C ILE H 211 -4.89 -23.75 -17.40
N ASP H 212 -5.32 -22.50 -17.29
CA ASP H 212 -4.49 -21.45 -16.72
C ASP H 212 -5.29 -20.58 -15.75
N ARG H 213 -4.95 -20.71 -14.45
CA ARG H 213 -5.65 -20.05 -13.36
C ARG H 213 -5.33 -18.54 -13.30
N PHE H 214 -4.14 -18.15 -13.78
CA PHE H 214 -3.74 -16.74 -13.83
C PHE H 214 -4.62 -16.00 -14.84
N MET H 215 -4.91 -16.66 -15.95
CA MET H 215 -5.68 -16.06 -17.02
CA MET H 215 -5.67 -16.05 -17.02
C MET H 215 -7.09 -15.73 -16.50
N THR H 216 -7.74 -16.69 -15.85
CA THR H 216 -9.12 -16.51 -15.38
C THR H 216 -9.15 -15.47 -14.23
N ALA H 217 -8.15 -15.57 -13.33
CA ALA H 217 -8.04 -14.66 -12.22
C ALA H 217 -7.93 -13.25 -12.79
N ASN H 218 -7.09 -13.05 -13.83
CA ASN H 218 -6.94 -11.76 -14.50
C ASN H 218 -8.25 -11.29 -15.09
N ALA H 219 -8.95 -12.15 -15.82
CA ALA H 219 -10.18 -11.79 -16.50
C ALA H 219 -11.25 -11.34 -15.52
N LEU H 220 -11.23 -11.89 -14.30
CA LEU H 220 -12.29 -11.61 -13.35
C LEU H 220 -11.86 -10.55 -12.32
N GLY H 221 -10.68 -9.94 -12.45
CA GLY H 221 -10.32 -8.83 -11.58
C GLY H 221 -9.74 -9.27 -10.24
N PHE H 222 -9.41 -10.54 -10.06
CA PHE H 222 -8.76 -10.97 -8.83
C PHE H 222 -7.27 -10.63 -8.90
N THR H 223 -6.66 -10.52 -7.71
CA THR H 223 -5.30 -10.07 -7.59
C THR H 223 -4.41 -11.15 -8.15
N GLU H 224 -4.72 -12.39 -7.75
CA GLU H 224 -4.02 -13.57 -8.24
C GLU H 224 -4.81 -14.81 -7.80
N PRO H 225 -4.44 -16.02 -8.30
CA PRO H 225 -5.02 -17.27 -7.82
C PRO H 225 -4.58 -17.61 -6.41
N MET H 226 -5.47 -18.23 -5.63
CA MET H 226 -5.12 -18.74 -4.33
C MET H 226 -4.09 -19.83 -4.54
N ARG H 227 -3.16 -19.93 -3.60
CA ARG H 227 -1.99 -20.79 -3.73
C ARG H 227 -2.25 -22.26 -3.36
N ASN H 228 -3.46 -22.56 -2.85
CA ASN H 228 -3.75 -23.88 -2.32
C ASN H 228 -5.18 -24.27 -2.66
N SER H 229 -5.32 -25.39 -3.41
CA SER H 229 -6.60 -25.82 -3.97
C SER H 229 -7.56 -26.28 -2.88
N ILE H 230 -7.04 -26.91 -1.84
CA ILE H 230 -7.88 -27.38 -0.72
C ILE H 230 -8.41 -26.19 0.03
N ASP H 231 -7.52 -25.20 0.25
CA ASP H 231 -7.92 -23.93 0.83
C ASP H 231 -8.94 -23.19 -0.02
N ALA H 232 -8.79 -23.25 -1.36
CA ALA H 232 -9.70 -22.51 -2.22
C ALA H 232 -11.15 -22.99 -2.07
N VAL H 233 -11.36 -24.30 -1.83
CA VAL H 233 -12.72 -24.84 -1.80
C VAL H 233 -13.28 -24.85 -0.37
N SER H 234 -12.40 -24.88 0.65
CA SER H 234 -12.84 -25.01 2.02
C SER H 234 -12.96 -23.64 2.72
N ASP H 235 -12.47 -22.56 2.12
CA ASP H 235 -12.30 -21.33 2.87
C ASP H 235 -13.60 -20.53 2.83
N ARG H 236 -14.03 -20.03 4.01
CA ARG H 236 -15.15 -19.10 4.06
C ARG H 236 -14.80 -17.91 4.95
N ASP H 237 -13.51 -17.57 5.02
CA ASP H 237 -13.06 -16.42 5.79
C ASP H 237 -13.58 -15.10 5.25
N PHE H 238 -13.70 -14.99 3.93
CA PHE H 238 -14.18 -13.74 3.33
C PHE H 238 -15.60 -13.44 3.77
N VAL H 239 -16.40 -14.49 4.03
CA VAL H 239 -17.76 -14.31 4.48
C VAL H 239 -17.78 -13.90 5.97
N LEU H 240 -17.00 -14.61 6.80
CA LEU H 240 -16.88 -14.27 8.22
C LEU H 240 -16.45 -12.82 8.42
N GLU H 241 -15.51 -12.36 7.56
CA GLU H 241 -14.87 -11.06 7.70
C GLU H 241 -15.86 -9.98 7.25
N PHE H 242 -16.60 -10.26 6.20
CA PHE H 242 -17.66 -9.35 5.76
C PHE H 242 -18.80 -9.32 6.79
N LEU H 243 -19.19 -10.47 7.35
CA LEU H 243 -20.25 -10.47 8.38
C LEU H 243 -19.85 -9.66 9.61
N TYR H 244 -18.57 -9.74 10.02
CA TYR H 244 -18.04 -8.96 11.15
C TYR H 244 -18.14 -7.46 10.82
N THR H 245 -17.62 -7.06 9.67
CA THR H 245 -17.56 -5.66 9.28
C THR H 245 -18.96 -5.09 9.26
N ASN H 246 -19.92 -5.80 8.67
CA ASN H 246 -21.32 -5.39 8.70
C ASN H 246 -21.83 -5.25 10.14
N ALA H 247 -21.49 -6.20 11.03
CA ALA H 247 -21.93 -6.15 12.42
C ALA H 247 -21.40 -4.92 13.16
N ASN H 248 -20.11 -4.60 12.94
CA ASN H 248 -19.50 -3.48 13.64
C ASN H 248 -20.08 -2.17 13.08
N THR H 249 -20.36 -2.10 11.76
CA THR H 249 -21.11 -0.98 11.18
C THR H 249 -22.48 -0.80 11.86
N GLY H 250 -23.18 -1.89 12.09
CA GLY H 250 -24.52 -1.78 12.66
C GLY H 250 -24.48 -1.40 14.13
N ILE H 251 -23.43 -1.78 14.86
CA ILE H 251 -23.24 -1.35 16.23
C ILE H 251 -23.26 0.18 16.25
N HIS H 252 -22.39 0.77 15.41
CA HIS H 252 -22.32 2.20 15.21
C HIS H 252 -23.71 2.77 14.99
N LEU H 253 -24.43 2.25 14.01
CA LEU H 253 -25.75 2.75 13.70
C LEU H 253 -26.75 2.47 14.83
N SER H 254 -26.51 1.45 15.69
CA SER H 254 -27.43 1.19 16.79
C SER H 254 -27.30 2.29 17.86
N ARG H 255 -26.06 2.79 18.03
CA ARG H 255 -25.79 3.86 18.98
C ARG H 255 -26.30 5.21 18.46
N LEU H 256 -26.16 5.46 17.16
CA LEU H 256 -26.82 6.59 16.51
C LEU H 256 -28.33 6.51 16.69
N GLY H 257 -28.88 5.30 16.59
CA GLY H 257 -30.32 5.11 16.74
C GLY H 257 -30.71 5.48 18.16
N GLU H 258 -29.97 4.94 19.14
CA GLU H 258 -30.29 5.16 20.52
C GLU H 258 -30.21 6.67 20.79
N GLU H 259 -29.16 7.31 20.32
CA GLU H 259 -28.93 8.74 20.51
C GLU H 259 -30.10 9.55 19.94
N TRP H 260 -30.53 9.23 18.71
CA TRP H 260 -31.57 9.99 18.05
C TRP H 260 -32.98 9.68 18.56
N VAL H 261 -33.22 8.49 19.09
CA VAL H 261 -34.46 8.21 19.80
C VAL H 261 -34.50 9.02 21.12
N LEU H 262 -33.35 9.12 21.80
CA LEU H 262 -33.26 9.94 23.00
C LEU H 262 -33.59 11.41 22.68
N TRP H 263 -32.96 11.98 21.66
CA TRP H 263 -33.11 13.39 21.31
C TRP H 263 -34.51 13.76 20.85
N ALA H 264 -35.22 12.77 20.32
CA ALA H 264 -36.56 12.96 19.80
C ALA H 264 -37.60 12.94 20.92
N SER H 265 -37.20 12.36 22.08
CA SER H 265 -38.07 12.29 23.26
C SER H 265 -38.41 13.69 23.74
N GLU H 266 -39.52 13.83 24.48
CA GLU H 266 -39.88 15.17 24.94
C GLU H 266 -38.99 15.57 26.11
N GLU H 267 -38.45 14.59 26.85
CA GLU H 267 -37.59 14.81 28.00
C GLU H 267 -36.26 15.45 27.58
N PHE H 268 -35.65 14.98 26.48
CA PHE H 268 -34.53 15.67 25.89
C PHE H 268 -35.03 16.89 25.12
N GLY H 269 -36.00 16.70 24.22
CA GLY H 269 -36.61 17.81 23.49
C GLY H 269 -35.64 18.43 22.49
N PHE H 270 -34.55 17.76 22.14
CA PHE H 270 -33.54 18.35 21.27
C PHE H 270 -33.90 18.39 19.80
N MET H 271 -34.66 17.42 19.29
CA MET H 271 -34.71 17.17 17.83
C MET H 271 -36.13 16.86 17.40
N THR H 272 -36.59 17.44 16.27
CA THR H 272 -37.91 17.12 15.74
C THR H 272 -37.81 16.41 14.38
N PRO H 273 -38.21 15.12 14.28
CA PRO H 273 -38.30 14.46 12.98
C PRO H 273 -39.48 15.00 12.19
N SER H 274 -39.28 15.18 10.88
CA SER H 274 -40.35 15.45 9.94
C SER H 274 -41.44 14.38 10.02
N ASP H 275 -42.57 14.65 9.38
CA ASP H 275 -43.69 13.73 9.39
C ASP H 275 -43.38 12.50 8.54
N SER H 276 -42.66 12.70 7.45
CA SER H 276 -42.32 11.66 6.52
C SER H 276 -41.39 10.61 7.15
N VAL H 277 -40.69 10.94 8.26
CA VAL H 277 -39.84 9.95 8.92
C VAL H 277 -40.33 9.59 10.33
N SER H 278 -41.61 9.79 10.64
CA SER H 278 -42.11 9.49 11.97
C SER H 278 -43.56 9.05 11.92
N THR H 279 -44.07 8.55 13.04
CA THR H 279 -45.49 8.23 13.16
C THR H 279 -46.06 8.97 14.36
N GLY H 280 -47.38 9.14 14.41
CA GLY H 280 -47.99 9.88 15.49
C GLY H 280 -49.31 9.26 15.93
N SER H 281 -50.16 10.14 16.44
CA SER H 281 -51.43 9.78 17.02
C SER H 281 -52.38 10.90 16.67
N SER H 282 -53.54 10.54 16.14
CA SER H 282 -54.59 11.50 15.84
C SER H 282 -55.01 12.28 17.07
N ILE H 283 -54.96 11.66 18.26
CA ILE H 283 -55.54 12.27 19.44
C ILE H 283 -54.47 12.88 20.34
N MET H 284 -53.18 12.66 20.04
CA MET H 284 -52.08 13.25 20.78
C MET H 284 -51.07 13.76 19.76
N PRO H 285 -51.36 14.95 19.21
CA PRO H 285 -50.66 15.48 18.03
C PRO H 285 -49.21 15.90 18.26
N GLN H 286 -48.76 15.90 19.52
CA GLN H 286 -47.39 16.22 19.90
CA GLN H 286 -47.38 16.23 19.85
C GLN H 286 -46.53 14.95 19.83
N LYS H 287 -47.20 13.78 19.89
CA LYS H 287 -46.50 12.51 19.84
C LYS H 287 -45.87 12.38 18.45
N LYS H 288 -44.55 12.19 18.40
CA LYS H 288 -43.82 11.98 17.16
C LYS H 288 -42.85 10.83 17.35
N ASN H 289 -43.27 9.61 16.94
CA ASN H 289 -42.47 8.41 17.15
C ASN H 289 -41.37 8.33 16.08
N PRO H 290 -40.09 8.20 16.45
CA PRO H 290 -39.03 8.02 15.47
C PRO H 290 -38.87 6.56 15.03
N ASP H 291 -39.89 5.96 14.41
CA ASP H 291 -39.82 4.50 14.19
C ASP H 291 -38.61 4.05 13.35
N PRO H 292 -38.20 4.75 12.27
CA PRO H 292 -37.06 4.31 11.50
C PRO H 292 -35.79 4.10 12.34
N MET H 293 -35.52 4.99 13.28
CA MET H 293 -34.28 4.84 14.02
C MET H 293 -34.42 3.77 15.11
N GLU H 294 -35.64 3.55 15.59
CA GLU H 294 -35.88 2.42 16.46
C GLU H 294 -35.55 1.10 15.71
N LEU H 295 -35.97 1.04 14.43
CA LEU H 295 -35.76 -0.17 13.65
C LEU H 295 -34.30 -0.30 13.25
N VAL H 296 -33.61 0.82 13.06
CA VAL H 296 -32.15 0.79 12.76
C VAL H 296 -31.46 0.12 13.96
N ARG H 297 -31.83 0.55 15.16
CA ARG H 297 -31.25 -0.06 16.34
C ARG H 297 -31.60 -1.54 16.39
N GLY H 298 -32.87 -1.89 16.18
CA GLY H 298 -33.31 -3.28 16.27
C GLY H 298 -32.56 -4.20 15.30
N LYS H 299 -32.36 -3.70 14.08
CA LYS H 299 -31.75 -4.46 13.00
C LYS H 299 -30.28 -4.77 13.24
N SER H 300 -29.57 -4.02 14.11
CA SER H 300 -28.19 -4.38 14.46
C SER H 300 -28.15 -5.79 15.02
N ALA H 301 -29.24 -6.24 15.65
CA ALA H 301 -29.32 -7.55 16.30
C ALA H 301 -29.22 -8.71 15.28
N ARG H 302 -29.93 -8.59 14.16
CA ARG H 302 -29.93 -9.64 13.11
C ARG H 302 -28.56 -9.67 12.40
N VAL H 303 -27.90 -8.50 12.31
CA VAL H 303 -26.61 -8.50 11.66
C VAL H 303 -25.63 -9.29 12.53
N ILE H 304 -25.79 -9.18 13.88
CA ILE H 304 -24.93 -9.88 14.83
C ILE H 304 -25.22 -11.38 14.75
N GLY H 305 -26.51 -11.72 14.71
CA GLY H 305 -26.97 -13.09 14.56
C GLY H 305 -26.44 -13.76 13.29
N ASP H 306 -26.49 -13.08 12.16
CA ASP H 306 -25.91 -13.60 10.93
C ASP H 306 -24.45 -13.97 11.13
N LEU H 307 -23.67 -13.13 11.83
CA LEU H 307 -22.25 -13.37 12.09
C LEU H 307 -22.09 -14.67 12.87
N VAL H 308 -22.82 -14.80 13.97
CA VAL H 308 -22.76 -15.99 14.80
C VAL H 308 -23.13 -17.25 14.01
N THR H 309 -24.10 -17.16 13.09
CA THR H 309 -24.48 -18.31 12.27
C THR H 309 -23.26 -18.79 11.49
N VAL H 310 -22.53 -17.93 10.81
CA VAL H 310 -21.44 -18.44 9.99
C VAL H 310 -20.23 -18.80 10.84
N LEU H 311 -20.01 -18.18 12.02
CA LEU H 311 -18.96 -18.62 12.93
C LEU H 311 -19.24 -20.06 13.38
N THR H 312 -20.48 -20.33 13.85
CA THR H 312 -20.85 -21.63 14.38
CA THR H 312 -20.79 -21.63 14.41
C THR H 312 -20.77 -22.68 13.29
N LEU H 313 -21.13 -22.31 12.07
CA LEU H 313 -21.19 -23.23 10.95
C LEU H 313 -19.81 -23.78 10.62
N CYS H 314 -18.80 -22.90 10.62
CA CYS H 314 -17.45 -23.28 10.22
C CYS H 314 -16.71 -24.02 11.33
N LYS H 315 -17.16 -23.80 12.57
CA LYS H 315 -16.49 -24.34 13.74
C LYS H 315 -16.50 -25.86 13.65
N GLY H 316 -15.29 -26.43 13.68
CA GLY H 316 -15.05 -27.83 13.97
C GLY H 316 -15.33 -28.74 12.76
N LEU H 317 -15.37 -28.15 11.56
CA LEU H 317 -15.70 -28.85 10.32
C LEU H 317 -14.43 -29.38 9.68
N PRO H 318 -14.37 -30.65 9.24
CA PRO H 318 -13.15 -31.12 8.55
C PRO H 318 -13.05 -30.49 7.15
N LEU H 319 -11.86 -30.65 6.56
CA LEU H 319 -11.63 -30.30 5.16
C LEU H 319 -12.27 -31.37 4.25
N ALA H 320 -12.42 -31.08 2.95
CA ALA H 320 -12.24 -29.79 2.31
C ALA H 320 -13.61 -29.16 2.18
N TYR H 321 -14.47 -29.79 1.38
CA TYR H 321 -15.79 -29.25 1.10
C TYR H 321 -16.79 -30.10 1.87
N ASN H 322 -17.73 -29.45 2.57
CA ASN H 322 -18.84 -30.15 3.21
C ASN H 322 -20.13 -29.44 2.84
N ARG H 323 -21.23 -30.20 2.75
CA ARG H 323 -22.52 -29.63 2.35
C ARG H 323 -23.03 -28.54 3.31
N ASP H 324 -22.66 -28.59 4.60
CA ASP H 324 -22.90 -27.50 5.54
C ASP H 324 -22.69 -26.11 4.91
N PHE H 325 -21.65 -25.96 4.08
CA PHE H 325 -21.23 -24.67 3.56
C PHE H 325 -22.29 -23.99 2.69
N GLN H 326 -23.32 -24.72 2.27
CA GLN H 326 -24.48 -24.11 1.63
C GLN H 326 -25.18 -23.11 2.59
N GLU H 327 -25.04 -23.29 3.89
CA GLU H 327 -25.68 -22.38 4.85
C GLU H 327 -25.00 -21.00 4.96
N ASP H 328 -24.03 -20.67 4.08
CA ASP H 328 -23.19 -19.50 4.17
C ASP H 328 -23.83 -18.29 3.49
N LYS H 329 -24.75 -18.51 2.56
CA LYS H 329 -25.18 -17.44 1.67
C LYS H 329 -26.35 -16.64 2.25
N GLU H 330 -27.35 -17.33 2.81
CA GLU H 330 -28.51 -16.62 3.33
C GLU H 330 -28.08 -15.59 4.40
N PRO H 331 -27.21 -15.91 5.39
CA PRO H 331 -26.79 -14.94 6.40
C PRO H 331 -26.08 -13.75 5.74
N MET H 332 -25.21 -14.03 4.76
CA MET H 332 -24.49 -12.98 4.09
C MET H 332 -25.50 -12.11 3.35
N PHE H 333 -26.44 -12.74 2.62
CA PHE H 333 -27.45 -11.97 1.91
C PHE H 333 -28.31 -11.14 2.89
N ASP H 334 -28.71 -11.75 4.03
CA ASP H 334 -29.51 -11.04 5.01
C ASP H 334 -28.69 -9.91 5.64
N SER H 335 -27.44 -10.22 6.06
CA SER H 335 -26.61 -9.22 6.74
C SER H 335 -26.44 -7.99 5.82
N THR H 336 -26.26 -8.24 4.52
CA THR H 336 -25.90 -7.21 3.57
C THR H 336 -27.12 -6.36 3.24
N LYS H 337 -28.24 -7.06 3.00
CA LYS H 337 -29.51 -6.38 2.81
C LYS H 337 -29.82 -5.45 4.00
N THR H 338 -29.65 -5.94 5.23
CA THR H 338 -30.00 -5.15 6.41
C THR H 338 -29.11 -3.92 6.48
N ILE H 339 -27.79 -4.07 6.32
CA ILE H 339 -26.88 -2.98 6.60
C ILE H 339 -27.04 -1.87 5.57
N MET H 340 -27.40 -2.24 4.35
CA MET H 340 -27.61 -1.22 3.34
C MET H 340 -28.82 -0.40 3.75
N GLY H 341 -29.88 -1.09 4.18
CA GLY H 341 -31.11 -0.43 4.60
C GLY H 341 -30.86 0.46 5.82
N MET H 342 -30.06 -0.03 6.76
CA MET H 342 -29.75 0.73 7.96
C MET H 342 -28.99 1.99 7.57
N ILE H 343 -27.96 1.83 6.73
CA ILE H 343 -27.18 2.97 6.29
C ILE H 343 -28.09 4.00 5.59
N ASP H 344 -28.94 3.56 4.67
CA ASP H 344 -29.66 4.51 3.83
C ASP H 344 -30.77 5.26 4.57
N VAL H 345 -31.46 4.53 5.47
CA VAL H 345 -32.52 5.08 6.28
C VAL H 345 -31.94 6.11 7.26
N SER H 346 -30.76 5.79 7.84
CA SER H 346 -30.06 6.69 8.73
C SER H 346 -29.76 7.98 7.96
N ALA H 347 -29.35 7.85 6.70
CA ALA H 347 -29.04 9.03 5.90
C ALA H 347 -30.29 9.84 5.56
N GLU H 348 -31.42 9.20 5.25
CA GLU H 348 -32.65 9.95 5.01
C GLU H 348 -33.07 10.64 6.31
N PHE H 349 -32.90 9.96 7.45
CA PHE H 349 -33.36 10.51 8.72
C PHE H 349 -32.58 11.77 9.06
N ALA H 350 -31.26 11.73 8.81
CA ALA H 350 -30.37 12.86 9.01
C ALA H 350 -30.85 14.05 8.22
N GLN H 351 -31.46 13.81 7.05
CA GLN H 351 -31.89 14.91 6.20
C GLN H 351 -33.31 15.37 6.54
N ASN H 352 -33.95 14.75 7.53
CA ASN H 352 -35.34 15.07 7.84
C ASN H 352 -35.56 15.37 9.33
N VAL H 353 -34.55 15.99 9.97
CA VAL H 353 -34.63 16.39 11.36
C VAL H 353 -34.25 17.87 11.45
N THR H 354 -34.91 18.59 12.37
CA THR H 354 -34.48 19.91 12.82
C THR H 354 -34.26 19.89 14.35
N PHE H 355 -33.32 20.75 14.80
CA PHE H 355 -33.02 20.90 16.22
C PHE H 355 -33.89 22.00 16.82
N ASN H 356 -34.33 21.77 18.07
CA ASN H 356 -35.21 22.70 18.78
C ASN H 356 -34.34 23.63 19.64
N GLU H 357 -33.91 24.73 19.04
CA GLU H 357 -32.85 25.57 19.59
C GLU H 357 -33.29 26.21 20.91
N ASP H 358 -34.53 26.70 21.00
CA ASP H 358 -35.00 27.37 22.20
C ASP H 358 -35.09 26.36 23.35
N ARG H 359 -35.63 25.19 23.08
CA ARG H 359 -35.70 24.14 24.12
C ARG H 359 -34.29 23.78 24.60
N ILE H 360 -33.35 23.59 23.67
CA ILE H 360 -32.00 23.21 24.05
C ILE H 360 -31.39 24.30 24.90
N LYS H 361 -31.34 25.53 24.36
CA LYS H 361 -30.79 26.70 25.02
C LYS H 361 -31.31 26.87 26.44
N LYS H 362 -32.61 26.72 26.65
CA LYS H 362 -33.21 26.91 27.97
C LYS H 362 -32.69 25.93 29.02
N SER H 363 -32.36 24.70 28.61
CA SER H 363 -31.94 23.66 29.54
C SER H 363 -30.48 23.82 29.99
N LEU H 364 -29.65 24.45 29.16
CA LEU H 364 -28.21 24.43 29.35
C LEU H 364 -27.76 25.14 30.64
N PRO H 365 -28.25 26.36 30.93
CA PRO H 365 -27.63 27.20 31.96
C PRO H 365 -27.57 26.72 33.42
N ALA H 366 -28.39 25.73 33.78
CA ALA H 366 -28.48 25.34 35.17
C ALA H 366 -27.58 24.14 35.46
N GLY H 367 -26.82 23.69 34.47
CA GLY H 367 -25.93 22.58 34.73
C GLY H 367 -24.64 22.95 35.47
N HIS H 368 -24.17 24.19 35.35
CA HIS H 368 -22.81 24.54 35.70
C HIS H 368 -21.82 23.83 34.78
N LEU H 369 -22.16 23.79 33.49
CA LEU H 369 -21.35 23.08 32.51
C LEU H 369 -20.03 23.81 32.27
N ASP H 370 -19.96 25.07 32.71
CA ASP H 370 -18.77 25.90 32.60
C ASP H 370 -17.80 25.61 33.76
N ALA H 371 -18.17 24.71 34.69
CA ALA H 371 -17.37 24.51 35.88
C ALA H 371 -15.96 24.02 35.53
N THR H 372 -15.84 23.20 34.48
CA THR H 372 -14.55 22.59 34.15
C THR H 372 -13.69 23.64 33.48
N THR H 373 -14.30 24.54 32.71
CA THR H 373 -13.58 25.65 32.09
C THR H 373 -13.00 26.58 33.17
N LEU H 374 -13.78 26.81 34.25
CA LEU H 374 -13.30 27.66 35.34
C LEU H 374 -12.11 27.01 36.06
N ALA H 375 -12.20 25.70 36.30
CA ALA H 375 -11.10 24.95 36.89
C ALA H 375 -9.83 25.07 36.04
N ASP H 376 -9.99 25.08 34.70
CA ASP H 376 -8.86 25.23 33.76
C ASP H 376 -8.23 26.62 33.89
N TYR H 377 -9.07 27.61 34.17
CA TYR H 377 -8.60 28.98 34.35
C TYR H 377 -7.74 29.03 35.61
N LEU H 378 -8.21 28.37 36.67
CA LEU H 378 -7.47 28.38 37.92
C LEU H 378 -6.12 27.65 37.76
N VAL H 379 -6.11 26.47 37.13
CA VAL H 379 -4.86 25.74 36.93
C VAL H 379 -3.89 26.56 36.07
N LYS H 380 -4.40 27.22 35.03
CA LYS H 380 -3.56 28.11 34.22
C LYS H 380 -2.99 29.21 35.13
N LYS H 381 -3.84 29.84 35.94
CA LYS H 381 -3.36 30.86 36.84
C LYS H 381 -2.47 30.32 37.96
N GLY H 382 -2.20 29.01 37.99
CA GLY H 382 -1.12 28.49 38.82
C GLY H 382 -1.60 27.63 39.99
N MET H 383 -2.92 27.43 40.14
CA MET H 383 -3.42 26.56 41.20
C MET H 383 -3.23 25.08 40.84
N PRO H 384 -2.86 24.23 41.82
CA PRO H 384 -2.90 22.77 41.66
C PRO H 384 -4.31 22.31 41.26
N PHE H 385 -4.40 21.17 40.56
CA PHE H 385 -5.66 20.62 40.08
C PHE H 385 -6.68 20.53 41.20
N ARG H 386 -6.33 19.88 42.33
CA ARG H 386 -7.30 19.67 43.38
C ARG H 386 -7.75 21.00 44.00
N SER H 387 -6.83 21.96 44.09
CA SER H 387 -7.16 23.25 44.69
C SER H 387 -8.07 24.03 43.76
N SER H 388 -7.91 23.87 42.44
CA SER H 388 -8.81 24.53 41.52
C SER H 388 -10.22 23.95 41.64
N HIS H 389 -10.32 22.63 41.81
CA HIS H 389 -11.61 21.97 42.00
C HIS H 389 -12.23 22.29 43.36
N ASP H 390 -11.43 22.34 44.43
CA ASP H 390 -11.95 22.79 45.73
C ASP H 390 -12.61 24.17 45.61
N ILE H 391 -11.90 25.11 44.97
CA ILE H 391 -12.40 26.46 44.81
C ILE H 391 -13.69 26.49 43.99
N VAL H 392 -13.72 25.81 42.82
CA VAL H 392 -14.88 25.85 41.94
C VAL H 392 -16.04 25.19 42.66
N GLY H 393 -15.74 24.13 43.42
CA GLY H 393 -16.70 23.43 44.24
C GLY H 393 -17.42 24.40 45.20
N LYS H 394 -16.65 25.26 45.89
CA LYS H 394 -17.19 26.30 46.75
C LYS H 394 -17.99 27.34 45.96
N LEU H 395 -17.40 27.91 44.92
CA LEU H 395 -18.13 28.84 44.08
C LEU H 395 -19.50 28.30 43.66
N VAL H 396 -19.56 27.06 43.17
CA VAL H 396 -20.83 26.53 42.70
C VAL H 396 -21.76 26.34 43.90
N GLY H 397 -21.17 26.12 45.09
CA GLY H 397 -21.87 26.09 46.35
C GLY H 397 -22.84 27.27 46.47
N VAL H 398 -22.28 28.48 46.49
CA VAL H 398 -23.10 29.68 46.40
C VAL H 398 -24.11 29.56 45.26
N CYS H 399 -23.60 29.46 44.02
CA CYS H 399 -24.39 29.66 42.82
C CYS H 399 -25.67 28.82 42.80
N VAL H 400 -25.61 27.58 43.31
CA VAL H 400 -26.73 26.66 43.28
C VAL H 400 -27.78 27.13 44.28
N SER H 401 -27.33 27.61 45.45
CA SER H 401 -28.24 28.04 46.50
C SER H 401 -29.15 29.13 45.94
N LYS H 402 -28.54 30.10 45.26
CA LYS H 402 -29.27 31.30 44.85
C LYS H 402 -29.96 31.15 43.51
N GLY H 403 -29.96 29.95 42.90
CA GLY H 403 -30.47 29.75 41.54
C GLY H 403 -29.77 30.65 40.51
N CYS H 404 -28.50 30.32 40.19
CA CYS H 404 -27.54 31.30 39.70
C CYS H 404 -26.57 30.64 38.73
N GLU H 405 -26.14 31.39 37.71
CA GLU H 405 -25.04 31.02 36.83
C GLU H 405 -23.73 31.58 37.42
N LEU H 406 -22.63 30.83 37.24
CA LEU H 406 -21.32 31.25 37.69
C LEU H 406 -21.01 32.64 37.18
N GLN H 407 -21.37 32.93 35.93
CA GLN H 407 -21.02 34.19 35.29
C GLN H 407 -21.80 35.40 35.84
N ASN H 408 -22.76 35.14 36.72
CA ASN H 408 -23.52 36.24 37.37
C ASN H 408 -22.87 36.60 38.72
N LEU H 409 -21.82 35.88 39.10
CA LEU H 409 -21.11 36.20 40.33
C LEU H 409 -20.23 37.42 40.10
N SER H 410 -20.10 38.25 41.13
CA SER H 410 -19.18 39.37 41.11
C SER H 410 -17.75 38.88 41.26
N LEU H 411 -16.82 39.60 40.68
CA LEU H 411 -15.41 39.33 40.94
C LEU H 411 -15.11 39.37 42.45
N GLU H 412 -15.91 40.16 43.21
CA GLU H 412 -15.65 40.32 44.63
C GLU H 412 -15.93 39.01 45.36
N GLU H 413 -17.01 38.33 44.99
CA GLU H 413 -17.36 37.06 45.62
C GLU H 413 -16.30 36.03 45.31
N MET H 414 -15.76 36.09 44.09
CA MET H 414 -14.77 35.10 43.68
C MET H 414 -13.47 35.31 44.46
N LYS H 415 -13.02 36.58 44.52
CA LYS H 415 -11.79 36.94 45.23
C LYS H 415 -11.82 36.56 46.71
N LYS H 416 -12.98 36.62 47.36
CA LYS H 416 -13.10 36.12 48.73
C LYS H 416 -12.63 34.67 48.85
N LEU H 417 -12.71 33.89 47.75
CA LEU H 417 -12.34 32.48 47.78
C LEU H 417 -10.88 32.29 47.37
N SER H 418 -10.38 33.17 46.51
CA SER H 418 -8.99 33.07 46.08
C SER H 418 -8.57 34.35 45.39
N PRO H 419 -7.37 34.87 45.74
CA PRO H 419 -6.88 36.07 45.11
C PRO H 419 -6.42 35.95 43.66
N VAL H 420 -6.41 34.73 43.09
CA VAL H 420 -5.89 34.54 41.73
C VAL H 420 -6.91 34.95 40.67
N PHE H 421 -8.20 35.00 41.03
CA PHE H 421 -9.24 35.52 40.14
C PHE H 421 -8.92 36.94 39.71
N GLU H 422 -9.12 37.22 38.43
CA GLU H 422 -9.06 38.58 37.91
CA GLU H 422 -9.01 38.54 37.84
C GLU H 422 -10.24 38.78 36.96
N GLU H 423 -10.43 40.02 36.50
CA GLU H 423 -11.55 40.40 35.64
C GLU H 423 -11.61 39.53 34.37
N ASP H 424 -10.48 38.95 33.99
CA ASP H 424 -10.45 38.13 32.78
C ASP H 424 -11.23 36.83 32.96
N VAL H 425 -11.73 36.54 34.15
CA VAL H 425 -12.45 35.30 34.41
C VAL H 425 -13.74 35.26 33.60
N PHE H 426 -14.33 36.42 33.27
CA PHE H 426 -15.66 36.40 32.68
C PHE H 426 -15.59 35.91 31.22
N GLY H 427 -14.39 35.92 30.63
CA GLY H 427 -14.18 35.35 29.31
C GLY H 427 -14.12 33.81 29.32
N PHE H 428 -14.15 33.22 30.52
CA PHE H 428 -14.09 31.78 30.71
C PHE H 428 -15.41 31.27 31.26
N LEU H 429 -16.46 32.08 31.32
CA LEU H 429 -17.68 31.64 31.99
C LEU H 429 -18.86 31.72 31.02
N GLY H 430 -19.91 30.94 31.30
CA GLY H 430 -21.03 30.76 30.38
C GLY H 430 -20.74 29.65 29.36
N VAL H 431 -21.78 29.00 28.81
CA VAL H 431 -21.58 27.83 27.98
C VAL H 431 -20.83 28.22 26.72
N GLU H 432 -21.18 29.39 26.14
CA GLU H 432 -20.62 29.84 24.88
C GLU H 432 -19.11 30.08 24.99
N ASN H 433 -18.70 30.75 26.07
CA ASN H 433 -17.28 30.94 26.31
C ASN H 433 -16.61 29.62 26.66
N SER H 434 -17.29 28.72 27.38
CA SER H 434 -16.70 27.42 27.66
C SER H 434 -16.29 26.70 26.38
N VAL H 435 -17.23 26.61 25.43
CA VAL H 435 -17.02 25.92 24.15
C VAL H 435 -15.89 26.58 23.38
N ASN H 436 -15.85 27.91 23.44
CA ASN H 436 -14.78 28.67 22.83
C ASN H 436 -13.41 28.39 23.42
N LYS H 437 -13.32 27.98 24.68
CA LYS H 437 -12.02 27.87 25.32
C LYS H 437 -11.37 26.51 25.11
N PHE H 438 -12.11 25.53 24.57
CA PHE H 438 -11.49 24.25 24.25
C PHE H 438 -10.43 24.47 23.17
N SER H 439 -9.23 23.91 23.33
CA SER H 439 -8.15 24.19 22.40
C SER H 439 -7.36 22.96 21.99
N SER H 440 -7.54 21.82 22.69
CA SER H 440 -6.77 20.63 22.37
C SER H 440 -7.22 20.13 21.00
N TYR H 441 -6.31 19.51 20.25
CA TYR H 441 -6.64 18.86 18.99
C TYR H 441 -7.77 17.86 19.22
N GLY H 442 -8.76 17.86 18.33
CA GLY H 442 -9.86 16.93 18.46
C GLY H 442 -10.95 17.43 19.40
N SER H 443 -10.74 18.57 20.11
CA SER H 443 -11.65 18.98 21.19
C SER H 443 -12.94 19.52 20.61
N THR H 444 -13.90 19.91 21.43
CA THR H 444 -15.11 20.49 20.87
C THR H 444 -14.98 22.00 20.70
N GLY H 445 -13.77 22.59 20.74
CA GLY H 445 -13.65 24.04 20.62
C GLY H 445 -14.06 24.54 19.23
N SER H 446 -14.63 25.75 19.15
CA SER H 446 -15.13 26.31 17.89
C SER H 446 -14.10 26.15 16.78
N ASN H 447 -12.87 26.64 16.97
CA ASN H 447 -11.87 26.59 15.91
C ASN H 447 -11.41 25.16 15.64
N CYS H 448 -11.31 24.30 16.66
CA CYS H 448 -11.02 22.89 16.46
C CYS H 448 -12.05 22.19 15.56
N VAL H 449 -13.34 22.40 15.87
CA VAL H 449 -14.42 21.81 15.11
C VAL H 449 -14.43 22.37 13.70
N ALA H 450 -14.17 23.67 13.52
CA ALA H 450 -14.15 24.26 12.19
C ALA H 450 -13.06 23.62 11.34
N GLU H 451 -11.97 23.21 12.02
CA GLU H 451 -10.82 22.58 11.36
C GLU H 451 -11.21 21.22 10.80
N GLN H 452 -11.77 20.38 11.68
CA GLN H 452 -12.26 19.06 11.31
C GLN H 452 -13.36 19.17 10.23
N LEU H 453 -14.29 20.11 10.36
CA LEU H 453 -15.37 20.20 9.39
C LEU H 453 -14.78 20.43 8.01
N GLY H 454 -13.76 21.27 7.96
CA GLY H 454 -13.12 21.59 6.70
C GLY H 454 -12.41 20.37 6.12
N TYR H 455 -11.79 19.56 6.99
CA TYR H 455 -11.13 18.33 6.59
C TYR H 455 -12.13 17.38 5.93
N TRP H 456 -13.31 17.26 6.56
CA TRP H 456 -14.35 16.36 6.07
C TRP H 456 -15.01 16.88 4.80
N VAL H 457 -15.26 18.19 4.70
CA VAL H 457 -15.79 18.76 3.45
C VAL H 457 -14.85 18.42 2.30
N ASN H 458 -13.56 18.63 2.46
CA ASN H 458 -12.60 18.33 1.41
C ASN H 458 -12.58 16.83 1.07
N LYS H 459 -12.52 15.99 2.10
CA LYS H 459 -12.35 14.55 1.97
C LYS H 459 -13.52 13.90 1.23
N LEU H 460 -14.73 14.43 1.38
CA LEU H 460 -15.96 13.91 0.78
C LEU H 460 -16.41 14.74 -0.41
N ASN H 461 -15.56 15.66 -0.86
CA ASN H 461 -15.88 16.48 -2.02
C ASN H 461 -17.26 17.11 -1.89
N ILE H 462 -17.59 17.67 -0.73
CA ILE H 462 -18.85 18.40 -0.57
C ILE H 462 -18.66 19.77 -1.23
N THR H 463 -19.70 20.31 -1.86
CA THR H 463 -19.60 21.64 -2.45
C THR H 463 -20.25 22.66 -1.52
#